data_8U7I
#
_entry.id   8U7I
#
_cell.length_a   1.00
_cell.length_b   1.00
_cell.length_c   1.00
_cell.angle_alpha   90.00
_cell.angle_beta   90.00
_cell.angle_gamma   90.00
#
_symmetry.space_group_name_H-M   'P 1'
#
loop_
_entity.id
_entity.type
_entity.pdbx_description
1 polymer 'Endonuclease GajA'
2 polymer 'Gabija protein GajB'
3 polymer 'Gabija Anti-Defense 1'
#
loop_
_entity_poly.entity_id
_entity_poly.type
_entity_poly.pdbx_seq_one_letter_code
_entity_poly.pdbx_strand_id
1 'polypeptide(L)'
;MGSSHHHHHHGSGVKTENNDHINLKVAGQDGSVVQFKIKRHTPLSKLMKAYCERQGLSMRQIRFRFDGQPINETDTPAQL
EMEDEDTIDVFQQQTGGSKFSNITIKNFRNFEKVNINLDNKNVIFGMNDIGKTNFLYALRFLLDKEIRKFGFNKSDYHKH
DTSKKIEIILTLDLSNYEKDEDTKKLISVVKGARTSANADVFYIALESKYDDKELYGNIILKWGSELDNLIDIPGRGNIN
ALDNVFKVIYINPLVDLDKLFAQNKKYIFEESQGNESDEGILNNIKSLTDQVNQQIGEMTIIKGFQQEITSEYRSLKKEE
VSIELKSEMAIKGFFSDIIPYIKKDGDSNYYPTSGDGRRKMLSYSIYNYLAKKKYEDKIVIYLIEEPEISLHRSMQIALS
KQLFEQSTYKYFFLSTHSPELLYEMDNTRLIRVHSTEKVVCSSHMYNVEEAYGSVKKKLNKALSSALFAERVLLIEGPSE
KILFEKVLDEVEPEYELNGGFLLEVGGTYFNHYVCTLNDLGITHIIKTDNDLKSKKGKKGVYELLGLNRCLNLLGRENLD
EITIDIPEDIKGKKKKERLNERKKEIFKQYKNEVGEFLGERIYLSEIDLENDLYSAIGESMKRIFENEDPVHYLQKSKLF
NMVELVNNLSTKDCFDVFEHEKFACLKELVGSDRG
;
A,B,C,D
2 'polypeptide(L)'
;MSREQIIKDGGNILVTAGAGSGKTTILVSKIEADLKENKTHYSIAAVTFTNKAAKEIEGRLGYSSRGNFIGTNDGFVESE
IIRPFIKDAFGNDYPDNFTAEYFDNQFASYDKGLQVLKYQNILGTYSNPKKNFKFQLALDILKKSLVARQYIFSKYFKIF
IDEYQDSDKDMHNLFMYLKDQLKIKLFIVGDPKQSIYIWRGAEPENFNGLIENSTDFNKYHLTSNFRCCQDIQNYSNLFN
EETRSLIKEKNEVQNVISIADDMPISDILLKLTEEKQVLNIEAELVILVRRRNQAIEIMKELNEEGFNFIFIPQTPLDRA
TPNATLLKEVIKYVKNDRYSIYDLAAEIVGNLSSREIKEIQKIINELLVPNINQVLINQVLINLFAKLEITLDTREITAF
TEVMMTNEFDIAFDTNEYLHKIFTVHSAKGLEFNQVIITASDYNVHYNRDTNEHYVATTRAKDKLIVIMDNKKYSDYIET
LMKELKIKNIIKSI
;
E,F,G,H
3 'polypeptide(L)'
;MKLIGIKTSNCFLVSDNIEGKRYFHSQLDELLFDGKRATETYKSDWFKLEKEPSVIEKQMPAKKINHRYELKEGFQESEL
TPKVIKASYIGEDSEYYEVKGLYDLKFEEIPQQNEKIEFEMNVIEEIDGELKLQSHNFNLNYNLLDRIQTHPMLLETKPC
YLSQEESYKIIRNHIKANINPKFARITSDYDFCLTVVKVLELYKPHEYIVDLNAMYKRRKPKLEKRFQTKREVEIYKVAP
KAYQSYPIVEPFSGKDVEDLKSNIKKFLDDLMAKINEPLVECKCCKGRGVILNEN
;
I,J,K,L,M,N,O,P
#
# COMPACT_ATOMS: atom_id res chain seq x y z
N VAL A 26 7.59 51.93 -8.57
CA VAL A 26 8.89 51.35 -8.28
C VAL A 26 9.03 51.13 -6.78
N ALA A 27 9.39 49.90 -6.40
CA ALA A 27 9.53 49.52 -5.00
C ALA A 27 11.01 49.28 -4.70
N GLY A 28 11.52 49.94 -3.67
CA GLY A 28 12.90 49.78 -3.30
C GLY A 28 13.19 48.48 -2.60
N GLN A 29 14.48 48.14 -2.50
CA GLN A 29 14.88 46.91 -1.83
C GLN A 29 14.64 47.00 -0.33
N ASP A 30 14.81 48.18 0.26
CA ASP A 30 14.65 48.38 1.69
C ASP A 30 13.21 48.75 2.07
N GLY A 31 12.24 48.49 1.20
CA GLY A 31 10.86 48.79 1.48
C GLY A 31 10.40 50.17 1.05
N SER A 32 11.30 51.02 0.57
CA SER A 32 10.91 52.34 0.12
C SER A 32 10.08 52.24 -1.16
N VAL A 33 9.04 53.06 -1.23
CA VAL A 33 8.13 53.08 -2.38
C VAL A 33 8.14 54.48 -2.98
N VAL A 34 8.34 54.56 -4.29
CA VAL A 34 8.36 55.82 -5.02
C VAL A 34 7.34 55.75 -6.14
N GLN A 35 6.56 56.82 -6.31
CA GLN A 35 5.55 56.89 -7.34
C GLN A 35 6.04 57.75 -8.50
N PHE A 36 5.85 57.26 -9.72
CA PHE A 36 6.26 57.96 -10.92
C PHE A 36 5.15 57.92 -11.95
N LYS A 37 5.12 58.93 -12.82
CA LYS A 37 4.13 58.99 -13.88
C LYS A 37 4.56 58.15 -15.06
N ILE A 38 3.63 57.33 -15.58
CA ILE A 38 3.91 56.43 -16.69
C ILE A 38 3.30 57.02 -17.96
N LYS A 39 4.05 56.96 -19.05
CA LYS A 39 3.62 57.50 -20.32
C LYS A 39 3.67 56.40 -21.39
N ARG A 40 2.74 56.46 -22.33
CA ARG A 40 2.64 55.46 -23.38
C ARG A 40 3.65 55.76 -24.49
N HIS A 41 4.20 54.71 -25.06
CA HIS A 41 5.28 54.80 -26.06
C HIS A 41 6.44 55.64 -25.53
N THR A 42 6.97 55.22 -24.38
CA THR A 42 8.03 55.96 -23.71
C THR A 42 9.08 55.00 -23.18
N PRO A 43 10.36 55.23 -23.47
CA PRO A 43 11.41 54.38 -22.90
C PRO A 43 11.49 54.54 -21.39
N LEU A 44 11.93 53.47 -20.74
CA LEU A 44 12.06 53.46 -19.29
C LEU A 44 13.34 54.13 -18.80
N SER A 45 14.22 54.56 -19.72
CA SER A 45 15.50 55.12 -19.32
C SER A 45 15.33 56.39 -18.50
N LYS A 46 14.37 57.24 -18.89
CA LYS A 46 14.15 58.48 -18.14
C LYS A 46 13.70 58.18 -16.71
N LEU A 47 12.82 57.19 -16.53
CA LEU A 47 12.39 56.81 -15.19
C LEU A 47 13.55 56.25 -14.39
N MET A 48 14.41 55.45 -15.03
CA MET A 48 15.59 54.92 -14.35
C MET A 48 16.52 56.05 -13.93
N LYS A 49 16.74 57.03 -14.81
CA LYS A 49 17.59 58.16 -14.47
C LYS A 49 17.00 58.96 -13.30
N ALA A 50 15.69 59.18 -13.33
CA ALA A 50 15.05 59.93 -12.26
C ALA A 50 15.17 59.22 -10.92
N TYR A 51 14.98 57.89 -10.92
CA TYR A 51 15.12 57.13 -9.67
C TYR A 51 16.54 57.17 -9.15
N CYS A 52 17.53 57.07 -10.05
CA CYS A 52 18.92 57.13 -9.63
C CYS A 52 19.26 58.50 -9.05
N GLU A 53 18.76 59.57 -9.68
CA GLU A 53 19.01 60.91 -9.17
C GLU A 53 18.37 61.11 -7.80
N ARG A 54 17.18 60.55 -7.60
CA ARG A 54 16.54 60.62 -6.28
C ARG A 54 17.36 59.89 -5.24
N GLN A 55 17.89 58.72 -5.59
CA GLN A 55 18.70 57.95 -4.66
C GLN A 55 20.18 58.36 -4.74
N MET A 59 23.76 54.15 -11.37
CA MET A 59 22.90 53.55 -12.38
C MET A 59 23.38 52.15 -12.76
N ARG A 60 24.70 52.01 -12.94
CA ARG A 60 25.25 50.71 -13.26
C ARG A 60 25.06 49.71 -12.14
N GLN A 61 25.22 50.16 -10.88
CA GLN A 61 25.09 49.26 -9.74
C GLN A 61 23.66 48.75 -9.60
N ILE A 62 22.68 49.62 -9.81
CA ILE A 62 21.28 49.24 -9.62
C ILE A 62 20.78 48.49 -10.84
N ARG A 63 19.86 47.56 -10.59
CA ARG A 63 19.21 46.79 -11.64
C ARG A 63 17.71 46.89 -11.49
N PHE A 64 17.01 47.01 -12.61
CA PHE A 64 15.57 47.18 -12.63
C PHE A 64 14.90 45.92 -13.15
N ARG A 65 13.97 45.38 -12.37
CA ARG A 65 13.27 44.15 -12.71
C ARG A 65 11.77 44.35 -12.53
N PHE A 66 10.99 43.88 -13.50
CA PHE A 66 9.54 43.93 -13.44
C PHE A 66 8.99 42.51 -13.54
N ASP A 67 8.34 42.06 -12.47
CA ASP A 67 7.73 40.73 -12.41
C ASP A 67 8.74 39.63 -12.73
N GLY A 68 9.95 39.79 -12.20
CA GLY A 68 11.00 38.81 -12.39
C GLY A 68 11.78 38.94 -13.68
N GLN A 69 11.43 39.91 -14.54
CA GLN A 69 12.13 40.13 -15.79
C GLN A 69 12.81 41.48 -15.76
N PRO A 70 14.08 41.58 -16.20
CA PRO A 70 14.84 42.83 -16.23
C PRO A 70 14.20 43.89 -17.13
N THR A 87 4.44 47.93 -10.36
CA THR A 87 5.60 48.19 -9.51
C THR A 87 6.86 47.57 -10.09
N ILE A 88 7.99 48.26 -9.92
CA ILE A 88 9.28 47.83 -10.43
C ILE A 88 10.21 47.63 -9.25
N ASP A 89 10.72 46.41 -9.10
CA ASP A 89 11.70 46.14 -8.06
C ASP A 89 13.08 46.63 -8.49
N VAL A 90 13.92 46.90 -7.50
CA VAL A 90 15.28 47.39 -7.74
C VAL A 90 16.27 46.45 -7.08
N PHE A 91 17.51 46.49 -7.57
CA PHE A 91 18.59 45.65 -7.08
C PHE A 91 19.76 46.54 -6.72
N GLN A 92 20.03 46.68 -5.42
CA GLN A 92 20.98 47.67 -4.93
C GLN A 92 22.40 47.14 -4.85
N GLN A 93 22.75 46.13 -5.66
CA GLN A 93 24.13 45.66 -5.85
C GLN A 93 24.64 45.13 -4.51
N GLN A 94 25.79 45.59 -4.01
CA GLN A 94 26.42 45.03 -2.82
C GLN A 94 25.68 45.53 -1.58
N THR A 95 24.71 44.73 -1.14
CA THR A 95 23.98 44.98 0.10
C THR A 95 23.93 43.68 0.90
N GLY A 96 23.52 43.80 2.15
CA GLY A 96 23.35 42.63 2.97
C GLY A 96 21.97 42.04 2.77
N GLY A 97 21.89 41.03 1.90
CA GLY A 97 20.61 40.44 1.56
C GLY A 97 20.74 38.98 1.26
N SER A 98 19.61 38.34 1.02
CA SER A 98 19.58 36.92 0.75
C SER A 98 20.20 36.60 -0.60
N LYS A 99 20.67 35.36 -0.74
CA LYS A 99 21.06 34.87 -2.06
C LYS A 99 19.85 34.81 -2.98
N PHE A 100 18.72 34.33 -2.48
CA PHE A 100 17.53 34.16 -3.29
C PHE A 100 16.83 35.51 -3.46
N SER A 101 16.67 35.94 -4.71
CA SER A 101 15.99 37.20 -5.00
C SER A 101 14.50 36.97 -5.25
N ASN A 102 14.17 36.17 -6.25
CA ASN A 102 12.78 35.90 -6.57
C ASN A 102 12.70 34.64 -7.40
N ILE A 103 11.48 34.12 -7.52
CA ILE A 103 11.19 32.93 -8.32
C ILE A 103 10.01 33.22 -9.22
N THR A 104 10.11 32.79 -10.47
CA THR A 104 9.04 32.95 -11.45
C THR A 104 8.53 31.58 -11.85
N ILE A 105 7.22 31.40 -11.82
CA ILE A 105 6.56 30.16 -12.18
C ILE A 105 5.59 30.45 -13.31
N LYS A 106 5.70 29.71 -14.41
CA LYS A 106 4.87 29.93 -15.58
C LYS A 106 4.23 28.62 -16.01
N ASN A 107 2.91 28.64 -16.19
CA ASN A 107 2.17 27.53 -16.77
C ASN A 107 2.34 26.23 -15.99
N PHE A 108 2.73 26.31 -14.73
CA PHE A 108 2.90 25.14 -13.89
C PHE A 108 1.67 24.99 -13.01
N ARG A 109 0.85 23.98 -13.30
CA ARG A 109 -0.37 23.70 -12.53
C ARG A 109 -1.24 24.93 -12.39
N ASN A 110 -1.41 25.39 -11.15
CA ASN A 110 -2.24 26.56 -10.90
C ASN A 110 -1.62 27.83 -11.46
N PHE A 111 -0.30 27.96 -11.34
CA PHE A 111 0.37 29.22 -11.61
C PHE A 111 0.39 29.48 -13.11
N GLU A 112 -0.47 30.37 -13.58
CA GLU A 112 -0.41 30.82 -14.96
C GLU A 112 0.87 31.63 -15.21
N LYS A 113 1.11 32.63 -14.38
CA LYS A 113 2.35 33.39 -14.42
C LYS A 113 2.47 34.11 -13.08
N VAL A 114 3.42 33.70 -12.26
CA VAL A 114 3.54 34.20 -10.89
C VAL A 114 5.00 34.51 -10.61
N ASN A 115 5.26 35.69 -10.08
CA ASN A 115 6.60 36.09 -9.67
C ASN A 115 6.55 36.41 -8.17
N ILE A 116 7.38 35.74 -7.39
CA ILE A 116 7.39 35.86 -5.94
C ILE A 116 8.78 36.25 -5.49
N ASN A 117 8.89 37.34 -4.74
CA ASN A 117 10.15 37.69 -4.12
C ASN A 117 10.46 36.73 -2.97
N LEU A 118 11.74 36.54 -2.71
CA LEU A 118 12.18 35.53 -1.75
C LEU A 118 13.22 36.12 -0.81
N ASP A 119 13.54 35.34 0.22
CA ASP A 119 14.62 35.64 1.14
C ASP A 119 15.17 34.32 1.64
N ASN A 120 16.12 34.39 2.58
CA ASN A 120 16.67 33.17 3.15
C ASN A 120 15.59 32.36 3.84
N LYS A 121 14.81 33.00 4.71
CA LYS A 121 13.70 32.36 5.39
C LYS A 121 12.40 32.85 4.78
N ASN A 122 11.58 31.92 4.30
CA ASN A 122 10.34 32.26 3.62
C ASN A 122 9.20 31.47 4.25
N VAL A 123 8.09 32.15 4.51
CA VAL A 123 6.89 31.53 5.05
C VAL A 123 5.76 31.77 4.06
N ILE A 124 5.11 30.69 3.63
CA ILE A 124 4.00 30.76 2.69
C ILE A 124 2.74 30.29 3.40
N PHE A 125 1.69 31.10 3.29
CA PHE A 125 0.42 30.82 3.95
C PHE A 125 -0.70 31.38 3.10
N GLY A 126 -1.91 30.99 3.42
CA GLY A 126 -3.07 31.48 2.70
C GLY A 126 -4.16 30.44 2.63
N MET A 127 -5.31 30.86 2.12
CA MET A 127 -6.45 29.95 2.03
C MET A 127 -6.29 28.94 0.91
N ASN A 128 -5.61 29.31 -0.17
CA ASN A 128 -5.44 28.45 -1.33
C ASN A 128 -4.44 27.36 -1.00
N ASP A 129 -4.95 26.19 -0.58
CA ASP A 129 -4.07 25.11 -0.16
C ASP A 129 -3.33 24.50 -1.34
N ILE A 130 -3.98 24.38 -2.49
CA ILE A 130 -3.31 23.82 -3.66
C ILE A 130 -2.20 24.75 -4.13
N GLY A 131 -2.43 26.06 -4.03
CA GLY A 131 -1.38 27.01 -4.41
C GLY A 131 -0.16 26.88 -3.54
N LYS A 132 -0.34 26.70 -2.24
CA LYS A 132 0.80 26.53 -1.35
C LYS A 132 1.54 25.24 -1.63
N THR A 133 0.81 24.15 -1.84
CA THR A 133 1.46 22.87 -2.11
C THR A 133 2.21 22.90 -3.44
N ASN A 134 1.59 23.47 -4.47
CA ASN A 134 2.24 23.52 -5.77
C ASN A 134 3.46 24.42 -5.76
N PHE A 135 3.45 25.48 -4.96
CA PHE A 135 4.62 26.34 -4.85
C PHE A 135 5.81 25.56 -4.30
N LEU A 136 5.57 24.74 -3.27
CA LEU A 136 6.64 23.93 -2.73
C LEU A 136 7.12 22.89 -3.74
N TYR A 137 6.19 22.34 -4.53
CA TYR A 137 6.57 21.37 -5.55
C TYR A 137 7.40 22.01 -6.64
N ALA A 138 7.08 23.26 -7.02
CA ALA A 138 7.88 23.95 -8.02
C ALA A 138 9.33 24.10 -7.56
N LEU A 139 9.53 24.33 -6.26
CA LEU A 139 10.88 24.38 -5.73
C LEU A 139 11.55 23.02 -5.76
N ARG A 140 10.79 21.97 -5.46
CA ARG A 140 11.35 20.62 -5.49
C ARG A 140 11.74 20.22 -6.91
N PHE A 141 10.89 20.53 -7.89
CA PHE A 141 11.22 20.19 -9.27
C PHE A 141 12.49 20.89 -9.72
N LEU A 142 12.67 22.14 -9.30
CA LEU A 142 13.85 22.88 -9.70
C LEU A 142 15.11 22.36 -9.03
N LEU A 143 15.04 22.06 -7.73
CA LEU A 143 16.24 21.82 -6.95
C LEU A 143 16.40 20.39 -6.44
N ASP A 144 15.34 19.61 -6.36
CA ASP A 144 15.40 18.26 -5.82
C ASP A 144 15.55 17.27 -6.96
N LYS A 145 16.61 16.47 -6.92
CA LYS A 145 16.86 15.49 -7.97
C LYS A 145 15.78 14.41 -7.99
N GLU A 146 15.33 13.98 -6.82
CA GLU A 146 14.39 12.86 -6.76
C GLU A 146 13.04 13.22 -7.37
N ILE A 147 12.56 14.44 -7.13
CA ILE A 147 11.30 14.85 -7.75
C ILE A 147 11.49 15.09 -9.24
N ARG A 148 12.62 15.68 -9.62
CA ARG A 148 12.82 16.07 -11.01
C ARG A 148 12.94 14.88 -11.95
N LYS A 149 13.46 13.75 -11.46
CA LYS A 149 13.72 12.63 -12.34
C LYS A 149 12.46 12.01 -12.92
N PHE A 150 11.29 12.33 -12.36
CA PHE A 150 10.05 11.75 -12.84
C PHE A 150 9.44 12.50 -14.01
N GLY A 151 9.95 13.69 -14.34
CA GLY A 151 9.40 14.44 -15.43
C GLY A 151 8.06 15.05 -15.10
N PHE A 152 7.46 15.69 -16.10
CA PHE A 152 6.18 16.36 -15.95
C PHE A 152 5.10 15.54 -16.64
N ASN A 153 3.99 15.33 -15.94
CA ASN A 153 2.84 14.66 -16.53
C ASN A 153 2.02 15.67 -17.34
N LYS A 154 0.92 15.19 -17.91
CA LYS A 154 0.00 16.11 -18.56
C LYS A 154 -0.69 17.01 -17.56
N SER A 155 -0.93 16.51 -16.34
CA SER A 155 -1.62 17.29 -15.33
C SER A 155 -0.76 18.45 -14.83
N ASP A 156 0.57 18.32 -14.92
CA ASP A 156 1.45 19.35 -14.40
C ASP A 156 1.43 20.62 -15.22
N TYR A 157 0.81 20.59 -16.39
CA TYR A 157 0.72 21.80 -17.21
C TYR A 157 -0.53 22.58 -16.86
N HIS A 158 -0.44 23.91 -17.00
CA HIS A 158 -1.55 24.77 -16.62
C HIS A 158 -2.76 24.47 -17.48
N LYS A 159 -3.90 24.26 -16.82
CA LYS A 159 -5.16 23.91 -17.47
C LYS A 159 -5.03 22.68 -18.35
N HIS A 160 -4.07 21.82 -18.05
CA HIS A 160 -3.75 20.63 -18.84
C HIS A 160 -3.44 20.97 -20.30
N ASP A 161 -3.05 22.21 -20.57
CA ASP A 161 -2.72 22.66 -21.92
C ASP A 161 -1.25 22.38 -22.15
N THR A 162 -0.95 21.26 -22.80
CA THR A 162 0.43 20.87 -23.03
C THR A 162 1.11 21.71 -24.11
N SER A 163 0.35 22.51 -24.86
CA SER A 163 0.96 23.37 -25.86
C SER A 163 1.85 24.42 -25.20
N LYS A 164 1.42 24.97 -24.07
CA LYS A 164 2.22 25.94 -23.35
C LYS A 164 3.35 25.25 -22.61
N LYS A 165 4.49 25.91 -22.52
CA LYS A 165 5.67 25.34 -21.89
C LYS A 165 5.78 25.80 -20.44
N ILE A 166 6.32 24.92 -19.61
CA ILE A 166 6.48 25.19 -18.18
C ILE A 166 7.83 25.86 -17.96
N GLU A 167 7.82 26.96 -17.23
CA GLU A 167 9.05 27.68 -16.91
C GLU A 167 9.08 27.98 -15.42
N ILE A 168 10.17 27.59 -14.77
CA ILE A 168 10.40 27.88 -13.36
C ILE A 168 11.80 28.48 -13.26
N ILE A 169 11.89 29.77 -12.99
CA ILE A 169 13.14 30.49 -12.98
C ILE A 169 13.40 31.02 -11.58
N LEU A 170 14.56 30.70 -11.03
CA LEU A 170 14.99 31.21 -9.74
C LEU A 170 16.15 32.18 -9.95
N THR A 171 16.01 33.39 -9.41
CA THR A 171 17.04 34.40 -9.51
C THR A 171 17.81 34.46 -8.21
N LEU A 172 19.14 34.47 -8.32
CA LEU A 172 20.01 34.49 -7.16
C LEU A 172 20.86 35.75 -7.15
N ASP A 173 21.34 36.11 -5.96
CA ASP A 173 22.19 37.26 -5.77
C ASP A 173 23.57 36.80 -5.33
N LEU A 174 24.61 37.23 -6.05
CA LEU A 174 25.98 36.88 -5.73
C LEU A 174 26.82 38.11 -5.43
N SER A 175 26.19 39.21 -5.03
CA SER A 175 26.94 40.44 -4.76
C SER A 175 27.88 40.27 -3.58
N ASN A 176 27.41 39.65 -2.50
CA ASN A 176 28.23 39.44 -1.31
C ASN A 176 29.07 38.18 -1.46
N TYR A 177 29.93 38.20 -2.49
CA TYR A 177 30.73 37.03 -2.81
C TYR A 177 31.72 36.69 -1.70
N GLU A 178 32.40 37.70 -1.16
CA GLU A 178 33.44 37.45 -0.17
C GLU A 178 32.90 37.29 1.24
N LYS A 179 31.75 37.89 1.55
CA LYS A 179 31.17 37.75 2.88
C LYS A 179 30.53 36.39 3.08
N ASP A 180 29.91 35.84 2.04
CA ASP A 180 29.10 34.63 2.15
C ASP A 180 29.88 33.44 1.61
N GLU A 181 29.98 32.40 2.43
CA GLU A 181 30.62 31.16 1.97
C GLU A 181 29.73 30.38 1.03
N ASP A 182 28.41 30.46 1.20
CA ASP A 182 27.50 29.73 0.32
C ASP A 182 27.54 30.28 -1.10
N THR A 183 27.80 31.58 -1.25
CA THR A 183 27.99 32.12 -2.59
C THR A 183 29.20 31.50 -3.27
N LYS A 184 30.27 31.27 -2.51
CA LYS A 184 31.45 30.62 -3.06
C LYS A 184 31.16 29.18 -3.46
N LYS A 185 30.28 28.52 -2.71
CA LYS A 185 29.88 27.15 -3.07
C LYS A 185 29.21 27.13 -4.44
N LEU A 186 28.33 28.10 -4.69
CA LEU A 186 27.65 28.14 -5.98
C LEU A 186 28.59 28.54 -7.11
N ILE A 187 29.47 29.51 -6.85
CA ILE A 187 30.36 29.99 -7.90
C ILE A 187 31.33 28.89 -8.35
N SER A 188 31.80 28.08 -7.41
CA SER A 188 32.76 27.04 -7.75
C SER A 188 32.15 26.02 -8.72
N VAL A 189 30.90 25.65 -8.50
CA VAL A 189 30.24 24.71 -9.40
C VAL A 189 29.94 25.36 -10.74
N VAL A 190 29.49 26.62 -10.72
CA VAL A 190 29.02 27.27 -11.94
C VAL A 190 30.14 27.42 -12.95
N LYS A 191 31.32 27.85 -12.50
CA LYS A 191 32.51 27.96 -13.34
C LYS A 191 32.26 29.01 -14.41
N GLY A 192 32.29 28.67 -15.69
CA GLY A 192 32.26 29.64 -16.77
C GLY A 192 30.90 30.06 -17.24
N ALA A 193 29.82 29.62 -16.61
CA ALA A 193 28.48 30.03 -17.03
C ALA A 193 28.19 31.48 -16.69
N ARG A 194 29.05 32.14 -15.92
CA ARG A 194 28.85 33.52 -15.52
C ARG A 194 29.54 34.48 -16.47
N THR A 195 29.19 35.76 -16.35
CA THR A 195 29.82 36.82 -17.10
C THR A 195 30.24 37.92 -16.13
N SER A 196 31.42 38.49 -16.35
CA SER A 196 31.94 39.51 -15.43
C SER A 196 31.05 40.74 -15.39
N ALA A 197 30.33 41.02 -16.48
CA ALA A 197 29.40 42.14 -16.49
C ALA A 197 28.26 41.93 -15.51
N ASN A 198 27.74 40.71 -15.44
CA ASN A 198 26.62 40.36 -14.58
C ASN A 198 27.05 39.46 -13.42
N ALA A 199 28.20 39.77 -12.83
CA ALA A 199 28.74 38.92 -11.76
C ALA A 199 27.87 38.93 -10.51
N ASP A 200 26.91 39.86 -10.41
CA ASP A 200 26.10 39.94 -9.20
C ASP A 200 24.85 39.07 -9.27
N VAL A 201 24.31 38.84 -10.46
CA VAL A 201 23.07 38.12 -10.62
C VAL A 201 23.34 36.76 -11.22
N PHE A 202 22.39 35.84 -11.01
CA PHE A 202 22.48 34.51 -11.57
C PHE A 202 21.09 33.92 -11.66
N TYR A 203 20.86 33.11 -12.69
CA TYR A 203 19.56 32.51 -12.94
C TYR A 203 19.69 31.00 -13.03
N ILE A 204 18.74 30.29 -12.43
CA ILE A 204 18.60 28.85 -12.60
C ILE A 204 17.21 28.60 -13.15
N ALA A 205 17.12 28.12 -14.38
CA ALA A 205 15.86 28.01 -15.09
C ALA A 205 15.52 26.56 -15.35
N LEU A 206 14.24 26.25 -15.30
CA LEU A 206 13.71 24.94 -15.64
C LEU A 206 12.72 25.12 -16.77
N GLU A 207 12.94 24.41 -17.88
CA GLU A 207 12.04 24.46 -19.02
C GLU A 207 11.53 23.06 -19.32
N SER A 208 10.32 22.99 -19.84
CA SER A 208 9.72 21.70 -20.18
C SER A 208 8.67 21.92 -21.25
N LYS A 209 8.84 21.24 -22.38
CA LYS A 209 7.86 21.21 -23.45
C LYS A 209 7.35 19.78 -23.58
N TYR A 210 6.04 19.62 -23.54
CA TYR A 210 5.46 18.28 -23.60
C TYR A 210 5.71 17.65 -24.96
N ASP A 211 5.97 16.34 -24.94
CA ASP A 211 6.16 15.56 -26.15
C ASP A 211 4.90 14.74 -26.38
N ASP A 212 4.04 15.21 -27.28
CA ASP A 212 2.79 14.51 -27.55
C ASP A 212 3.04 13.13 -28.15
N LYS A 213 4.13 12.97 -28.89
CA LYS A 213 4.46 11.66 -29.44
C LYS A 213 4.75 10.65 -28.35
N GLU A 214 5.53 11.05 -27.34
CA GLU A 214 5.96 10.14 -26.29
C GLU A 214 5.13 10.25 -25.01
N LEU A 215 4.16 11.15 -24.96
CA LEU A 215 3.34 11.36 -23.76
C LEU A 215 4.21 11.63 -22.54
N TYR A 216 5.23 12.47 -22.72
CA TYR A 216 6.22 12.72 -21.68
C TYR A 216 6.66 14.17 -21.72
N GLY A 217 6.85 14.75 -20.53
CA GLY A 217 7.40 16.09 -20.43
C GLY A 217 8.79 16.07 -19.86
N ASN A 218 9.77 16.49 -20.64
CA ASN A 218 11.17 16.41 -20.25
C ASN A 218 11.58 17.71 -19.58
N ILE A 219 12.22 17.59 -18.42
CA ILE A 219 12.70 18.74 -17.67
C ILE A 219 14.15 19.00 -18.06
N ILE A 220 14.42 20.20 -18.56
CA ILE A 220 15.76 20.61 -18.96
C ILE A 220 16.15 21.81 -18.10
N LEU A 221 17.28 21.70 -17.41
CA LEU A 221 17.75 22.75 -16.52
C LEU A 221 18.80 23.58 -17.22
N LYS A 222 18.67 24.90 -17.12
CA LYS A 222 19.64 25.84 -17.66
C LYS A 222 20.04 26.83 -16.58
N TRP A 223 21.23 27.41 -16.74
CA TRP A 223 21.66 28.43 -15.81
C TRP A 223 22.59 29.40 -16.52
N GLY A 224 22.84 30.52 -15.88
CA GLY A 224 23.71 31.54 -16.43
C GLY A 224 23.40 32.89 -15.84
N SER A 225 24.32 33.83 -16.08
CA SER A 225 24.14 35.17 -15.57
C SER A 225 23.22 36.01 -16.44
N GLU A 226 23.10 35.67 -17.72
CA GLU A 226 22.25 36.40 -18.64
C GLU A 226 20.96 35.61 -18.88
N LEU A 227 19.82 36.25 -18.67
CA LEU A 227 18.55 35.55 -18.78
C LEU A 227 18.22 35.20 -20.22
N ASP A 228 18.64 36.03 -21.18
CA ASP A 228 18.30 35.79 -22.57
C ASP A 228 18.91 34.49 -23.08
N ASN A 229 20.17 34.23 -22.75
CA ASN A 229 20.85 33.00 -23.16
C ASN A 229 21.35 32.27 -21.91
N LEU A 230 20.83 31.07 -21.69
CA LEU A 230 21.24 30.22 -20.58
C LEU A 230 21.70 28.89 -21.16
N ILE A 231 22.84 28.42 -20.69
CA ILE A 231 23.38 27.14 -21.15
C ILE A 231 22.84 26.04 -20.28
N ASP A 232 22.79 24.83 -20.83
CA ASP A 232 22.31 23.69 -20.07
C ASP A 232 23.28 23.36 -18.93
N ILE A 233 22.73 22.96 -17.79
CA ILE A 233 23.56 22.58 -16.66
C ILE A 233 24.27 21.27 -17.01
N PRO A 234 25.59 21.23 -16.99
CA PRO A 234 26.30 20.00 -17.35
C PRO A 234 26.04 18.90 -16.33
N GLY A 235 26.06 17.66 -16.81
CA GLY A 235 25.84 16.53 -15.94
C GLY A 235 26.15 15.23 -16.66
N ARG A 236 26.40 14.20 -15.86
CA ARG A 236 26.71 12.87 -16.36
C ARG A 236 25.71 11.88 -15.78
N GLY A 237 25.00 11.18 -16.65
CA GLY A 237 24.04 10.20 -16.18
C GLY A 237 22.86 10.86 -15.49
N ASN A 238 22.61 10.43 -14.26
CA ASN A 238 21.43 10.91 -13.54
C ASN A 238 21.67 12.23 -12.83
N ILE A 239 22.90 12.52 -12.45
CA ILE A 239 23.20 13.73 -11.69
C ILE A 239 23.72 14.81 -12.62
N ASN A 240 23.54 16.06 -12.20
CA ASN A 240 24.07 17.22 -12.90
C ASN A 240 24.82 18.10 -11.91
N ALA A 241 25.44 19.15 -12.43
CA ALA A 241 26.28 20.01 -11.59
C ALA A 241 25.48 20.68 -10.48
N LEU A 242 24.19 20.93 -10.72
CA LEU A 242 23.37 21.60 -9.72
C LEU A 242 23.16 20.73 -8.49
N ASP A 243 23.09 19.41 -8.66
CA ASP A 243 22.86 18.53 -7.52
C ASP A 243 24.04 18.50 -6.57
N ASN A 244 25.21 18.96 -7.00
CA ASN A 244 26.37 18.98 -6.12
C ASN A 244 26.33 20.14 -5.13
N VAL A 245 25.64 21.23 -5.49
CA VAL A 245 25.69 22.44 -4.67
C VAL A 245 24.45 22.57 -3.79
N PHE A 246 23.30 22.12 -4.30
CA PHE A 246 22.03 22.31 -3.61
C PHE A 246 21.58 21.00 -3.00
N LYS A 247 21.22 21.04 -1.72
CA LYS A 247 20.65 19.91 -1.01
C LYS A 247 19.29 20.34 -0.46
N VAL A 248 18.24 19.64 -0.85
CA VAL A 248 16.89 19.95 -0.40
C VAL A 248 16.47 18.88 0.60
N ILE A 249 16.19 19.30 1.82
CA ILE A 249 15.71 18.42 2.88
C ILE A 249 14.24 18.71 3.08
N TYR A 250 13.39 17.73 2.75
CA TYR A 250 11.95 17.89 2.83
C TYR A 250 11.49 17.31 4.15
N ILE A 251 11.08 18.17 5.08
CA ILE A 251 10.58 17.75 6.37
C ILE A 251 9.06 17.68 6.29
N ASN A 252 8.52 16.50 6.48
CA ASN A 252 7.08 16.33 6.55
C ASN A 252 6.67 16.03 7.99
N PRO A 253 5.47 16.46 8.40
CA PRO A 253 5.09 16.26 9.81
C PRO A 253 5.03 14.81 10.22
N LEU A 254 4.67 13.91 9.30
CA LEU A 254 4.57 12.49 9.58
C LEU A 254 5.88 11.83 9.17
N VAL A 255 6.87 11.88 10.05
CA VAL A 255 8.17 11.27 9.83
C VAL A 255 8.45 10.31 10.98
N ASP A 256 8.76 9.06 10.64
CA ASP A 256 9.11 8.07 11.64
C ASP A 256 10.52 8.37 12.16
N LEU A 257 10.65 8.43 13.49
CA LEU A 257 11.93 8.79 14.08
C LEU A 257 12.99 7.75 13.77
N ASP A 258 12.70 6.47 14.05
CA ASP A 258 13.69 5.43 13.81
C ASP A 258 14.05 5.35 12.33
N LYS A 259 13.10 5.66 11.45
CA LYS A 259 13.41 5.78 10.04
C LYS A 259 14.42 6.90 9.81
N LEU A 260 14.21 8.04 10.48
CA LEU A 260 15.13 9.16 10.34
C LEU A 260 16.51 8.83 10.88
N PHE A 261 16.56 8.13 12.01
CA PHE A 261 17.86 7.74 12.55
C PHE A 261 18.52 6.66 11.71
N ALA A 262 17.73 5.92 10.94
CA ALA A 262 18.28 4.79 10.18
C ALA A 262 19.27 5.25 9.13
N GLN A 263 18.90 6.22 8.30
CA GLN A 263 19.78 6.62 7.21
C GLN A 263 20.98 7.38 7.73
N ASN A 264 20.76 8.27 8.69
CA ASN A 264 21.81 9.18 9.14
C ASN A 264 22.77 8.54 10.13
N LYS A 265 22.42 7.40 10.72
CA LYS A 265 23.34 6.76 11.67
C LYS A 265 24.63 6.34 10.99
N LYS A 266 24.59 6.07 9.69
CA LYS A 266 25.80 5.71 8.96
C LYS A 266 26.81 6.86 9.00
N TYR A 267 26.38 8.06 8.61
CA TYR A 267 27.30 9.19 8.56
C TYR A 267 27.78 9.57 9.95
N ILE A 268 26.88 9.58 10.93
CA ILE A 268 27.19 10.17 12.22
C ILE A 268 28.37 9.48 12.88
N PHE A 269 28.57 8.20 12.61
CA PHE A 269 29.61 7.43 13.26
C PHE A 269 30.81 7.11 12.38
N GLU A 270 30.72 7.29 11.07
CA GLU A 270 31.90 7.17 10.23
C GLU A 270 32.65 8.49 10.13
N GLU A 271 31.94 9.61 10.24
CA GLU A 271 32.58 10.92 10.15
C GLU A 271 33.55 11.14 11.30
N SER A 272 33.15 10.74 12.51
CA SER A 272 34.00 10.93 13.67
C SER A 272 35.21 10.00 13.62
N GLN A 273 36.28 10.41 14.29
CA GLN A 273 37.51 9.63 14.32
C GLN A 273 37.39 8.49 15.34
N GLY A 274 38.29 7.52 15.21
CA GLY A 274 38.33 6.41 16.14
C GLY A 274 39.71 6.21 16.75
N ASN A 275 39.80 6.34 18.07
CA ASN A 275 41.07 6.20 18.77
C ASN A 275 41.34 4.73 19.05
N GLU A 276 42.38 4.45 19.85
CA GLU A 276 42.71 3.08 20.18
C GLU A 276 41.69 2.46 21.12
N SER A 277 41.19 3.22 22.08
CA SER A 277 40.22 2.68 23.03
C SER A 277 38.94 2.27 22.32
N ASP A 278 38.47 3.09 21.37
CA ASP A 278 37.27 2.74 20.62
C ASP A 278 37.47 1.48 19.79
N GLU A 279 38.64 1.35 19.17
CA GLU A 279 38.90 0.14 18.39
C GLU A 279 38.91 -1.11 19.26
N GLY A 280 39.51 -1.01 20.44
CA GLY A 280 39.47 -2.14 21.36
C GLY A 280 38.06 -2.49 21.81
N ILE A 281 37.26 -1.47 22.09
CA ILE A 281 35.86 -1.71 22.46
C ILE A 281 35.09 -2.29 21.30
N LEU A 282 35.35 -1.80 20.08
CA LEU A 282 34.66 -2.31 18.91
C LEU A 282 34.96 -3.78 18.69
N ASN A 283 36.22 -4.18 18.83
CA ASN A 283 36.57 -5.59 18.70
C ASN A 283 36.00 -6.42 19.84
N ASN A 284 35.97 -5.85 21.05
CA ASN A 284 35.43 -6.57 22.20
C ASN A 284 33.94 -6.85 22.01
N ILE A 285 33.20 -5.89 21.47
CA ILE A 285 31.78 -6.10 21.23
C ILE A 285 31.56 -7.23 20.23
N LYS A 286 32.36 -7.25 19.17
CA LYS A 286 32.22 -8.30 18.16
C LYS A 286 32.43 -9.68 18.79
N SER A 287 33.38 -9.79 19.72
CA SER A 287 33.56 -11.04 20.45
C SER A 287 32.34 -11.37 21.29
N LEU A 288 31.76 -10.37 21.95
CA LEU A 288 30.59 -10.60 22.79
C LEU A 288 29.41 -11.09 21.97
N THR A 289 29.16 -10.47 20.81
CA THR A 289 28.05 -10.91 19.98
C THR A 289 28.30 -12.30 19.40
N ASP A 290 29.56 -12.61 19.07
CA ASP A 290 29.88 -13.94 18.60
C ASP A 290 29.61 -14.98 19.68
N GLN A 291 29.94 -14.67 20.93
CA GLN A 291 29.65 -15.58 22.02
C GLN A 291 28.16 -15.75 22.23
N VAL A 292 27.37 -14.70 21.98
CA VAL A 292 25.93 -14.80 22.11
C VAL A 292 25.39 -15.81 21.12
N ASN A 293 25.85 -15.75 19.88
CA ASN A 293 25.42 -16.72 18.88
C ASN A 293 25.87 -18.13 19.24
N GLN A 294 27.09 -18.25 19.77
CA GLN A 294 27.57 -19.56 20.18
C GLN A 294 26.73 -20.13 21.33
N GLN A 295 26.37 -19.28 22.30
CA GLN A 295 25.56 -19.74 23.42
C GLN A 295 24.16 -20.11 22.97
N ILE A 296 23.64 -19.42 21.97
CA ILE A 296 22.32 -19.76 21.42
C ILE A 296 22.35 -21.18 20.85
N GLY A 297 23.42 -21.53 20.13
CA GLY A 297 23.53 -22.84 19.56
C GLY A 297 23.76 -23.94 20.58
N GLU A 298 24.09 -23.58 21.82
CA GLU A 298 24.33 -24.56 22.85
C GLU A 298 23.07 -24.99 23.59
N MET A 299 21.94 -24.31 23.36
CA MET A 299 20.72 -24.68 24.06
C MET A 299 20.14 -25.97 23.51
N THR A 300 19.60 -26.79 24.41
CA THR A 300 19.02 -28.07 24.00
C THR A 300 17.79 -27.85 23.13
N ILE A 301 16.90 -26.94 23.51
CA ILE A 301 15.66 -26.76 22.77
C ILE A 301 15.93 -26.18 21.39
N ILE A 302 16.88 -25.27 21.29
CA ILE A 302 17.24 -24.71 19.98
C ILE A 302 17.99 -25.74 19.16
N LYS A 303 18.93 -26.47 19.79
CA LYS A 303 19.65 -27.51 19.07
C LYS A 303 18.70 -28.61 18.63
N GLY A 304 17.70 -28.93 19.44
CA GLY A 304 16.72 -29.92 19.04
C GLY A 304 15.92 -29.49 17.83
N PHE A 305 15.47 -28.24 17.80
CA PHE A 305 14.66 -27.77 16.69
C PHE A 305 15.46 -27.74 15.40
N GLN A 306 16.65 -27.13 15.42
CA GLN A 306 17.40 -26.98 14.19
C GLN A 306 17.90 -28.32 13.67
N GLN A 307 18.04 -29.31 14.54
CA GLN A 307 18.32 -30.66 14.07
C GLN A 307 17.10 -31.27 13.40
N GLU A 308 15.92 -31.07 14.00
CA GLU A 308 14.70 -31.62 13.43
C GLU A 308 14.35 -30.95 12.11
N ILE A 309 14.41 -29.62 12.06
CA ILE A 309 14.06 -28.91 10.83
C ILE A 309 15.07 -29.20 9.74
N THR A 310 16.31 -29.52 10.10
CA THR A 310 17.29 -29.92 9.10
C THR A 310 16.90 -31.24 8.45
N SER A 311 16.49 -32.22 9.28
CA SER A 311 16.04 -33.49 8.74
C SER A 311 14.80 -33.30 7.87
N GLU A 312 13.88 -32.44 8.28
CA GLU A 312 12.72 -32.14 7.47
C GLU A 312 13.13 -31.56 6.12
N TYR A 313 14.10 -30.65 6.13
CA TYR A 313 14.58 -30.09 4.86
C TYR A 313 15.29 -31.13 4.02
N ARG A 314 16.07 -32.00 4.64
CA ARG A 314 16.77 -33.03 3.88
C ARG A 314 15.79 -33.98 3.20
N SER A 315 14.72 -34.35 3.91
CA SER A 315 13.69 -35.19 3.31
C SER A 315 13.02 -34.47 2.15
N LEU A 316 12.79 -33.17 2.28
CA LEU A 316 12.20 -32.39 1.19
C LEU A 316 13.07 -32.45 -0.06
N LYS A 317 14.36 -32.21 0.09
CA LYS A 317 15.28 -32.22 -1.05
C LYS A 317 16.63 -32.72 -0.56
N LYS A 318 17.21 -33.66 -1.32
CA LYS A 318 18.50 -34.25 -0.96
C LYS A 318 19.61 -33.23 -1.25
N GLU A 319 19.76 -32.28 -0.34
CA GLU A 319 20.79 -31.26 -0.42
C GLU A 319 21.61 -31.26 0.87
N GLU A 320 22.92 -31.09 0.73
CA GLU A 320 23.83 -31.12 1.87
C GLU A 320 23.87 -29.73 2.50
N VAL A 321 22.83 -29.42 3.28
CA VAL A 321 22.71 -28.14 3.96
C VAL A 321 22.27 -28.38 5.40
N SER A 322 22.44 -27.35 6.22
CA SER A 322 22.00 -27.36 7.60
C SER A 322 21.33 -26.03 7.91
N ILE A 323 20.43 -26.05 8.89
CA ILE A 323 19.69 -24.86 9.31
C ILE A 323 20.12 -24.53 10.73
N GLU A 324 20.48 -23.27 10.95
CA GLU A 324 20.89 -22.79 12.26
C GLU A 324 20.05 -21.58 12.66
N LEU A 325 19.70 -21.52 13.94
CA LEU A 325 18.97 -20.39 14.50
C LEU A 325 19.99 -19.47 15.14
N LYS A 326 20.27 -18.34 14.48
CA LYS A 326 21.22 -17.36 14.98
C LYS A 326 20.55 -16.00 15.09
N SER A 327 20.97 -15.23 16.09
CA SER A 327 20.44 -13.90 16.27
C SER A 327 20.85 -12.99 15.12
N GLU A 328 19.88 -12.22 14.62
CA GLU A 328 20.14 -11.37 13.46
C GLU A 328 21.16 -10.29 13.78
N MET A 329 21.05 -9.67 14.95
CA MET A 329 22.01 -8.62 15.33
C MET A 329 23.41 -9.19 15.46
N ALA A 330 23.55 -10.37 16.08
CA ALA A 330 24.88 -10.94 16.28
C ALA A 330 25.54 -11.29 14.96
N ILE A 331 24.77 -11.50 13.91
CA ILE A 331 25.34 -11.77 12.60
C ILE A 331 25.75 -10.47 11.91
N LYS A 332 24.88 -9.46 11.97
CA LYS A 332 25.14 -8.18 11.33
C LYS A 332 25.99 -7.24 12.16
N GLY A 333 26.16 -7.51 13.44
CA GLY A 333 26.84 -6.59 14.32
C GLY A 333 25.89 -5.65 15.03
N PHE A 334 26.37 -5.07 16.13
CA PHE A 334 25.54 -4.19 16.94
C PHE A 334 25.08 -2.96 16.17
N PHE A 335 25.86 -2.55 15.16
CA PHE A 335 25.54 -1.32 14.43
C PHE A 335 24.22 -1.44 13.67
N SER A 336 23.81 -2.64 13.30
CA SER A 336 22.67 -2.80 12.42
C SER A 336 21.37 -2.35 13.09
N ASP A 337 21.24 -2.58 14.40
CA ASP A 337 19.97 -2.34 15.08
C ASP A 337 20.07 -1.29 16.19
N ILE A 338 21.11 -0.48 16.21
CA ILE A 338 21.24 0.53 17.25
C ILE A 338 20.23 1.64 17.00
N ILE A 339 19.52 2.04 18.05
CA ILE A 339 18.50 3.08 17.93
C ILE A 339 18.53 3.96 19.17
N PRO A 340 18.10 5.21 19.04
CA PRO A 340 18.03 6.08 20.21
C PRO A 340 16.89 5.69 21.13
N TYR A 341 17.11 5.91 22.43
CA TYR A 341 16.12 5.60 23.45
C TYR A 341 15.96 6.81 24.36
N ILE A 342 14.71 7.22 24.58
CA ILE A 342 14.42 8.31 25.50
C ILE A 342 14.47 7.74 26.92
N LYS A 343 15.42 8.23 27.71
CA LYS A 343 15.61 7.76 29.07
C LYS A 343 15.29 8.90 30.02
N LYS A 344 14.22 8.76 30.79
CA LYS A 344 13.90 9.73 31.82
C LYS A 344 14.95 9.68 32.91
N ASP A 345 15.39 10.86 33.36
CA ASP A 345 16.41 10.93 34.39
C ASP A 345 15.90 10.30 35.68
N GLY A 346 16.73 9.47 36.29
CA GLY A 346 16.34 8.72 37.47
C GLY A 346 15.55 7.46 37.19
N ASP A 347 15.33 7.13 35.92
CA ASP A 347 14.57 5.93 35.54
C ASP A 347 15.46 5.02 34.73
N SER A 348 15.53 3.74 35.14
CA SER A 348 16.39 2.78 34.46
C SER A 348 15.78 2.28 33.16
N ASN A 349 14.46 2.35 33.02
CA ASN A 349 13.80 1.79 31.86
C ASN A 349 14.11 2.58 30.59
N TYR A 350 14.05 1.90 29.46
CA TYR A 350 14.24 2.51 28.15
C TYR A 350 12.91 2.48 27.41
N TYR A 351 12.52 3.61 26.85
CA TYR A 351 11.20 3.78 26.27
C TYR A 351 11.31 4.05 24.78
N PRO A 352 10.68 3.23 23.93
CA PRO A 352 10.64 3.43 22.48
C PRO A 352 9.63 4.49 22.08
N GLY A 355 6.20 7.84 24.82
CA GLY A 355 5.72 9.18 24.50
C GLY A 355 5.87 9.53 23.04
N ASP A 356 4.74 9.72 22.36
CA ASP A 356 4.79 10.08 20.95
C ASP A 356 5.28 11.51 20.75
N GLY A 357 4.79 12.44 21.56
CA GLY A 357 5.22 13.83 21.43
C GLY A 357 6.70 14.00 21.69
N ARG A 358 7.25 13.23 22.64
CA ARG A 358 8.68 13.27 22.89
C ARG A 358 9.46 12.85 21.66
N ARG A 359 9.01 11.80 20.98
CA ARG A 359 9.69 11.34 19.77
C ARG A 359 9.53 12.33 18.63
N LYS A 360 8.38 13.00 18.56
CA LYS A 360 8.17 13.98 17.49
C LYS A 360 9.12 15.16 17.63
N MET A 361 9.32 15.65 18.84
CA MET A 361 10.20 16.80 19.03
C MET A 361 11.66 16.41 18.83
N LEU A 362 12.06 15.24 19.34
CA LEU A 362 13.45 14.84 19.21
C LEU A 362 13.83 14.57 17.76
N SER A 363 12.86 14.24 16.91
CA SER A 363 13.15 14.08 15.48
C SER A 363 13.70 15.37 14.90
N TYR A 364 13.29 16.51 15.44
CA TYR A 364 13.87 17.78 15.01
C TYR A 364 15.28 17.96 15.57
N SER A 365 15.56 17.39 16.74
CA SER A 365 16.90 17.51 17.32
C SER A 365 17.93 16.84 16.43
N ILE A 366 17.59 15.69 15.84
CA ILE A 366 18.47 15.07 14.86
C ILE A 366 18.68 16.00 13.67
N TYR A 367 17.61 16.63 13.21
CA TYR A 367 17.73 17.60 12.12
C TYR A 367 18.62 18.76 12.52
N ASN A 368 18.47 19.25 13.75
CA ASN A 368 19.36 20.30 14.25
C ASN A 368 20.79 19.80 14.33
N TYR A 369 20.99 18.59 14.84
CA TYR A 369 22.34 18.05 14.97
C TYR A 369 23.00 17.88 13.61
N LEU A 370 22.28 17.33 12.64
CA LEU A 370 22.83 17.16 11.31
C LEU A 370 23.11 18.51 10.65
N ALA A 371 22.21 19.47 10.84
CA ALA A 371 22.38 20.78 10.20
C ALA A 371 23.69 21.43 10.59
N LYS A 372 24.20 21.15 11.79
CA LYS A 372 25.45 21.75 12.22
C LYS A 372 26.63 21.20 11.44
N LYS A 373 26.62 19.89 11.13
CA LYS A 373 27.82 19.25 10.62
C LYS A 373 27.62 18.27 9.48
N LYS A 374 26.40 18.00 9.03
CA LYS A 374 26.24 16.98 8.01
C LYS A 374 26.66 17.50 6.63
N TYR A 375 26.25 18.71 6.27
CA TYR A 375 26.49 19.27 4.96
C TYR A 375 27.21 20.61 5.11
N GLU A 376 28.53 20.58 5.16
CA GLU A 376 29.32 21.80 5.13
C GLU A 376 29.77 22.16 3.72
N ASP A 377 29.43 21.36 2.72
CA ASP A 377 29.89 21.57 1.36
C ASP A 377 28.76 21.88 0.39
N LYS A 378 27.55 22.11 0.88
CA LYS A 378 26.44 22.40 -0.02
C LYS A 378 25.45 23.32 0.68
N ILE A 379 24.65 24.00 -0.15
CA ILE A 379 23.60 24.87 0.34
C ILE A 379 22.38 24.02 0.65
N VAL A 380 21.94 24.04 1.90
CA VAL A 380 20.84 23.19 2.35
C VAL A 380 19.58 24.02 2.46
N ILE A 381 18.54 23.61 1.76
CA ILE A 381 17.25 24.27 1.78
C ILE A 381 16.25 23.33 2.42
N TYR A 382 15.57 23.80 3.45
CA TYR A 382 14.58 23.00 4.16
C TYR A 382 13.19 23.37 3.68
N LEU A 383 12.44 22.39 3.23
CA LEU A 383 11.04 22.59 2.85
C LEU A 383 10.21 21.97 3.96
N ILE A 384 9.71 22.80 4.86
CA ILE A 384 8.95 22.36 6.03
C ILE A 384 7.49 22.62 5.74
N GLU A 385 6.71 21.55 5.60
CA GLU A 385 5.32 21.65 5.18
C GLU A 385 4.41 21.25 6.33
N GLU A 386 3.59 22.20 6.78
CA GLU A 386 2.61 21.98 7.84
C GLU A 386 3.21 21.28 9.06
N PRO A 387 4.19 21.89 9.72
CA PRO A 387 4.77 21.27 10.92
C PRO A 387 3.78 21.13 12.05
N GLU A 388 2.75 21.97 12.08
CA GLU A 388 1.81 21.99 13.19
C GLU A 388 0.89 20.78 13.22
N ILE A 389 0.92 19.94 12.19
CA ILE A 389 0.02 18.78 12.16
C ILE A 389 0.36 17.86 13.31
N SER A 390 -0.64 17.61 14.17
CA SER A 390 -0.49 16.74 15.34
C SER A 390 0.66 17.19 16.24
N LEU A 391 0.79 18.49 16.41
CA LEU A 391 1.82 19.08 17.26
C LEU A 391 1.16 20.00 18.27
N HIS A 392 1.50 19.82 19.54
CA HIS A 392 0.94 20.67 20.58
C HIS A 392 1.39 22.11 20.38
N ARG A 393 0.53 23.05 20.78
CA ARG A 393 0.81 24.45 20.51
C ARG A 393 2.05 24.93 21.24
N SER A 394 2.37 24.33 22.39
CA SER A 394 3.62 24.67 23.06
C SER A 394 4.82 24.23 22.26
N MET A 395 4.71 23.07 21.59
CA MET A 395 5.80 22.62 20.73
C MET A 395 5.86 23.41 19.44
N GLN A 396 4.72 23.95 18.99
CA GLN A 396 4.73 24.82 17.82
C GLN A 396 5.53 26.08 18.09
N ILE A 397 5.40 26.64 19.29
CA ILE A 397 6.18 27.82 19.65
C ILE A 397 7.66 27.45 19.75
N ALA A 398 7.96 26.26 20.27
CA ALA A 398 9.34 25.80 20.33
C ALA A 398 9.94 25.69 18.95
N LEU A 399 9.18 25.14 18.00
CA LEU A 399 9.66 25.06 16.63
C LEU A 399 9.82 26.44 16.01
N SER A 400 8.93 27.36 16.37
CA SER A 400 9.03 28.72 15.85
C SER A 400 10.33 29.38 16.30
N LYS A 401 10.72 29.17 17.56
CA LYS A 401 11.97 29.75 18.05
C LYS A 401 13.16 29.18 17.30
N GLN A 402 13.13 27.87 17.00
CA GLN A 402 14.23 27.26 16.26
C GLN A 402 14.36 27.85 14.87
N LEU A 403 13.23 28.07 14.20
CA LEU A 403 13.28 28.50 12.80
C LEU A 403 13.82 29.92 12.68
N PHE A 404 13.42 30.82 13.58
CA PHE A 404 13.71 32.23 13.42
C PHE A 404 14.80 32.75 14.36
N GLU A 405 14.77 32.35 15.63
CA GLU A 405 15.79 32.84 16.55
C GLU A 405 17.13 32.16 16.32
N GLN A 406 17.13 30.85 16.10
CA GLN A 406 18.38 30.13 15.92
C GLN A 406 18.90 30.31 14.50
N SER A 407 20.17 29.92 14.32
CA SER A 407 20.82 29.93 13.01
C SER A 407 20.90 28.55 12.40
N THR A 408 20.15 27.58 12.93
CA THR A 408 20.24 26.21 12.44
C THR A 408 19.78 26.11 10.99
N TYR A 409 18.62 26.67 10.69
CA TYR A 409 18.04 26.58 9.35
C TYR A 409 18.27 27.91 8.65
N LYS A 410 19.39 28.00 7.95
CA LYS A 410 19.74 29.25 7.28
C LYS A 410 18.75 29.58 6.16
N TYR A 411 18.40 28.59 5.34
CA TYR A 411 17.45 28.77 4.25
C TYR A 411 16.32 27.76 4.44
N PHE A 412 15.08 28.24 4.40
CA PHE A 412 13.95 27.32 4.44
C PHE A 412 12.73 27.97 3.83
N PHE A 413 11.80 27.12 3.40
CA PHE A 413 10.48 27.53 2.96
C PHE A 413 9.46 26.82 3.83
N LEU A 414 8.72 27.60 4.62
CA LEU A 414 7.80 27.04 5.61
C LEU A 414 6.38 27.29 5.14
N SER A 415 5.60 26.22 5.03
CA SER A 415 4.18 26.30 4.70
C SER A 415 3.39 25.93 5.95
N THR A 416 2.60 26.87 6.44
CA THR A 416 1.95 26.68 7.74
C THR A 416 0.51 27.18 7.69
N HIS A 417 -0.30 26.60 8.56
CA HIS A 417 -1.67 27.04 8.78
C HIS A 417 -1.92 27.56 10.17
N SER A 418 -0.94 27.49 11.06
CA SER A 418 -1.16 27.82 12.46
C SER A 418 -0.42 29.10 12.82
N PRO A 419 -1.08 30.05 13.47
CA PRO A 419 -0.39 31.27 13.88
C PRO A 419 0.69 31.06 14.91
N GLU A 420 0.68 29.94 15.64
CA GLU A 420 1.67 29.73 16.69
C GLU A 420 3.07 29.58 16.11
N LEU A 421 3.20 29.02 14.91
CA LEU A 421 4.50 28.87 14.29
C LEU A 421 5.12 30.21 13.90
N LEU A 422 4.35 31.30 13.93
CA LEU A 422 4.85 32.62 13.58
C LEU A 422 5.03 33.50 14.81
N TYR A 423 5.04 32.92 16.00
CA TYR A 423 5.14 33.72 17.21
C TYR A 423 6.50 34.39 17.32
N GLU A 424 7.54 33.74 16.84
CA GLU A 424 8.90 34.27 16.90
C GLU A 424 9.39 34.80 15.56
N MET A 425 8.49 34.97 14.59
CA MET A 425 8.92 35.35 13.25
C MET A 425 9.63 36.69 13.25
N ASP A 426 10.72 36.76 12.49
CA ASP A 426 11.53 37.96 12.37
C ASP A 426 12.54 37.75 11.26
N ASN A 427 12.83 38.81 10.50
CA ASN A 427 13.79 38.76 9.41
C ASN A 427 13.44 37.65 8.43
N THR A 428 12.15 37.52 8.14
CA THR A 428 11.66 36.49 7.25
C THR A 428 10.80 37.14 6.18
N ARG A 429 10.64 36.43 5.07
CA ARG A 429 9.81 36.87 3.97
C ARG A 429 8.47 36.15 4.05
N LEU A 430 7.38 36.91 4.10
CA LEU A 430 6.05 36.35 4.21
C LEU A 430 5.40 36.36 2.83
N ILE A 431 4.98 35.19 2.37
CA ILE A 431 4.30 35.04 1.09
C ILE A 431 2.89 34.57 1.36
N ARG A 432 1.91 35.34 0.87
CA ARG A 432 0.51 35.05 1.11
C ARG A 432 -0.17 34.69 -0.21
N VAL A 433 -0.80 33.53 -0.25
CA VAL A 433 -1.55 33.09 -1.43
C VAL A 433 -2.99 33.52 -1.24
N HIS A 434 -3.49 34.32 -2.17
CA HIS A 434 -4.84 34.85 -2.05
C HIS A 434 -5.87 33.75 -2.24
N SER A 435 -7.07 33.98 -1.70
CA SER A 435 -8.12 32.98 -1.75
C SER A 435 -8.63 32.72 -3.16
N THR A 436 -8.35 33.62 -4.09
CA THR A 436 -8.83 33.47 -5.45
C THR A 436 -8.21 32.24 -6.12
N GLU A 437 -8.97 31.61 -7.00
CA GLU A 437 -8.47 30.46 -7.76
C GLU A 437 -7.40 30.86 -8.76
N LYS A 438 -7.32 32.14 -9.10
CA LYS A 438 -6.31 32.62 -10.06
C LYS A 438 -4.90 32.45 -9.53
N VAL A 439 -4.73 32.31 -8.21
CA VAL A 439 -3.45 32.16 -7.55
C VAL A 439 -2.63 33.43 -7.70
N VAL A 440 -2.96 34.42 -6.91
CA VAL A 440 -2.15 35.62 -6.75
C VAL A 440 -1.35 35.48 -5.47
N CYS A 441 -0.08 35.85 -5.52
CA CYS A 441 0.82 35.75 -4.37
C CYS A 441 1.33 37.14 -4.03
N SER A 442 1.14 37.55 -2.78
CA SER A 442 1.66 38.81 -2.27
C SER A 442 2.79 38.51 -1.30
N SER A 443 3.88 39.26 -1.43
CA SER A 443 5.10 39.01 -0.69
C SER A 443 5.49 40.24 0.10
N HIS A 444 5.90 40.04 1.35
CA HIS A 444 6.37 41.11 2.21
C HIS A 444 7.57 40.63 2.99
N MET A 445 8.59 41.48 3.09
CA MET A 445 9.79 41.16 3.86
C MET A 445 9.57 41.65 5.29
N TYR A 446 9.35 40.71 6.20
CA TYR A 446 8.97 41.06 7.57
C TYR A 446 10.21 41.33 8.40
N ASN A 447 10.27 42.49 9.01
CA ASN A 447 11.32 42.83 9.96
C ASN A 447 10.71 43.59 11.13
N VAL A 448 11.31 43.44 12.29
CA VAL A 448 10.92 44.17 13.50
C VAL A 448 12.04 45.13 13.82
N GLU A 449 11.71 46.42 13.88
CA GLU A 449 12.72 47.45 14.10
C GLU A 449 13.24 47.39 15.52
N GLU A 450 14.31 48.15 15.76
CA GLU A 450 14.88 48.21 17.11
C GLU A 450 13.95 48.92 18.08
N ALA A 451 13.13 49.85 17.59
CA ALA A 451 12.17 50.52 18.45
C ALA A 451 11.15 49.55 19.02
N TYR A 452 10.70 48.59 18.20
CA TYR A 452 9.71 47.61 18.62
C TYR A 452 10.33 46.39 19.28
N GLY A 453 11.64 46.40 19.53
CA GLY A 453 12.28 45.24 20.09
C GLY A 453 11.78 44.88 21.48
N SER A 454 11.40 45.88 22.27
CA SER A 454 10.94 45.61 23.62
C SER A 454 9.53 45.04 23.64
N VAL A 455 8.72 45.35 22.63
CA VAL A 455 7.36 44.84 22.55
C VAL A 455 7.23 43.79 21.45
N LYS A 456 8.35 43.21 21.02
CA LYS A 456 8.33 42.29 19.90
C LYS A 456 7.48 41.05 20.19
N LYS A 457 7.61 40.51 21.40
CA LYS A 457 6.87 39.29 21.74
C LYS A 457 5.37 39.53 21.72
N LYS A 458 4.91 40.60 22.35
CA LYS A 458 3.48 40.91 22.36
C LYS A 458 3.00 41.26 20.94
N LEU A 459 3.81 42.03 20.21
CA LEU A 459 3.42 42.46 18.87
C LEU A 459 3.29 41.27 17.92
N ASN A 460 4.22 40.32 17.99
CA ASN A 460 4.18 39.18 17.07
C ASN A 460 2.99 38.27 17.36
N LYS A 461 2.66 38.07 18.64
CA LYS A 461 1.55 37.20 18.98
C LYS A 461 0.23 37.72 18.43
N ALA A 462 0.03 39.04 18.52
CA ALA A 462 -1.20 39.63 17.98
C ALA A 462 -1.22 39.58 16.46
N LEU A 463 -0.09 39.92 15.82
CA LEU A 463 -0.05 40.02 14.37
C LEU A 463 -0.15 38.66 13.69
N SER A 464 0.32 37.60 14.35
CA SER A 464 0.36 36.29 13.69
C SER A 464 -1.03 35.80 13.33
N SER A 465 -2.02 36.06 14.19
CA SER A 465 -3.38 35.65 13.87
C SER A 465 -4.00 36.51 12.80
N ALA A 466 -3.61 37.78 12.71
CA ALA A 466 -4.17 38.68 11.71
C ALA A 466 -3.72 38.32 10.30
N LEU A 467 -2.59 37.63 10.15
CA LEU A 467 -2.12 37.27 8.82
C LEU A 467 -3.08 36.34 8.12
N PHE A 468 -3.79 35.50 8.87
CA PHE A 468 -4.75 34.57 8.30
C PHE A 468 -6.15 35.17 8.26
N ALA A 469 -6.27 36.37 7.68
CA ALA A 469 -7.54 37.07 7.65
C ALA A 469 -7.61 37.90 6.37
N GLU A 470 -8.83 38.28 6.01
CA GLU A 470 -9.04 39.11 4.82
C GLU A 470 -9.16 40.57 5.18
N ARG A 471 -9.93 40.88 6.22
CA ARG A 471 -10.14 42.25 6.69
C ARG A 471 -9.76 42.33 8.15
N VAL A 472 -8.85 43.24 8.48
CA VAL A 472 -8.37 43.42 9.85
C VAL A 472 -8.72 44.82 10.31
N LEU A 473 -9.42 44.91 11.43
CA LEU A 473 -9.76 46.19 12.04
C LEU A 473 -8.84 46.43 13.22
N LEU A 474 -8.09 47.53 13.17
CA LEU A 474 -7.11 47.85 14.20
C LEU A 474 -7.79 48.71 15.26
N ILE A 475 -7.93 48.17 16.47
CA ILE A 475 -8.52 48.88 17.58
C ILE A 475 -7.44 49.10 18.64
N GLU A 476 -7.78 49.86 19.68
CA GLU A 476 -6.79 50.26 20.66
C GLU A 476 -6.66 49.24 21.80
N GLY A 477 -7.75 49.02 22.54
CA GLY A 477 -7.67 48.19 23.71
C GLY A 477 -8.81 47.21 23.84
N PRO A 478 -8.95 46.59 25.01
CA PRO A 478 -10.03 45.62 25.22
C PRO A 478 -11.41 46.24 25.30
N SER A 479 -11.51 47.50 25.74
CA SER A 479 -12.83 48.14 25.83
C SER A 479 -13.46 48.26 24.45
N GLU A 480 -12.66 48.65 23.46
CA GLU A 480 -13.17 48.65 22.08
C GLU A 480 -13.49 47.24 21.63
N LYS A 481 -12.65 46.28 21.98
CA LYS A 481 -12.89 44.90 21.58
C LYS A 481 -14.15 44.34 22.22
N ILE A 482 -14.41 44.69 23.49
CA ILE A 482 -15.60 44.21 24.18
C ILE A 482 -16.85 44.73 23.49
N LEU A 483 -16.87 46.03 23.17
CA LEU A 483 -18.04 46.63 22.54
C LEU A 483 -18.23 46.09 21.12
N PHE A 484 -17.15 46.06 20.34
CA PHE A 484 -17.27 45.63 18.95
C PHE A 484 -17.60 44.16 18.84
N GLU A 485 -17.10 43.33 19.75
CA GLU A 485 -17.44 41.92 19.73
C GLU A 485 -18.92 41.72 20.03
N LYS A 486 -19.48 42.50 20.95
CA LYS A 486 -20.91 42.40 21.23
C LYS A 486 -21.74 42.90 20.07
N VAL A 487 -21.37 44.06 19.51
CA VAL A 487 -22.12 44.62 18.40
C VAL A 487 -22.08 43.68 17.19
N LEU A 488 -20.90 43.16 16.88
CA LEU A 488 -20.78 42.25 15.75
C LEU A 488 -21.52 40.95 16.02
N ASP A 489 -21.57 40.51 17.28
CA ASP A 489 -22.29 39.29 17.62
C ASP A 489 -23.77 39.43 17.27
N GLU A 490 -24.36 40.58 17.58
CA GLU A 490 -25.79 40.76 17.31
C GLU A 490 -26.06 41.07 15.84
N VAL A 491 -25.07 41.57 15.12
CA VAL A 491 -25.28 42.03 13.75
C VAL A 491 -24.76 41.01 12.75
N GLU A 492 -23.46 40.70 12.83
CA GLU A 492 -22.80 39.80 11.90
C GLU A 492 -22.05 38.75 12.69
N PRO A 493 -22.76 37.78 13.27
CA PRO A 493 -22.12 36.85 14.20
C PRO A 493 -21.01 36.02 13.59
N GLU A 494 -21.04 35.78 12.28
CA GLU A 494 -20.01 34.98 11.62
C GLU A 494 -19.02 35.84 10.84
N TYR A 495 -18.70 37.02 11.35
CA TYR A 495 -17.71 37.86 10.69
C TYR A 495 -16.33 37.23 10.69
N GLU A 496 -16.00 36.47 11.74
CA GLU A 496 -14.72 35.78 11.78
C GLU A 496 -14.63 34.70 10.73
N LEU A 497 -15.74 34.01 10.45
CA LEU A 497 -15.74 32.98 9.42
C LEU A 497 -15.45 33.58 8.05
N ASN A 498 -16.00 34.76 7.78
CA ASN A 498 -15.86 35.37 6.46
C ASN A 498 -14.47 35.97 6.25
N GLY A 499 -13.69 36.14 7.30
CA GLY A 499 -12.35 36.67 7.15
C GLY A 499 -12.08 37.90 7.97
N GLY A 500 -13.06 38.34 8.74
CA GLY A 500 -12.85 39.48 9.61
C GLY A 500 -11.98 39.14 10.79
N PHE A 501 -11.32 40.16 11.33
CA PHE A 501 -10.45 39.97 12.48
C PHE A 501 -10.30 41.28 13.22
N LEU A 502 -10.37 41.22 14.55
CA LEU A 502 -10.24 42.39 15.41
C LEU A 502 -8.86 42.35 16.04
N LEU A 503 -7.94 43.12 15.49
CA LEU A 503 -6.57 43.20 16.01
C LEU A 503 -6.44 44.44 16.87
N GLU A 504 -6.04 44.26 18.12
CA GLU A 504 -5.93 45.37 19.05
C GLU A 504 -4.45 45.75 19.19
N VAL A 505 -4.17 47.04 19.09
CA VAL A 505 -2.82 47.57 19.19
C VAL A 505 -2.83 48.74 20.16
N GLY A 506 -1.85 48.78 21.04
CA GLY A 506 -1.84 49.82 22.06
C GLY A 506 -0.46 50.34 22.37
N GLY A 507 -0.32 51.66 22.42
CA GLY A 507 0.94 52.27 22.76
C GLY A 507 1.96 52.31 21.66
N THR A 508 1.62 51.83 20.47
CA THR A 508 2.55 51.81 19.35
C THR A 508 1.88 52.42 18.13
N TYR A 509 2.71 52.94 17.23
CA TYR A 509 2.20 53.44 15.96
C TYR A 509 1.73 52.29 15.09
N PHE A 510 0.77 52.58 14.21
CA PHE A 510 0.22 51.55 13.34
C PHE A 510 1.14 51.21 12.17
N ASN A 511 2.31 51.82 12.09
CA ASN A 511 3.16 51.65 10.91
C ASN A 511 3.55 50.20 10.71
N HIS A 512 3.95 49.51 11.78
CA HIS A 512 4.42 48.15 11.63
C HIS A 512 3.30 47.22 11.17
N TYR A 513 2.13 47.36 11.75
CA TYR A 513 1.02 46.48 11.39
C TYR A 513 0.51 46.78 9.99
N VAL A 514 0.32 48.05 9.67
CA VAL A 514 -0.29 48.42 8.39
C VAL A 514 0.64 48.06 7.25
N CYS A 515 1.93 48.34 7.39
CA CYS A 515 2.88 48.04 6.31
C CYS A 515 2.90 46.56 5.99
N THR A 516 2.86 45.72 7.02
CA THR A 516 2.82 44.28 6.80
C THR A 516 1.50 43.86 6.15
N LEU A 517 0.38 44.34 6.68
CA LEU A 517 -0.92 43.94 6.15
C LEU A 517 -1.14 44.45 4.74
N ASN A 518 -0.74 45.70 4.48
CA ASN A 518 -0.92 46.26 3.14
C ASN A 518 -0.09 45.52 2.10
N ASP A 519 1.16 45.20 2.44
CA ASP A 519 2.02 44.51 1.48
C ASP A 519 1.51 43.11 1.17
N LEU A 520 0.84 42.47 2.12
CA LEU A 520 0.31 41.13 1.93
C LEU A 520 -1.04 41.12 1.26
N GLY A 521 -1.61 42.28 0.96
CA GLY A 521 -2.91 42.33 0.33
C GLY A 521 -4.08 42.18 1.25
N ILE A 522 -3.88 42.34 2.56
CA ILE A 522 -4.96 42.24 3.53
C ILE A 522 -5.53 43.62 3.78
N THR A 523 -6.86 43.73 3.71
CA THR A 523 -7.50 45.01 3.97
C THR A 523 -7.37 45.38 5.44
N HIS A 524 -6.90 46.59 5.71
CA HIS A 524 -6.70 47.07 7.06
C HIS A 524 -7.59 48.27 7.30
N ILE A 525 -8.32 48.27 8.42
CA ILE A 525 -9.15 49.38 8.84
C ILE A 525 -8.66 49.83 10.21
N ILE A 526 -8.45 51.13 10.37
CA ILE A 526 -7.95 51.69 11.62
C ILE A 526 -9.06 52.55 12.23
N LYS A 527 -9.46 52.19 13.44
CA LYS A 527 -10.41 52.99 14.22
C LYS A 527 -9.67 53.48 15.45
N THR A 528 -9.23 54.73 15.41
CA THR A 528 -8.56 55.35 16.54
C THR A 528 -9.33 56.60 16.94
N ASP A 529 -8.87 57.24 18.00
CA ASP A 529 -9.52 58.43 18.52
C ASP A 529 -8.52 59.56 18.69
N ASN A 530 -9.02 60.79 18.65
CA ASN A 530 -8.16 61.96 18.79
C ASN A 530 -7.67 62.08 20.22
N ASP A 531 -6.36 61.99 20.41
CA ASP A 531 -5.76 61.97 21.73
C ASP A 531 -4.78 63.12 21.88
N LEU A 532 -4.69 63.64 23.10
CA LEU A 532 -3.70 64.64 23.47
C LEU A 532 -2.85 64.06 24.58
N LYS A 533 -1.53 63.99 24.36
CA LYS A 533 -0.60 63.44 25.32
C LYS A 533 0.31 64.55 25.84
N SER A 534 0.46 64.60 27.16
CA SER A 534 1.29 65.63 27.78
C SER A 534 2.74 65.16 27.85
N LYS A 535 3.64 66.00 27.35
CA LYS A 535 5.05 65.70 27.42
C LYS A 535 5.53 65.71 28.87
N LYS A 536 6.45 64.80 29.19
CA LYS A 536 6.96 64.72 30.55
C LYS A 536 7.81 65.94 30.89
N GLY A 537 7.60 66.46 32.09
CA GLY A 537 8.38 67.59 32.56
C GLY A 537 7.97 68.93 32.04
N LYS A 538 6.96 69.00 31.18
CA LYS A 538 6.49 70.26 30.61
C LYS A 538 4.99 70.39 30.88
N LYS A 539 4.59 71.55 31.37
CA LYS A 539 3.22 71.78 31.82
C LYS A 539 2.43 72.53 30.76
N GLY A 540 1.18 72.13 30.55
CA GLY A 540 0.28 72.84 29.68
C GLY A 540 0.51 72.67 28.20
N VAL A 541 1.37 71.72 27.80
CA VAL A 541 1.67 71.47 26.40
C VAL A 541 1.34 70.01 26.09
N TYR A 542 0.64 69.79 24.99
CA TYR A 542 0.21 68.45 24.60
C TYR A 542 0.57 68.22 23.14
N GLU A 543 0.78 66.94 22.81
CA GLU A 543 1.06 66.54 21.44
C GLU A 543 -0.11 65.74 20.89
N LEU A 544 -0.45 65.99 19.63
CA LEU A 544 -1.61 65.36 19.00
C LEU A 544 -1.26 63.91 18.66
N LEU A 545 -1.20 63.09 19.71
CA LEU A 545 -0.80 61.70 19.54
C LEU A 545 -1.78 60.95 18.64
N GLY A 546 -3.07 61.16 18.83
CA GLY A 546 -4.04 60.50 17.96
C GLY A 546 -3.93 60.94 16.52
N LEU A 547 -3.75 62.25 16.30
CA LEU A 547 -3.61 62.76 14.94
C LEU A 547 -2.27 62.36 14.33
N ASN A 548 -1.21 62.34 15.14
CA ASN A 548 0.12 62.02 14.62
C ASN A 548 0.20 60.60 14.10
N ARG A 549 -0.44 59.65 14.81
CA ARG A 549 -0.39 58.26 14.38
C ARG A 549 -1.02 58.10 12.99
N CYS A 550 -2.16 58.76 12.78
CA CYS A 550 -2.80 58.69 11.46
C CYS A 550 -1.97 59.39 10.41
N LEU A 551 -1.37 60.53 10.75
CA LEU A 551 -0.52 61.24 9.82
C LEU A 551 0.70 60.42 9.46
N ASN A 552 1.30 59.76 10.45
CA ASN A 552 2.45 58.90 10.20
C ASN A 552 2.09 57.76 9.24
N LEU A 553 0.85 57.28 9.30
CA LEU A 553 0.41 56.27 8.36
C LEU A 553 0.38 56.81 6.93
N LEU A 554 -0.05 58.07 6.78
CA LEU A 554 -0.06 58.70 5.47
C LEU A 554 1.32 59.02 4.95
N GLY A 555 2.35 58.89 5.77
CA GLY A 555 3.69 59.27 5.40
C GLY A 555 4.08 60.69 5.73
N ARG A 556 3.14 61.47 6.26
CA ARG A 556 3.44 62.85 6.62
C ARG A 556 4.19 62.91 7.95
N GLU A 557 4.85 64.03 8.18
CA GLU A 557 5.59 64.23 9.42
C GLU A 557 4.64 64.51 10.58
N ASN A 558 5.14 64.28 11.79
CA ASN A 558 4.35 64.53 12.98
C ASN A 558 4.11 66.02 13.17
N LEU A 559 2.89 66.37 13.56
CA LEU A 559 2.57 67.75 13.88
C LEU A 559 3.27 68.16 15.17
N ASP A 560 3.53 69.46 15.29
CA ASP A 560 4.18 69.97 16.49
C ASP A 560 3.23 69.89 17.69
N GLU A 561 3.82 69.89 18.88
CA GLU A 561 3.02 69.90 20.09
C GLU A 561 2.38 71.25 20.29
N ILE A 562 1.15 71.25 20.79
CA ILE A 562 0.41 72.49 21.04
C ILE A 562 0.32 72.69 22.54
N THR A 563 0.16 73.95 22.93
CA THR A 563 0.03 74.32 24.33
C THR A 563 -1.45 74.61 24.64
N ILE A 564 -1.88 74.18 25.81
CA ILE A 564 -3.23 74.41 26.29
C ILE A 564 -3.13 75.10 27.65
N ASP A 565 -3.74 76.28 27.76
CA ASP A 565 -3.70 77.05 28.98
C ASP A 565 -4.95 76.75 29.79
N ILE A 566 -4.77 76.18 30.99
CA ILE A 566 -5.88 75.95 31.89
C ILE A 566 -5.58 76.58 33.25
N PRO A 567 -6.59 77.07 33.96
CA PRO A 567 -6.35 77.56 35.32
C PRO A 567 -6.05 76.41 36.26
N GLU A 568 -5.31 76.72 37.33
CA GLU A 568 -4.99 75.70 38.32
C GLU A 568 -6.23 75.20 39.03
N ASP A 569 -7.20 76.08 39.27
CA ASP A 569 -8.45 75.65 39.92
C ASP A 569 -9.23 74.67 39.06
N ILE A 570 -9.21 74.85 37.74
CA ILE A 570 -9.93 73.96 36.84
C ILE A 570 -9.31 72.57 36.94
N LYS A 571 -10.08 71.63 37.49
CA LYS A 571 -9.60 70.26 37.70
C LYS A 571 -10.72 69.29 37.42
N GLY A 572 -10.34 68.02 37.26
CA GLY A 572 -11.32 66.96 37.09
C GLY A 572 -12.16 67.08 35.84
N LYS A 573 -13.49 67.07 36.03
CA LYS A 573 -14.40 67.14 34.89
C LYS A 573 -14.23 68.43 34.11
N LYS A 574 -14.02 69.55 34.81
CA LYS A 574 -13.83 70.82 34.13
C LYS A 574 -12.58 70.79 33.26
N LYS A 575 -11.50 70.19 33.76
CA LYS A 575 -10.29 70.03 32.95
C LYS A 575 -10.57 69.15 31.74
N LYS A 576 -11.30 68.05 31.93
CA LYS A 576 -11.54 67.12 30.83
C LYS A 576 -12.36 67.76 29.73
N GLU A 577 -13.41 68.52 30.08
CA GLU A 577 -14.23 69.14 29.04
C GLU A 577 -13.47 70.24 28.31
N ARG A 578 -12.55 70.91 28.99
CA ARG A 578 -11.70 71.89 28.30
C ARG A 578 -10.83 71.22 27.25
N LEU A 579 -10.25 70.06 27.59
CA LEU A 579 -9.47 69.31 26.61
C LEU A 579 -10.36 68.84 25.46
N ASN A 580 -11.59 68.42 25.77
CA ASN A 580 -12.51 68.00 24.72
C ASN A 580 -12.82 69.14 23.76
N GLU A 581 -12.97 70.36 24.31
CA GLU A 581 -13.20 71.51 23.44
C GLU A 581 -12.03 71.74 22.50
N ARG A 582 -10.80 71.62 23.01
CA ARG A 582 -9.63 71.75 22.15
C ARG A 582 -9.58 70.64 21.11
N LYS A 583 -9.93 69.41 21.53
CA LYS A 583 -9.94 68.29 20.59
C LYS A 583 -10.94 68.53 19.47
N LYS A 584 -12.12 69.05 19.80
CA LYS A 584 -13.11 69.36 18.77
C LYS A 584 -12.61 70.45 17.84
N GLU A 585 -11.96 71.48 18.39
CA GLU A 585 -11.42 72.53 17.55
C GLU A 585 -10.32 72.01 16.64
N ILE A 586 -9.44 71.16 17.16
CA ILE A 586 -8.36 70.60 16.36
C ILE A 586 -8.93 69.70 15.27
N PHE A 587 -9.94 68.91 15.60
CA PHE A 587 -10.56 68.04 14.61
C PHE A 587 -11.16 68.86 13.47
N LYS A 588 -11.80 69.98 13.79
CA LYS A 588 -12.34 70.85 12.75
C LYS A 588 -11.22 71.50 11.94
N GLN A 589 -10.14 71.90 12.60
CA GLN A 589 -9.06 72.61 11.91
C GLN A 589 -8.41 71.73 10.85
N TYR A 590 -8.20 70.46 11.16
CA TYR A 590 -7.54 69.53 10.23
C TYR A 590 -8.54 68.67 9.49
N LYS A 591 -9.70 69.23 9.15
CA LYS A 591 -10.74 68.46 8.48
C LYS A 591 -10.27 67.93 7.13
N ASN A 592 -9.35 68.63 6.47
CA ASN A 592 -8.82 68.13 5.21
C ASN A 592 -8.04 66.84 5.40
N GLU A 593 -7.21 66.77 6.45
CA GLU A 593 -6.49 65.54 6.73
C GLU A 593 -7.43 64.42 7.13
N VAL A 594 -8.46 64.73 7.90
CA VAL A 594 -9.44 63.71 8.29
C VAL A 594 -10.14 63.16 7.05
N GLY A 595 -10.42 64.01 6.07
CA GLY A 595 -10.96 63.53 4.82
C GLY A 595 -10.03 62.57 4.10
N GLU A 596 -8.73 62.86 4.16
CA GLU A 596 -7.74 61.95 3.58
C GLU A 596 -7.75 60.60 4.31
N PHE A 597 -7.90 60.64 5.64
CA PHE A 597 -7.91 59.41 6.42
C PHE A 597 -9.06 58.51 6.01
N LEU A 598 -10.24 59.10 5.77
CA LEU A 598 -11.39 58.30 5.38
C LEU A 598 -11.14 57.56 4.07
N GLY A 599 -10.41 58.18 3.15
CA GLY A 599 -10.05 57.50 1.92
C GLY A 599 -9.13 56.32 2.17
N GLU A 600 -8.22 56.45 3.12
CA GLU A 600 -7.28 55.39 3.48
C GLU A 600 -7.85 54.45 4.53
N ARG A 601 -9.16 54.43 4.72
CA ARG A 601 -9.83 53.55 5.67
C ARG A 601 -9.32 53.78 7.08
N ILE A 602 -9.04 55.04 7.42
CA ILE A 602 -8.65 55.44 8.76
C ILE A 602 -9.76 56.29 9.33
N TYR A 603 -10.37 55.83 10.42
CA TYR A 603 -11.52 56.49 11.02
C TYR A 603 -11.08 57.08 12.35
N LEU A 604 -10.91 58.40 12.38
CA LEU A 604 -10.46 59.11 13.56
C LEU A 604 -11.67 59.70 14.28
N SER A 605 -11.83 59.35 15.55
CA SER A 605 -12.92 59.90 16.34
C SER A 605 -12.67 61.37 16.64
N GLU A 606 -13.76 62.13 16.72
CA GLU A 606 -13.64 63.55 17.04
C GLU A 606 -13.06 63.76 18.43
N ILE A 607 -13.53 62.98 19.41
CA ILE A 607 -13.01 63.05 20.76
C ILE A 607 -12.49 61.69 21.18
N ASP A 608 -13.38 60.70 21.22
CA ASP A 608 -13.00 59.34 21.60
C ASP A 608 -14.16 58.42 21.21
N LEU A 609 -13.96 57.12 21.46
CA LEU A 609 -14.99 56.14 21.11
C LEU A 609 -16.25 56.33 21.94
N GLU A 610 -16.09 56.67 23.22
CA GLU A 610 -17.25 56.82 24.10
C GLU A 610 -18.18 57.92 23.60
N ASN A 611 -17.62 59.06 23.19
CA ASN A 611 -18.44 60.14 22.68
C ASN A 611 -19.13 59.74 21.37
N ASP A 612 -18.41 59.02 20.50
CA ASP A 612 -19.04 58.51 19.30
C ASP A 612 -20.15 57.52 19.64
N LEU A 613 -19.92 56.68 20.64
CA LEU A 613 -20.95 55.74 21.08
C LEU A 613 -22.16 56.47 21.63
N TYR A 614 -21.93 57.57 22.34
CA TYR A 614 -23.04 58.34 22.91
C TYR A 614 -23.90 58.93 21.79
N SER A 615 -23.28 59.38 20.71
CA SER A 615 -24.04 59.92 19.59
C SER A 615 -24.90 58.84 18.95
N ALA A 616 -24.38 57.62 18.83
CA ALA A 616 -25.13 56.55 18.20
C ALA A 616 -26.30 56.10 19.06
N ILE A 617 -26.07 55.89 20.34
CA ILE A 617 -27.10 55.47 21.28
C ILE A 617 -26.98 56.35 22.52
N GLY A 618 -27.73 57.45 22.54
CA GLY A 618 -27.68 58.34 23.68
C GLY A 618 -28.71 58.00 24.72
N GLU A 619 -29.96 57.89 24.29
CA GLU A 619 -31.05 57.58 25.23
C GLU A 619 -30.86 56.21 25.86
N SER A 620 -30.50 55.22 25.05
CA SER A 620 -30.29 53.87 25.59
C SER A 620 -29.15 53.85 26.60
N MET A 621 -28.02 54.46 26.24
CA MET A 621 -26.88 54.47 27.16
C MET A 621 -27.21 55.24 28.42
N LYS A 622 -27.93 56.35 28.29
CA LYS A 622 -28.31 57.15 29.45
C LYS A 622 -29.27 56.38 30.34
N ARG A 623 -30.18 55.61 29.74
CA ARG A 623 -31.17 54.88 30.53
C ARG A 623 -30.51 53.79 31.38
N ILE A 624 -29.68 52.96 30.76
CA ILE A 624 -29.10 51.84 31.48
C ILE A 624 -28.02 52.30 32.46
N PHE A 625 -27.38 53.43 32.19
CA PHE A 625 -26.37 53.93 33.11
C PHE A 625 -26.98 54.76 34.23
N GLU A 626 -28.25 55.14 34.10
CA GLU A 626 -28.99 55.79 35.18
C GLU A 626 -28.23 56.98 35.75
N ASN A 627 -27.50 57.67 34.88
CA ASN A 627 -26.58 58.72 35.29
C ASN A 627 -26.83 59.96 34.46
N GLU A 628 -26.47 61.12 35.04
CA GLU A 628 -26.65 62.39 34.35
C GLU A 628 -25.76 62.46 33.11
N ASP A 629 -24.51 62.04 33.23
CA ASP A 629 -23.57 62.04 32.12
C ASP A 629 -23.02 60.64 31.93
N PRO A 630 -23.62 59.83 31.06
CA PRO A 630 -23.13 58.46 30.86
C PRO A 630 -21.71 58.40 30.33
N VAL A 631 -21.30 59.38 29.52
CA VAL A 631 -19.96 59.33 28.93
C VAL A 631 -18.90 59.43 30.01
N HIS A 632 -19.08 60.36 30.96
CA HIS A 632 -18.11 60.48 32.04
C HIS A 632 -18.06 59.23 32.90
N TYR A 633 -19.23 58.65 33.19
CA TYR A 633 -19.26 57.43 33.99
C TYR A 633 -18.61 56.27 33.25
N LEU A 634 -18.85 56.16 31.94
CA LEU A 634 -18.27 55.08 31.17
C LEU A 634 -16.76 55.17 31.13
N GLN A 635 -16.21 56.39 31.18
CA GLN A 635 -14.77 56.58 31.12
C GLN A 635 -14.09 56.39 32.48
N LYS A 636 -14.86 56.34 33.57
CA LYS A 636 -14.26 56.23 34.90
C LYS A 636 -13.55 54.90 35.06
N SER A 637 -14.24 53.80 34.76
CA SER A 637 -13.66 52.46 34.78
C SER A 637 -14.01 51.83 33.43
N LYS A 638 -13.11 51.99 32.46
CA LYS A 638 -13.45 51.66 31.08
C LYS A 638 -13.79 50.18 30.93
N LEU A 639 -13.03 49.30 31.57
CA LEU A 639 -13.22 47.88 31.37
C LEU A 639 -14.52 47.39 32.00
N PHE A 640 -14.79 47.79 33.24
CA PHE A 640 -15.97 47.28 33.94
C PHE A 640 -17.25 47.95 33.46
N ASN A 641 -17.20 49.25 33.19
CA ASN A 641 -18.40 49.95 32.77
C ASN A 641 -18.81 49.55 31.35
N MET A 642 -17.83 49.29 30.48
CA MET A 642 -18.17 48.83 29.14
C MET A 642 -18.84 47.47 29.19
N VAL A 643 -18.38 46.58 30.07
CA VAL A 643 -19.00 45.27 30.22
C VAL A 643 -20.44 45.44 30.70
N GLU A 644 -20.65 46.32 31.69
CA GLU A 644 -22.00 46.56 32.17
C GLU A 644 -22.89 47.15 31.08
N LEU A 645 -22.34 48.10 30.30
CA LEU A 645 -23.09 48.65 29.18
C LEU A 645 -23.41 47.59 28.14
N VAL A 646 -22.43 46.72 27.84
CA VAL A 646 -22.63 45.70 26.82
C VAL A 646 -23.67 44.70 27.27
N ASN A 647 -23.70 44.39 28.57
CA ASN A 647 -24.68 43.43 29.08
C ASN A 647 -26.11 43.93 28.88
N ASN A 648 -26.34 45.21 29.11
CA ASN A 648 -27.68 45.78 29.03
C ASN A 648 -28.05 46.26 27.63
N LEU A 649 -27.14 46.18 26.68
CA LEU A 649 -27.46 46.58 25.31
C LEU A 649 -28.45 45.59 24.69
N SER A 650 -29.36 46.12 23.90
CA SER A 650 -30.35 45.32 23.20
C SER A 650 -29.95 45.16 21.73
N THR A 651 -30.68 44.30 21.03
CA THR A 651 -30.39 44.07 19.62
C THR A 651 -30.59 45.33 18.80
N LYS A 652 -31.64 46.11 19.12
CA LYS A 652 -31.88 47.35 18.40
C LYS A 652 -30.74 48.33 18.56
N ASP A 653 -30.22 48.47 19.79
CA ASP A 653 -29.09 49.37 20.00
C ASP A 653 -27.86 48.92 19.24
N CYS A 654 -27.60 47.62 19.20
CA CYS A 654 -26.44 47.12 18.47
C CYS A 654 -26.58 47.44 16.98
N PHE A 655 -27.78 47.33 16.43
CA PHE A 655 -27.98 47.70 15.04
C PHE A 655 -27.86 49.21 14.84
N ASP A 656 -28.27 49.99 15.84
CA ASP A 656 -28.11 51.44 15.75
C ASP A 656 -26.64 51.81 15.68
N VAL A 657 -25.81 51.16 16.49
CA VAL A 657 -24.37 51.41 16.44
C VAL A 657 -23.79 50.98 15.10
N PHE A 658 -24.22 49.82 14.60
CA PHE A 658 -23.68 49.31 13.35
C PHE A 658 -24.01 50.23 12.19
N GLU A 659 -25.23 50.76 12.15
CA GLU A 659 -25.65 51.59 11.02
C GLU A 659 -25.26 53.06 11.18
N HIS A 660 -24.68 53.44 12.30
CA HIS A 660 -24.33 54.84 12.50
C HIS A 660 -23.14 55.21 11.62
N GLU A 661 -23.04 56.51 11.31
CA GLU A 661 -21.98 56.97 10.43
C GLU A 661 -20.62 56.92 11.11
N LYS A 662 -20.58 57.21 12.41
CA LYS A 662 -19.30 57.21 13.11
C LYS A 662 -18.68 55.82 13.13
N PHE A 663 -19.48 54.79 13.31
CA PHE A 663 -18.98 53.41 13.32
C PHE A 663 -19.04 52.80 11.93
N ALA A 664 -18.50 53.51 10.94
CA ALA A 664 -18.43 52.97 9.59
C ALA A 664 -17.36 51.90 9.46
N CYS A 665 -16.41 51.85 10.40
CA CYS A 665 -15.38 50.81 10.36
C CYS A 665 -15.99 49.42 10.47
N LEU A 666 -17.06 49.28 11.25
CA LEU A 666 -17.71 47.98 11.39
C LEU A 666 -18.26 47.50 10.05
N LYS A 667 -18.85 48.40 9.26
CA LYS A 667 -19.33 48.02 7.94
C LYS A 667 -18.17 47.63 7.04
N GLU A 668 -17.05 48.35 7.13
CA GLU A 668 -15.89 48.01 6.32
C GLU A 668 -15.31 46.66 6.71
N LEU A 669 -15.25 46.38 8.01
CA LEU A 669 -14.74 45.10 8.47
C LEU A 669 -15.62 43.94 8.01
N VAL A 670 -16.94 44.13 8.08
CA VAL A 670 -17.87 43.08 7.66
C VAL A 670 -17.73 42.82 6.16
N GLY A 671 -17.51 43.88 5.38
CA GLY A 671 -17.38 43.76 3.96
C GLY A 671 -18.62 44.10 3.15
N SER A 672 -19.64 44.65 3.79
CA SER A 672 -20.88 45.01 3.09
C SER A 672 -20.65 46.21 2.18
N VAL B 26 37.58 -23.27 -29.86
CA VAL B 26 36.80 -22.19 -30.46
C VAL B 26 35.40 -22.68 -30.81
N ALA B 27 34.48 -21.73 -30.98
CA ALA B 27 33.09 -22.05 -31.30
C ALA B 27 32.65 -21.22 -32.51
N GLY B 28 32.12 -21.89 -33.52
CA GLY B 28 31.65 -21.19 -34.70
C GLY B 28 30.31 -20.52 -34.50
N GLN B 29 29.97 -19.62 -35.43
CA GLN B 29 28.69 -18.93 -35.36
C GLN B 29 27.54 -19.84 -35.74
N ASP B 30 27.79 -20.86 -36.55
CA ASP B 30 26.76 -21.80 -36.99
C ASP B 30 26.66 -23.03 -36.10
N GLY B 31 27.44 -23.10 -35.01
CA GLY B 31 27.42 -24.22 -34.12
C GLY B 31 28.58 -25.19 -34.27
N SER B 32 29.34 -25.08 -35.35
CA SER B 32 30.51 -25.94 -35.53
C SER B 32 31.57 -25.61 -34.50
N VAL B 33 32.18 -26.64 -33.93
CA VAL B 33 33.20 -26.50 -32.90
C VAL B 33 34.50 -27.10 -33.41
N VAL B 34 35.59 -26.35 -33.30
CA VAL B 34 36.91 -26.79 -33.72
C VAL B 34 37.84 -26.69 -32.52
N GLN B 35 38.62 -27.75 -32.31
CA GLN B 35 39.56 -27.82 -31.19
C GLN B 35 40.97 -27.53 -31.68
N PHE B 36 41.69 -26.70 -30.94
CA PHE B 36 43.06 -26.34 -31.28
C PHE B 36 43.93 -26.40 -30.03
N LYS B 37 45.21 -26.68 -30.23
CA LYS B 37 46.15 -26.77 -29.11
C LYS B 37 46.38 -25.40 -28.49
N ILE B 38 46.51 -25.37 -27.17
CA ILE B 38 46.73 -24.15 -26.41
C ILE B 38 48.19 -24.12 -25.96
N LYS B 39 48.84 -22.98 -26.15
CA LYS B 39 50.24 -22.81 -25.80
C LYS B 39 50.43 -21.54 -24.98
N ARG B 40 51.36 -21.59 -24.03
CA ARG B 40 51.62 -20.49 -23.13
C ARG B 40 52.64 -19.53 -23.73
N HIS B 41 52.44 -18.23 -23.49
CA HIS B 41 53.27 -17.17 -24.04
C HIS B 41 53.36 -17.29 -25.56
N THR B 42 52.19 -17.25 -26.21
CA THR B 42 52.10 -17.44 -27.64
C THR B 42 51.21 -16.35 -28.23
N PRO B 43 51.63 -15.70 -29.32
CA PRO B 43 50.77 -14.69 -29.95
C PRO B 43 49.48 -15.31 -30.48
N LEU B 44 48.41 -14.53 -30.44
CA LEU B 44 47.11 -14.99 -30.90
C LEU B 44 47.00 -15.04 -32.41
N SER B 45 47.83 -14.29 -33.13
CA SER B 45 47.65 -14.14 -34.57
C SER B 45 47.88 -15.45 -35.32
N LYS B 46 48.73 -16.33 -34.82
CA LYS B 46 49.03 -17.56 -35.53
C LYS B 46 47.80 -18.46 -35.64
N LEU B 47 47.00 -18.55 -34.57
CA LEU B 47 45.83 -19.41 -34.60
C LEU B 47 44.72 -18.83 -35.47
N MET B 48 44.64 -17.50 -35.56
CA MET B 48 43.60 -16.88 -36.39
C MET B 48 43.76 -17.25 -37.86
N LYS B 49 45.01 -17.27 -38.35
CA LYS B 49 45.26 -17.71 -39.71
C LYS B 49 44.88 -19.17 -39.90
N ALA B 50 45.16 -20.02 -38.90
CA ALA B 50 44.80 -21.42 -38.98
C ALA B 50 43.29 -21.60 -39.06
N TYR B 51 42.54 -20.83 -38.26
CA TYR B 51 41.08 -20.92 -38.32
C TYR B 51 40.55 -20.40 -39.64
N CYS B 52 41.18 -19.36 -40.20
CA CYS B 52 40.70 -18.80 -41.47
C CYS B 52 40.83 -19.82 -42.59
N GLU B 53 41.94 -20.56 -42.64
CA GLU B 53 42.13 -21.53 -43.71
C GLU B 53 41.20 -22.73 -43.52
N ARG B 54 40.76 -22.98 -42.28
CA ARG B 54 39.74 -24.01 -42.05
C ARG B 54 38.42 -23.62 -42.71
N GLN B 55 38.05 -22.35 -42.61
CA GLN B 55 36.80 -21.88 -43.20
C GLN B 55 37.07 -20.91 -44.35
N MET B 59 39.75 -13.22 -43.48
CA MET B 59 40.55 -12.79 -42.34
C MET B 59 40.01 -11.48 -41.76
N ARG B 60 39.86 -10.47 -42.63
CA ARG B 60 39.28 -9.21 -42.17
C ARG B 60 37.82 -9.38 -41.77
N GLN B 61 37.09 -10.26 -42.46
CA GLN B 61 35.68 -10.46 -42.14
C GLN B 61 35.49 -11.12 -40.79
N ILE B 62 36.34 -12.08 -40.45
CA ILE B 62 36.19 -12.84 -39.21
C ILE B 62 36.62 -11.98 -38.04
N ARG B 63 35.92 -12.12 -36.92
CA ARG B 63 36.23 -11.41 -35.68
C ARG B 63 36.19 -12.40 -34.53
N PHE B 64 37.20 -12.33 -33.66
CA PHE B 64 37.38 -13.26 -32.57
C PHE B 64 37.17 -12.57 -31.24
N ARG B 65 36.34 -13.15 -30.38
CA ARG B 65 36.06 -12.61 -29.06
C ARG B 65 36.09 -13.75 -28.04
N PHE B 66 36.42 -13.40 -26.80
CA PHE B 66 36.46 -14.35 -25.70
C PHE B 66 35.72 -13.77 -24.52
N ASP B 67 34.63 -14.43 -24.12
CA ASP B 67 33.79 -13.99 -23.00
C ASP B 67 33.32 -12.55 -23.19
N GLY B 68 32.96 -12.21 -24.43
CA GLY B 68 32.49 -10.89 -24.75
C GLY B 68 33.56 -9.85 -24.99
N GLN B 69 34.83 -10.22 -24.89
CA GLN B 69 35.94 -9.31 -25.12
C GLN B 69 36.73 -9.76 -26.34
N PRO B 70 36.98 -8.86 -27.30
CA PRO B 70 37.73 -9.17 -28.52
C PRO B 70 39.14 -9.69 -28.25
N THR B 87 36.64 -21.39 -24.60
CA THR B 87 36.08 -21.35 -25.95
C THR B 87 36.15 -19.94 -26.53
N ILE B 88 36.30 -19.85 -27.85
CA ILE B 88 36.40 -18.58 -28.56
C ILE B 88 35.25 -18.49 -29.55
N ASP B 89 34.49 -17.40 -29.48
CA ASP B 89 33.42 -17.14 -30.42
C ASP B 89 33.96 -16.42 -31.65
N VAL B 90 33.28 -16.62 -32.77
CA VAL B 90 33.68 -16.00 -34.04
C VAL B 90 32.53 -15.14 -34.56
N PHE B 91 32.86 -14.28 -35.51
CA PHE B 91 31.92 -13.33 -36.09
C PHE B 91 32.24 -13.18 -37.56
N GLN B 92 31.29 -13.55 -38.43
CA GLN B 92 31.57 -13.62 -39.86
C GLN B 92 30.69 -12.69 -40.69
N GLN B 93 30.54 -11.45 -40.23
CA GLN B 93 29.96 -10.35 -41.02
C GLN B 93 28.51 -10.68 -41.38
N GLN B 94 28.07 -10.48 -42.62
CA GLN B 94 26.67 -10.56 -42.99
C GLN B 94 26.21 -12.01 -42.95
N THR B 95 25.41 -12.34 -41.94
CA THR B 95 24.79 -13.64 -41.81
C THR B 95 23.35 -13.45 -41.37
N GLY B 96 22.59 -14.54 -41.40
CA GLY B 96 21.22 -14.48 -40.92
C GLY B 96 21.15 -14.46 -39.41
N GLY B 97 21.98 -13.61 -38.78
CA GLY B 97 22.07 -13.53 -37.35
C GLY B 97 21.27 -12.37 -36.79
N SER B 98 21.14 -12.38 -35.48
CA SER B 98 20.38 -11.36 -34.77
C SER B 98 21.20 -10.08 -34.67
N LYS B 99 20.50 -8.99 -34.34
CA LYS B 99 21.20 -7.77 -33.97
C LYS B 99 22.00 -7.96 -32.69
N PHE B 100 21.41 -8.64 -31.70
CA PHE B 100 22.03 -8.83 -30.40
C PHE B 100 23.02 -9.98 -30.48
N SER B 101 24.29 -9.69 -30.17
CA SER B 101 25.32 -10.72 -30.17
C SER B 101 25.48 -11.36 -28.80
N ASN B 102 25.79 -10.55 -27.79
CA ASN B 102 25.96 -11.07 -26.44
C ASN B 102 25.88 -9.92 -25.46
N ILE B 103 25.74 -10.27 -24.19
CA ILE B 103 25.70 -9.29 -23.11
C ILE B 103 26.67 -9.72 -22.02
N THR B 104 27.38 -8.76 -21.45
CA THR B 104 28.33 -9.00 -20.37
C THR B 104 27.86 -8.25 -19.14
N ILE B 105 27.83 -8.96 -18.01
CA ILE B 105 27.41 -8.39 -16.73
C ILE B 105 28.55 -8.58 -15.74
N LYS B 106 28.96 -7.49 -15.10
CA LYS B 106 30.08 -7.53 -14.17
C LYS B 106 29.67 -6.88 -12.85
N ASN B 107 29.91 -7.59 -11.75
CA ASN B 107 29.75 -7.07 -10.40
C ASN B 107 28.33 -6.56 -10.13
N PHE B 108 27.35 -7.08 -10.85
CA PHE B 108 25.96 -6.68 -10.66
C PHE B 108 25.24 -7.78 -9.90
N ARG B 109 24.90 -7.50 -8.64
CA ARG B 109 24.18 -8.44 -7.79
C ARG B 109 24.88 -9.80 -7.76
N ASN B 110 24.16 -10.85 -8.16
CA ASN B 110 24.76 -12.18 -8.16
C ASN B 110 25.90 -12.27 -9.17
N PHE B 111 25.73 -11.66 -10.34
CA PHE B 111 26.69 -11.83 -11.42
C PHE B 111 28.02 -11.20 -11.05
N GLU B 112 29.09 -11.96 -11.18
CA GLU B 112 30.44 -11.45 -10.97
C GLU B 112 31.11 -11.09 -12.29
N LYS B 113 31.17 -12.04 -13.22
CA LYS B 113 31.59 -11.77 -14.59
C LYS B 113 30.93 -12.83 -15.46
N VAL B 114 29.81 -12.46 -16.07
CA VAL B 114 29.00 -13.40 -16.83
C VAL B 114 28.82 -12.85 -18.24
N ASN B 115 29.18 -13.65 -19.24
CA ASN B 115 28.98 -13.30 -20.64
C ASN B 115 27.98 -14.28 -21.23
N ILE B 116 26.90 -13.77 -21.81
CA ILE B 116 25.81 -14.59 -22.32
C ILE B 116 25.58 -14.23 -23.77
N ASN B 117 25.64 -15.22 -24.66
CA ASN B 117 25.27 -14.99 -26.04
C ASN B 117 23.76 -14.81 -26.16
N LEU B 118 23.35 -14.04 -27.17
CA LEU B 118 21.95 -13.66 -27.31
C LEU B 118 21.49 -13.88 -28.74
N ASP B 119 20.17 -13.74 -28.93
CA ASP B 119 19.56 -13.74 -30.24
C ASP B 119 18.33 -12.85 -30.16
N ASN B 120 17.56 -12.80 -31.26
CA ASN B 120 16.33 -12.02 -31.25
C ASN B 120 15.37 -12.53 -30.19
N LYS B 121 15.11 -13.83 -30.18
CA LYS B 121 14.25 -14.45 -29.19
C LYS B 121 15.13 -15.22 -28.21
N ASN B 122 15.01 -14.89 -26.93
CA ASN B 122 15.83 -15.50 -25.90
C ASN B 122 14.93 -16.01 -24.78
N VAL B 123 15.19 -17.24 -24.34
CA VAL B 123 14.46 -17.85 -23.23
C VAL B 123 15.46 -18.15 -22.14
N ILE B 124 15.20 -17.65 -20.95
CA ILE B 124 16.06 -17.88 -19.78
C ILE B 124 15.30 -18.72 -18.77
N PHE B 125 15.93 -19.79 -18.31
CA PHE B 125 15.32 -20.71 -17.36
C PHE B 125 16.42 -21.29 -16.50
N GLY B 126 16.03 -21.94 -15.43
CA GLY B 126 16.99 -22.61 -14.58
C GLY B 126 16.51 -22.64 -13.14
N MET B 127 17.33 -23.27 -12.31
CA MET B 127 16.99 -23.45 -10.90
C MET B 127 17.18 -22.17 -10.10
N ASN B 128 18.08 -21.29 -10.54
CA ASN B 128 18.45 -20.09 -9.80
C ASN B 128 17.46 -18.99 -10.14
N ASP B 129 16.47 -18.79 -9.26
CA ASP B 129 15.43 -17.80 -9.54
C ASP B 129 15.96 -16.38 -9.45
N ILE B 130 16.84 -16.11 -8.49
CA ILE B 130 17.40 -14.76 -8.36
C ILE B 130 18.28 -14.44 -9.56
N GLY B 131 19.00 -15.44 -10.07
CA GLY B 131 19.81 -15.21 -11.26
C GLY B 131 18.98 -14.84 -12.47
N LYS B 132 17.84 -15.50 -12.64
CA LYS B 132 16.96 -15.17 -13.77
C LYS B 132 16.37 -13.78 -13.61
N THR B 133 15.91 -13.43 -12.40
CA THR B 133 15.33 -12.12 -12.19
C THR B 133 16.35 -11.02 -12.37
N ASN B 134 17.56 -11.20 -11.85
CA ASN B 134 18.58 -10.17 -11.96
C ASN B 134 19.05 -10.00 -13.40
N PHE B 135 19.03 -11.08 -14.19
CA PHE B 135 19.38 -10.95 -15.59
C PHE B 135 18.40 -10.05 -16.32
N LEU B 136 17.11 -10.21 -16.04
CA LEU B 136 16.11 -9.33 -16.65
C LEU B 136 16.27 -7.90 -16.17
N TYR B 137 16.62 -7.72 -14.90
CA TYR B 137 16.84 -6.37 -14.38
C TYR B 137 18.04 -5.71 -15.02
N ALA B 138 19.11 -6.47 -15.29
CA ALA B 138 20.27 -5.90 -15.95
C ALA B 138 19.91 -5.37 -17.33
N LEU B 139 19.00 -6.05 -18.02
CA LEU B 139 18.52 -5.55 -19.30
C LEU B 139 17.68 -4.29 -19.13
N ARG B 140 16.85 -4.25 -18.08
CA ARG B 140 16.04 -3.07 -17.83
C ARG B 140 16.91 -1.87 -17.48
N PHE B 141 17.92 -2.07 -16.64
CA PHE B 141 18.80 -0.96 -16.29
C PHE B 141 19.50 -0.39 -17.51
N LEU B 142 19.90 -1.27 -18.43
CA LEU B 142 20.60 -0.81 -19.62
C LEU B 142 19.67 -0.08 -20.57
N LEU B 143 18.46 -0.60 -20.78
CA LEU B 143 17.61 -0.13 -21.87
C LEU B 143 16.35 0.60 -21.43
N ASP B 144 15.86 0.37 -20.21
CA ASP B 144 14.62 0.97 -19.76
C ASP B 144 14.93 2.25 -19.00
N LYS B 145 14.35 3.36 -19.45
CA LYS B 145 14.58 4.65 -18.81
C LYS B 145 14.01 4.67 -17.39
N GLU B 146 12.85 4.06 -17.19
CA GLU B 146 12.18 4.14 -15.89
C GLU B 146 12.99 3.46 -14.81
N ILE B 147 13.57 2.29 -15.11
CA ILE B 147 14.39 1.60 -14.12
C ILE B 147 15.70 2.34 -13.91
N ARG B 148 16.30 2.85 -14.99
CA ARG B 148 17.62 3.43 -14.91
C ARG B 148 17.64 4.71 -14.08
N LYS B 149 16.54 5.47 -14.09
CA LYS B 149 16.54 6.77 -13.44
C LYS B 149 16.73 6.69 -11.93
N PHE B 150 16.55 5.51 -11.34
CA PHE B 150 16.69 5.37 -9.90
C PHE B 150 18.13 5.13 -9.46
N GLY B 151 19.03 4.86 -10.38
CA GLY B 151 20.41 4.61 -9.98
C GLY B 151 20.57 3.26 -9.30
N PHE B 152 21.77 3.04 -8.81
CA PHE B 152 22.15 1.79 -8.15
C PHE B 152 22.26 2.01 -6.66
N ASN B 153 21.65 1.11 -5.88
CA ASN B 153 21.82 1.12 -4.45
C ASN B 153 23.12 0.43 -4.07
N LYS B 154 23.39 0.36 -2.77
CA LYS B 154 24.54 -0.42 -2.32
C LYS B 154 24.30 -1.92 -2.54
N SER B 155 23.05 -2.36 -2.43
CA SER B 155 22.73 -3.77 -2.62
C SER B 155 22.95 -4.23 -4.05
N ASP B 156 22.89 -3.32 -5.02
CA ASP B 156 23.03 -3.70 -6.42
C ASP B 156 24.46 -4.08 -6.79
N TYR B 157 25.43 -3.87 -5.91
CA TYR B 157 26.80 -4.23 -6.19
C TYR B 157 27.08 -5.64 -5.70
N HIS B 158 27.96 -6.34 -6.41
CA HIS B 158 28.25 -7.72 -6.08
C HIS B 158 28.84 -7.81 -4.68
N LYS B 159 28.28 -8.72 -3.88
CA LYS B 159 28.68 -8.91 -2.49
C LYS B 159 28.57 -7.64 -1.67
N HIS B 160 27.75 -6.69 -2.13
CA HIS B 160 27.63 -5.37 -1.53
C HIS B 160 28.98 -4.65 -1.49
N ASP B 161 29.89 -5.05 -2.36
CA ASP B 161 31.23 -4.46 -2.43
C ASP B 161 31.16 -3.20 -3.28
N THR B 162 31.08 -2.05 -2.61
CA THR B 162 30.96 -0.77 -3.30
C THR B 162 32.21 -0.47 -4.14
N SER B 163 33.37 -0.94 -3.71
CA SER B 163 34.61 -0.60 -4.40
C SER B 163 34.60 -1.07 -5.85
N LYS B 164 34.09 -2.26 -6.10
CA LYS B 164 34.01 -2.76 -7.47
C LYS B 164 32.93 -2.02 -8.24
N LYS B 165 33.19 -1.81 -9.53
CA LYS B 165 32.27 -1.06 -10.38
C LYS B 165 31.39 -2.00 -11.18
N ILE B 166 30.17 -1.54 -11.45
CA ILE B 166 29.19 -2.34 -12.18
C ILE B 166 29.34 -2.03 -13.66
N GLU B 167 29.41 -3.08 -14.48
CA GLU B 167 29.51 -2.94 -15.93
C GLU B 167 28.51 -3.87 -16.58
N ILE B 168 27.70 -3.32 -17.48
CA ILE B 168 26.74 -4.09 -18.26
C ILE B 168 26.93 -3.66 -19.71
N ILE B 169 27.48 -4.54 -20.53
CA ILE B 169 27.83 -4.25 -21.91
C ILE B 169 27.00 -5.13 -22.82
N LEU B 170 26.31 -4.51 -23.77
CA LEU B 170 25.56 -5.23 -24.78
C LEU B 170 26.22 -5.03 -26.13
N THR B 171 26.53 -6.13 -26.81
CA THR B 171 27.17 -6.08 -28.12
C THR B 171 26.11 -6.31 -29.19
N LEU B 172 26.12 -5.47 -30.21
CA LEU B 172 25.13 -5.55 -31.29
C LEU B 172 25.84 -5.81 -32.61
N ASP B 173 25.08 -6.37 -33.55
CA ASP B 173 25.57 -6.66 -34.89
C ASP B 173 24.84 -5.77 -35.89
N LEU B 174 25.60 -5.05 -36.71
CA LEU B 174 25.04 -4.18 -37.73
C LEU B 174 25.49 -4.57 -39.13
N SER B 175 25.87 -5.83 -39.32
CA SER B 175 26.35 -6.27 -40.63
C SER B 175 25.24 -6.21 -41.67
N ASN B 176 24.04 -6.68 -41.33
CA ASN B 176 22.91 -6.67 -42.25
C ASN B 176 22.23 -5.29 -42.23
N TYR B 177 23.00 -4.28 -42.60
CA TYR B 177 22.52 -2.90 -42.52
C TYR B 177 21.36 -2.66 -43.50
N GLU B 178 21.48 -3.14 -44.73
CA GLU B 178 20.46 -2.87 -45.74
C GLU B 178 19.28 -3.83 -45.66
N LYS B 179 19.49 -5.05 -45.18
CA LYS B 179 18.37 -5.98 -45.08
C LYS B 179 17.44 -5.64 -43.92
N ASP B 180 17.99 -5.17 -42.80
CA ASP B 180 17.24 -4.95 -41.58
C ASP B 180 16.89 -3.48 -41.43
N GLU B 181 15.60 -3.19 -41.25
CA GLU B 181 15.18 -1.83 -40.99
C GLU B 181 15.51 -1.39 -39.57
N ASP B 182 15.52 -2.31 -38.61
CA ASP B 182 15.83 -1.95 -37.24
C ASP B 182 17.29 -1.55 -37.09
N THR B 183 18.17 -2.10 -37.91
CA THR B 183 19.56 -1.65 -37.91
C THR B 183 19.65 -0.19 -38.34
N LYS B 184 18.84 0.20 -39.32
CA LYS B 184 18.82 1.60 -39.75
C LYS B 184 18.30 2.50 -38.64
N LYS B 185 17.35 2.01 -37.85
CA LYS B 185 16.85 2.78 -36.72
C LYS B 185 17.95 3.09 -35.73
N LEU B 186 18.81 2.11 -35.44
CA LEU B 186 19.89 2.33 -34.50
C LEU B 186 20.97 3.23 -35.09
N ILE B 187 21.29 3.03 -36.37
CA ILE B 187 22.36 3.80 -36.99
C ILE B 187 22.00 5.27 -37.06
N SER B 188 20.75 5.59 -37.34
CA SER B 188 20.34 6.98 -37.46
C SER B 188 20.53 7.73 -36.15
N VAL B 189 20.20 7.10 -35.03
CA VAL B 189 20.38 7.74 -33.73
C VAL B 189 21.85 7.84 -33.38
N VAL B 190 22.63 6.80 -33.68
CA VAL B 190 24.02 6.74 -33.24
C VAL B 190 24.85 7.84 -33.88
N LYS B 191 24.67 8.04 -35.19
CA LYS B 191 25.33 9.11 -35.94
C LYS B 191 26.83 8.86 -35.93
N GLY B 192 27.65 9.74 -35.35
CA GLY B 192 29.09 9.68 -35.48
C GLY B 192 29.83 8.85 -34.46
N ALA B 193 29.13 8.13 -33.58
CA ALA B 193 29.81 7.28 -32.62
C ALA B 193 30.43 6.05 -33.24
N ARG B 194 30.15 5.76 -34.50
CA ARG B 194 30.67 4.58 -35.18
C ARG B 194 31.95 4.91 -35.94
N THR B 195 32.63 3.85 -36.39
CA THR B 195 33.82 3.96 -37.20
C THR B 195 33.69 3.01 -38.39
N SER B 196 34.19 3.45 -39.55
CA SER B 196 34.07 2.64 -40.75
C SER B 196 34.81 1.32 -40.62
N ALA B 197 35.89 1.29 -39.84
CA ALA B 197 36.61 0.04 -39.63
C ALA B 197 35.76 -0.98 -38.89
N ASN B 198 35.00 -0.53 -37.90
CA ASN B 198 34.15 -1.40 -37.09
C ASN B 198 32.67 -1.16 -37.38
N ALA B 199 32.32 -0.98 -38.65
CA ALA B 199 30.94 -0.69 -39.02
C ALA B 199 30.00 -1.84 -38.75
N ASP B 200 30.51 -3.03 -38.42
CA ASP B 200 29.68 -4.20 -38.21
C ASP B 200 29.26 -4.37 -36.74
N VAL B 201 30.12 -3.98 -35.81
CA VAL B 201 29.91 -4.24 -34.39
C VAL B 201 29.62 -2.93 -33.68
N PHE B 202 28.73 -2.96 -32.71
CA PHE B 202 28.41 -1.81 -31.88
C PHE B 202 28.27 -2.25 -30.43
N TYR B 203 28.63 -1.36 -29.51
CA TYR B 203 28.57 -1.64 -28.10
C TYR B 203 27.73 -0.59 -27.39
N ILE B 204 26.91 -1.03 -26.45
CA ILE B 204 26.18 -0.15 -25.55
C ILE B 204 26.55 -0.56 -24.13
N ALA B 205 27.23 0.32 -23.42
CA ALA B 205 27.80 -0.01 -22.13
C ALA B 205 27.15 0.81 -21.03
N LEU B 206 26.89 0.16 -19.90
CA LEU B 206 26.42 0.80 -18.68
C LEU B 206 27.52 0.69 -17.66
N GLU B 207 27.93 1.83 -17.11
CA GLU B 207 29.02 1.88 -16.14
C GLU B 207 28.56 2.66 -14.93
N SER B 208 28.91 2.15 -13.75
CA SER B 208 28.49 2.80 -12.51
C SER B 208 29.53 2.58 -11.42
N LYS B 209 29.95 3.67 -10.78
CA LYS B 209 30.83 3.63 -9.63
C LYS B 209 30.12 4.28 -8.45
N TYR B 210 30.05 3.58 -7.33
CA TYR B 210 29.35 4.10 -6.17
C TYR B 210 30.07 5.29 -5.59
N ASP B 211 29.29 6.27 -5.13
CA ASP B 211 29.82 7.47 -4.51
C ASP B 211 29.64 7.33 -3.00
N ASP B 212 30.74 7.10 -2.29
CA ASP B 212 30.67 6.89 -0.85
C ASP B 212 30.18 8.14 -0.13
N LYS B 213 30.48 9.32 -0.65
CA LYS B 213 30.02 10.55 -0.02
C LYS B 213 28.52 10.69 -0.11
N GLU B 214 27.95 10.53 -1.30
CA GLU B 214 26.55 10.77 -1.54
C GLU B 214 25.66 9.54 -1.33
N LEU B 215 26.26 8.38 -1.08
CA LEU B 215 25.51 7.12 -0.95
C LEU B 215 24.65 6.87 -2.18
N TYR B 216 25.23 7.10 -3.36
CA TYR B 216 24.50 7.01 -4.61
C TYR B 216 25.39 6.38 -5.67
N GLY B 217 24.79 5.52 -6.49
CA GLY B 217 25.48 4.96 -7.63
C GLY B 217 24.96 5.52 -8.93
N ASN B 218 25.75 6.39 -9.56
CA ASN B 218 25.31 7.04 -10.79
C ASN B 218 25.51 6.10 -11.97
N ILE B 219 24.50 6.03 -12.83
CA ILE B 219 24.55 5.19 -14.02
C ILE B 219 24.91 6.06 -15.21
N ILE B 220 26.02 5.77 -15.86
CA ILE B 220 26.49 6.50 -17.03
C ILE B 220 26.50 5.55 -18.21
N LEU B 221 25.78 5.92 -19.27
CA LEU B 221 25.68 5.09 -20.46
C LEU B 221 26.68 5.56 -21.50
N LYS B 222 27.41 4.62 -22.09
CA LYS B 222 28.34 4.92 -23.16
C LYS B 222 28.05 4.00 -24.34
N TRP B 223 28.47 4.43 -25.52
CA TRP B 223 28.32 3.58 -26.70
C TRP B 223 29.39 3.91 -27.71
N GLY B 224 29.54 3.04 -28.69
CA GLY B 224 30.53 3.23 -29.73
C GLY B 224 30.88 1.92 -30.38
N SER B 225 31.56 2.04 -31.53
CA SER B 225 31.96 0.84 -32.26
C SER B 225 33.20 0.19 -31.67
N GLU B 226 34.03 0.96 -30.99
CA GLU B 226 35.27 0.44 -30.39
C GLU B 226 35.07 0.30 -28.89
N LEU B 227 35.37 -0.88 -28.37
CA LEU B 227 35.13 -1.14 -26.95
C LEU B 227 36.10 -0.38 -26.06
N ASP B 228 37.32 -0.15 -26.52
CA ASP B 228 38.32 0.50 -25.69
C ASP B 228 37.91 1.93 -25.35
N ASN B 229 37.39 2.67 -26.32
CA ASN B 229 36.94 4.04 -26.10
C ASN B 229 35.47 4.16 -26.51
N LEU B 230 34.62 4.46 -25.54
CA LEU B 230 33.21 4.67 -25.77
C LEU B 230 32.83 6.06 -25.28
N ILE B 231 32.11 6.80 -26.09
CA ILE B 231 31.67 8.14 -25.73
C ILE B 231 30.34 8.04 -25.00
N ASP B 232 30.06 9.04 -24.17
CA ASP B 232 28.79 9.08 -23.45
C ASP B 232 27.64 9.27 -24.42
N ILE B 233 26.52 8.61 -24.14
CA ILE B 233 25.34 8.76 -24.97
C ILE B 233 24.80 10.17 -24.76
N PRO B 234 24.67 10.98 -25.81
CA PRO B 234 24.15 12.34 -25.63
C PRO B 234 22.71 12.34 -25.18
N GLY B 235 22.36 13.36 -24.41
CA GLY B 235 21.00 13.47 -23.91
C GLY B 235 20.76 14.83 -23.30
N ARG B 236 19.48 15.18 -23.20
CA ARG B 236 19.04 16.45 -22.65
C ARG B 236 18.06 16.17 -21.52
N GLY B 237 18.40 16.62 -20.32
CA GLY B 237 17.50 16.42 -19.20
C GLY B 237 17.43 14.96 -18.82
N ASN B 238 16.20 14.44 -18.77
CA ASN B 238 15.99 13.06 -18.31
C ASN B 238 16.22 12.03 -19.40
N ILE B 239 15.98 12.40 -20.66
CA ILE B 239 16.08 11.44 -21.75
C ILE B 239 17.44 11.56 -22.43
N ASN B 240 17.87 10.47 -23.06
CA ASN B 240 19.08 10.44 -23.85
C ASN B 240 18.77 9.86 -25.22
N ALA B 241 19.79 9.83 -26.08
CA ALA B 241 19.57 9.38 -27.45
C ALA B 241 19.15 7.93 -27.50
N LEU B 242 19.57 7.12 -26.53
CA LEU B 242 19.22 5.70 -26.55
C LEU B 242 17.73 5.48 -26.32
N ASP B 243 17.07 6.35 -25.56
CA ASP B 243 15.65 6.17 -25.29
C ASP B 243 14.79 6.41 -26.52
N ASN B 244 15.33 7.05 -27.55
CA ASN B 244 14.55 7.25 -28.77
C ASN B 244 14.49 6.00 -29.63
N VAL B 245 15.51 5.15 -29.57
CA VAL B 245 15.56 4.00 -30.46
C VAL B 245 15.01 2.73 -29.80
N PHE B 246 15.25 2.55 -28.51
CA PHE B 246 14.87 1.32 -27.82
C PHE B 246 13.62 1.54 -26.99
N LYS B 247 12.66 0.63 -27.12
CA LYS B 247 11.46 0.64 -26.31
C LYS B 247 11.34 -0.71 -25.63
N VAL B 248 11.32 -0.71 -24.30
CA VAL B 248 11.23 -1.94 -23.52
C VAL B 248 9.83 -2.05 -22.97
N ILE B 249 9.11 -3.09 -23.38
CA ILE B 249 7.77 -3.37 -22.88
C ILE B 249 7.87 -4.53 -21.92
N TYR B 250 7.62 -4.28 -20.65
CA TYR B 250 7.75 -5.28 -19.61
C TYR B 250 6.37 -5.89 -19.35
N ILE B 251 6.16 -7.10 -19.81
CA ILE B 251 4.92 -7.82 -19.60
C ILE B 251 5.04 -8.62 -18.31
N ASN B 252 4.32 -8.22 -17.33
CA ASN B 252 4.31 -8.94 -16.07
C ASN B 252 3.15 -9.94 -16.04
N PRO B 253 3.28 -11.04 -15.29
CA PRO B 253 2.24 -12.08 -15.37
C PRO B 253 0.87 -11.61 -14.96
N LEU B 254 0.78 -10.68 -14.01
CA LEU B 254 -0.49 -10.15 -13.56
C LEU B 254 -0.64 -8.70 -14.01
N VAL B 255 -1.70 -8.43 -14.75
CA VAL B 255 -1.95 -7.09 -15.27
C VAL B 255 -3.45 -6.91 -15.44
N ASP B 256 -3.95 -5.79 -14.94
CA ASP B 256 -5.36 -5.48 -15.09
C ASP B 256 -5.63 -5.06 -16.53
N LEU B 257 -6.64 -5.66 -17.14
CA LEU B 257 -6.93 -5.40 -18.54
C LEU B 257 -7.27 -3.93 -18.78
N ASP B 258 -8.24 -3.41 -18.02
CA ASP B 258 -8.63 -2.02 -18.19
C ASP B 258 -7.47 -1.08 -17.86
N LYS B 259 -6.61 -1.48 -16.94
CA LYS B 259 -5.41 -0.70 -16.64
C LYS B 259 -4.52 -0.64 -17.87
N LEU B 260 -4.45 -1.74 -18.62
CA LEU B 260 -3.68 -1.75 -19.86
C LEU B 260 -4.36 -0.95 -20.95
N PHE B 261 -5.68 -1.13 -21.11
CA PHE B 261 -6.39 -0.45 -22.18
C PHE B 261 -6.43 1.06 -21.96
N ALA B 262 -6.33 1.50 -20.70
CA ALA B 262 -6.41 2.93 -20.41
C ALA B 262 -5.26 3.69 -21.05
N GLN B 263 -4.04 3.15 -20.98
CA GLN B 263 -2.89 3.85 -21.54
C GLN B 263 -3.01 3.99 -23.04
N ASN B 264 -3.36 2.91 -23.72
CA ASN B 264 -3.22 2.84 -25.17
C ASN B 264 -4.44 3.38 -25.90
N LYS B 265 -5.61 3.43 -25.25
CA LYS B 265 -6.81 3.92 -25.93
C LYS B 265 -6.61 5.34 -26.45
N LYS B 266 -5.72 6.11 -25.83
CA LYS B 266 -5.36 7.41 -26.37
C LYS B 266 -4.81 7.28 -27.77
N TYR B 267 -3.69 6.56 -27.91
CA TYR B 267 -3.05 6.43 -29.22
C TYR B 267 -3.94 5.68 -30.21
N ILE B 268 -4.62 4.63 -29.74
CA ILE B 268 -5.34 3.72 -30.63
C ILE B 268 -6.34 4.47 -31.49
N PHE B 269 -6.92 5.55 -30.96
CA PHE B 269 -7.97 6.26 -31.66
C PHE B 269 -7.57 7.62 -32.18
N GLU B 270 -6.61 8.30 -31.54
CA GLU B 270 -6.12 9.56 -32.08
C GLU B 270 -5.26 9.37 -33.32
N GLU B 271 -4.55 8.24 -33.42
CA GLU B 271 -3.68 8.00 -34.56
C GLU B 271 -4.49 7.82 -35.84
N SER B 272 -5.56 7.03 -35.78
CA SER B 272 -6.37 6.80 -36.96
C SER B 272 -7.10 8.07 -37.39
N GLN B 273 -7.20 8.27 -38.70
CA GLN B 273 -7.88 9.44 -39.24
C GLN B 273 -9.38 9.23 -39.23
N GLY B 274 -10.12 10.30 -38.92
CA GLY B 274 -11.57 10.27 -38.89
C GLY B 274 -12.15 11.10 -40.02
N ASN B 275 -13.11 10.53 -40.72
CA ASN B 275 -13.75 11.21 -41.83
C ASN B 275 -14.78 12.21 -41.32
N GLU B 276 -15.50 12.84 -42.25
CA GLU B 276 -16.52 13.81 -41.86
C GLU B 276 -17.69 13.14 -41.17
N SER B 277 -18.03 11.92 -41.59
CA SER B 277 -19.12 11.19 -40.95
C SER B 277 -18.80 10.89 -39.50
N ASP B 278 -17.56 10.50 -39.21
CA ASP B 278 -17.16 10.25 -37.83
C ASP B 278 -17.23 11.53 -37.01
N GLU B 279 -16.86 12.67 -37.62
CA GLU B 279 -16.95 13.93 -36.91
C GLU B 279 -18.40 14.26 -36.55
N GLY B 280 -19.33 13.96 -37.45
CA GLY B 280 -20.73 14.17 -37.13
C GLY B 280 -21.20 13.33 -35.96
N ILE B 281 -20.70 12.09 -35.88
CA ILE B 281 -21.09 11.21 -34.78
C ILE B 281 -20.50 11.70 -33.46
N LEU B 282 -19.26 12.18 -33.47
CA LEU B 282 -18.68 12.77 -32.26
C LEU B 282 -19.52 13.94 -31.78
N ASN B 283 -19.91 14.84 -32.68
CA ASN B 283 -20.73 15.97 -32.27
C ASN B 283 -22.09 15.51 -31.78
N ASN B 284 -22.66 14.49 -32.43
CA ASN B 284 -23.95 13.97 -32.00
C ASN B 284 -23.86 13.35 -30.61
N ILE B 285 -22.79 12.61 -30.35
CA ILE B 285 -22.63 11.98 -29.03
C ILE B 285 -22.49 13.05 -27.95
N LYS B 286 -21.70 14.10 -28.23
CA LYS B 286 -21.53 15.17 -27.26
C LYS B 286 -22.87 15.82 -26.93
N SER B 287 -23.74 15.97 -27.93
CA SER B 287 -25.08 16.48 -27.66
C SER B 287 -25.87 15.51 -26.80
N LEU B 288 -25.74 14.21 -27.06
CA LEU B 288 -26.48 13.22 -26.28
C LEU B 288 -26.05 13.24 -24.83
N THR B 289 -24.74 13.30 -24.56
CA THR B 289 -24.27 13.33 -23.19
C THR B 289 -24.67 14.62 -22.50
N ASP B 290 -24.66 15.74 -23.23
CA ASP B 290 -25.12 17.00 -22.65
C ASP B 290 -26.59 16.91 -22.26
N GLN B 291 -27.41 16.28 -23.09
CA GLN B 291 -28.82 16.11 -22.74
C GLN B 291 -28.99 15.20 -21.53
N VAL B 292 -28.10 14.21 -21.37
CA VAL B 292 -28.16 13.33 -20.20
C VAL B 292 -27.95 14.13 -18.93
N ASN B 293 -26.95 15.03 -18.94
CA ASN B 293 -26.69 15.85 -17.77
C ASN B 293 -27.86 16.79 -17.48
N GLN B 294 -28.45 17.35 -18.52
CA GLN B 294 -29.62 18.22 -18.33
C GLN B 294 -30.80 17.45 -17.75
N GLN B 295 -31.04 16.24 -18.26
CA GLN B 295 -32.16 15.44 -17.78
C GLN B 295 -31.95 15.04 -16.32
N ILE B 296 -30.70 14.82 -15.92
CA ILE B 296 -30.41 14.54 -14.51
C ILE B 296 -30.81 15.73 -13.66
N GLY B 297 -30.50 16.94 -14.12
CA GLY B 297 -30.84 18.13 -13.36
C GLY B 297 -32.33 18.45 -13.33
N GLU B 298 -33.14 17.75 -14.13
CA GLU B 298 -34.57 17.96 -14.11
C GLU B 298 -35.30 17.06 -13.12
N MET B 299 -34.62 16.07 -12.56
CA MET B 299 -35.28 15.19 -11.60
C MET B 299 -35.57 15.92 -10.30
N THR B 300 -36.72 15.60 -9.71
CA THR B 300 -37.10 16.25 -8.45
C THR B 300 -36.15 15.86 -7.32
N ILE B 301 -35.79 14.58 -7.23
CA ILE B 301 -34.91 14.15 -6.15
C ILE B 301 -33.52 14.77 -6.30
N ILE B 302 -33.05 14.92 -7.54
CA ILE B 302 -31.76 15.56 -7.76
C ILE B 302 -31.85 17.05 -7.43
N LYS B 303 -32.92 17.70 -7.89
CA LYS B 303 -33.10 19.12 -7.58
C LYS B 303 -33.26 19.34 -6.07
N GLY B 304 -34.00 18.46 -5.41
CA GLY B 304 -34.19 18.60 -3.98
C GLY B 304 -32.88 18.49 -3.21
N PHE B 305 -32.06 17.49 -3.56
CA PHE B 305 -30.82 17.30 -2.84
C PHE B 305 -29.84 18.44 -3.07
N GLN B 306 -29.62 18.81 -4.33
CA GLN B 306 -28.60 19.81 -4.62
C GLN B 306 -29.01 21.19 -4.14
N GLN B 307 -30.33 21.44 -4.05
CA GLN B 307 -30.78 22.68 -3.43
C GLN B 307 -30.55 22.65 -1.93
N GLU B 308 -30.86 21.52 -1.29
CA GLU B 308 -30.68 21.41 0.15
C GLU B 308 -29.21 21.50 0.54
N ILE B 309 -28.35 20.76 -0.15
CA ILE B 309 -26.93 20.76 0.19
C ILE B 309 -26.29 22.10 -0.14
N THR B 310 -26.84 22.84 -1.10
CA THR B 310 -26.34 24.17 -1.37
C THR B 310 -26.57 25.08 -0.16
N SER B 311 -27.75 24.98 0.45
CA SER B 311 -28.03 25.76 1.64
C SER B 311 -27.09 25.38 2.78
N GLU B 312 -26.84 24.08 2.96
CA GLU B 312 -25.93 23.64 4.01
C GLU B 312 -24.53 24.20 3.79
N TYR B 313 -24.05 24.17 2.54
CA TYR B 313 -22.75 24.76 2.25
C TYR B 313 -22.75 26.27 2.47
N ARG B 314 -23.83 26.93 2.05
CA ARG B 314 -23.91 28.38 2.25
C ARG B 314 -23.93 28.72 3.74
N SER B 315 -24.68 27.95 4.53
CA SER B 315 -24.69 28.17 5.97
C SER B 315 -23.32 27.91 6.57
N LEU B 316 -22.63 26.87 6.08
CA LEU B 316 -21.29 26.57 6.57
C LEU B 316 -20.33 27.72 6.27
N LYS B 317 -20.43 28.30 5.08
CA LYS B 317 -19.54 29.38 4.66
C LYS B 317 -20.29 30.29 3.70
N LYS B 318 -20.28 31.59 3.99
CA LYS B 318 -20.96 32.58 3.16
C LYS B 318 -20.16 32.78 1.87
N GLU B 319 -20.20 31.76 1.00
CA GLU B 319 -19.58 31.80 -0.30
C GLU B 319 -20.65 31.59 -1.36
N GLU B 320 -20.57 32.35 -2.44
CA GLU B 320 -21.58 32.29 -3.50
C GLU B 320 -21.20 31.19 -4.49
N VAL B 321 -21.63 29.97 -4.19
CA VAL B 321 -21.46 28.82 -5.06
C VAL B 321 -22.76 28.04 -5.10
N SER B 322 -22.83 27.08 -6.02
CA SER B 322 -23.94 26.15 -6.09
C SER B 322 -23.38 24.75 -6.31
N ILE B 323 -24.14 23.75 -5.87
CA ILE B 323 -23.73 22.36 -5.96
C ILE B 323 -24.64 21.66 -6.95
N GLU B 324 -24.05 20.93 -7.90
CA GLU B 324 -24.79 20.23 -8.93
C GLU B 324 -24.34 18.79 -8.99
N LEU B 325 -25.29 17.88 -9.18
CA LEU B 325 -25.02 16.47 -9.35
C LEU B 325 -25.05 16.16 -10.84
N LYS B 326 -23.87 15.98 -11.43
CA LYS B 326 -23.75 15.69 -12.85
C LYS B 326 -22.96 14.41 -13.05
N SER B 327 -23.30 13.67 -14.10
CA SER B 327 -22.60 12.44 -14.40
C SER B 327 -21.17 12.74 -14.83
N GLU B 328 -20.22 11.95 -14.31
CA GLU B 328 -18.82 12.19 -14.60
C GLU B 328 -18.51 11.97 -16.08
N MET B 329 -19.06 10.92 -16.68
CA MET B 329 -18.80 10.66 -18.09
C MET B 329 -19.34 11.79 -18.96
N ALA B 330 -20.55 12.27 -18.66
CA ALA B 330 -21.14 13.31 -19.48
C ALA B 330 -20.35 14.61 -19.41
N ILE B 331 -19.57 14.80 -18.35
CA ILE B 331 -18.75 16.00 -18.23
C ILE B 331 -17.46 15.86 -19.03
N LYS B 332 -16.81 14.71 -18.92
CA LYS B 332 -15.53 14.49 -19.58
C LYS B 332 -15.66 13.84 -20.96
N GLY B 333 -16.87 13.48 -21.36
CA GLY B 333 -17.07 12.85 -22.65
C GLY B 333 -17.04 11.33 -22.56
N PHE B 334 -17.59 10.70 -23.61
CA PHE B 334 -17.67 9.24 -23.64
C PHE B 334 -16.29 8.60 -23.65
N PHE B 335 -15.29 9.29 -24.19
CA PHE B 335 -13.96 8.73 -24.30
C PHE B 335 -13.32 8.46 -22.95
N SER B 336 -13.79 9.12 -21.88
CA SER B 336 -13.11 9.03 -20.60
C SER B 336 -13.24 7.65 -19.98
N ASP B 337 -14.33 6.94 -20.28
CA ASP B 337 -14.61 5.68 -19.60
C ASP B 337 -14.96 4.56 -20.57
N ILE B 338 -14.49 4.63 -21.81
CA ILE B 338 -14.75 3.58 -22.78
C ILE B 338 -13.83 2.40 -22.48
N ILE B 339 -14.41 1.19 -22.42
CA ILE B 339 -13.64 0.00 -22.09
C ILE B 339 -14.12 -1.15 -22.95
N PRO B 340 -13.24 -2.12 -23.20
CA PRO B 340 -13.64 -3.29 -23.99
C PRO B 340 -14.52 -4.24 -23.18
N TYR B 341 -15.46 -4.86 -23.89
CA TYR B 341 -16.37 -5.82 -23.29
C TYR B 341 -16.35 -7.09 -24.13
N ILE B 342 -16.17 -8.23 -23.48
CA ILE B 342 -16.19 -9.52 -24.16
C ILE B 342 -17.62 -9.99 -24.25
N LYS B 343 -18.14 -10.12 -25.47
CA LYS B 343 -19.51 -10.53 -25.70
C LYS B 343 -19.53 -11.90 -26.36
N LYS B 344 -20.19 -12.85 -25.71
CA LYS B 344 -20.41 -14.15 -26.34
C LYS B 344 -21.42 -14.01 -27.46
N ASP B 345 -21.14 -14.66 -28.59
CA ASP B 345 -22.03 -14.57 -29.73
C ASP B 345 -23.39 -15.17 -29.39
N GLY B 346 -24.45 -14.48 -29.79
CA GLY B 346 -25.80 -14.85 -29.43
C GLY B 346 -26.28 -14.34 -28.09
N ASP B 347 -25.42 -13.66 -27.34
CA ASP B 347 -25.78 -13.10 -26.04
C ASP B 347 -25.58 -11.59 -26.08
N SER B 348 -26.60 -10.85 -25.64
CA SER B 348 -26.53 -9.40 -25.63
C SER B 348 -25.90 -8.85 -24.37
N ASN B 349 -25.63 -9.68 -23.36
CA ASN B 349 -25.07 -9.20 -22.12
C ASN B 349 -23.57 -8.97 -22.24
N TYR B 350 -23.10 -7.90 -21.60
CA TYR B 350 -21.69 -7.54 -21.58
C TYR B 350 -21.11 -7.91 -20.22
N TYR B 351 -19.96 -8.57 -20.23
CA TYR B 351 -19.35 -9.03 -19.00
C TYR B 351 -18.03 -8.33 -18.75
N PRO B 352 -17.86 -7.69 -17.58
CA PRO B 352 -16.61 -7.03 -17.19
C PRO B 352 -15.63 -8.01 -16.53
N GLY B 355 -15.30 -14.01 -17.32
CA GLY B 355 -14.23 -14.98 -17.35
C GLY B 355 -12.86 -14.35 -17.20
N ASP B 356 -12.16 -14.70 -16.12
CA ASP B 356 -10.83 -14.17 -15.89
C ASP B 356 -9.85 -14.64 -16.96
N GLY B 357 -9.93 -15.91 -17.34
CA GLY B 357 -9.04 -16.42 -18.38
C GLY B 357 -9.28 -15.73 -19.71
N ARG B 358 -10.53 -15.39 -20.01
CA ARG B 358 -10.83 -14.62 -21.20
C ARG B 358 -10.15 -13.26 -21.17
N ARG B 359 -10.17 -12.61 -20.00
CA ARG B 359 -9.52 -11.30 -19.88
C ARG B 359 -8.00 -11.43 -20.01
N LYS B 360 -7.42 -12.49 -19.47
CA LYS B 360 -5.97 -12.67 -19.55
C LYS B 360 -5.53 -12.84 -21.00
N MET B 361 -6.25 -13.67 -21.76
CA MET B 361 -5.89 -13.88 -23.16
C MET B 361 -6.08 -12.61 -23.97
N LEU B 362 -7.19 -11.91 -23.78
CA LEU B 362 -7.47 -10.74 -24.61
C LEU B 362 -6.48 -9.63 -24.33
N SER B 363 -5.94 -9.59 -23.10
CA SER B 363 -4.91 -8.61 -22.79
C SER B 363 -3.67 -8.83 -23.64
N TYR B 364 -3.43 -10.07 -24.05
CA TYR B 364 -2.29 -10.35 -24.92
C TYR B 364 -2.57 -9.90 -26.34
N SER B 365 -3.80 -10.07 -26.81
CA SER B 365 -4.14 -9.63 -28.16
C SER B 365 -4.03 -8.12 -28.30
N ILE B 366 -4.30 -7.39 -27.23
CA ILE B 366 -4.05 -5.95 -27.24
C ILE B 366 -2.56 -5.68 -27.43
N TYR B 367 -1.72 -6.44 -26.76
CA TYR B 367 -0.28 -6.35 -26.99
C TYR B 367 0.06 -6.71 -28.42
N ASN B 368 -0.59 -7.74 -28.97
CA ASN B 368 -0.37 -8.12 -30.36
C ASN B 368 -0.78 -7.00 -31.29
N TYR B 369 -1.95 -6.40 -31.05
CA TYR B 369 -2.43 -5.33 -31.92
C TYR B 369 -1.52 -4.12 -31.86
N LEU B 370 -1.08 -3.74 -30.65
CA LEU B 370 -0.17 -2.61 -30.52
C LEU B 370 1.16 -2.90 -31.20
N ALA B 371 1.63 -4.15 -31.09
CA ALA B 371 2.92 -4.51 -31.68
C ALA B 371 2.91 -4.28 -33.19
N LYS B 372 1.76 -4.44 -33.82
CA LYS B 372 1.69 -4.31 -35.28
C LYS B 372 1.90 -2.87 -35.73
N LYS B 373 1.35 -1.91 -35.00
CA LYS B 373 1.27 -0.56 -35.54
C LYS B 373 1.53 0.57 -34.55
N LYS B 374 2.06 0.30 -33.36
CA LYS B 374 2.26 1.39 -32.42
C LYS B 374 3.69 1.93 -32.44
N TYR B 375 4.69 1.05 -32.53
CA TYR B 375 6.07 1.48 -32.39
C TYR B 375 6.88 1.20 -33.63
N GLU B 376 6.36 1.58 -34.80
CA GLU B 376 7.07 1.35 -36.04
C GLU B 376 8.36 2.15 -36.14
N ASP B 377 8.58 3.12 -35.26
CA ASP B 377 9.75 3.98 -35.34
C ASP B 377 10.82 3.62 -34.32
N LYS B 378 10.70 2.50 -33.63
CA LYS B 378 11.70 2.12 -32.64
C LYS B 378 11.77 0.61 -32.51
N ILE B 379 12.88 0.16 -31.93
CA ILE B 379 13.09 -1.27 -31.68
C ILE B 379 12.42 -1.64 -30.37
N VAL B 380 11.49 -2.59 -30.42
CA VAL B 380 10.70 -2.97 -29.27
C VAL B 380 11.22 -4.29 -28.72
N ILE B 381 11.53 -4.30 -27.42
CA ILE B 381 12.04 -5.48 -26.73
C ILE B 381 11.04 -5.84 -25.65
N TYR B 382 10.55 -7.07 -25.68
CA TYR B 382 9.57 -7.55 -24.72
C TYR B 382 10.28 -8.36 -23.64
N LEU B 383 10.05 -8.01 -22.40
CA LEU B 383 10.57 -8.79 -21.27
C LEU B 383 9.37 -9.46 -20.61
N ILE B 384 9.09 -10.70 -21.03
CA ILE B 384 7.96 -11.45 -20.50
C ILE B 384 8.49 -12.34 -19.39
N GLU B 385 8.04 -12.08 -18.16
CA GLU B 385 8.54 -12.76 -16.98
C GLU B 385 7.46 -13.67 -16.43
N GLU B 386 7.72 -14.98 -16.46
CA GLU B 386 6.84 -16.00 -15.91
C GLU B 386 5.39 -15.83 -16.36
N PRO B 387 5.12 -15.94 -17.66
CA PRO B 387 3.74 -15.83 -18.13
C PRO B 387 2.83 -16.93 -17.63
N GLU B 388 3.39 -18.07 -17.24
CA GLU B 388 2.60 -19.22 -16.86
C GLU B 388 1.88 -19.04 -15.53
N ILE B 389 2.17 -17.97 -14.79
CA ILE B 389 1.56 -17.77 -13.49
C ILE B 389 0.05 -17.59 -13.67
N SER B 390 -0.71 -18.46 -13.02
CA SER B 390 -2.18 -18.43 -13.08
C SER B 390 -2.69 -18.48 -14.52
N LEU B 391 -2.04 -19.30 -15.34
CA LEU B 391 -2.41 -19.48 -16.73
C LEU B 391 -2.62 -20.95 -16.99
N HIS B 392 -3.76 -21.30 -17.57
CA HIS B 392 -4.04 -22.69 -17.90
C HIS B 392 -3.06 -23.21 -18.93
N ARG B 393 -2.76 -24.50 -18.86
CA ARG B 393 -1.71 -25.05 -19.70
C ARG B 393 -2.05 -24.95 -21.17
N SER B 394 -3.34 -24.94 -21.52
CA SER B 394 -3.72 -24.75 -22.91
C SER B 394 -3.45 -23.32 -23.35
N MET B 395 -3.65 -22.35 -22.46
CA MET B 395 -3.24 -20.98 -22.78
C MET B 395 -1.75 -20.85 -22.91
N GLN B 396 -0.99 -21.61 -22.11
CA GLN B 396 0.46 -21.56 -22.20
C GLN B 396 0.95 -22.02 -23.57
N ILE B 397 0.32 -23.06 -24.13
CA ILE B 397 0.65 -23.49 -25.48
C ILE B 397 0.25 -22.42 -26.49
N ALA B 398 -0.89 -21.77 -26.26
CA ALA B 398 -1.32 -20.70 -27.15
C ALA B 398 -0.32 -19.54 -27.14
N LEU B 399 0.16 -19.18 -25.94
CA LEU B 399 1.17 -18.14 -25.85
C LEU B 399 2.48 -18.58 -26.47
N SER B 400 2.82 -19.87 -26.36
CA SER B 400 4.04 -20.37 -26.97
C SER B 400 3.99 -20.23 -28.48
N LYS B 401 2.83 -20.49 -29.09
CA LYS B 401 2.71 -20.35 -30.54
C LYS B 401 2.88 -18.90 -30.96
N GLN B 402 2.35 -17.97 -30.17
CA GLN B 402 2.51 -16.55 -30.50
C GLN B 402 3.97 -16.13 -30.46
N LEU B 403 4.71 -16.58 -29.45
CA LEU B 403 6.07 -16.12 -29.27
C LEU B 403 7.00 -16.61 -30.38
N PHE B 404 6.82 -17.85 -30.81
CA PHE B 404 7.78 -18.46 -31.73
C PHE B 404 7.27 -18.61 -33.14
N GLU B 405 6.02 -19.05 -33.33
CA GLU B 405 5.51 -19.21 -34.68
C GLU B 405 5.22 -17.86 -35.33
N GLN B 406 4.58 -16.95 -34.60
CA GLN B 406 4.22 -15.66 -35.16
C GLN B 406 5.44 -14.74 -35.21
N SER B 407 5.26 -13.62 -35.91
CA SER B 407 6.28 -12.59 -36.02
C SER B 407 5.92 -11.35 -35.21
N THR B 408 4.97 -11.47 -34.29
CA THR B 408 4.53 -10.31 -33.51
C THR B 408 5.65 -9.79 -32.62
N TYR B 409 6.36 -10.67 -31.94
CA TYR B 409 7.41 -10.31 -31.00
C TYR B 409 8.75 -10.62 -31.65
N LYS B 410 9.30 -9.63 -32.35
CA LYS B 410 10.57 -9.83 -33.04
C LYS B 410 11.70 -10.09 -32.05
N TYR B 411 11.79 -9.27 -31.01
CA TYR B 411 12.82 -9.42 -29.99
C TYR B 411 12.14 -9.55 -28.63
N PHE B 412 12.51 -10.57 -27.87
CA PHE B 412 11.98 -10.70 -26.53
C PHE B 412 12.94 -11.52 -25.67
N PHE B 413 12.82 -11.34 -24.36
CA PHE B 413 13.51 -12.17 -23.37
C PHE B 413 12.44 -12.79 -22.48
N LEU B 414 12.32 -14.11 -22.54
CA LEU B 414 11.27 -14.82 -21.83
C LEU B 414 11.89 -15.60 -20.68
N SER B 415 11.38 -15.35 -19.48
CA SER B 415 11.78 -16.09 -18.29
C SER B 415 10.62 -16.97 -17.86
N THR B 416 10.84 -18.28 -17.88
CA THR B 416 9.74 -19.21 -17.69
C THR B 416 10.16 -20.35 -16.77
N HIS B 417 9.17 -20.94 -16.10
CA HIS B 417 9.35 -22.13 -15.30
C HIS B 417 8.56 -23.32 -15.81
N SER B 418 7.75 -23.15 -16.84
CA SER B 418 6.85 -24.20 -17.30
C SER B 418 7.28 -24.72 -18.65
N PRO B 419 7.37 -26.03 -18.82
CA PRO B 419 7.75 -26.59 -20.12
C PRO B 419 6.73 -26.32 -21.21
N GLU B 420 5.48 -26.01 -20.87
CA GLU B 420 4.46 -25.82 -21.89
C GLU B 420 4.73 -24.60 -22.75
N LEU B 421 5.34 -23.56 -22.18
CA LEU B 421 5.67 -22.37 -22.95
C LEU B 421 6.74 -22.62 -24.00
N LEU B 422 7.43 -23.75 -23.94
CA LEU B 422 8.46 -24.10 -24.91
C LEU B 422 8.01 -25.17 -25.88
N TYR B 423 6.70 -25.42 -25.96
CA TYR B 423 6.20 -26.47 -26.85
C TYR B 423 6.42 -26.13 -28.30
N GLU B 424 6.37 -24.85 -28.67
CA GLU B 424 6.56 -24.42 -30.04
C GLU B 424 7.89 -23.74 -30.27
N MET B 425 8.84 -23.90 -29.33
CA MET B 425 10.10 -23.18 -29.42
C MET B 425 10.86 -23.56 -30.68
N ASP B 426 11.45 -22.56 -31.33
CA ASP B 426 12.20 -22.74 -32.56
C ASP B 426 12.90 -21.43 -32.88
N ASN B 427 14.11 -21.53 -33.41
CA ASN B 427 14.90 -20.36 -33.81
C ASN B 427 15.06 -19.38 -32.65
N THR B 428 15.30 -19.94 -31.47
CA THR B 428 15.45 -19.14 -30.26
C THR B 428 16.74 -19.53 -29.56
N ARG B 429 17.25 -18.62 -28.74
CA ARG B 429 18.43 -18.87 -27.94
C ARG B 429 17.97 -19.26 -26.54
N LEU B 430 18.41 -20.41 -26.06
CA LEU B 430 18.06 -20.90 -24.74
C LEU B 430 19.20 -20.62 -23.77
N ILE B 431 18.90 -19.88 -22.71
CA ILE B 431 19.88 -19.52 -21.70
C ILE B 431 19.49 -20.24 -20.41
N ARG B 432 20.39 -21.05 -19.88
CA ARG B 432 20.14 -21.83 -18.68
C ARG B 432 21.01 -21.33 -17.54
N VAL B 433 20.39 -21.02 -16.42
CA VAL B 433 21.11 -20.58 -15.24
C VAL B 433 21.32 -21.80 -14.35
N HIS B 434 22.59 -22.12 -14.06
CA HIS B 434 22.89 -23.31 -13.30
C HIS B 434 22.46 -23.14 -11.84
N SER B 435 22.25 -24.28 -11.18
CA SER B 435 21.75 -24.27 -9.81
C SER B 435 22.75 -23.70 -8.81
N THR B 436 24.02 -23.60 -9.18
CA THR B 436 25.04 -23.10 -8.28
C THR B 436 24.79 -21.64 -7.95
N GLU B 437 25.18 -21.25 -6.72
CA GLU B 437 25.08 -19.85 -6.32
C GLU B 437 26.07 -18.96 -7.06
N LYS B 438 27.10 -19.54 -7.68
CA LYS B 438 28.07 -18.77 -8.43
C LYS B 438 27.44 -18.08 -9.64
N VAL B 439 26.29 -18.56 -10.10
CA VAL B 439 25.57 -18.03 -11.25
C VAL B 439 26.39 -18.23 -12.51
N VAL B 440 26.43 -19.45 -13.00
CA VAL B 440 26.95 -19.76 -14.32
C VAL B 440 25.78 -19.81 -15.29
N CYS B 441 25.99 -19.31 -16.50
CA CYS B 441 24.96 -19.28 -17.53
C CYS B 441 25.47 -19.99 -18.76
N SER B 442 24.70 -20.96 -19.25
CA SER B 442 25.00 -21.68 -20.47
C SER B 442 23.94 -21.37 -21.50
N SER B 443 24.36 -21.01 -22.71
CA SER B 443 23.45 -20.59 -23.76
C SER B 443 23.61 -21.49 -24.96
N HIS B 444 22.49 -21.81 -25.60
CA HIS B 444 22.47 -22.62 -26.81
C HIS B 444 21.50 -22.01 -27.80
N MET B 445 21.88 -21.97 -29.07
CA MET B 445 21.02 -21.44 -30.11
C MET B 445 20.18 -22.60 -30.65
N TYR B 446 18.91 -22.63 -30.26
CA TYR B 446 18.05 -23.76 -30.58
C TYR B 446 17.46 -23.60 -31.96
N ASN B 447 17.66 -24.61 -32.80
CA ASN B 447 17.05 -24.66 -34.12
C ASN B 447 16.61 -26.09 -34.39
N VAL B 448 15.56 -26.22 -35.19
CA VAL B 448 15.06 -27.53 -35.63
C VAL B 448 15.30 -27.62 -37.13
N GLU B 449 16.05 -28.63 -37.55
CA GLU B 449 16.43 -28.77 -38.94
C GLU B 449 15.23 -29.16 -39.79
N GLU B 450 15.41 -29.09 -41.10
CA GLU B 450 14.33 -29.47 -42.02
C GLU B 450 14.05 -30.97 -41.95
N ALA B 451 15.06 -31.77 -41.61
CA ALA B 451 14.84 -33.20 -41.47
C ALA B 451 13.87 -33.51 -40.33
N TYR B 452 13.98 -32.77 -39.24
CA TYR B 452 13.13 -32.98 -38.07
C TYR B 452 11.82 -32.20 -38.15
N GLY B 453 11.54 -31.54 -39.27
CA GLY B 453 10.34 -30.73 -39.37
C GLY B 453 9.06 -31.52 -39.23
N SER B 454 9.07 -32.78 -39.69
CA SER B 454 7.85 -33.58 -39.61
C SER B 454 7.58 -34.08 -38.20
N VAL B 455 8.62 -34.26 -37.40
CA VAL B 455 8.48 -34.71 -36.02
C VAL B 455 8.73 -33.59 -35.03
N LYS B 456 8.66 -32.33 -35.49
CA LYS B 456 9.01 -31.19 -34.64
C LYS B 456 8.08 -31.10 -33.44
N LYS B 457 6.78 -31.30 -33.64
CA LYS B 457 5.82 -31.16 -32.55
C LYS B 457 6.08 -32.20 -31.46
N LYS B 458 6.24 -33.47 -31.85
CA LYS B 458 6.52 -34.51 -30.87
C LYS B 458 7.88 -34.30 -30.22
N LEU B 459 8.88 -33.92 -31.01
CA LEU B 459 10.23 -33.73 -30.48
C LEU B 459 10.28 -32.59 -29.47
N ASN B 460 9.59 -31.49 -29.75
CA ASN B 460 9.65 -30.34 -28.85
C ASN B 460 8.94 -30.64 -27.53
N LYS B 461 7.83 -31.37 -27.57
CA LYS B 461 7.11 -31.66 -26.34
C LYS B 461 7.95 -32.49 -25.39
N ALA B 462 8.68 -33.47 -25.93
CA ALA B 462 9.53 -34.29 -25.08
C ALA B 462 10.72 -33.50 -24.56
N LEU B 463 11.36 -32.72 -25.42
CA LEU B 463 12.58 -32.01 -25.04
C LEU B 463 12.31 -30.88 -24.04
N SER B 464 11.12 -30.28 -24.07
CA SER B 464 10.85 -29.12 -23.23
C SER B 464 10.94 -29.47 -21.76
N SER B 465 10.47 -30.66 -21.38
CA SER B 465 10.56 -31.05 -19.97
C SER B 465 11.98 -31.41 -19.58
N ALA B 466 12.78 -31.91 -20.52
CA ALA B 466 14.16 -32.28 -20.22
C ALA B 466 15.04 -31.08 -19.92
N LEU B 467 14.67 -29.90 -20.43
CA LEU B 467 15.47 -28.71 -20.20
C LEU B 467 15.54 -28.35 -18.72
N PHE B 468 14.49 -28.66 -17.97
CA PHE B 468 14.45 -28.37 -16.55
C PHE B 468 14.94 -29.55 -15.71
N ALA B 469 16.11 -30.07 -16.06
CA ALA B 469 16.65 -31.24 -15.39
C ALA B 469 18.16 -31.15 -15.34
N GLU B 470 18.76 -31.93 -14.46
CA GLU B 470 20.21 -31.97 -14.33
C GLU B 470 20.81 -33.12 -15.11
N ARG B 471 20.24 -34.31 -14.97
CA ARG B 471 20.70 -35.51 -15.67
C ARG B 471 19.55 -36.07 -16.48
N VAL B 472 19.77 -36.27 -17.77
CA VAL B 472 18.75 -36.77 -18.67
C VAL B 472 19.25 -38.08 -19.27
N LEU B 473 18.46 -39.13 -19.12
CA LEU B 473 18.76 -40.44 -19.69
C LEU B 473 17.91 -40.63 -20.94
N LEU B 474 18.56 -40.83 -22.08
CA LEU B 474 17.87 -40.97 -23.35
C LEU B 474 17.58 -42.45 -23.59
N ILE B 475 16.30 -42.81 -23.61
CA ILE B 475 15.88 -44.18 -23.86
C ILE B 475 15.11 -44.21 -25.17
N GLU B 476 14.75 -45.41 -25.61
CA GLU B 476 14.13 -45.57 -26.92
C GLU B 476 12.62 -45.45 -26.87
N GLY B 477 11.95 -46.32 -26.13
CA GLY B 477 10.51 -46.36 -26.14
C GLY B 477 9.90 -46.50 -24.76
N PRO B 478 8.61 -46.84 -24.71
CA PRO B 478 7.94 -46.98 -23.42
C PRO B 478 8.32 -48.23 -22.67
N SER B 479 8.72 -49.30 -23.36
CA SER B 479 9.12 -50.52 -22.68
C SER B 479 10.34 -50.27 -21.80
N GLU B 480 11.33 -49.54 -22.31
CA GLU B 480 12.45 -49.13 -21.48
C GLU B 480 12.00 -48.22 -20.35
N LYS B 481 11.08 -47.31 -20.64
CA LYS B 481 10.59 -46.39 -19.61
C LYS B 481 9.84 -47.14 -18.51
N ILE B 482 9.05 -48.15 -18.90
CA ILE B 482 8.29 -48.92 -17.91
C ILE B 482 9.25 -49.65 -16.98
N LEU B 483 10.27 -50.29 -17.55
CA LEU B 483 11.20 -51.08 -16.74
C LEU B 483 12.07 -50.17 -15.88
N PHE B 484 12.54 -49.07 -16.45
CA PHE B 484 13.41 -48.17 -15.69
C PHE B 484 12.65 -47.43 -14.61
N GLU B 485 11.39 -47.08 -14.89
CA GLU B 485 10.60 -46.39 -13.87
C GLU B 485 10.33 -47.29 -12.67
N LYS B 486 10.10 -48.59 -12.92
CA LYS B 486 9.89 -49.52 -11.82
C LYS B 486 11.18 -49.73 -11.03
N VAL B 487 12.29 -49.94 -11.73
CA VAL B 487 13.56 -50.15 -11.06
C VAL B 487 13.96 -48.92 -10.26
N LEU B 488 13.81 -47.75 -10.84
CA LEU B 488 14.15 -46.52 -10.14
C LEU B 488 13.22 -46.30 -8.95
N ASP B 489 11.95 -46.64 -9.09
CA ASP B 489 11.00 -46.45 -8.00
C ASP B 489 11.40 -47.27 -6.78
N GLU B 490 11.88 -48.50 -7.00
CA GLU B 490 12.29 -49.34 -5.88
C GLU B 490 13.65 -48.94 -5.33
N VAL B 491 14.51 -48.33 -6.15
CA VAL B 491 15.88 -48.05 -5.74
C VAL B 491 16.01 -46.60 -5.29
N GLU B 492 15.71 -45.66 -6.18
CA GLU B 492 15.82 -44.23 -5.91
C GLU B 492 14.50 -43.59 -6.31
N PRO B 493 13.48 -43.70 -5.46
CA PRO B 493 12.16 -43.16 -5.84
C PRO B 493 12.15 -41.66 -6.03
N GLU B 494 13.10 -40.94 -5.44
CA GLU B 494 13.14 -39.48 -5.52
C GLU B 494 14.13 -38.99 -6.57
N TYR B 495 14.39 -39.80 -7.60
CA TYR B 495 15.35 -39.40 -8.62
C TYR B 495 14.87 -38.18 -9.40
N GLU B 496 13.55 -38.02 -9.54
CA GLU B 496 13.02 -36.86 -10.27
C GLU B 496 13.23 -35.57 -9.49
N LEU B 497 13.12 -35.63 -8.16
CA LEU B 497 13.36 -34.44 -7.35
C LEU B 497 14.81 -34.00 -7.46
N ASN B 498 15.75 -34.95 -7.50
CA ASN B 498 17.16 -34.61 -7.52
C ASN B 498 17.60 -34.06 -8.87
N GLY B 499 16.77 -34.18 -9.91
CA GLY B 499 17.12 -33.61 -11.19
C GLY B 499 17.18 -34.64 -12.31
N GLY B 500 16.90 -35.89 -11.99
CA GLY B 500 16.88 -36.92 -13.01
C GLY B 500 15.67 -36.78 -13.91
N PHE B 501 15.81 -37.30 -15.13
CA PHE B 501 14.72 -37.25 -16.10
C PHE B 501 14.91 -38.35 -17.12
N LEU B 502 13.81 -39.01 -17.48
CA LEU B 502 13.81 -40.10 -18.45
C LEU B 502 13.19 -39.58 -19.74
N LEU B 503 14.03 -39.24 -20.71
CA LEU B 503 13.58 -38.74 -21.99
C LEU B 503 13.65 -39.87 -23.01
N GLU B 504 12.53 -40.17 -23.65
CA GLU B 504 12.47 -41.25 -24.62
C GLU B 504 12.47 -40.66 -26.03
N VAL B 505 13.34 -41.21 -26.88
CA VAL B 505 13.48 -40.78 -28.25
C VAL B 505 13.40 -42.00 -29.15
N GLY B 506 12.64 -41.90 -30.23
CA GLY B 506 12.44 -43.04 -31.09
C GLY B 506 12.41 -42.70 -32.56
N GLY B 507 13.16 -43.44 -33.36
CA GLY B 507 13.17 -43.24 -34.79
C GLY B 507 14.01 -42.09 -35.27
N THR B 508 14.70 -41.39 -34.36
CA THR B 508 15.51 -40.24 -34.72
C THR B 508 16.89 -40.40 -34.13
N TYR B 509 17.87 -39.74 -34.75
CA TYR B 509 19.21 -39.72 -34.21
C TYR B 509 19.24 -38.85 -32.95
N PHE B 510 20.21 -39.14 -32.08
CA PHE B 510 20.33 -38.40 -30.83
C PHE B 510 20.99 -37.05 -31.01
N ASN B 511 21.35 -36.67 -32.23
CA ASN B 511 22.13 -35.46 -32.44
C ASN B 511 21.39 -34.22 -31.95
N HIS B 512 20.10 -34.12 -32.26
CA HIS B 512 19.35 -32.92 -31.89
C HIS B 512 19.24 -32.78 -30.37
N TYR B 513 18.94 -33.88 -29.68
CA TYR B 513 18.76 -33.82 -28.24
C TYR B 513 20.09 -33.57 -27.53
N VAL B 514 21.12 -34.32 -27.92
CA VAL B 514 22.40 -34.26 -27.21
C VAL B 514 23.04 -32.89 -27.40
N CYS B 515 23.01 -32.36 -28.63
CA CYS B 515 23.64 -31.06 -28.87
C CYS B 515 22.99 -29.97 -28.04
N THR B 516 21.67 -30.00 -27.91
CA THR B 516 20.99 -29.04 -27.07
C THR B 516 21.34 -29.23 -25.60
N LEU B 517 21.27 -30.47 -25.12
CA LEU B 517 21.53 -30.74 -23.71
C LEU B 517 22.98 -30.45 -23.34
N ASN B 518 23.91 -30.85 -24.21
CA ASN B 518 25.33 -30.63 -23.92
C ASN B 518 25.65 -29.14 -23.86
N ASP B 519 25.12 -28.36 -24.81
CA ASP B 519 25.41 -26.93 -24.84
C ASP B 519 24.86 -26.22 -23.61
N LEU B 520 23.76 -26.71 -23.06
CA LEU B 520 23.13 -26.11 -21.90
C LEU B 520 23.74 -26.57 -20.58
N GLY B 521 24.72 -27.47 -20.63
CA GLY B 521 25.34 -27.96 -19.41
C GLY B 521 24.58 -29.06 -18.71
N ILE B 522 23.62 -29.69 -19.37
CA ILE B 522 22.85 -30.76 -18.77
C ILE B 522 23.52 -32.08 -19.11
N THR B 523 23.74 -32.91 -18.09
CA THR B 523 24.35 -34.22 -18.30
C THR B 523 23.39 -35.12 -19.06
N HIS B 524 23.87 -35.71 -20.15
CA HIS B 524 23.06 -36.60 -20.98
C HIS B 524 23.66 -38.00 -20.96
N ILE B 525 22.80 -38.99 -20.75
CA ILE B 525 23.18 -40.40 -20.79
C ILE B 525 22.33 -41.08 -21.84
N ILE B 526 22.97 -41.84 -22.73
CA ILE B 526 22.29 -42.52 -23.81
C ILE B 526 22.38 -44.02 -23.56
N LYS B 527 21.23 -44.66 -23.44
CA LYS B 527 21.15 -46.11 -23.36
C LYS B 527 20.42 -46.61 -24.59
N THR B 528 21.17 -47.12 -25.55
CA THR B 528 20.62 -47.66 -26.78
C THR B 528 21.10 -49.09 -26.95
N ASP B 529 20.58 -49.76 -27.97
CA ASP B 529 20.92 -51.15 -28.23
C ASP B 529 21.40 -51.32 -29.66
N ASN B 530 22.23 -52.33 -29.88
CA ASN B 530 22.75 -52.61 -31.21
C ASN B 530 21.64 -53.11 -32.11
N ASP B 531 21.41 -52.42 -33.22
CA ASP B 531 20.30 -52.72 -34.10
C ASP B 531 20.79 -52.92 -35.52
N LEU B 532 20.13 -53.82 -36.24
CA LEU B 532 20.35 -54.02 -37.66
C LEU B 532 19.05 -53.74 -38.40
N LYS B 533 19.08 -52.79 -39.31
CA LYS B 533 17.90 -52.38 -40.06
C LYS B 533 18.07 -52.76 -41.52
N SER B 534 17.09 -53.46 -42.07
CA SER B 534 17.14 -53.87 -43.47
C SER B 534 16.76 -52.70 -44.36
N LYS B 535 17.51 -52.51 -45.44
CA LYS B 535 17.23 -51.43 -46.36
C LYS B 535 16.02 -51.77 -47.23
N LYS B 536 15.45 -50.74 -47.83
CA LYS B 536 14.28 -50.92 -48.69
C LYS B 536 14.67 -51.63 -49.98
N GLY B 537 13.91 -52.67 -50.33
CA GLY B 537 14.12 -53.36 -51.58
C GLY B 537 15.42 -54.14 -51.70
N LYS B 538 16.12 -54.35 -50.59
CA LYS B 538 17.37 -55.10 -50.59
C LYS B 538 17.23 -56.33 -49.70
N LYS B 539 17.77 -57.44 -50.16
CA LYS B 539 17.67 -58.71 -49.45
C LYS B 539 18.99 -59.03 -48.78
N GLY B 540 18.92 -59.35 -47.48
CA GLY B 540 20.12 -59.70 -46.74
C GLY B 540 21.08 -58.55 -46.53
N VAL B 541 20.62 -57.31 -46.64
CA VAL B 541 21.45 -56.13 -46.48
C VAL B 541 20.93 -55.36 -45.28
N TYR B 542 21.80 -55.15 -44.29
CA TYR B 542 21.42 -54.47 -43.06
C TYR B 542 22.42 -53.37 -42.76
N GLU B 543 21.94 -52.27 -42.19
CA GLU B 543 22.78 -51.17 -41.79
C GLU B 543 22.87 -51.13 -40.27
N LEU B 544 24.06 -50.83 -39.75
CA LEU B 544 24.31 -50.84 -38.32
C LEU B 544 23.66 -49.61 -37.68
N LEU B 545 22.33 -49.67 -37.60
CA LEU B 545 21.56 -48.52 -37.12
C LEU B 545 21.94 -48.17 -35.69
N GLY B 546 22.04 -49.18 -34.83
CA GLY B 546 22.41 -48.91 -33.44
C GLY B 546 23.80 -48.32 -33.32
N LEU B 547 24.75 -48.85 -34.08
CA LEU B 547 26.12 -48.33 -34.02
C LEU B 547 26.22 -46.96 -34.67
N ASN B 548 25.49 -46.75 -35.77
CA ASN B 548 25.60 -45.50 -36.50
C ASN B 548 25.12 -44.32 -35.67
N ARG B 549 24.04 -44.48 -34.92
CA ARG B 549 23.54 -43.40 -34.09
C ARG B 549 24.56 -42.98 -33.05
N CYS B 550 25.21 -43.96 -32.41
CA CYS B 550 26.25 -43.64 -31.45
C CYS B 550 27.47 -43.02 -32.13
N LEU B 551 27.83 -43.52 -33.31
CA LEU B 551 28.95 -42.94 -34.04
C LEU B 551 28.65 -41.51 -34.46
N ASN B 552 27.41 -41.24 -34.87
CA ASN B 552 27.04 -39.88 -35.23
C ASN B 552 27.21 -38.93 -34.05
N LEU B 553 26.93 -39.40 -32.84
CA LEU B 553 27.14 -38.58 -31.66
C LEU B 553 28.61 -38.26 -31.47
N LEU B 554 29.49 -39.22 -31.75
CA LEU B 554 30.92 -39.01 -31.64
C LEU B 554 31.46 -38.10 -32.75
N GLY B 555 30.65 -37.79 -33.76
CA GLY B 555 31.10 -37.01 -34.88
C GLY B 555 31.64 -37.81 -36.04
N ARG B 556 31.81 -39.12 -35.87
CA ARG B 556 32.29 -39.96 -36.94
C ARG B 556 31.20 -40.21 -37.97
N GLU B 557 31.62 -40.64 -39.15
CA GLU B 557 30.68 -40.91 -40.23
C GLU B 557 30.00 -42.26 -40.03
N ASN B 558 28.87 -42.44 -40.70
CA ASN B 558 28.12 -43.68 -40.60
C ASN B 558 28.89 -44.84 -41.21
N LEU B 559 28.84 -45.99 -40.56
CA LEU B 559 29.43 -47.19 -41.11
C LEU B 559 28.63 -47.67 -42.31
N ASP B 560 29.30 -48.41 -43.19
CA ASP B 560 28.62 -48.97 -44.35
C ASP B 560 27.68 -50.10 -43.92
N GLU B 561 26.71 -50.39 -44.78
CA GLU B 561 25.80 -51.49 -44.51
C GLU B 561 26.50 -52.81 -44.74
N ILE B 562 26.20 -53.78 -43.88
CA ILE B 562 26.78 -55.10 -43.99
C ILE B 562 25.75 -56.03 -44.63
N THR B 563 26.22 -57.12 -45.21
CA THR B 563 25.35 -58.12 -45.81
C THR B 563 25.21 -59.31 -44.87
N ILE B 564 24.04 -59.93 -44.93
CA ILE B 564 23.73 -61.10 -44.11
C ILE B 564 23.23 -62.20 -45.04
N ASP B 565 23.83 -63.38 -44.93
CA ASP B 565 23.46 -64.53 -45.73
C ASP B 565 22.71 -65.50 -44.85
N ILE B 566 21.41 -65.65 -45.09
CA ILE B 566 20.60 -66.62 -44.37
C ILE B 566 19.90 -67.54 -45.35
N PRO B 567 19.69 -68.81 -44.99
CA PRO B 567 18.88 -69.67 -45.84
C PRO B 567 17.43 -69.23 -45.84
N GLU B 568 16.73 -69.52 -46.94
CA GLU B 568 15.32 -69.16 -47.04
C GLU B 568 14.49 -69.92 -46.01
N ASP B 569 14.85 -71.19 -45.76
CA ASP B 569 14.12 -71.98 -44.77
C ASP B 569 14.29 -71.43 -43.37
N ILE B 570 15.45 -70.86 -43.06
CA ILE B 570 15.72 -70.32 -41.73
C ILE B 570 14.82 -69.10 -41.53
N LYS B 571 13.82 -69.24 -40.65
CA LYS B 571 12.86 -68.17 -40.41
C LYS B 571 12.41 -68.23 -38.96
N GLY B 572 11.86 -67.12 -38.50
CA GLY B 572 11.33 -67.06 -37.14
C GLY B 572 12.44 -66.97 -36.13
N LYS B 573 12.39 -67.84 -35.12
CA LYS B 573 13.39 -67.81 -34.06
C LYS B 573 14.79 -68.09 -34.58
N LYS B 574 14.92 -69.00 -35.54
CA LYS B 574 16.24 -69.29 -36.10
C LYS B 574 16.83 -68.07 -36.79
N LYS B 575 16.01 -67.34 -37.54
CA LYS B 575 16.48 -66.11 -38.17
C LYS B 575 16.90 -65.09 -37.12
N LYS B 576 16.10 -64.94 -36.07
CA LYS B 576 16.42 -63.97 -35.02
C LYS B 576 17.73 -64.31 -34.33
N GLU B 577 17.95 -65.60 -34.05
CA GLU B 577 19.19 -65.99 -33.39
C GLU B 577 20.39 -65.81 -34.30
N ARG B 578 20.20 -65.95 -35.62
CA ARG B 578 21.30 -65.71 -36.55
C ARG B 578 21.70 -64.24 -36.53
N LEU B 579 20.72 -63.34 -36.52
CA LEU B 579 21.03 -61.92 -36.44
C LEU B 579 21.70 -61.58 -35.12
N ASN B 580 21.29 -62.23 -34.04
CA ASN B 580 21.91 -61.99 -32.75
C ASN B 580 23.39 -62.36 -32.75
N GLU B 581 23.73 -63.46 -33.44
CA GLU B 581 25.13 -63.84 -33.55
C GLU B 581 25.94 -62.78 -34.28
N ARG B 582 25.40 -62.23 -35.36
CA ARG B 582 26.09 -61.16 -36.06
C ARG B 582 26.22 -59.92 -35.20
N LYS B 583 25.18 -59.62 -34.41
CA LYS B 583 25.25 -58.48 -33.50
C LYS B 583 26.36 -58.65 -32.48
N LYS B 584 26.52 -59.87 -31.96
CA LYS B 584 27.64 -60.15 -31.06
C LYS B 584 28.97 -59.97 -31.78
N GLU B 585 29.05 -60.45 -33.03
CA GLU B 585 30.29 -60.30 -33.79
C GLU B 585 30.59 -58.83 -34.07
N ILE B 586 29.56 -58.06 -34.44
CA ILE B 586 29.75 -56.64 -34.69
C ILE B 586 30.19 -55.94 -33.41
N PHE B 587 29.57 -56.29 -32.28
CA PHE B 587 29.93 -55.67 -31.00
C PHE B 587 31.37 -55.96 -30.64
N LYS B 588 31.83 -57.19 -30.86
CA LYS B 588 33.21 -57.52 -30.55
C LYS B 588 34.18 -56.84 -31.52
N GLN B 589 33.81 -56.76 -32.80
CA GLN B 589 34.71 -56.18 -33.79
C GLN B 589 34.97 -54.71 -33.51
N TYR B 590 33.95 -53.97 -33.10
CA TYR B 590 34.08 -52.53 -32.83
C TYR B 590 34.24 -52.26 -31.34
N LYS B 591 34.97 -53.12 -30.65
CA LYS B 591 35.17 -52.97 -29.21
C LYS B 591 35.80 -51.62 -28.88
N ASN B 592 36.71 -51.14 -29.72
CA ASN B 592 37.35 -49.85 -29.46
C ASN B 592 36.34 -48.72 -29.48
N GLU B 593 35.43 -48.73 -30.47
CA GLU B 593 34.41 -47.69 -30.54
C GLU B 593 33.48 -47.75 -29.33
N VAL B 594 33.11 -48.96 -28.91
CA VAL B 594 32.27 -49.11 -27.73
C VAL B 594 32.96 -48.54 -26.49
N GLY B 595 34.28 -48.73 -26.40
CA GLY B 595 35.01 -48.12 -25.31
C GLY B 595 34.95 -46.60 -25.34
N GLU B 596 34.99 -46.03 -26.54
CA GLU B 596 34.83 -44.58 -26.67
C GLU B 596 33.45 -44.14 -26.21
N PHE B 597 32.43 -44.93 -26.52
CA PHE B 597 31.06 -44.58 -26.13
C PHE B 597 30.93 -44.49 -24.62
N LEU B 598 31.54 -45.44 -23.90
CA LEU B 598 31.45 -45.43 -22.44
C LEU B 598 32.03 -44.17 -21.85
N GLY B 599 33.09 -43.64 -22.46
CA GLY B 599 33.64 -42.37 -22.00
C GLY B 599 32.67 -41.22 -22.20
N GLU B 600 31.93 -41.25 -23.30
CA GLU B 600 30.96 -40.22 -23.61
C GLU B 600 29.58 -40.52 -23.02
N ARG B 601 29.51 -41.40 -22.03
CA ARG B 601 28.26 -41.74 -21.36
C ARG B 601 27.24 -42.30 -22.35
N ILE B 602 27.70 -43.09 -23.31
CA ILE B 602 26.85 -43.79 -24.26
C ILE B 602 26.98 -45.27 -23.99
N TYR B 603 25.87 -45.91 -23.63
CA TYR B 603 25.87 -47.32 -23.24
C TYR B 603 25.14 -48.10 -24.32
N LEU B 604 25.90 -48.81 -25.14
CA LEU B 604 25.36 -49.58 -26.25
C LEU B 604 25.23 -51.04 -25.82
N SER B 605 24.01 -51.57 -25.91
CA SER B 605 23.78 -52.96 -25.58
C SER B 605 24.39 -53.88 -26.65
N GLU B 606 24.87 -55.04 -26.21
CA GLU B 606 25.45 -56.00 -27.14
C GLU B 606 24.40 -56.48 -28.14
N ILE B 607 23.19 -56.79 -27.66
CA ILE B 607 22.12 -57.21 -28.54
C ILE B 607 20.93 -56.27 -28.38
N ASP B 608 20.36 -56.21 -27.18
CA ASP B 608 19.23 -55.34 -26.90
C ASP B 608 19.05 -55.29 -25.38
N LEU B 609 18.07 -54.50 -24.95
CA LEU B 609 17.82 -54.34 -23.52
C LEU B 609 17.36 -55.64 -22.88
N GLU B 610 16.53 -56.41 -23.59
CA GLU B 610 16.01 -57.65 -23.01
C GLU B 610 17.13 -58.63 -22.69
N ASN B 611 18.09 -58.77 -23.59
CA ASN B 611 19.21 -59.67 -23.32
C ASN B 611 20.06 -59.17 -22.16
N ASP B 612 20.27 -57.86 -22.08
CA ASP B 612 20.96 -57.29 -20.92
C ASP B 612 20.17 -57.53 -19.65
N LEU B 613 18.85 -57.39 -19.72
CA LEU B 613 18.01 -57.64 -18.56
C LEU B 613 18.09 -59.11 -18.14
N TYR B 614 18.15 -60.01 -19.11
CA TYR B 614 18.25 -61.43 -18.80
C TYR B 614 19.55 -61.75 -18.06
N SER B 615 20.64 -61.10 -18.45
CA SER B 615 21.90 -61.31 -17.75
C SER B 615 21.82 -60.85 -16.30
N ALA B 616 21.15 -59.73 -16.05
CA ALA B 616 21.06 -59.20 -14.70
C ALA B 616 20.17 -60.08 -13.82
N ILE B 617 19.00 -60.45 -14.31
CA ILE B 617 18.06 -61.29 -13.58
C ILE B 617 17.59 -62.38 -14.54
N GLY B 618 18.26 -63.52 -14.52
CA GLY B 618 17.88 -64.61 -15.40
C GLY B 618 16.92 -65.58 -14.74
N GLU B 619 17.28 -66.03 -13.53
CA GLU B 619 16.44 -66.99 -12.83
C GLU B 619 15.08 -66.39 -12.50
N SER B 620 15.08 -65.13 -12.03
CA SER B 620 13.81 -64.48 -11.72
C SER B 620 12.95 -64.30 -12.96
N MET B 621 13.56 -63.88 -14.06
CA MET B 621 12.78 -63.63 -15.27
C MET B 621 12.16 -64.91 -15.82
N LYS B 622 12.91 -66.01 -15.83
CA LYS B 622 12.37 -67.26 -16.31
C LYS B 622 11.40 -67.90 -15.32
N ARG B 623 11.50 -67.56 -14.04
CA ARG B 623 10.57 -68.11 -13.06
C ARG B 623 9.18 -67.51 -13.23
N ILE B 624 9.08 -66.20 -13.38
CA ILE B 624 7.78 -65.56 -13.47
C ILE B 624 7.19 -65.71 -14.86
N PHE B 625 8.02 -65.94 -15.86
CA PHE B 625 7.51 -66.18 -17.21
C PHE B 625 7.21 -67.65 -17.47
N GLU B 626 7.80 -68.56 -16.69
CA GLU B 626 7.57 -69.99 -16.83
C GLU B 626 7.81 -70.41 -18.28
N ASN B 627 8.88 -69.86 -18.85
CA ASN B 627 9.19 -70.07 -20.26
C ASN B 627 10.62 -70.53 -20.42
N GLU B 628 10.85 -71.39 -21.40
CA GLU B 628 12.19 -71.86 -21.69
C GLU B 628 13.10 -70.71 -22.12
N ASP B 629 12.56 -69.79 -22.93
CA ASP B 629 13.30 -68.62 -23.42
C ASP B 629 12.51 -67.39 -23.03
N PRO B 630 12.71 -66.85 -21.82
CA PRO B 630 11.99 -65.63 -21.42
C PRO B 630 12.30 -64.44 -22.31
N VAL B 631 13.50 -64.36 -22.86
CA VAL B 631 13.86 -63.24 -23.72
C VAL B 631 12.98 -63.22 -24.96
N HIS B 632 12.78 -64.38 -25.59
CA HIS B 632 11.94 -64.45 -26.77
C HIS B 632 10.50 -64.09 -26.43
N TYR B 633 10.00 -64.59 -25.31
CA TYR B 633 8.63 -64.27 -24.90
C TYR B 633 8.48 -62.79 -24.60
N LEU B 634 9.47 -62.21 -23.92
CA LEU B 634 9.40 -60.79 -23.57
C LEU B 634 9.39 -59.92 -24.83
N GLN B 635 10.04 -60.37 -25.90
CA GLN B 635 10.11 -59.59 -27.13
C GLN B 635 8.88 -59.77 -28.00
N LYS B 636 8.03 -60.76 -27.72
CA LYS B 636 6.88 -61.01 -28.57
C LYS B 636 5.88 -59.86 -28.51
N SER B 637 5.52 -59.45 -27.30
CA SER B 637 4.64 -58.29 -27.07
C SER B 637 5.36 -57.40 -26.06
N LYS B 638 6.13 -56.44 -26.58
CA LYS B 638 7.07 -55.71 -25.73
C LYS B 638 6.34 -54.95 -24.63
N LEU B 639 5.23 -54.30 -24.96
CA LEU B 639 4.57 -53.43 -23.98
C LEU B 639 3.86 -54.25 -22.91
N PHE B 640 3.13 -55.29 -23.30
CA PHE B 640 2.34 -56.03 -22.32
C PHE B 640 3.21 -56.97 -21.49
N ASN B 641 4.20 -57.61 -22.12
CA ASN B 641 5.05 -58.53 -21.37
C ASN B 641 5.96 -57.79 -20.40
N MET B 642 6.41 -56.59 -20.77
CA MET B 642 7.23 -55.80 -19.85
C MET B 642 6.42 -55.41 -18.62
N VAL B 643 5.15 -55.03 -18.81
CA VAL B 643 4.30 -54.70 -17.67
C VAL B 643 4.11 -55.91 -16.79
N GLU B 644 3.87 -57.08 -17.38
CA GLU B 644 3.72 -58.30 -16.60
C GLU B 644 5.00 -58.63 -15.84
N LEU B 645 6.15 -58.49 -16.50
CA LEU B 645 7.42 -58.73 -15.82
C LEU B 645 7.63 -57.72 -14.70
N VAL B 646 7.30 -56.46 -14.94
CA VAL B 646 7.50 -55.42 -13.93
C VAL B 646 6.61 -55.66 -12.72
N ASN B 647 5.39 -56.15 -12.95
CA ASN B 647 4.48 -56.42 -11.85
C ASN B 647 5.04 -57.49 -10.92
N ASN B 648 5.65 -58.53 -11.47
CA ASN B 648 6.14 -59.64 -10.67
C ASN B 648 7.56 -59.43 -10.17
N LEU B 649 8.21 -58.35 -10.54
CA LEU B 649 9.55 -58.09 -10.04
C LEU B 649 9.52 -57.75 -8.55
N SER B 650 10.51 -58.24 -7.83
CA SER B 650 10.65 -57.98 -6.40
C SER B 650 11.69 -56.90 -6.18
N THR B 651 11.81 -56.46 -4.92
CA THR B 651 12.78 -55.42 -4.60
C THR B 651 14.20 -55.88 -4.86
N LYS B 652 14.51 -57.14 -4.53
CA LYS B 652 15.86 -57.65 -4.75
C LYS B 652 16.22 -57.64 -6.23
N ASP B 653 15.29 -58.06 -7.10
CA ASP B 653 15.57 -58.05 -8.53
C ASP B 653 15.82 -56.63 -9.03
N CYS B 654 15.04 -55.66 -8.54
CA CYS B 654 15.26 -54.28 -8.95
C CYS B 654 16.64 -53.80 -8.53
N PHE B 655 17.10 -54.20 -7.34
CA PHE B 655 18.45 -53.83 -6.91
C PHE B 655 19.49 -54.59 -7.71
N ASP B 656 19.20 -55.82 -8.11
CA ASP B 656 20.12 -56.57 -8.96
C ASP B 656 20.31 -55.88 -10.30
N VAL B 657 19.22 -55.39 -10.88
CA VAL B 657 19.31 -54.66 -12.14
C VAL B 657 20.10 -53.36 -11.94
N PHE B 658 19.84 -52.66 -10.84
CA PHE B 658 20.49 -51.37 -10.60
C PHE B 658 22.00 -51.53 -10.46
N GLU B 659 22.44 -52.57 -9.75
CA GLU B 659 23.85 -52.77 -9.48
C GLU B 659 24.58 -53.52 -10.58
N HIS B 660 23.87 -53.99 -11.61
CA HIS B 660 24.52 -54.73 -12.67
C HIS B 660 25.38 -53.80 -13.53
N GLU B 661 26.39 -54.38 -14.17
CA GLU B 661 27.30 -53.59 -14.98
C GLU B 661 26.63 -53.08 -16.25
N LYS B 662 25.75 -53.89 -16.85
CA LYS B 662 25.08 -53.49 -18.08
C LYS B 662 24.22 -52.25 -17.86
N PHE B 663 23.51 -52.19 -16.74
CA PHE B 663 22.66 -51.05 -16.45
C PHE B 663 23.41 -49.99 -15.63
N ALA B 664 24.59 -49.62 -16.11
CA ALA B 664 25.34 -48.55 -15.47
C ALA B 664 24.73 -47.19 -15.72
N CYS B 665 23.89 -47.05 -16.75
CA CYS B 665 23.23 -45.79 -17.03
C CYS B 665 22.34 -45.35 -15.87
N LEU B 666 21.72 -46.31 -15.19
CA LEU B 666 20.87 -45.97 -14.06
C LEU B 666 21.67 -45.33 -12.94
N LYS B 667 22.87 -45.84 -12.67
CA LYS B 667 23.73 -45.22 -11.68
C LYS B 667 24.15 -43.82 -12.11
N GLU B 668 24.45 -43.64 -13.39
CA GLU B 668 24.82 -42.32 -13.88
C GLU B 668 23.66 -41.34 -13.78
N LEU B 669 22.45 -41.80 -14.11
CA LEU B 669 21.28 -40.93 -14.02
C LEU B 669 21.01 -40.51 -12.58
N VAL B 670 21.13 -41.45 -11.64
CA VAL B 670 20.88 -41.14 -10.24
C VAL B 670 21.92 -40.15 -9.72
N GLY B 671 23.15 -40.27 -10.19
CA GLY B 671 24.22 -39.39 -9.78
C GLY B 671 25.15 -39.93 -8.72
N SER B 672 25.03 -41.21 -8.38
CA SER B 672 25.89 -41.81 -7.37
C SER B 672 27.33 -41.95 -7.86
N VAL C 26 -16.76 15.17 47.79
CA VAL C 26 -18.13 15.12 47.27
C VAL C 26 -18.31 16.17 46.18
N ALA C 27 -18.63 15.71 44.96
CA ALA C 27 -18.83 16.59 43.83
C ALA C 27 -20.27 16.48 43.35
N GLY C 28 -20.95 17.62 43.28
CA GLY C 28 -22.33 17.64 42.84
C GLY C 28 -22.47 17.57 41.34
N GLN C 29 -23.71 17.33 40.90
CA GLN C 29 -23.99 17.26 39.47
C GLN C 29 -23.96 18.64 38.82
N ASP C 30 -24.29 19.68 39.59
CA ASP C 30 -24.32 21.05 39.07
C ASP C 30 -23.00 21.78 39.23
N GLY C 31 -21.97 21.12 39.74
CA GLY C 31 -20.66 21.73 39.94
C GLY C 31 -20.37 22.14 41.37
N SER C 32 -21.38 22.16 42.24
CA SER C 32 -21.15 22.49 43.64
C SER C 32 -20.32 21.41 44.31
N VAL C 33 -19.37 21.84 45.14
CA VAL C 33 -18.45 20.94 45.84
C VAL C 33 -18.65 21.11 47.33
N VAL C 34 -18.83 19.99 48.03
CA VAL C 34 -18.98 19.96 49.48
C VAL C 34 -17.87 19.11 50.07
N GLN C 35 -17.19 19.62 51.09
CA GLN C 35 -16.09 18.93 51.72
C GLN C 35 -16.56 18.29 53.01
N PHE C 36 -16.20 17.03 53.21
CA PHE C 36 -16.57 16.27 54.40
C PHE C 36 -15.33 15.60 54.97
N LYS C 37 -15.20 15.65 56.30
CA LYS C 37 -14.08 14.99 56.97
C LYS C 37 -14.23 13.48 56.88
N ILE C 38 -13.11 12.79 56.70
CA ILE C 38 -13.11 11.35 56.50
C ILE C 38 -12.40 10.68 57.68
N LYS C 39 -12.97 9.56 58.13
CA LYS C 39 -12.39 8.74 59.18
C LYS C 39 -11.88 7.43 58.59
N ARG C 40 -11.41 6.56 59.47
CA ARG C 40 -10.94 5.23 59.08
C ARG C 40 -11.86 4.17 59.66
N HIS C 41 -12.14 3.15 58.85
CA HIS C 41 -13.09 2.08 59.21
C HIS C 41 -14.46 2.68 59.56
N THR C 42 -15.04 3.38 58.58
CA THR C 42 -16.30 4.07 58.79
C THR C 42 -17.21 3.87 57.59
N PRO C 43 -18.45 3.48 57.80
CA PRO C 43 -19.40 3.35 56.68
C PRO C 43 -19.68 4.69 56.04
N LEU C 44 -19.97 4.65 54.74
CA LEU C 44 -20.29 5.86 53.99
C LEU C 44 -21.73 6.31 54.16
N SER C 45 -22.55 5.53 54.88
CA SER C 45 -23.97 5.88 55.02
C SER C 45 -24.15 7.20 55.75
N LYS C 46 -23.36 7.44 56.79
CA LYS C 46 -23.47 8.70 57.53
C LYS C 46 -23.13 9.89 56.64
N LEU C 47 -22.08 9.76 55.82
CA LEU C 47 -21.74 10.83 54.89
C LEU C 47 -22.84 11.05 53.87
N MET C 48 -23.43 9.96 53.37
CA MET C 48 -24.54 10.08 52.43
C MET C 48 -25.74 10.77 53.09
N LYS C 49 -26.05 10.40 54.34
CA LYS C 49 -27.15 11.03 55.04
C LYS C 49 -26.89 12.52 55.26
N ALA C 50 -25.65 12.88 55.61
CA ALA C 50 -25.31 14.28 55.82
C ALA C 50 -25.47 15.09 54.53
N TYR C 51 -25.02 14.53 53.40
CA TYR C 51 -25.17 15.22 52.13
C TYR C 51 -26.64 15.38 51.75
N CYS C 52 -27.44 14.34 51.99
CA CYS C 52 -28.87 14.42 51.69
C CYS C 52 -29.54 15.48 52.55
N GLU C 53 -29.18 15.55 53.83
CA GLU C 53 -29.76 16.57 54.70
C GLU C 53 -29.35 17.97 54.26
N ARG C 54 -28.10 18.13 53.82
CA ARG C 54 -27.64 19.42 53.32
C ARG C 54 -28.42 19.82 52.06
N GLN C 55 -28.66 18.86 51.17
CA GLN C 55 -29.40 19.14 49.94
C GLN C 55 -30.90 18.96 50.16
N MET C 59 -32.89 10.55 49.49
CA MET C 59 -31.73 9.67 49.65
C MET C 59 -31.83 8.48 48.71
N ARG C 60 -33.04 7.95 48.54
CA ARG C 60 -33.24 6.83 47.63
C ARG C 60 -32.97 7.23 46.19
N GLN C 61 -33.40 8.42 45.79
CA GLN C 61 -33.27 8.84 44.39
C GLN C 61 -31.82 9.10 44.03
N ILE C 62 -31.06 9.75 44.91
CA ILE C 62 -29.68 10.08 44.60
C ILE C 62 -28.83 8.82 44.61
N ARG C 63 -27.80 8.80 43.77
CA ARG C 63 -26.88 7.68 43.68
C ARG C 63 -25.45 8.19 43.85
N PHE C 64 -24.67 7.45 44.63
CA PHE C 64 -23.29 7.82 44.94
C PHE C 64 -22.34 6.87 44.23
N ARG C 65 -21.39 7.44 43.49
CA ARG C 65 -20.36 6.66 42.82
C ARG C 65 -19.00 7.28 43.07
N PHE C 66 -17.97 6.42 43.10
CA PHE C 66 -16.59 6.86 43.28
C PHE C 66 -15.74 6.26 42.18
N ASP C 67 -15.16 7.13 41.34
CA ASP C 67 -14.32 6.71 40.23
C ASP C 67 -15.05 5.73 39.30
N GLY C 68 -16.33 6.01 39.08
CA GLY C 68 -17.15 5.17 38.23
C GLY C 68 -17.73 3.94 38.88
N GLN C 69 -17.47 3.72 40.16
CA GLN C 69 -18.00 2.58 40.89
C GLN C 69 -18.94 3.06 41.99
N PRO C 70 -20.17 2.53 42.06
CA PRO C 70 -21.16 2.91 43.08
C PRO C 70 -20.67 2.68 44.50
N THR C 87 -12.96 12.72 46.45
CA THR C 87 -14.14 13.26 45.79
C THR C 87 -15.00 12.15 45.20
N ILE C 88 -16.30 12.22 45.46
CA ILE C 88 -17.27 11.24 44.96
C ILE C 88 -18.38 11.98 44.23
N ASP C 89 -18.69 11.52 43.02
CA ASP C 89 -19.77 12.10 42.24
C ASP C 89 -21.12 11.66 42.79
N VAL C 90 -22.14 12.46 42.51
CA VAL C 90 -23.50 12.19 42.96
C VAL C 90 -24.41 12.10 41.74
N PHE C 91 -25.64 11.66 41.98
CA PHE C 91 -26.66 11.57 40.95
C PHE C 91 -27.87 12.39 41.37
N GLN C 92 -28.43 13.14 40.42
CA GLN C 92 -29.53 14.05 40.68
C GLN C 92 -30.83 13.57 40.07
N GLN C 93 -31.08 12.26 40.15
CA GLN C 93 -32.24 11.57 39.57
C GLN C 93 -32.60 12.11 38.20
N GLN C 94 -33.84 12.60 38.04
CA GLN C 94 -34.36 13.03 36.75
C GLN C 94 -33.95 14.46 36.49
N THR C 95 -32.98 14.64 35.58
CA THR C 95 -32.60 15.97 35.12
C THR C 95 -32.66 16.02 33.59
N GLY C 96 -32.19 17.13 33.02
CA GLY C 96 -32.05 17.23 31.58
C GLY C 96 -30.65 16.88 31.15
N GLY C 97 -29.92 16.18 32.02
CA GLY C 97 -28.54 15.85 31.74
C GLY C 97 -28.39 14.85 30.61
N SER C 98 -27.15 14.70 30.18
CA SER C 98 -26.82 13.81 29.07
C SER C 98 -27.06 12.36 29.46
N LYS C 99 -27.31 11.53 28.44
CA LYS C 99 -27.39 10.10 28.68
C LYS C 99 -26.05 9.56 29.15
N PHE C 100 -24.96 10.00 28.52
CA PHE C 100 -23.63 9.51 28.87
C PHE C 100 -23.19 10.10 30.21
N SER C 101 -22.98 9.23 31.19
CA SER C 101 -22.57 9.68 32.52
C SER C 101 -21.05 9.68 32.64
N ASN C 102 -20.43 8.52 32.48
CA ASN C 102 -18.98 8.41 32.58
C ASN C 102 -18.53 7.14 31.91
N ILE C 103 -17.22 7.04 31.67
CA ILE C 103 -16.61 5.86 31.08
C ILE C 103 -15.41 5.46 31.92
N THR C 104 -15.27 4.16 32.16
CA THR C 104 -14.15 3.62 32.92
C THR C 104 -13.32 2.74 32.00
N ILE C 105 -12.01 2.96 31.99
CA ILE C 105 -11.07 2.20 31.18
C ILE C 105 -10.05 1.57 32.11
N LYS C 106 -9.87 0.26 32.01
CA LYS C 106 -8.95 -0.47 32.87
C LYS C 106 -8.03 -1.33 32.03
N ASN C 107 -6.73 -1.20 32.28
CA ASN C 107 -5.71 -2.07 31.70
C ASN C 107 -5.71 -2.04 30.17
N PHE C 108 -6.24 -0.97 29.58
CA PHE C 108 -6.26 -0.83 28.14
C PHE C 108 -5.14 0.12 27.72
N ARG C 109 -4.10 -0.42 27.11
CA ARG C 109 -2.96 0.36 26.63
C ARG C 109 -2.39 1.23 27.74
N ASN C 110 -2.43 2.55 27.54
CA ASN C 110 -1.91 3.48 28.54
C ASN C 110 -2.73 3.45 29.82
N PHE C 111 -4.05 3.35 29.70
CA PHE C 111 -4.96 3.54 30.81
C PHE C 111 -4.85 2.38 31.77
N GLU C 112 -4.12 2.57 32.87
CA GLU C 112 -4.11 1.55 33.93
C GLU C 112 -5.48 1.46 34.60
N LYS C 113 -6.02 2.60 35.03
CA LYS C 113 -7.38 2.66 35.56
C LYS C 113 -7.80 4.12 35.50
N VAL C 114 -8.74 4.44 34.63
CA VAL C 114 -9.13 5.82 34.37
C VAL C 114 -10.64 5.91 34.32
N ASN C 115 -11.21 6.85 35.05
CA ASN C 115 -12.64 7.13 35.02
C ASN C 115 -12.85 8.56 34.57
N ILE C 116 -13.61 8.75 33.51
CA ILE C 116 -13.82 10.06 32.89
C ILE C 116 -15.30 10.34 32.84
N ASN C 117 -15.72 11.47 33.39
CA ASN C 117 -17.10 11.90 33.23
C ASN C 117 -17.33 12.39 31.81
N LEU C 118 -18.58 12.27 31.36
CA LEU C 118 -18.91 12.54 29.97
C LEU C 118 -20.16 13.41 29.88
N ASP C 119 -20.45 13.84 28.66
CA ASP C 119 -21.68 14.56 28.34
C ASP C 119 -22.00 14.26 26.88
N ASN C 120 -23.04 14.91 26.36
CA ASN C 120 -23.39 14.73 24.96
C ASN C 120 -22.24 15.16 24.05
N LYS C 121 -21.72 16.36 24.26
CA LYS C 121 -20.59 16.88 23.51
C LYS C 121 -19.36 16.85 24.40
N ASN C 122 -18.31 16.17 23.94
CA ASN C 122 -17.10 16.00 24.71
C ASN C 122 -15.90 16.41 23.87
N VAL C 123 -15.01 17.20 24.45
CA VAL C 123 -13.78 17.62 23.79
C VAL C 123 -12.62 17.12 24.62
N ILE C 124 -11.71 16.38 24.00
CA ILE C 124 -10.54 15.84 24.68
C ILE C 124 -9.29 16.46 24.07
N PHE C 125 -8.43 17.00 24.94
CA PHE C 125 -7.22 17.68 24.52
C PHE C 125 -6.14 17.43 25.56
N GLY C 126 -4.92 17.77 25.20
CA GLY C 126 -3.81 17.62 26.13
C GLY C 126 -2.52 17.31 25.39
N MET C 127 -1.43 17.30 26.15
CA MET C 127 -0.13 17.05 25.57
C MET C 127 0.07 15.57 25.22
N ASN C 128 -0.56 14.67 25.97
CA ASN C 128 -0.38 13.23 25.78
C ASN C 128 -1.18 12.80 24.56
N ASP C 129 -0.50 12.77 23.41
CA ASP C 129 -1.18 12.44 22.17
C ASP C 129 -1.64 10.99 22.14
N ILE C 130 -0.83 10.08 22.68
CA ILE C 130 -1.20 8.67 22.71
C ILE C 130 -2.43 8.47 23.58
N GLY C 131 -2.50 9.15 24.72
CA GLY C 131 -3.66 9.04 25.57
C GLY C 131 -4.94 9.50 24.89
N LYS C 132 -4.86 10.58 24.12
CA LYS C 132 -6.04 11.07 23.40
C LYS C 132 -6.47 10.08 22.33
N THR C 133 -5.51 9.53 21.59
CA THR C 133 -5.86 8.56 20.54
C THR C 133 -6.44 7.29 21.13
N ASN C 134 -5.82 6.78 22.19
CA ASN C 134 -6.30 5.54 22.80
C ASN C 134 -7.67 5.71 23.44
N PHE C 135 -7.97 6.90 23.95
CA PHE C 135 -9.30 7.14 24.49
C PHE C 135 -10.36 7.01 23.40
N LEU C 136 -10.09 7.55 22.22
CA LEU C 136 -11.02 7.42 21.11
C LEU C 136 -11.14 5.97 20.67
N TYR C 137 -10.04 5.23 20.69
CA TYR C 137 -10.08 3.81 20.32
C TYR C 137 -10.88 3.00 21.31
N ALA C 138 -10.78 3.33 22.59
CA ALA C 138 -11.58 2.63 23.60
C ALA C 138 -13.06 2.80 23.33
N LEU C 139 -13.47 3.98 22.86
CA LEU C 139 -14.85 4.19 22.49
C LEU C 139 -15.22 3.38 21.26
N ARG C 140 -14.31 3.31 20.28
CA ARG C 140 -14.58 2.53 19.07
C ARG C 140 -14.70 1.05 19.38
N PHE C 141 -13.81 0.53 20.24
CA PHE C 141 -13.89 -0.89 20.59
C PHE C 141 -15.22 -1.21 21.26
N LEU C 142 -15.71 -0.31 22.10
CA LEU C 142 -16.95 -0.56 22.80
C LEU C 142 -18.15 -0.48 21.87
N LEU C 143 -18.18 0.52 20.98
CA LEU C 143 -19.39 0.83 20.23
C LEU C 143 -19.31 0.53 18.73
N ASP C 144 -18.11 0.53 18.16
CA ASP C 144 -17.98 0.33 16.72
C ASP C 144 -17.78 -1.15 16.42
N LYS C 145 -18.65 -1.70 15.57
CA LYS C 145 -18.56 -3.11 15.22
C LYS C 145 -17.30 -3.41 14.43
N GLU C 146 -16.90 -2.51 13.53
CA GLU C 146 -15.77 -2.78 12.65
C GLU C 146 -14.47 -2.88 13.43
N ILE C 147 -14.27 -2.00 14.41
CA ILE C 147 -13.07 -2.08 15.24
C ILE C 147 -13.12 -3.29 16.15
N ARG C 148 -14.29 -3.57 16.71
CA ARG C 148 -14.40 -4.63 17.71
C ARG C 148 -14.15 -6.01 17.13
N LYS C 149 -14.48 -6.24 15.86
CA LYS C 149 -14.41 -7.57 15.28
C LYS C 149 -12.97 -8.09 15.20
N PHE C 150 -11.98 -7.22 15.33
CA PHE C 150 -10.59 -7.65 15.22
C PHE C 150 -10.01 -8.18 16.53
N GLY C 151 -10.71 -8.01 17.64
CA GLY C 151 -10.21 -8.50 18.91
C GLY C 151 -9.06 -7.64 19.42
N PHE C 152 -8.50 -8.08 20.54
CA PHE C 152 -7.41 -7.39 21.19
C PHE C 152 -6.11 -8.13 20.96
N ASN C 153 -5.07 -7.40 20.56
CA ASN C 153 -3.74 -7.98 20.43
C ASN C 153 -3.07 -8.04 21.79
N LYS C 154 -1.83 -8.53 21.81
CA LYS C 154 -1.05 -8.48 23.04
C LYS C 154 -0.68 -7.04 23.40
N SER C 155 -0.48 -6.19 22.39
CA SER C 155 -0.11 -4.80 22.63
C SER C 155 -1.23 -4.00 23.27
N ASP C 156 -2.49 -4.41 23.08
CA ASP C 156 -3.61 -3.65 23.61
C ASP C 156 -3.75 -3.78 25.11
N TYR C 157 -3.00 -4.67 25.74
CA TYR C 157 -3.05 -4.81 27.19
C TYR C 157 -2.05 -3.88 27.84
N HIS C 158 -2.39 -3.40 29.03
CA HIS C 158 -1.53 -2.46 29.72
C HIS C 158 -0.19 -3.10 30.05
N LYS C 159 0.89 -2.40 29.70
CA LYS C 159 2.26 -2.87 29.88
C LYS C 159 2.49 -4.21 29.20
N HIS C 160 1.68 -4.53 28.19
CA HIS C 160 1.71 -5.82 27.50
C HIS C 160 1.51 -6.98 28.46
N ASP C 161 0.90 -6.73 29.62
CA ASP C 161 0.65 -7.75 30.63
C ASP C 161 -0.70 -8.39 30.33
N THR C 162 -0.67 -9.51 29.61
CA THR C 162 -1.90 -10.19 29.24
C THR C 162 -2.59 -10.86 30.41
N SER C 163 -1.92 -10.98 31.55
CA SER C 163 -2.57 -11.57 32.72
C SER C 163 -3.69 -10.70 33.24
N LYS C 164 -3.64 -9.40 32.96
CA LYS C 164 -4.66 -8.48 33.43
C LYS C 164 -5.82 -8.42 32.44
N LYS C 165 -6.99 -8.09 32.96
CA LYS C 165 -8.22 -8.10 32.18
C LYS C 165 -8.58 -6.69 31.73
N ILE C 166 -8.79 -6.53 30.43
CA ILE C 166 -9.20 -5.23 29.88
C ILE C 166 -10.67 -5.02 30.18
N GLU C 167 -11.00 -3.86 30.72
CA GLU C 167 -12.37 -3.49 31.03
C GLU C 167 -12.65 -2.09 30.54
N ILE C 168 -13.75 -1.94 29.80
CA ILE C 168 -14.20 -0.64 29.32
C ILE C 168 -15.70 -0.57 29.61
N ILE C 169 -16.08 0.23 30.60
CA ILE C 169 -17.45 0.32 31.06
C ILE C 169 -17.98 1.71 30.79
N LEU C 170 -19.10 1.80 30.09
CA LEU C 170 -19.78 3.06 29.84
C LEU C 170 -21.07 3.09 30.63
N THR C 171 -21.26 4.14 31.41
CA THR C 171 -22.45 4.32 32.22
C THR C 171 -23.38 5.31 31.55
N LEU C 172 -24.65 4.94 31.43
CA LEU C 172 -25.64 5.77 30.77
C LEU C 172 -26.73 6.18 31.76
N ASP C 173 -27.39 7.28 31.47
CA ASP C 173 -28.48 7.79 32.28
C ASP C 173 -29.78 7.70 31.49
N LEU C 174 -30.77 7.02 32.08
CA LEU C 174 -32.07 6.84 31.43
C LEU C 174 -33.19 7.52 32.20
N SER C 175 -32.86 8.49 33.05
CA SER C 175 -33.87 9.14 33.87
C SER C 175 -34.88 9.90 33.03
N ASN C 176 -34.41 10.63 32.02
CA ASN C 176 -35.30 11.43 31.17
C ASN C 176 -35.87 10.57 30.03
N TYR C 177 -36.50 9.47 30.44
CA TYR C 177 -37.04 8.53 29.45
C TYR C 177 -38.17 9.15 28.64
N GLU C 178 -39.08 9.87 29.31
CA GLU C 178 -40.28 10.34 28.64
C GLU C 178 -40.02 11.49 27.69
N LYS C 179 -38.99 12.30 27.96
CA LYS C 179 -38.72 13.47 27.14
C LYS C 179 -37.68 13.23 26.05
N ASP C 180 -36.86 12.20 26.19
CA ASP C 180 -35.77 11.94 25.26
C ASP C 180 -36.12 10.75 24.38
N GLU C 181 -36.09 10.96 23.06
CA GLU C 181 -36.37 9.87 22.14
C GLU C 181 -35.22 8.88 22.03
N ASP C 182 -33.98 9.36 22.19
CA ASP C 182 -32.84 8.46 22.10
C ASP C 182 -32.80 7.48 23.26
N THR C 183 -33.31 7.89 24.42
CA THR C 183 -33.45 6.94 25.52
C THR C 183 -34.42 5.83 25.16
N LYS C 184 -35.52 6.17 24.50
CA LYS C 184 -36.48 5.16 24.06
C LYS C 184 -35.85 4.21 23.05
N LYS C 185 -34.95 4.72 22.21
CA LYS C 185 -34.24 3.85 21.27
C LYS C 185 -33.42 2.80 22.01
N LEU C 186 -32.75 3.21 23.10
CA LEU C 186 -31.89 2.29 23.81
C LEU C 186 -32.69 1.23 24.56
N ILE C 187 -33.72 1.65 25.29
CA ILE C 187 -34.43 0.70 26.14
C ILE C 187 -35.31 -0.22 25.31
N SER C 188 -35.62 0.16 24.07
CA SER C 188 -36.36 -0.74 23.20
C SER C 188 -35.52 -1.94 22.81
N VAL C 189 -34.23 -1.72 22.56
CA VAL C 189 -33.34 -2.82 22.23
C VAL C 189 -33.00 -3.63 23.48
N VAL C 190 -32.80 -2.94 24.60
CA VAL C 190 -32.31 -3.61 25.81
C VAL C 190 -33.31 -4.64 26.33
N LYS C 191 -34.60 -4.28 26.33
CA LYS C 191 -35.68 -5.18 26.71
C LYS C 191 -35.52 -5.55 28.19
N GLY C 192 -35.29 -6.80 28.54
CA GLY C 192 -35.34 -7.25 29.91
C GLY C 192 -34.05 -7.19 30.69
N ALA C 193 -32.99 -6.60 30.14
CA ALA C 193 -31.74 -6.51 30.87
C ALA C 193 -31.80 -5.49 32.00
N ARG C 194 -32.82 -4.65 32.04
CA ARG C 194 -32.96 -3.64 33.06
C ARG C 194 -33.73 -4.18 34.27
N THR C 195 -33.71 -3.42 35.35
CA THR C 195 -34.48 -3.71 36.54
C THR C 195 -35.22 -2.45 36.97
N SER C 196 -36.43 -2.65 37.51
CA SER C 196 -37.25 -1.50 37.89
C SER C 196 -36.59 -0.67 38.98
N ALA C 197 -35.81 -1.31 39.86
CA ALA C 197 -35.13 -0.58 40.92
C ALA C 197 -34.09 0.38 40.34
N ASN C 198 -33.35 -0.06 39.33
CA ASN C 198 -32.28 0.72 38.72
C ASN C 198 -32.69 1.23 37.34
N ALA C 199 -33.95 1.64 37.20
CA ALA C 199 -34.46 2.06 35.90
C ALA C 199 -33.79 3.32 35.37
N ASP C 200 -33.05 4.04 36.22
CA ASP C 200 -32.43 5.28 35.78
C ASP C 200 -31.04 5.08 35.21
N VAL C 201 -30.31 4.07 35.67
CA VAL C 201 -28.93 3.85 35.28
C VAL C 201 -28.86 2.64 34.35
N PHE C 202 -27.78 2.60 33.58
CA PHE C 202 -27.52 1.47 32.69
C PHE C 202 -26.04 1.41 32.39
N TYR C 203 -25.52 0.19 32.23
CA TYR C 203 -24.11 -0.03 31.98
C TYR C 203 -23.92 -0.84 30.72
N ILE C 204 -22.92 -0.46 29.93
CA ILE C 204 -22.47 -1.24 28.78
C ILE C 204 -21.00 -1.53 29.00
N ALA C 205 -20.67 -2.80 29.21
CA ALA C 205 -19.32 -3.18 29.61
C ALA C 205 -18.66 -4.02 28.52
N LEU C 206 -17.39 -3.76 28.31
CA LEU C 206 -16.55 -4.56 27.43
C LEU C 206 -15.52 -5.29 28.28
N GLU C 207 -15.45 -6.60 28.12
CA GLU C 207 -14.56 -7.44 28.91
C GLU C 207 -13.71 -8.28 27.98
N SER C 208 -12.44 -8.48 28.34
CA SER C 208 -11.54 -9.24 27.50
C SER C 208 -10.43 -9.84 28.34
N LYS C 209 -10.27 -11.16 28.26
CA LYS C 209 -9.17 -11.88 28.86
C LYS C 209 -8.36 -12.54 27.77
N TYR C 210 -7.05 -12.34 27.77
CA TYR C 210 -6.21 -12.90 26.72
C TYR C 210 -6.16 -14.42 26.83
N ASP C 211 -6.11 -15.06 25.68
CA ASP C 211 -5.98 -16.51 25.59
C ASP C 211 -4.57 -16.84 25.13
N ASP C 212 -3.70 -17.20 26.07
CA ASP C 212 -2.32 -17.50 25.74
C ASP C 212 -2.20 -18.71 24.82
N LYS C 213 -3.13 -19.65 24.92
CA LYS C 213 -3.10 -20.81 24.03
C LYS C 213 -3.32 -20.39 22.57
N GLU C 214 -4.28 -19.50 22.33
CA GLU C 214 -4.65 -19.12 20.97
C GLU C 214 -4.02 -17.80 20.52
N LEU C 215 -3.27 -17.13 21.40
CA LEU C 215 -2.67 -15.83 21.09
C LEU C 215 -3.73 -14.84 20.60
N TYR C 216 -4.86 -14.81 21.31
CA TYR C 216 -6.00 -14.01 20.89
C TYR C 216 -6.72 -13.47 22.12
N GLY C 217 -7.17 -12.22 22.00
CA GLY C 217 -7.99 -11.62 23.04
C GLY C 217 -9.41 -11.41 22.57
N ASN C 218 -10.36 -12.11 23.19
CA ASN C 218 -11.75 -12.09 22.77
C ASN C 218 -12.48 -10.99 23.49
N ILE C 219 -13.23 -10.18 22.74
CA ILE C 219 -14.02 -9.10 23.31
C ILE C 219 -15.43 -9.61 23.55
N ILE C 220 -15.88 -9.54 24.80
CA ILE C 220 -17.22 -9.97 25.18
C ILE C 220 -17.95 -8.77 25.75
N LEU C 221 -19.10 -8.44 25.16
CA LEU C 221 -19.88 -7.29 25.57
C LEU C 221 -20.99 -7.72 26.52
N LYS C 222 -21.13 -7.00 27.62
CA LYS C 222 -22.20 -7.23 28.58
C LYS C 222 -22.92 -5.93 28.84
N TRP C 223 -24.18 -6.04 29.30
CA TRP C 223 -24.92 -4.85 29.66
C TRP C 223 -25.95 -5.20 30.73
N GLY C 224 -26.49 -4.17 31.35
CA GLY C 224 -27.49 -4.36 32.39
C GLY C 224 -27.54 -3.16 33.29
N SER C 225 -28.59 -3.13 34.11
CA SER C 225 -28.78 -2.02 35.03
C SER C 225 -27.94 -2.16 36.29
N GLU C 226 -27.59 -3.39 36.67
CA GLU C 226 -26.79 -3.63 37.86
C GLU C 226 -25.36 -3.96 37.45
N LEU C 227 -24.40 -3.24 38.02
CA LEU C 227 -23.01 -3.42 37.61
C LEU C 227 -22.44 -4.76 38.07
N ASP C 228 -22.92 -5.27 39.21
CA ASP C 228 -22.37 -6.52 39.74
C ASP C 228 -22.65 -7.69 38.80
N ASN C 229 -23.86 -7.78 38.26
CA ASN C 229 -24.21 -8.85 37.33
C ASN C 229 -24.70 -8.23 36.02
N LEU C 230 -23.98 -8.51 34.95
CA LEU C 230 -24.34 -8.05 33.61
C LEU C 230 -24.45 -9.26 32.71
N ILE C 231 -25.49 -9.28 31.90
CA ILE C 231 -25.71 -10.38 30.96
C ILE C 231 -25.05 -10.04 29.64
N ASP C 232 -24.69 -11.06 28.88
CA ASP C 232 -24.08 -10.84 27.58
C ASP C 232 -25.09 -10.23 26.62
N ILE C 233 -24.62 -9.30 25.79
CA ILE C 233 -25.48 -8.67 24.79
C ILE C 233 -25.85 -9.73 23.78
N PRO C 234 -27.14 -10.01 23.57
CA PRO C 234 -27.52 -11.02 22.60
C PRO C 234 -27.16 -10.62 21.18
N GLY C 235 -26.86 -11.61 20.36
CA GLY C 235 -26.49 -11.35 18.99
C GLY C 235 -26.49 -12.63 18.17
N ARG C 236 -26.58 -12.46 16.87
CA ARG C 236 -26.58 -13.57 15.92
C ARG C 236 -25.48 -13.33 14.90
N GLY C 237 -24.55 -14.26 14.79
CA GLY C 237 -23.48 -14.10 13.83
C GLY C 237 -22.55 -12.98 14.21
N ASN C 238 -22.33 -12.06 13.28
CA ASN C 238 -21.36 -10.99 13.50
C ASN C 238 -21.94 -9.83 14.29
N ILE C 239 -23.25 -9.60 14.16
CA ILE C 239 -23.88 -8.45 14.79
C ILE C 239 -24.47 -8.85 16.13
N ASN C 240 -24.67 -7.85 16.99
CA ASN C 240 -25.33 -8.05 18.27
C ASN C 240 -26.37 -6.95 18.44
N ALA C 241 -27.13 -7.03 19.53
CA ALA C 241 -28.22 -6.08 19.75
C ALA C 241 -27.71 -4.65 19.88
N LEU C 242 -26.48 -4.47 20.37
CA LEU C 242 -25.95 -3.13 20.54
C LEU C 242 -25.72 -2.44 19.22
N ASP C 243 -25.35 -3.18 18.18
CA ASP C 243 -25.07 -2.57 16.89
C ASP C 243 -26.33 -2.00 16.24
N ASN C 244 -27.51 -2.41 16.68
CA ASN C 244 -28.74 -1.86 16.14
C ASN C 244 -29.05 -0.47 16.67
N VAL C 245 -28.60 -0.15 17.88
CA VAL C 245 -28.96 1.12 18.49
C VAL C 245 -27.88 2.18 18.32
N PHE C 246 -26.61 1.80 18.34
CA PHE C 246 -25.51 2.75 18.31
C PHE C 246 -24.87 2.77 16.92
N LYS C 247 -24.67 3.96 16.39
CA LYS C 247 -23.98 4.16 15.12
C LYS C 247 -22.82 5.11 15.37
N VAL C 248 -21.61 4.66 15.10
CA VAL C 248 -20.41 5.46 15.31
C VAL C 248 -19.91 5.92 13.95
N ILE C 249 -19.87 7.23 13.75
CA ILE C 249 -19.35 7.82 12.51
C ILE C 249 -18.01 8.45 12.83
N TYR C 250 -16.96 7.88 12.27
CA TYR C 250 -15.59 8.32 12.53
C TYR C 250 -15.18 9.29 11.43
N ILE C 251 -15.11 10.57 11.76
CA ILE C 251 -14.73 11.60 10.79
C ILE C 251 -13.22 11.75 10.90
N ASN C 252 -12.51 11.04 10.04
CA ASN C 252 -11.07 11.16 9.98
C ASN C 252 -10.68 12.56 9.48
N PRO C 253 -9.52 13.07 9.92
CA PRO C 253 -9.17 14.46 9.56
C PRO C 253 -9.10 14.70 8.06
N LEU C 254 -8.64 13.70 7.30
CA LEU C 254 -8.55 13.80 5.85
C LEU C 254 -9.40 12.71 5.22
N VAL C 255 -10.34 13.12 4.38
CA VAL C 255 -11.24 12.18 3.70
C VAL C 255 -11.39 12.62 2.25
N ASP C 256 -11.64 11.64 1.39
CA ASP C 256 -11.90 11.91 -0.01
C ASP C 256 -13.39 12.18 -0.18
N LEU C 257 -13.71 13.33 -0.78
CA LEU C 257 -15.11 13.72 -0.93
C LEU C 257 -15.88 12.72 -1.79
N ASP C 258 -15.37 12.42 -2.98
CA ASP C 258 -16.06 11.51 -3.86
C ASP C 258 -16.19 10.13 -3.25
N LYS C 259 -15.21 9.72 -2.44
CA LYS C 259 -15.35 8.49 -1.67
C LYS C 259 -16.56 8.60 -0.75
N LEU C 260 -16.65 9.69 0.01
CA LEU C 260 -17.74 9.87 0.96
C LEU C 260 -19.09 9.92 0.24
N PHE C 261 -19.17 10.63 -0.89
CA PHE C 261 -20.42 10.72 -1.61
C PHE C 261 -20.80 9.39 -2.24
N ALA C 262 -19.81 8.55 -2.56
CA ALA C 262 -20.08 7.31 -3.27
C ALA C 262 -21.01 6.39 -2.46
N GLN C 263 -20.66 6.14 -1.21
CA GLN C 263 -21.47 5.22 -0.41
C GLN C 263 -22.83 5.82 -0.08
N ASN C 264 -22.86 7.10 0.26
CA ASN C 264 -24.11 7.72 0.71
C ASN C 264 -25.06 8.04 -0.43
N LYS C 265 -24.56 8.14 -1.67
CA LYS C 265 -25.44 8.47 -2.78
C LYS C 265 -26.48 7.38 -3.01
N LYS C 266 -26.17 6.14 -2.64
CA LYS C 266 -27.14 5.07 -2.77
C LYS C 266 -28.37 5.36 -1.92
N TYR C 267 -28.17 5.67 -0.64
CA TYR C 267 -29.29 5.92 0.25
C TYR C 267 -30.03 7.19 -0.14
N ILE C 268 -29.29 8.23 -0.53
CA ILE C 268 -29.87 9.57 -0.67
C ILE C 268 -31.01 9.56 -1.67
N PHE C 269 -30.86 8.83 -2.77
CA PHE C 269 -31.87 8.85 -3.81
C PHE C 269 -32.96 7.80 -3.61
N GLU C 270 -32.63 6.63 -3.08
CA GLU C 270 -33.65 5.61 -2.90
C GLU C 270 -34.64 5.98 -1.81
N GLU C 271 -34.20 6.72 -0.79
CA GLU C 271 -35.09 7.07 0.32
C GLU C 271 -36.18 8.04 -0.13
N SER C 272 -35.86 8.96 -1.03
CA SER C 272 -36.84 9.93 -1.46
C SER C 272 -37.88 9.29 -2.37
N GLN C 273 -39.07 9.89 -2.38
CA GLN C 273 -40.17 9.37 -3.17
C GLN C 273 -39.96 9.67 -4.65
N GLY C 274 -40.38 8.73 -5.50
CA GLY C 274 -40.29 8.93 -6.94
C GLY C 274 -41.64 9.01 -7.61
N ASN C 275 -41.98 10.19 -8.12
CA ASN C 275 -43.27 10.38 -8.78
C ASN C 275 -43.21 9.87 -10.21
N GLU C 276 -44.35 9.95 -10.91
CA GLU C 276 -44.42 9.43 -12.27
C GLU C 276 -43.57 10.25 -13.23
N SER C 277 -43.51 11.57 -13.03
CA SER C 277 -42.70 12.41 -13.91
C SER C 277 -41.23 12.06 -13.81
N ASP C 278 -40.74 11.81 -12.58
CA ASP C 278 -39.36 11.38 -12.41
C ASP C 278 -39.13 10.02 -13.07
N GLU C 279 -40.12 9.15 -13.00
CA GLU C 279 -39.99 7.84 -13.64
C GLU C 279 -39.83 7.98 -15.15
N GLY C 280 -40.59 8.90 -15.76
CA GLY C 280 -40.44 9.14 -17.19
C GLY C 280 -39.07 9.67 -17.55
N ILE C 281 -38.55 10.58 -16.71
CA ILE C 281 -37.20 11.10 -16.94
C ILE C 281 -36.17 10.00 -16.77
N LEU C 282 -36.37 9.13 -15.78
CA LEU C 282 -35.44 8.02 -15.56
C LEU C 282 -35.38 7.11 -16.77
N ASN C 283 -36.56 6.78 -17.33
CA ASN C 283 -36.58 5.94 -18.52
C ASN C 283 -35.99 6.66 -19.72
N ASN C 284 -36.23 7.98 -19.82
CA ASN C 284 -35.70 8.74 -20.93
C ASN C 284 -34.18 8.77 -20.91
N ILE C 285 -33.59 8.89 -19.72
CA ILE C 285 -32.13 8.89 -19.60
C ILE C 285 -31.56 7.56 -20.05
N LYS C 286 -32.20 6.45 -19.65
CA LYS C 286 -31.73 5.14 -20.05
C LYS C 286 -31.73 5.00 -21.57
N SER C 287 -32.74 5.55 -22.23
CA SER C 287 -32.75 5.55 -23.69
C SER C 287 -31.60 6.38 -24.25
N LEU C 288 -31.32 7.53 -23.64
CA LEU C 288 -30.24 8.38 -24.11
C LEU C 288 -28.90 7.70 -24.00
N THR C 289 -28.64 7.04 -22.87
CA THR C 289 -27.37 6.34 -22.69
C THR C 289 -27.26 5.16 -23.64
N ASP C 290 -28.36 4.46 -23.89
CA ASP C 290 -28.35 3.37 -24.86
C ASP C 290 -28.00 3.89 -26.24
N GLN C 291 -28.54 5.04 -26.62
CA GLN C 291 -28.21 5.61 -27.92
C GLN C 291 -26.75 6.02 -27.98
N VAL C 292 -26.18 6.45 -26.85
CA VAL C 292 -24.76 6.81 -26.83
C VAL C 292 -23.91 5.60 -27.14
N ASN C 293 -24.22 4.46 -26.52
CA ASN C 293 -23.48 3.24 -26.80
C ASN C 293 -23.68 2.79 -28.23
N GLN C 294 -24.91 2.93 -28.75
CA GLN C 294 -25.16 2.57 -30.14
C GLN C 294 -24.38 3.46 -31.09
N GLN C 295 -24.30 4.76 -30.80
CA GLN C 295 -23.56 5.67 -31.67
C GLN C 295 -22.06 5.40 -31.62
N ILE C 296 -21.55 4.97 -30.46
CA ILE C 296 -20.13 4.63 -30.36
C ILE C 296 -19.81 3.48 -31.30
N GLY C 297 -20.68 2.46 -31.33
CA GLY C 297 -20.46 1.33 -32.21
C GLY C 297 -20.59 1.65 -33.68
N GLU C 298 -21.13 2.81 -34.02
CA GLU C 298 -21.30 3.21 -35.41
C GLU C 298 -20.08 3.93 -35.98
N MET C 299 -19.10 4.26 -35.16
CA MET C 299 -17.91 4.93 -35.66
C MET C 299 -17.04 3.98 -36.45
N THR C 300 -16.36 4.52 -37.46
CA THR C 300 -15.47 3.71 -38.28
C THR C 300 -14.25 3.27 -37.50
N ILE C 301 -13.61 4.20 -36.78
CA ILE C 301 -12.40 3.86 -36.06
C ILE C 301 -12.70 2.91 -34.91
N ILE C 302 -13.86 3.04 -34.29
CA ILE C 302 -14.26 2.11 -33.24
C ILE C 302 -14.59 0.75 -33.84
N LYS C 303 -15.34 0.76 -34.95
CA LYS C 303 -15.67 -0.50 -35.61
C LYS C 303 -14.43 -1.17 -36.15
N GLY C 304 -13.48 -0.39 -36.68
CA GLY C 304 -12.26 -0.97 -37.19
C GLY C 304 -11.44 -1.66 -36.12
N PHE C 305 -11.30 -1.01 -34.96
CA PHE C 305 -10.49 -1.59 -33.90
C PHE C 305 -11.13 -2.85 -33.34
N GLN C 306 -12.41 -2.79 -33.01
CA GLN C 306 -13.05 -3.93 -32.35
C GLN C 306 -13.21 -5.11 -33.31
N GLN C 307 -13.22 -4.85 -34.62
CA GLN C 307 -13.27 -5.94 -35.58
C GLN C 307 -11.95 -6.69 -35.62
N GLU C 308 -10.83 -5.95 -35.68
CA GLU C 308 -9.53 -6.60 -35.80
C GLU C 308 -9.09 -7.18 -34.46
N ILE C 309 -9.41 -6.52 -33.35
CA ILE C 309 -9.06 -7.07 -32.05
C ILE C 309 -9.84 -8.35 -31.79
N THR C 310 -11.04 -8.46 -32.38
CA THR C 310 -11.75 -9.74 -32.33
C THR C 310 -10.99 -10.81 -33.08
N SER C 311 -10.49 -10.47 -34.28
CA SER C 311 -9.70 -11.42 -35.05
C SER C 311 -8.43 -11.82 -34.31
N GLU C 312 -7.77 -10.85 -33.67
CA GLU C 312 -6.58 -11.16 -32.88
C GLU C 312 -6.92 -12.12 -31.75
N TYR C 313 -8.05 -11.88 -31.07
CA TYR C 313 -8.47 -12.80 -30.01
C TYR C 313 -8.83 -14.16 -30.56
N ARG C 314 -9.52 -14.21 -31.70
CA ARG C 314 -9.89 -15.48 -32.28
C ARG C 314 -8.66 -16.28 -32.70
N SER C 315 -7.65 -15.60 -33.26
CA SER C 315 -6.41 -16.28 -33.60
C SER C 315 -5.72 -16.80 -32.34
N LEU C 316 -5.80 -16.04 -31.24
CA LEU C 316 -5.23 -16.51 -29.98
C LEU C 316 -5.90 -17.79 -29.51
N LYS C 317 -7.24 -17.82 -29.55
CA LYS C 317 -8.00 -18.96 -29.06
C LYS C 317 -9.26 -19.09 -29.88
N LYS C 318 -9.54 -20.31 -30.34
CA LYS C 318 -10.73 -20.57 -31.17
C LYS C 318 -11.97 -20.57 -30.30
N GLU C 319 -12.31 -19.38 -29.81
CA GLU C 319 -13.52 -19.14 -29.03
C GLU C 319 -14.45 -18.24 -29.82
N GLU C 320 -15.75 -18.54 -29.78
CA GLU C 320 -16.74 -17.79 -30.55
C GLU C 320 -17.23 -16.61 -29.71
N VAL C 321 -16.39 -15.57 -29.66
CA VAL C 321 -16.71 -14.35 -28.93
C VAL C 321 -16.45 -13.16 -29.83
N SER C 322 -17.00 -12.02 -29.43
CA SER C 322 -16.76 -10.75 -30.09
C SER C 322 -16.40 -9.70 -29.05
N ILE C 323 -15.58 -8.74 -29.46
CA ILE C 323 -15.10 -7.69 -28.56
C ILE C 323 -15.74 -6.38 -28.97
N GLU C 324 -16.33 -5.68 -28.01
CA GLU C 324 -17.01 -4.43 -28.27
C GLU C 324 -16.50 -3.36 -27.31
N LEU C 325 -16.48 -2.13 -27.78
CA LEU C 325 -16.09 -0.97 -26.98
C LEU C 325 -17.34 -0.20 -26.62
N LYS C 326 -17.71 -0.24 -25.35
CA LYS C 326 -18.87 0.48 -24.84
C LYS C 326 -18.44 1.39 -23.70
N SER C 327 -19.10 2.53 -23.59
CA SER C 327 -18.86 3.41 -22.46
C SER C 327 -19.36 2.75 -21.19
N GLU C 328 -18.53 2.83 -20.14
CA GLU C 328 -18.88 2.16 -18.89
C GLU C 328 -20.14 2.75 -18.28
N MET C 329 -20.26 4.08 -18.28
CA MET C 329 -21.44 4.71 -17.69
C MET C 329 -22.70 4.30 -18.43
N ALA C 330 -22.65 4.26 -19.76
CA ALA C 330 -23.81 3.87 -20.54
C ALA C 330 -24.23 2.43 -20.30
N ILE C 331 -23.34 1.61 -19.76
CA ILE C 331 -23.68 0.22 -19.43
C ILE C 331 -24.21 0.11 -18.01
N LYS C 332 -23.52 0.71 -17.04
CA LYS C 332 -23.96 0.64 -15.65
C LYS C 332 -25.15 1.56 -15.39
N GLY C 333 -25.24 2.68 -16.09
CA GLY C 333 -26.27 3.65 -15.83
C GLY C 333 -25.70 4.96 -15.32
N PHE C 334 -26.46 6.05 -15.47
CA PHE C 334 -25.96 7.35 -15.05
C PHE C 334 -25.70 7.40 -13.55
N PHE C 335 -26.44 6.60 -12.77
CA PHE C 335 -26.27 6.59 -11.33
C PHE C 335 -24.89 6.13 -10.91
N SER C 336 -24.20 5.36 -11.75
CA SER C 336 -22.95 4.74 -11.33
C SER C 336 -21.86 5.77 -11.07
N ASP C 337 -21.81 6.84 -11.87
CA ASP C 337 -20.70 7.78 -11.82
C ASP C 337 -21.16 9.22 -11.54
N ILE C 338 -22.32 9.39 -10.94
CA ILE C 338 -22.81 10.72 -10.62
C ILE C 338 -22.03 11.26 -9.42
N ILE C 339 -21.54 12.49 -9.54
CA ILE C 339 -20.74 13.10 -8.48
C ILE C 339 -21.11 14.56 -8.34
N PRO C 340 -20.91 15.14 -7.16
CA PRO C 340 -21.18 16.56 -6.98
C PRO C 340 -20.10 17.42 -7.58
N TYR C 341 -20.51 18.55 -8.16
CA TYR C 341 -19.60 19.51 -8.78
C TYR C 341 -19.85 20.87 -8.14
N ILE C 342 -18.79 21.46 -7.59
CA ILE C 342 -18.88 22.78 -6.98
C ILE C 342 -18.91 23.79 -8.11
N LYS C 343 -20.10 24.30 -8.43
CA LYS C 343 -20.29 25.23 -9.53
C LYS C 343 -20.39 26.65 -8.99
N LYS C 344 -19.39 27.46 -9.30
CA LYS C 344 -19.44 28.87 -8.93
C LYS C 344 -20.49 29.59 -9.76
N ASP C 345 -21.30 30.41 -9.10
CA ASP C 345 -22.36 31.13 -9.80
C ASP C 345 -21.76 32.10 -10.81
N GLY C 346 -22.44 32.26 -11.93
CA GLY C 346 -21.96 33.08 -13.01
C GLY C 346 -20.90 32.43 -13.89
N ASP C 347 -20.57 31.17 -13.63
CA ASP C 347 -19.55 30.47 -14.39
C ASP C 347 -20.11 29.14 -14.87
N SER C 348 -19.99 28.88 -16.18
CA SER C 348 -20.54 27.66 -16.76
C SER C 348 -19.61 26.47 -16.61
N ASN C 349 -18.36 26.67 -16.20
CA ASN C 349 -17.43 25.57 -16.03
C ASN C 349 -17.76 24.79 -14.76
N TYR C 350 -17.54 23.48 -14.80
CA TYR C 350 -17.73 22.60 -13.66
C TYR C 350 -16.37 22.16 -13.14
N TYR C 351 -16.19 22.26 -11.83
CA TYR C 351 -14.91 21.94 -11.23
C TYR C 351 -15.05 20.83 -10.22
N PRO C 352 -14.07 19.93 -10.11
CA PRO C 352 -14.08 18.87 -9.10
C PRO C 352 -13.98 19.46 -7.69
N GLY C 355 -10.77 24.11 -6.32
CA GLY C 355 -10.15 24.27 -5.02
C GLY C 355 -10.12 23.00 -4.21
N ASP C 356 -9.50 23.06 -3.04
CA ASP C 356 -9.39 21.93 -2.14
C ASP C 356 -10.08 22.15 -0.80
N GLY C 357 -9.90 23.33 -0.20
CA GLY C 357 -10.54 23.62 1.08
C GLY C 357 -12.05 23.57 0.97
N ARG C 358 -12.60 24.04 -0.15
CA ARG C 358 -14.05 23.96 -0.36
C ARG C 358 -14.51 22.51 -0.38
N ARG C 359 -13.69 21.61 -0.90
CA ARG C 359 -14.03 20.19 -0.85
C ARG C 359 -14.13 19.70 0.59
N LYS C 360 -13.20 20.12 1.44
CA LYS C 360 -13.28 19.73 2.85
C LYS C 360 -14.51 20.31 3.51
N MET C 361 -14.81 21.58 3.24
CA MET C 361 -15.99 22.20 3.82
C MET C 361 -17.26 21.54 3.32
N LEU C 362 -17.34 21.27 2.01
CA LEU C 362 -18.57 20.68 1.49
C LEU C 362 -18.71 19.24 1.95
N SER C 363 -17.60 18.55 2.18
CA SER C 363 -17.67 17.20 2.72
C SER C 363 -18.32 17.19 4.09
N TYR C 364 -18.21 18.29 4.83
CA TYR C 364 -18.88 18.37 6.12
C TYR C 364 -20.37 18.59 5.95
N SER C 365 -20.77 19.34 4.92
CA SER C 365 -22.20 19.58 4.70
C SER C 365 -22.91 18.29 4.31
N ILE C 366 -22.22 17.37 3.64
CA ILE C 366 -22.78 16.05 3.41
C ILE C 366 -23.04 15.36 4.74
N TYR C 367 -22.08 15.44 5.66
CA TYR C 367 -22.30 14.93 7.01
C TYR C 367 -23.44 15.68 7.68
N ASN C 368 -23.50 17.00 7.48
CA ASN C 368 -24.62 17.78 8.01
C ASN C 368 -25.94 17.31 7.40
N TYR C 369 -25.96 17.14 6.08
CA TYR C 369 -27.19 16.72 5.41
C TYR C 369 -27.62 15.33 5.87
N LEU C 370 -26.67 14.39 5.95
CA LEU C 370 -27.01 13.05 6.39
C LEU C 370 -27.47 13.05 7.85
N ALA C 371 -26.81 13.84 8.69
CA ALA C 371 -27.16 13.84 10.11
C ALA C 371 -28.62 14.20 10.33
N LYS C 372 -29.17 15.06 9.47
CA LYS C 372 -30.55 15.48 9.64
C LYS C 372 -31.53 14.34 9.34
N LYS C 373 -31.26 13.55 8.30
CA LYS C 373 -32.31 12.69 7.77
C LYS C 373 -31.83 11.32 7.35
N LYS C 374 -30.74 10.81 7.92
CA LYS C 374 -30.27 9.47 7.54
C LYS C 374 -30.54 8.43 8.64
N TYR C 375 -30.07 8.70 9.85
CA TYR C 375 -30.23 7.75 10.97
C TYR C 375 -31.23 8.34 11.95
N GLU C 376 -32.51 8.10 11.70
CA GLU C 376 -33.54 8.49 12.64
C GLU C 376 -33.89 7.37 13.62
N ASP C 377 -33.28 6.21 13.48
CA ASP C 377 -33.61 5.04 14.29
C ASP C 377 -32.45 4.58 15.15
N LYS C 378 -31.38 5.36 15.26
CA LYS C 378 -30.25 4.96 16.08
C LYS C 378 -29.57 6.18 16.65
N ILE C 379 -28.83 5.96 17.73
CA ILE C 379 -28.05 7.02 18.37
C ILE C 379 -26.72 7.13 17.64
N VAL C 380 -26.44 8.31 17.09
CA VAL C 380 -25.26 8.53 16.27
C VAL C 380 -24.22 9.28 17.09
N ILE C 381 -23.03 8.69 17.20
CA ILE C 381 -21.92 9.28 17.92
C ILE C 381 -20.83 9.61 16.91
N TYR C 382 -20.39 10.85 16.88
CA TYR C 382 -19.36 11.30 15.96
C TYR C 382 -18.03 11.36 16.70
N LEU C 383 -17.03 10.69 16.15
CA LEU C 383 -15.68 10.76 16.67
C LEU C 383 -14.85 11.58 15.69
N ILE C 384 -14.72 12.87 15.96
CA ILE C 384 -14.00 13.79 15.09
C ILE C 384 -12.61 13.95 15.68
N GLU C 385 -11.61 13.47 14.95
CA GLU C 385 -10.23 13.45 15.43
C GLU C 385 -9.40 14.45 14.63
N GLU C 386 -8.85 15.44 15.32
CA GLU C 386 -7.98 16.44 14.73
C GLU C 386 -8.55 17.06 13.45
N PRO C 387 -9.71 17.71 13.53
CA PRO C 387 -10.29 18.31 12.33
C PRO C 387 -9.44 19.42 11.76
N GLU C 388 -8.61 20.05 12.58
CA GLU C 388 -7.85 21.23 12.16
C GLU C 388 -6.71 20.88 11.21
N ILE C 389 -6.44 19.60 10.97
CA ILE C 389 -5.33 19.21 10.11
C ILE C 389 -5.61 19.72 8.69
N SER C 390 -4.70 20.55 8.18
CA SER C 390 -4.81 21.11 6.83
C SER C 390 -6.12 21.86 6.65
N LEU C 391 -6.54 22.58 7.68
CA LEU C 391 -7.77 23.37 7.65
C LEU C 391 -7.43 24.80 8.02
N HIS C 392 -7.87 25.74 7.20
CA HIS C 392 -7.64 27.16 7.48
C HIS C 392 -8.33 27.56 8.77
N ARG C 393 -7.73 28.51 9.48
CA ARG C 393 -8.27 28.88 10.80
C ARG C 393 -9.67 29.47 10.70
N SER C 394 -10.01 30.11 9.58
CA SER C 394 -11.37 30.59 9.39
C SER C 394 -12.33 29.43 9.25
N MET C 395 -11.90 28.35 8.60
CA MET C 395 -12.75 27.16 8.50
C MET C 395 -12.83 26.43 9.82
N GLN C 396 -11.79 26.52 10.65
CA GLN C 396 -11.85 25.92 11.98
C GLN C 396 -12.92 26.58 12.84
N ILE C 397 -13.04 27.90 12.75
CA ILE C 397 -14.10 28.60 13.48
C ILE C 397 -15.47 28.21 12.93
N ALA C 398 -15.56 28.04 11.61
CA ALA C 398 -16.82 27.61 11.01
C ALA C 398 -17.21 26.23 11.51
N LEU C 399 -16.25 25.31 11.62
CA LEU C 399 -16.53 24.00 12.15
C LEU C 399 -16.88 24.08 13.63
N SER C 400 -16.26 25.00 14.36
CA SER C 400 -16.59 25.16 15.77
C SER C 400 -18.04 25.58 15.96
N LYS C 401 -18.53 26.48 15.11
CA LYS C 401 -19.91 26.92 15.20
C LYS C 401 -20.86 25.77 14.91
N GLN C 402 -20.51 24.91 13.95
CA GLN C 402 -21.36 23.76 13.63
C GLN C 402 -21.45 22.81 14.81
N LEU C 403 -20.33 22.57 15.49
CA LEU C 403 -20.31 21.56 16.55
C LEU C 403 -21.11 22.01 17.77
N PHE C 404 -20.99 23.27 18.15
CA PHE C 404 -21.55 23.73 19.43
C PHE C 404 -22.82 24.55 19.27
N GLU C 405 -22.87 25.47 18.30
CA GLU C 405 -24.07 26.29 18.15
C GLU C 405 -25.21 25.49 17.54
N GLN C 406 -24.93 24.68 16.52
CA GLN C 406 -25.97 23.94 15.84
C GLN C 406 -26.34 22.70 16.64
N SER C 407 -27.44 22.07 16.23
CA SER C 407 -27.91 20.81 16.81
C SER C 407 -27.64 19.62 15.89
N THR C 408 -26.78 19.80 14.89
CA THR C 408 -26.53 18.73 13.93
C THR C 408 -25.88 17.53 14.60
N TYR C 409 -24.88 17.76 15.44
CA TYR C 409 -24.12 16.70 16.09
C TYR C 409 -24.55 16.66 17.55
N LYS C 410 -25.56 15.86 17.85
CA LYS C 410 -26.07 15.77 19.21
C LYS C 410 -25.03 15.19 20.16
N TYR C 411 -24.39 14.09 19.76
CA TYR C 411 -23.35 13.45 20.56
C TYR C 411 -22.09 13.36 19.74
N PHE C 412 -20.98 13.82 20.30
CA PHE C 412 -19.70 13.66 19.62
C PHE C 412 -18.57 13.69 20.63
N PHE C 413 -17.44 13.12 20.21
CA PHE C 413 -16.18 13.20 20.96
C PHE C 413 -15.15 13.85 20.04
N LEU C 414 -14.71 15.04 20.41
CA LEU C 414 -13.81 15.83 19.57
C LEU C 414 -12.43 15.83 20.20
N SER C 415 -11.43 15.43 19.43
CA SER C 415 -10.03 15.48 19.85
C SER C 415 -9.32 16.51 18.99
N THR C 416 -8.76 17.53 19.62
CA THR C 416 -8.25 18.67 18.89
C THR C 416 -6.96 19.18 19.52
N HIS C 417 -6.15 19.84 18.70
CA HIS C 417 -4.96 20.54 19.13
C HIS C 417 -5.02 22.03 18.92
N SER C 418 -6.06 22.53 18.29
CA SER C 418 -6.12 23.93 17.89
C SER C 418 -7.14 24.68 18.73
N PRO C 419 -6.75 25.82 19.32
CA PRO C 419 -7.72 26.60 20.10
C PRO C 419 -8.87 27.15 19.28
N GLU C 420 -8.70 27.29 17.96
CA GLU C 420 -9.75 27.88 17.14
C GLU C 420 -11.01 27.03 17.11
N LEU C 421 -10.86 25.71 17.21
CA LEU C 421 -12.03 24.83 17.24
C LEU C 421 -12.85 24.98 18.49
N LEU C 422 -12.34 25.67 19.51
CA LEU C 422 -13.04 25.88 20.76
C LEU C 422 -13.55 27.31 20.90
N TYR C 423 -13.58 28.06 19.81
CA TYR C 423 -13.99 29.46 19.88
C TYR C 423 -15.47 29.58 20.24
N GLU C 424 -16.29 28.65 19.79
CA GLU C 424 -17.72 28.67 20.05
C GLU C 424 -18.14 27.66 21.11
N MET C 425 -17.19 27.10 21.86
CA MET C 425 -17.52 26.02 22.79
C MET C 425 -18.49 26.51 23.85
N ASP C 426 -19.47 25.67 24.16
CA ASP C 426 -20.49 25.96 25.16
C ASP C 426 -21.30 24.68 25.40
N ASN C 427 -21.71 24.48 26.65
CA ASN C 427 -22.50 23.31 27.04
C ASN C 427 -21.81 22.01 26.60
N THR C 428 -20.50 21.97 26.78
CA THR C 428 -19.69 20.83 26.40
C THR C 428 -18.86 20.38 27.59
N ARG C 429 -18.43 19.14 27.54
CA ARG C 429 -17.57 18.58 28.57
C ARG C 429 -16.14 18.57 28.07
N LEU C 430 -15.24 19.20 28.83
CA LEU C 430 -13.84 19.29 28.47
C LEU C 430 -13.03 18.26 29.23
N ILE C 431 -12.32 17.42 28.50
CA ILE C 431 -11.50 16.36 29.09
C ILE C 431 -10.05 16.68 28.75
N ARG C 432 -9.22 16.82 29.76
CA ARG C 432 -7.82 17.17 29.57
C ARG C 432 -6.94 16.01 29.98
N VAL C 433 -6.06 15.58 29.09
CA VAL C 433 -5.11 14.51 29.36
C VAL C 433 -3.81 15.15 29.81
N HIS C 434 -3.38 14.83 31.03
CA HIS C 434 -2.20 15.45 31.59
C HIS C 434 -0.94 14.98 30.87
N SER C 435 0.11 15.79 30.95
CA SER C 435 1.35 15.49 30.24
C SER C 435 2.07 14.28 30.79
N THR C 436 1.73 13.83 31.99
CA THR C 436 2.38 12.68 32.59
C THR C 436 2.10 11.42 31.79
N GLU C 437 3.08 10.50 31.80
CA GLU C 437 2.92 9.23 31.12
C GLU C 437 1.89 8.33 31.80
N LYS C 438 1.59 8.58 33.07
CA LYS C 438 0.64 7.77 33.81
C LYS C 438 -0.77 7.89 33.24
N VAL C 439 -1.04 8.94 32.45
CA VAL C 439 -2.33 9.20 31.83
C VAL C 439 -3.39 9.49 32.89
N VAL C 440 -3.31 10.68 33.46
CA VAL C 440 -4.40 11.20 34.27
C VAL C 440 -5.31 12.04 33.38
N CYS C 441 -6.61 11.97 33.63
CA CYS C 441 -7.60 12.71 32.85
C CYS C 441 -8.44 13.54 33.80
N SER C 442 -8.47 14.85 33.55
CA SER C 442 -9.30 15.78 34.32
C SER C 442 -10.46 16.24 33.45
N SER C 443 -11.66 16.24 34.02
CA SER C 443 -12.87 16.53 33.28
C SER C 443 -13.61 17.70 33.92
N HIS C 444 -14.12 18.58 33.07
CA HIS C 444 -14.90 19.72 33.51
C HIS C 444 -16.07 19.92 32.57
N MET C 445 -17.24 20.21 33.12
CA MET C 445 -18.43 20.47 32.32
C MET C 445 -18.48 21.97 32.06
N TYR C 446 -18.18 22.37 30.83
CA TYR C 446 -18.06 23.78 30.49
C TYR C 446 -19.43 24.37 30.16
N ASN C 447 -19.80 25.42 30.87
CA ASN C 447 -21.01 26.17 30.57
C ASN C 447 -20.70 27.66 30.70
N VAL C 448 -21.41 28.46 29.93
CA VAL C 448 -21.33 29.92 30.02
C VAL C 448 -22.65 30.43 30.55
N GLU C 449 -22.60 31.14 31.67
CA GLU C 449 -23.81 31.60 32.32
C GLU C 449 -24.48 32.71 31.51
N GLU C 450 -25.71 33.03 31.89
CA GLU C 450 -26.43 34.10 31.21
C GLU C 450 -25.80 35.45 31.47
N ALA C 451 -25.13 35.62 32.60
CA ALA C 451 -24.45 36.89 32.89
C ALA C 451 -23.32 37.13 31.89
N TYR C 452 -22.59 36.08 31.53
CA TYR C 452 -21.48 36.18 30.60
C TYR C 452 -21.90 36.06 29.14
N GLY C 453 -23.21 36.00 28.88
CA GLY C 453 -23.66 35.81 27.50
C GLY C 453 -23.27 36.95 26.58
N SER C 454 -23.20 38.17 27.10
CA SER C 454 -22.86 39.31 26.26
C SER C 454 -21.38 39.35 25.92
N VAL C 455 -20.53 38.80 26.78
CA VAL C 455 -19.10 38.77 26.55
C VAL C 455 -18.62 37.36 26.20
N LYS C 456 -19.53 36.48 25.78
CA LYS C 456 -19.18 35.09 25.55
C LYS C 456 -18.15 34.94 24.44
N LYS C 457 -18.30 35.71 23.35
CA LYS C 457 -17.38 35.59 22.23
C LYS C 457 -15.96 35.99 22.63
N LYS C 458 -15.81 37.13 23.29
CA LYS C 458 -14.50 37.57 23.73
C LYS C 458 -13.93 36.62 24.79
N LEU C 459 -14.79 36.17 25.71
CA LEU C 459 -14.33 35.30 26.79
C LEU C 459 -13.85 33.96 26.26
N ASN C 460 -14.56 33.39 25.28
CA ASN C 460 -14.18 32.08 24.76
C ASN C 460 -12.87 32.14 23.99
N LYS C 461 -12.66 33.22 23.22
CA LYS C 461 -11.44 33.34 22.44
C LYS C 461 -10.21 33.37 23.33
N ALA C 462 -10.29 34.12 24.43
CA ALA C 462 -9.16 34.18 25.35
C ALA C 462 -8.94 32.85 26.07
N LEU C 463 -10.03 32.22 26.54
CA LEU C 463 -9.92 31.01 27.34
C LEU C 463 -9.45 29.82 26.52
N SER C 464 -9.77 29.79 25.22
CA SER C 464 -9.46 28.61 24.41
C SER C 464 -7.96 28.35 24.34
N SER C 465 -7.17 29.42 24.26
CA SER C 465 -5.72 29.24 24.22
C SER C 465 -5.16 28.84 25.57
N ALA C 466 -5.80 29.28 26.66
CA ALA C 466 -5.31 28.95 27.99
C ALA C 466 -5.49 27.48 28.33
N LEU C 467 -6.41 26.79 27.67
CA LEU C 467 -6.64 25.38 27.96
C LEU C 467 -5.42 24.54 27.62
N PHE C 468 -4.65 24.94 26.62
CA PHE C 468 -3.45 24.21 26.20
C PHE C 468 -2.22 24.75 26.91
N ALA C 469 -2.30 24.84 28.23
CA ALA C 469 -1.23 25.40 29.03
C ALA C 469 -1.17 24.69 30.37
N GLU C 470 -0.02 24.82 31.03
CA GLU C 470 0.16 24.22 32.34
C GLU C 470 -0.07 25.24 33.45
N ARG C 471 0.49 26.43 33.31
CA ARG C 471 0.34 27.51 34.27
C ARG C 471 -0.22 28.73 33.57
N VAL C 472 -1.32 29.27 34.10
CA VAL C 472 -1.99 30.42 33.51
C VAL C 472 -2.00 31.54 34.52
N LEU C 473 -1.48 32.69 34.13
CA LEU C 473 -1.48 33.88 34.97
C LEU C 473 -2.58 34.81 34.48
N LEU C 474 -3.51 35.14 35.36
CA LEU C 474 -4.64 35.99 35.01
C LEU C 474 -4.30 37.45 35.31
N ILE C 475 -4.25 38.27 34.27
CA ILE C 475 -3.94 39.68 34.40
C ILE C 475 -5.14 40.48 33.92
N GLU C 476 -5.10 41.79 34.19
CA GLU C 476 -6.26 42.62 33.91
C GLU C 476 -6.31 43.06 32.45
N GLY C 477 -5.31 43.82 32.01
CA GLY C 477 -5.35 44.41 30.69
C GLY C 477 -4.05 44.29 29.93
N PRO C 478 -3.93 45.05 28.84
CA PRO C 478 -2.71 45.00 28.03
C PRO C 478 -1.51 45.65 28.68
N SER C 479 -1.72 46.64 29.54
CA SER C 479 -0.59 47.29 30.21
C SER C 479 0.18 46.29 31.08
N GLU C 480 -0.55 45.45 31.82
CA GLU C 480 0.11 44.37 32.56
C GLU C 480 0.78 43.39 31.60
N LYS C 481 0.10 43.08 30.49
CA LYS C 481 0.67 42.14 29.53
C LYS C 481 1.94 42.70 28.90
N ILE C 482 1.95 44.00 28.60
CA ILE C 482 3.13 44.61 27.99
C ILE C 482 4.32 44.52 28.93
N LEU C 483 4.11 44.86 30.20
CA LEU C 483 5.20 44.83 31.17
C LEU C 483 5.66 43.40 31.43
N PHE C 484 4.71 42.49 31.65
CA PHE C 484 5.08 41.12 32.00
C PHE C 484 5.73 40.41 30.82
N GLU C 485 5.29 40.71 29.60
CA GLU C 485 5.92 40.11 28.43
C GLU C 485 7.37 40.56 28.29
N LYS C 486 7.64 41.84 28.57
CA LYS C 486 9.01 42.33 28.51
C LYS C 486 9.86 41.74 29.63
N VAL C 487 9.33 41.71 30.85
CA VAL C 487 10.09 41.17 31.98
C VAL C 487 10.37 39.70 31.77
N LEU C 488 9.36 38.94 31.33
CA LEU C 488 9.58 37.52 31.10
C LEU C 488 10.54 37.28 29.95
N ASP C 489 10.47 38.12 28.91
CA ASP C 489 11.37 37.95 27.77
C ASP C 489 12.83 38.08 28.20
N GLU C 490 13.12 39.00 29.10
CA GLU C 490 14.49 39.16 29.58
C GLU C 490 14.88 38.10 30.59
N VAL C 491 13.93 37.56 31.33
CA VAL C 491 14.24 36.64 32.42
C VAL C 491 14.05 35.20 31.98
N GLU C 492 12.85 34.86 31.51
CA GLU C 492 12.50 33.50 31.13
C GLU C 492 11.90 33.54 29.73
N PRO C 493 12.72 33.71 28.70
CA PRO C 493 12.19 33.95 27.36
C PRO C 493 11.34 32.81 26.82
N GLU C 494 11.59 31.57 27.25
CA GLU C 494 10.84 30.42 26.75
C GLU C 494 9.80 29.94 27.76
N TYR C 495 9.18 30.86 28.50
CA TYR C 495 8.14 30.47 29.44
C TYR C 495 6.92 29.91 28.72
N GLU C 496 6.64 30.39 27.51
CA GLU C 496 5.52 29.86 26.74
C GLU C 496 5.78 28.42 26.31
N LEU C 497 7.04 28.10 26.00
CA LEU C 497 7.38 26.73 25.62
C LEU C 497 7.14 25.77 26.77
N ASN C 498 7.46 26.19 27.99
CA ASN C 498 7.35 25.31 29.15
C ASN C 498 5.92 25.12 29.62
N GLY C 499 4.99 25.92 29.13
CA GLY C 499 3.60 25.76 29.50
C GLY C 499 2.98 26.98 30.12
N GLY C 500 3.75 28.06 30.25
CA GLY C 500 3.21 29.29 30.79
C GLY C 500 2.29 29.97 29.80
N PHE C 501 1.38 30.78 30.33
CA PHE C 501 0.43 31.50 29.50
C PHE C 501 -0.07 32.72 30.25
N LEU C 502 -0.18 33.84 29.54
CA LEU C 502 -0.64 35.10 30.10
C LEU C 502 -2.05 35.36 29.59
N LEU C 503 -3.05 35.04 30.40
CA LEU C 503 -4.44 35.22 30.05
C LEU C 503 -4.93 36.53 30.67
N GLU C 504 -5.42 37.44 29.85
CA GLU C 504 -5.88 38.73 30.32
C GLU C 504 -7.41 38.73 30.40
N VAL C 505 -7.92 39.18 31.53
CA VAL C 505 -9.36 39.22 31.79
C VAL C 505 -9.70 40.60 32.33
N GLY C 506 -10.77 41.18 31.81
CA GLY C 506 -11.12 42.54 32.21
C GLY C 506 -12.61 42.77 32.33
N GLY C 507 -13.03 43.39 33.42
CA GLY C 507 -14.42 43.72 33.61
C GLY C 507 -15.29 42.59 34.07
N THR C 508 -14.72 41.40 34.29
CA THR C 508 -15.48 40.24 34.71
C THR C 508 -14.81 39.61 35.93
N TYR C 509 -15.61 38.91 36.71
CA TYR C 509 -15.07 38.16 37.83
C TYR C 509 -14.26 36.97 37.33
N PHE C 510 -13.29 36.55 38.13
CA PHE C 510 -12.43 35.43 37.77
C PHE C 510 -13.12 34.09 37.94
N ASN C 511 -14.38 34.06 38.36
CA ASN C 511 -15.03 32.80 38.70
C ASN C 511 -15.08 31.86 37.51
N HIS C 512 -15.45 32.38 36.33
CA HIS C 512 -15.60 31.52 35.17
C HIS C 512 -14.28 30.92 34.74
N TYR C 513 -13.22 31.73 34.71
CA TYR C 513 -11.93 31.23 34.25
C TYR C 513 -11.33 30.26 35.26
N VAL C 514 -11.36 30.62 36.54
CA VAL C 514 -10.70 29.81 37.55
C VAL C 514 -11.38 28.46 37.70
N CYS C 515 -12.72 28.45 37.71
CA CYS C 515 -13.44 27.19 37.87
C CYS C 515 -13.11 26.22 36.75
N THR C 516 -13.02 26.73 35.51
CA THR C 516 -12.66 25.88 34.40
C THR C 516 -11.22 25.40 34.51
N LEU C 517 -10.30 26.32 34.80
CA LEU C 517 -8.89 25.95 34.87
C LEU C 517 -8.61 25.01 36.04
N ASN C 518 -9.22 25.27 37.20
CA ASN C 518 -8.99 24.43 38.36
C ASN C 518 -9.52 23.02 38.14
N ASP C 519 -10.71 22.89 37.54
CA ASP C 519 -11.29 21.57 37.31
C ASP C 519 -10.45 20.77 36.33
N LEU C 520 -9.79 21.43 35.39
CA LEU C 520 -8.99 20.75 34.39
C LEU C 520 -7.58 20.44 34.87
N GLY C 521 -7.24 20.83 36.10
CA GLY C 521 -5.91 20.59 36.61
C GLY C 521 -4.86 21.57 36.17
N ILE C 522 -5.25 22.71 35.63
CA ILE C 522 -4.30 23.72 35.19
C ILE C 522 -4.05 24.70 36.33
N THR C 523 -2.79 24.95 36.63
CA THR C 523 -2.45 25.89 37.68
C THR C 523 -2.82 27.30 37.26
N HIS C 524 -3.54 28.02 38.12
CA HIS C 524 -3.97 29.37 37.84
C HIS C 524 -3.38 30.32 38.87
N ILE C 525 -2.75 31.38 38.38
CA ILE C 525 -2.20 32.44 39.22
C ILE C 525 -2.93 33.73 38.86
N ILE C 526 -3.28 34.52 39.87
CA ILE C 526 -4.04 35.74 39.65
C ILE C 526 -3.29 36.91 40.26
N LYS C 527 -3.03 37.92 39.44
CA LYS C 527 -2.43 39.17 39.89
C LYS C 527 -3.42 40.29 39.61
N THR C 528 -4.10 40.74 40.65
CA THR C 528 -5.05 41.83 40.56
C THR C 528 -4.64 42.93 41.52
N ASP C 529 -5.36 44.06 41.45
CA ASP C 529 -5.05 45.21 42.28
C ASP C 529 -6.28 45.64 43.06
N ASN C 530 -6.03 46.18 44.25
CA ASN C 530 -7.10 46.69 45.10
C ASN C 530 -7.76 47.88 44.43
N ASP C 531 -9.02 47.72 44.03
CA ASP C 531 -9.73 48.73 43.25
C ASP C 531 -10.97 49.19 44.01
N LEU C 532 -11.25 50.49 43.94
CA LEU C 532 -12.46 51.07 44.47
C LEU C 532 -13.29 51.58 43.31
N LYS C 533 -14.54 51.12 43.21
CA LYS C 533 -15.44 51.48 42.13
C LYS C 533 -16.62 52.25 42.72
N SER C 534 -16.91 53.41 42.14
CA SER C 534 -18.02 54.24 42.60
C SER C 534 -19.33 53.70 42.05
N LYS C 535 -20.33 53.57 42.91
CA LYS C 535 -21.63 53.10 42.47
C LYS C 535 -22.31 54.15 41.60
N LYS C 536 -23.08 53.68 40.63
CA LYS C 536 -23.80 54.57 39.73
C LYS C 536 -24.88 55.35 40.47
N GLY C 537 -24.94 56.66 40.22
CA GLY C 537 -25.97 57.50 40.77
C GLY C 537 -25.79 57.89 42.22
N LYS C 538 -24.68 57.50 42.86
CA LYS C 538 -24.44 57.81 44.26
C LYS C 538 -23.09 58.50 44.41
N LYS C 539 -22.99 59.36 45.41
CA LYS C 539 -21.83 60.21 45.62
C LYS C 539 -21.05 59.76 46.85
N GLY C 540 -19.74 59.64 46.70
CA GLY C 540 -18.86 59.40 47.83
C GLY C 540 -18.93 58.02 48.43
N VAL C 541 -19.46 57.04 47.70
CA VAL C 541 -19.54 55.67 48.17
C VAL C 541 -18.90 54.76 47.13
N TYR C 542 -18.02 53.87 47.58
CA TYR C 542 -17.27 53.00 46.70
C TYR C 542 -17.40 51.55 47.18
N GLU C 543 -17.31 50.63 46.23
CA GLU C 543 -17.34 49.21 46.53
C GLU C 543 -15.97 48.61 46.27
N LEU C 544 -15.55 47.69 47.15
CA LEU C 544 -14.22 47.09 47.06
C LEU C 544 -14.20 46.06 45.94
N LEU C 545 -14.20 46.58 44.71
CA LEU C 545 -14.29 45.70 43.54
C LEU C 545 -13.08 44.78 43.46
N GLY C 546 -11.89 45.31 43.71
CA GLY C 546 -10.71 44.47 43.69
C GLY C 546 -10.73 43.40 44.77
N LEU C 547 -11.15 43.78 45.98
CA LEU C 547 -11.23 42.82 47.06
C LEU C 547 -12.37 41.83 46.86
N ASN C 548 -13.49 42.29 46.31
CA ASN C 548 -14.65 41.42 46.14
C ASN C 548 -14.37 40.30 45.15
N ARG C 549 -13.65 40.60 44.07
CA ARG C 549 -13.35 39.57 43.08
C ARG C 549 -12.55 38.43 43.69
N CYS C 550 -11.55 38.76 44.52
CA CYS C 550 -10.77 37.73 45.17
C CYS C 550 -11.60 36.98 46.19
N LEU C 551 -12.46 37.68 46.93
CA LEU C 551 -13.32 37.02 47.91
C LEU C 551 -14.30 36.08 47.21
N ASN C 552 -14.84 36.49 46.07
CA ASN C 552 -15.75 35.63 45.33
C ASN C 552 -15.08 34.32 44.94
N LEU C 553 -13.78 34.37 44.64
CA LEU C 553 -13.05 33.15 44.32
C LEU C 553 -12.98 32.21 45.51
N LEU C 554 -12.77 32.76 46.70
CA LEU C 554 -12.70 31.94 47.90
C LEU C 554 -14.05 31.38 48.31
N GLY C 555 -15.13 31.81 47.66
CA GLY C 555 -16.46 31.39 48.03
C GLY C 555 -17.15 32.31 49.01
N ARG C 556 -16.46 33.30 49.56
CA ARG C 556 -17.05 34.24 50.48
C ARG C 556 -17.93 35.23 49.73
N GLU C 557 -18.85 35.85 50.47
CA GLU C 557 -19.75 36.83 49.88
C GLU C 557 -19.04 38.16 49.71
N ASN C 558 -19.61 39.01 48.85
CA ASN C 558 -19.03 40.31 48.59
C ASN C 558 -19.13 41.20 49.82
N LEU C 559 -18.07 41.98 50.06
CA LEU C 559 -18.11 42.95 51.15
C LEU C 559 -19.04 44.10 50.80
N ASP C 560 -19.55 44.76 51.84
CA ASP C 560 -20.41 45.91 51.63
C ASP C 560 -19.61 47.09 51.10
N GLU C 561 -20.31 47.99 50.42
CA GLU C 561 -19.66 49.20 49.91
C GLU C 561 -19.37 50.15 51.05
N ILE C 562 -18.25 50.87 50.93
CA ILE C 562 -17.86 51.84 51.94
C ILE C 562 -18.04 53.24 51.36
N THR C 563 -18.16 54.21 52.25
CA THR C 563 -18.32 55.60 51.86
C THR C 563 -17.01 56.35 52.05
N ILE C 564 -16.74 57.29 51.13
CA ILE C 564 -15.55 58.13 51.20
C ILE C 564 -16.00 59.58 51.19
N ASP C 565 -15.58 60.33 52.20
CA ASP C 565 -15.91 61.75 52.30
C ASP C 565 -14.70 62.55 51.85
N ILE C 566 -14.86 63.31 50.77
CA ILE C 566 -13.81 64.18 50.28
C ILE C 566 -14.36 65.59 50.10
N PRO C 567 -13.54 66.62 50.27
CA PRO C 567 -14.01 67.98 49.97
C PRO C 567 -14.21 68.18 48.48
N GLU C 568 -15.11 69.10 48.14
CA GLU C 568 -15.35 69.39 46.74
C GLU C 568 -14.12 69.98 46.07
N ASP C 569 -13.38 70.83 46.79
CA ASP C 569 -12.18 71.43 46.24
C ASP C 569 -11.12 70.36 45.94
N ILE C 570 -11.01 69.35 46.81
CA ILE C 570 -10.03 68.28 46.62
C ILE C 570 -10.37 67.52 45.35
N LYS C 571 -9.51 67.64 44.34
CA LYS C 571 -9.75 67.02 43.04
C LYS C 571 -8.41 66.68 42.40
N GLY C 572 -8.45 65.79 41.42
CA GLY C 572 -7.26 65.40 40.69
C GLY C 572 -6.28 64.58 41.50
N LYS C 573 -5.05 65.08 41.63
CA LYS C 573 -4.04 64.35 42.38
C LYS C 573 -4.42 64.19 43.84
N LYS C 574 -4.97 65.25 44.44
CA LYS C 574 -5.35 65.19 45.85
C LYS C 574 -6.45 64.16 46.07
N LYS C 575 -7.42 64.09 45.15
CA LYS C 575 -8.45 63.06 45.26
C LYS C 575 -7.84 61.67 45.11
N LYS C 576 -6.92 61.50 44.18
CA LYS C 576 -6.35 60.18 43.93
C LYS C 576 -5.55 59.68 45.13
N GLU C 577 -4.74 60.56 45.73
CA GLU C 577 -3.95 60.12 46.87
C GLU C 577 -4.82 59.84 48.08
N ARG C 578 -5.94 60.55 48.22
CA ARG C 578 -6.87 60.25 49.30
C ARG C 578 -7.45 58.84 49.14
N LEU C 579 -7.83 58.47 47.92
CA LEU C 579 -8.29 57.11 47.68
C LEU C 579 -7.18 56.10 47.92
N ASN C 580 -5.96 56.43 47.54
CA ASN C 580 -4.84 55.53 47.77
C ASN C 580 -4.62 55.30 49.27
N GLU C 581 -4.81 56.35 50.08
CA GLU C 581 -4.68 56.19 51.52
C GLU C 581 -5.72 55.23 52.05
N ARG C 582 -6.96 55.34 51.59
CA ARG C 582 -8.00 54.40 52.02
C ARG C 582 -7.70 52.99 51.55
N LYS C 583 -7.20 52.85 50.32
CA LYS C 583 -6.83 51.54 49.81
C LYS C 583 -5.76 50.90 50.68
N LYS C 584 -4.76 51.68 51.10
CA LYS C 584 -3.75 51.16 52.00
C LYS C 584 -4.35 50.75 53.34
N GLU C 585 -5.26 51.57 53.85
CA GLU C 585 -5.91 51.23 55.12
C GLU C 585 -6.76 49.97 54.99
N ILE C 586 -7.51 49.85 53.90
CA ILE C 586 -8.36 48.68 53.69
C ILE C 586 -7.50 47.43 53.52
N PHE C 587 -6.39 47.55 52.79
CA PHE C 587 -5.49 46.42 52.61
C PHE C 587 -4.94 45.94 53.94
N LYS C 588 -4.58 46.88 54.83
CA LYS C 588 -4.09 46.50 56.15
C LYS C 588 -5.19 45.85 56.98
N GLN C 589 -6.42 46.38 56.88
CA GLN C 589 -7.51 45.89 57.72
C GLN C 589 -7.84 44.44 57.40
N TYR C 590 -7.82 44.07 56.12
CA TYR C 590 -8.17 42.72 55.69
C TYR C 590 -6.93 41.87 55.44
N LYS C 591 -5.88 42.06 56.25
CA LYS C 591 -4.65 41.32 56.03
C LYS C 591 -4.85 39.81 56.16
N ASN C 592 -5.81 39.39 56.99
CA ASN C 592 -6.09 37.97 57.11
C ASN C 592 -6.61 37.39 55.81
N GLU C 593 -7.52 38.11 55.14
CA GLU C 593 -8.02 37.65 53.86
C GLU C 593 -6.91 37.65 52.81
N VAL C 594 -6.06 38.67 52.82
CA VAL C 594 -4.94 38.73 51.88
C VAL C 594 -4.01 37.55 52.10
N GLY C 595 -3.81 37.16 53.36
CA GLY C 595 -3.02 35.97 53.63
C GLY C 595 -3.66 34.71 53.05
N GLU C 596 -5.00 34.63 53.10
CA GLU C 596 -5.69 33.51 52.48
C GLU C 596 -5.49 33.53 50.97
N PHE C 597 -5.50 34.71 50.36
CA PHE C 597 -5.33 34.81 48.92
C PHE C 597 -3.97 34.26 48.49
N LEU C 598 -2.93 34.57 49.24
CA LEU C 598 -1.59 34.11 48.88
C LEU C 598 -1.52 32.58 48.87
N GLY C 599 -2.26 31.93 49.77
CA GLY C 599 -2.31 30.48 49.73
C GLY C 599 -2.97 29.94 48.49
N GLU C 600 -3.98 30.64 47.97
CA GLU C 600 -4.69 30.24 46.77
C GLU C 600 -4.08 30.84 45.51
N ARG C 601 -2.82 31.29 45.59
CA ARG C 601 -2.12 31.87 44.45
C ARG C 601 -2.86 33.08 43.89
N ILE C 602 -3.44 33.89 44.78
CA ILE C 602 -4.07 35.14 44.42
C ILE C 602 -3.24 36.27 45.01
N TYR C 603 -2.67 37.10 44.16
CA TYR C 603 -1.77 38.16 44.57
C TYR C 603 -2.47 39.50 44.37
N LEU C 604 -2.93 40.09 45.47
CA LEU C 604 -3.66 41.34 45.43
C LEU C 604 -2.69 42.48 45.72
N SER C 605 -2.62 43.44 44.81
CA SER C 605 -1.78 44.60 45.01
C SER C 605 -2.36 45.50 46.09
N GLU C 606 -1.48 46.16 46.83
CA GLU C 606 -1.93 47.09 47.86
C GLU C 606 -2.70 48.25 47.25
N ILE C 607 -2.19 48.83 46.17
CA ILE C 607 -2.86 49.92 45.49
C ILE C 607 -3.11 49.54 44.04
N ASP C 608 -2.04 49.31 43.29
CA ASP C 608 -2.15 48.91 41.89
C ASP C 608 -0.82 48.33 41.44
N LEU C 609 -0.77 47.92 40.19
CA LEU C 609 0.47 47.38 39.64
C LEU C 609 1.56 48.44 39.55
N GLU C 610 1.18 49.67 39.20
CA GLU C 610 2.16 50.74 39.05
C GLU C 610 2.88 51.02 40.37
N ASN C 611 2.14 51.05 41.48
CA ASN C 611 2.78 51.29 42.77
C ASN C 611 3.69 50.13 43.15
N ASP C 612 3.27 48.91 42.87
CA ASP C 612 4.15 47.76 43.11
C ASP C 612 5.39 47.84 42.23
N LEU C 613 5.23 48.30 40.99
CA LEU C 613 6.38 48.48 40.10
C LEU C 613 7.33 49.54 40.66
N TYR C 614 6.77 50.60 41.24
CA TYR C 614 7.61 51.64 41.82
C TYR C 614 8.40 51.12 43.01
N SER C 615 7.81 50.20 43.77
CA SER C 615 8.51 49.64 44.92
C SER C 615 9.70 48.78 44.51
N ALA C 616 9.79 48.40 43.23
CA ALA C 616 10.89 47.55 42.80
C ALA C 616 11.95 48.34 42.05
N ILE C 617 11.53 49.13 41.05
CA ILE C 617 12.48 49.83 40.18
C ILE C 617 12.22 51.33 40.24
N GLY C 618 11.80 51.82 41.41
CA GLY C 618 11.40 53.23 41.51
C GLY C 618 12.49 54.20 41.09
N GLU C 619 13.73 53.96 41.53
CA GLU C 619 14.82 54.84 41.13
C GLU C 619 15.05 54.77 39.63
N SER C 620 14.93 53.58 39.04
CA SER C 620 15.04 53.45 37.60
C SER C 620 13.87 54.12 36.90
N MET C 621 12.67 54.01 37.47
CA MET C 621 11.51 54.66 36.88
C MET C 621 11.67 56.17 36.86
N LYS C 622 12.25 56.74 37.91
CA LYS C 622 12.39 58.19 37.99
C LYS C 622 13.32 58.72 36.90
N ARG C 623 14.43 58.02 36.65
CA ARG C 623 15.42 58.53 35.70
C ARG C 623 14.95 58.37 34.26
N ILE C 624 14.33 57.24 33.93
CA ILE C 624 13.86 57.05 32.56
C ILE C 624 12.70 58.00 32.25
N PHE C 625 11.83 58.24 33.23
CA PHE C 625 10.71 59.16 33.00
C PHE C 625 11.13 60.61 33.15
N GLU C 626 12.12 60.88 34.00
CA GLU C 626 12.60 62.23 34.26
C GLU C 626 11.48 63.13 34.78
N ASN C 627 10.40 62.50 35.24
CA ASN C 627 9.27 63.23 35.78
C ASN C 627 9.34 63.28 37.30
N GLU C 628 8.62 64.23 37.88
CA GLU C 628 8.61 64.38 39.33
C GLU C 628 7.99 63.16 39.99
N ASP C 629 6.87 62.69 39.47
CA ASP C 629 6.17 61.52 40.00
C ASP C 629 6.06 60.46 38.91
N PRO C 630 6.92 59.44 38.90
CA PRO C 630 6.80 58.42 37.86
C PRO C 630 5.49 57.64 37.90
N VAL C 631 4.95 57.40 39.10
CA VAL C 631 3.73 56.62 39.22
C VAL C 631 2.55 57.37 38.60
N HIS C 632 2.40 58.65 38.95
CA HIS C 632 1.29 59.42 38.42
C HIS C 632 1.39 59.57 36.91
N TYR C 633 2.61 59.81 36.41
CA TYR C 633 2.79 59.94 34.96
C TYR C 633 2.48 58.63 34.25
N LEU C 634 2.90 57.50 34.81
CA LEU C 634 2.64 56.22 34.18
C LEU C 634 1.14 55.92 34.11
N GLN C 635 0.37 56.45 35.05
CA GLN C 635 -1.07 56.18 35.08
C GLN C 635 -1.87 57.10 34.17
N LYS C 636 -1.26 58.18 33.67
CA LYS C 636 -2.01 59.11 32.83
C LYS C 636 -2.42 58.47 31.51
N SER C 637 -1.47 57.86 30.82
CA SER C 637 -1.73 57.14 29.56
C SER C 637 -1.09 55.76 29.73
N LYS C 638 -1.88 54.81 30.23
CA LYS C 638 -1.32 53.54 30.67
C LYS C 638 -0.65 52.79 29.52
N LEU C 639 -1.29 52.77 28.35
CA LEU C 639 -0.74 51.99 27.25
C LEU C 639 0.54 52.59 26.70
N PHE C 640 0.54 53.90 26.46
CA PHE C 640 1.70 54.52 25.83
C PHE C 640 2.86 54.69 26.80
N ASN C 641 2.56 55.05 28.06
CA ASN C 641 3.64 55.25 29.02
C ASN C 641 4.29 53.93 29.41
N MET C 642 3.50 52.86 29.50
CA MET C 642 4.08 51.56 29.80
C MET C 642 5.01 51.11 28.69
N VAL C 643 4.63 51.34 27.44
CA VAL C 643 5.49 50.99 26.31
C VAL C 643 6.79 51.79 26.38
N GLU C 644 6.69 53.09 26.67
CA GLU C 644 7.88 53.92 26.80
C GLU C 644 8.76 53.44 27.94
N LEU C 645 8.16 53.10 29.08
CA LEU C 645 8.92 52.58 30.20
C LEU C 645 9.56 51.24 29.85
N VAL C 646 8.82 50.37 29.16
CA VAL C 646 9.34 49.05 28.82
C VAL C 646 10.51 49.18 27.86
N ASN C 647 10.45 50.15 26.94
CA ASN C 647 11.55 50.35 26.01
C ASN C 647 12.83 50.73 26.73
N ASN C 648 12.74 51.58 27.75
CA ASN C 648 13.92 52.06 28.45
C ASN C 648 14.35 51.13 29.59
N LEU C 649 13.62 50.07 29.87
CA LEU C 649 14.02 49.13 30.90
C LEU C 649 15.25 48.34 30.46
N SER C 650 16.15 48.09 31.40
CA SER C 650 17.35 47.31 31.15
C SER C 650 17.17 45.91 31.71
N THR C 651 18.16 45.06 31.45
CA THR C 651 18.09 43.67 31.93
C THR C 651 18.08 43.61 33.44
N LYS C 652 18.88 44.45 34.09
CA LYS C 652 18.93 44.42 35.55
C LYS C 652 17.60 44.79 36.17
N ASP C 653 16.91 45.80 35.62
CA ASP C 653 15.61 46.19 36.14
C ASP C 653 14.60 45.06 35.98
N CYS C 654 14.64 44.37 34.84
CA CYS C 654 13.73 43.25 34.63
C CYS C 654 13.98 42.15 35.65
N PHE C 655 15.24 41.89 35.99
CA PHE C 655 15.53 40.91 37.02
C PHE C 655 15.15 41.42 38.39
N ASP C 656 15.26 42.73 38.62
CA ASP C 656 14.80 43.30 39.89
C ASP C 656 13.31 43.11 40.06
N VAL C 657 12.54 43.34 38.99
CA VAL C 657 11.09 43.13 39.06
C VAL C 657 10.79 41.66 39.29
N PHE C 658 11.50 40.77 38.59
CA PHE C 658 11.25 39.35 38.73
C PHE C 658 11.54 38.86 40.15
N GLU C 659 12.63 39.34 40.74
CA GLU C 659 13.03 38.88 42.07
C GLU C 659 12.27 39.57 43.19
N HIS C 660 11.51 40.62 42.90
CA HIS C 660 10.81 41.34 43.96
C HIS C 660 9.69 40.49 44.55
N GLU C 661 9.38 40.76 45.81
CA GLU C 661 8.35 39.98 46.50
C GLU C 661 6.96 40.30 45.96
N LYS C 662 6.72 41.55 45.58
CA LYS C 662 5.40 41.93 45.08
C LYS C 662 5.06 41.19 43.80
N PHE C 663 6.04 41.02 42.91
CA PHE C 663 5.82 40.29 41.66
C PHE C 663 6.17 38.82 41.82
N ALA C 664 5.62 38.20 42.86
CA ALA C 664 5.84 36.77 43.07
C ALA C 664 5.04 35.92 42.09
N CYS C 665 4.02 36.49 41.46
CA CYS C 665 3.23 35.75 40.49
C CYS C 665 4.08 35.33 39.30
N LEU C 666 5.09 36.12 38.93
CA LEU C 666 5.96 35.78 37.82
C LEU C 666 6.75 34.51 38.12
N LYS C 667 7.24 34.37 39.37
CA LYS C 667 7.93 33.16 39.75
C LYS C 667 6.99 31.96 39.70
N GLU C 668 5.76 32.14 40.15
CA GLU C 668 4.79 31.05 40.10
C GLU C 668 4.47 30.66 38.67
N LEU C 669 4.32 31.64 37.78
CA LEU C 669 4.03 31.33 36.38
C LEU C 669 5.18 30.58 35.73
N VAL C 670 6.42 30.99 36.02
CA VAL C 670 7.58 30.33 35.44
C VAL C 670 7.68 28.90 35.95
N GLY C 671 7.34 28.68 37.21
CA GLY C 671 7.41 27.37 37.81
C GLY C 671 8.63 27.09 38.66
N SER C 672 9.45 28.10 38.93
CA SER C 672 10.65 27.91 39.72
C SER C 672 10.30 27.65 41.19
N VAL D 26 -28.18 -44.09 -9.63
CA VAL D 26 -27.63 -44.23 -8.28
C VAL D 26 -26.15 -44.58 -8.37
N ALA D 27 -25.33 -43.80 -7.67
CA ALA D 27 -23.88 -43.99 -7.66
C ALA D 27 -23.46 -44.53 -6.30
N GLY D 28 -22.71 -45.63 -6.32
CA GLY D 28 -22.26 -46.24 -5.09
C GLY D 28 -21.12 -45.49 -4.42
N GLN D 29 -20.89 -45.83 -3.15
CA GLN D 29 -19.80 -45.20 -2.42
C GLN D 29 -18.44 -45.66 -2.90
N ASP D 30 -18.35 -46.88 -3.42
CA ASP D 30 -17.09 -47.45 -3.89
C ASP D 30 -16.85 -47.19 -5.38
N GLY D 31 -17.73 -46.43 -6.03
CA GLY D 31 -17.60 -46.15 -7.44
C GLY D 31 -18.49 -46.99 -8.34
N SER D 32 -19.12 -48.04 -7.82
CA SER D 32 -20.03 -48.84 -8.63
C SER D 32 -21.26 -48.02 -9.00
N VAL D 33 -21.71 -48.18 -10.24
CA VAL D 33 -22.84 -47.43 -10.78
C VAL D 33 -23.92 -48.42 -11.17
N VAL D 34 -25.16 -48.16 -10.72
CA VAL D 34 -26.32 -48.98 -11.03
C VAL D 34 -27.35 -48.09 -11.71
N GLN D 35 -27.99 -48.63 -12.76
CA GLN D 35 -29.00 -47.91 -13.52
C GLN D 35 -30.38 -48.45 -13.18
N PHE D 36 -31.32 -47.55 -12.91
CA PHE D 36 -32.70 -47.90 -12.60
C PHE D 36 -33.64 -47.03 -13.41
N LYS D 37 -34.79 -47.60 -13.77
CA LYS D 37 -35.79 -46.87 -14.52
C LYS D 37 -36.41 -45.76 -13.67
N ILE D 38 -36.61 -44.61 -14.27
CA ILE D 38 -37.19 -43.45 -13.60
C ILE D 38 -38.66 -43.36 -13.95
N LYS D 39 -39.50 -43.20 -12.93
CA LYS D 39 -40.95 -43.13 -13.12
C LYS D 39 -41.49 -41.86 -12.46
N ARG D 40 -42.39 -41.19 -13.17
CA ARG D 40 -42.99 -39.96 -12.67
C ARG D 40 -44.09 -40.26 -11.67
N HIS D 41 -44.22 -39.39 -10.66
CA HIS D 41 -45.19 -39.55 -9.58
C HIS D 41 -45.02 -40.91 -8.88
N THR D 42 -43.76 -41.30 -8.66
CA THR D 42 -43.45 -42.58 -8.06
C THR D 42 -42.50 -42.38 -6.89
N PRO D 43 -42.81 -42.91 -5.72
CA PRO D 43 -41.90 -42.76 -4.57
C PRO D 43 -40.58 -43.46 -4.80
N LEU D 44 -39.54 -42.91 -4.18
CA LEU D 44 -38.20 -43.46 -4.29
C LEU D 44 -37.97 -44.67 -3.38
N SER D 45 -38.94 -45.02 -2.55
CA SER D 45 -38.77 -46.12 -1.61
C SER D 45 -38.53 -47.44 -2.33
N LYS D 46 -39.26 -47.69 -3.41
CA LYS D 46 -39.08 -48.94 -4.15
C LYS D 46 -37.68 -49.00 -4.76
N LEU D 47 -37.19 -47.88 -5.30
CA LEU D 47 -35.82 -47.84 -5.83
C LEU D 47 -34.81 -48.10 -4.73
N MET D 48 -35.02 -47.52 -3.54
CA MET D 48 -34.14 -47.79 -2.42
C MET D 48 -34.19 -49.26 -2.02
N LYS D 49 -35.38 -49.85 -1.99
CA LYS D 49 -35.50 -51.26 -1.66
C LYS D 49 -34.80 -52.14 -2.68
N ALA D 50 -34.95 -51.80 -3.97
CA ALA D 50 -34.28 -52.57 -5.02
C ALA D 50 -32.77 -52.49 -4.89
N TYR D 51 -32.24 -51.30 -4.58
CA TYR D 51 -30.80 -51.14 -4.40
C TYR D 51 -30.30 -51.94 -3.20
N CYS D 52 -31.07 -51.93 -2.11
CA CYS D 52 -30.70 -52.71 -0.93
C CYS D 52 -30.68 -54.20 -1.24
N GLU D 53 -31.68 -54.68 -1.98
CA GLU D 53 -31.73 -56.09 -2.33
C GLU D 53 -30.56 -56.47 -3.23
N ARG D 54 -30.20 -55.59 -4.17
CA ARG D 54 -29.04 -55.84 -5.02
C ARG D 54 -27.75 -55.91 -4.19
N GLN D 55 -27.61 -55.01 -3.22
CA GLN D 55 -26.43 -55.00 -2.36
C GLN D 55 -26.61 -55.91 -1.15
N MET D 59 -31.01 -51.61 4.95
CA MET D 59 -31.70 -50.42 4.45
C MET D 59 -31.54 -49.26 5.43
N ARG D 60 -31.59 -49.57 6.73
CA ARG D 60 -31.38 -48.54 7.74
C ARG D 60 -29.97 -47.98 7.68
N GLN D 61 -28.98 -48.86 7.48
CA GLN D 61 -27.59 -48.42 7.49
C GLN D 61 -27.27 -47.47 6.34
N ILE D 62 -27.78 -47.77 5.15
CA ILE D 62 -27.48 -46.96 3.98
C ILE D 62 -28.29 -45.66 4.04
N ARG D 63 -27.71 -44.60 3.48
CA ARG D 63 -28.35 -43.29 3.42
C ARG D 63 -28.33 -42.80 1.99
N PHE D 64 -29.49 -42.33 1.52
CA PHE D 64 -29.65 -41.87 0.15
C PHE D 64 -29.70 -40.34 0.12
N ARG D 65 -28.86 -39.74 -0.71
CA ARG D 65 -28.84 -38.30 -0.90
C ARG D 65 -28.76 -37.98 -2.38
N PHE D 66 -29.34 -36.84 -2.75
CA PHE D 66 -29.32 -36.36 -4.13
C PHE D 66 -28.85 -34.92 -4.14
N ASP D 67 -27.72 -34.68 -4.80
CA ASP D 67 -27.13 -33.34 -4.91
C ASP D 67 -26.93 -32.70 -3.54
N GLY D 68 -26.49 -33.52 -2.58
CA GLY D 68 -26.26 -33.05 -1.23
C GLY D 68 -27.47 -32.98 -0.33
N GLN D 69 -28.65 -33.35 -0.84
CA GLN D 69 -29.87 -33.33 -0.07
C GLN D 69 -30.39 -34.76 0.08
N PRO D 70 -30.72 -35.20 1.31
CA PRO D 70 -31.23 -36.55 1.58
C PRO D 70 -32.53 -36.86 0.83
N THR D 87 -28.55 -39.16 -11.01
CA THR D 87 -27.65 -39.93 -10.16
C THR D 87 -27.74 -39.49 -8.70
N ILE D 88 -27.84 -40.47 -7.80
CA ILE D 88 -27.93 -40.22 -6.37
C ILE D 88 -26.82 -40.99 -5.67
N ASP D 89 -26.19 -40.35 -4.68
CA ASP D 89 -25.13 -40.97 -3.92
C ASP D 89 -25.70 -41.76 -2.76
N VAL D 90 -24.98 -42.80 -2.35
CA VAL D 90 -25.37 -43.64 -1.22
C VAL D 90 -24.25 -43.61 -0.19
N PHE D 91 -24.63 -43.66 1.08
CA PHE D 91 -23.69 -43.66 2.20
C PHE D 91 -23.78 -45.01 2.89
N GLN D 92 -22.66 -45.74 2.92
CA GLN D 92 -22.66 -47.13 3.37
C GLN D 92 -22.34 -47.26 4.86
N GLN D 93 -22.61 -46.22 5.65
CA GLN D 93 -22.52 -46.27 7.10
C GLN D 93 -21.10 -46.55 7.59
N GLN D 94 -20.87 -47.75 8.13
CA GLN D 94 -19.62 -48.06 8.82
C GLN D 94 -18.58 -48.50 7.82
N THR D 95 -17.89 -47.53 7.22
CA THR D 95 -16.78 -47.79 6.33
C THR D 95 -15.66 -46.80 6.62
N GLY D 96 -14.42 -47.28 6.49
CA GLY D 96 -13.29 -46.38 6.62
C GLY D 96 -13.27 -45.39 5.49
N GLY D 97 -13.62 -44.14 5.80
CA GLY D 97 -13.74 -43.11 4.78
C GLY D 97 -13.41 -41.76 5.35
N SER D 98 -13.45 -40.76 4.47
CA SER D 98 -13.13 -39.40 4.88
C SER D 98 -14.19 -38.85 5.81
N LYS D 99 -13.78 -37.91 6.67
CA LYS D 99 -14.74 -37.16 7.47
C LYS D 99 -15.66 -36.35 6.58
N PHE D 100 -15.10 -35.70 5.56
CA PHE D 100 -15.86 -34.81 4.71
C PHE D 100 -16.58 -35.61 3.63
N SER D 101 -17.89 -35.47 3.56
CA SER D 101 -18.68 -36.17 2.56
C SER D 101 -18.88 -35.31 1.31
N ASN D 102 -19.49 -34.14 1.48
CA ASN D 102 -19.71 -33.24 0.36
C ASN D 102 -19.97 -31.84 0.88
N ILE D 103 -19.92 -30.88 -0.03
CA ILE D 103 -20.19 -29.49 0.28
C ILE D 103 -21.18 -28.94 -0.74
N THR D 104 -22.15 -28.18 -0.27
CA THR D 104 -23.15 -27.56 -1.13
C THR D 104 -22.99 -26.05 -1.05
N ILE D 105 -22.95 -25.39 -2.20
CA ILE D 105 -22.81 -23.95 -2.29
C ILE D 105 -24.00 -23.42 -3.08
N LYS D 106 -24.71 -22.45 -2.51
CA LYS D 106 -25.90 -21.90 -3.14
C LYS D 106 -25.80 -20.39 -3.19
N ASN D 107 -26.02 -19.82 -4.37
CA ASN D 107 -26.14 -18.37 -4.56
C ASN D 107 -24.90 -17.62 -4.09
N PHE D 108 -23.76 -18.28 -4.02
CA PHE D 108 -22.52 -17.64 -3.61
C PHE D 108 -21.69 -17.35 -4.86
N ARG D 109 -21.56 -16.07 -5.19
CA ARG D 109 -20.79 -15.63 -6.35
C ARG D 109 -21.25 -16.35 -7.62
N ASN D 110 -20.35 -17.13 -8.23
CA ASN D 110 -20.72 -17.82 -9.46
C ASN D 110 -21.61 -19.02 -9.18
N PHE D 111 -21.45 -19.65 -8.03
CA PHE D 111 -22.13 -20.92 -7.74
C PHE D 111 -23.62 -20.64 -7.52
N GLU D 112 -24.42 -20.89 -8.56
CA GLU D 112 -25.86 -20.81 -8.39
C GLU D 112 -26.37 -21.91 -7.47
N LYS D 113 -26.00 -23.15 -7.76
CA LYS D 113 -26.29 -24.27 -6.87
C LYS D 113 -25.34 -25.39 -7.27
N VAL D 114 -24.37 -25.71 -6.40
CA VAL D 114 -23.32 -26.66 -6.72
C VAL D 114 -23.13 -27.58 -5.54
N ASN D 115 -23.10 -28.89 -5.80
CA ASN D 115 -22.83 -29.89 -4.79
C ASN D 115 -21.59 -30.67 -5.21
N ILE D 116 -20.58 -30.70 -4.37
CA ILE D 116 -19.30 -31.31 -4.68
C ILE D 116 -18.98 -32.35 -3.61
N ASN D 117 -18.73 -33.58 -4.04
CA ASN D 117 -18.25 -34.59 -3.11
C ASN D 117 -16.81 -34.30 -2.71
N LEU D 118 -16.44 -34.73 -1.51
CA LEU D 118 -15.15 -34.38 -0.94
C LEU D 118 -14.48 -35.62 -0.36
N ASP D 119 -13.22 -35.45 0.01
CA ASP D 119 -12.45 -36.44 0.73
C ASP D 119 -11.46 -35.71 1.62
N ASN D 120 -10.59 -36.48 2.29
CA ASN D 120 -9.57 -35.85 3.12
C ASN D 120 -8.65 -34.98 2.27
N LYS D 121 -8.12 -35.53 1.19
CA LYS D 121 -7.28 -34.78 0.26
C LYS D 121 -8.08 -34.48 -0.99
N ASN D 122 -8.20 -33.20 -1.32
CA ASN D 122 -9.00 -32.75 -2.46
C ASN D 122 -8.15 -31.87 -3.34
N VAL D 123 -8.19 -32.11 -4.65
CA VAL D 123 -7.49 -31.29 -5.63
C VAL D 123 -8.53 -30.70 -6.56
N ILE D 124 -8.53 -29.38 -6.68
CA ILE D 124 -9.46 -28.66 -7.54
C ILE D 124 -8.66 -28.02 -8.67
N PHE D 125 -9.10 -28.27 -9.90
CA PHE D 125 -8.44 -27.76 -11.08
C PHE D 125 -9.49 -27.49 -12.14
N GLY D 126 -9.10 -26.81 -13.20
CA GLY D 126 -10.00 -26.62 -14.31
C GLY D 126 -9.74 -25.30 -15.01
N MET D 127 -10.54 -25.06 -16.04
CA MET D 127 -10.42 -23.86 -16.85
C MET D 127 -10.88 -22.60 -16.13
N ASN D 128 -11.88 -22.71 -15.25
CA ASN D 128 -12.54 -21.55 -14.66
C ASN D 128 -11.76 -21.13 -13.42
N ASP D 129 -10.93 -20.10 -13.57
CA ASP D 129 -10.09 -19.66 -12.46
C ASP D 129 -10.93 -19.02 -11.37
N ILE D 130 -11.96 -18.26 -11.73
CA ILE D 130 -12.82 -17.64 -10.73
C ILE D 130 -13.58 -18.71 -9.94
N GLY D 131 -14.01 -19.76 -10.63
CA GLY D 131 -14.70 -20.83 -9.93
C GLY D 131 -13.82 -21.53 -8.92
N LYS D 132 -12.55 -21.75 -9.27
CA LYS D 132 -11.64 -22.39 -8.34
C LYS D 132 -11.36 -21.49 -7.14
N THR D 133 -11.14 -20.20 -7.38
CA THR D 133 -10.85 -19.28 -6.29
C THR D 133 -12.06 -19.14 -5.37
N ASN D 134 -13.26 -19.01 -5.94
CA ASN D 134 -14.45 -18.84 -5.12
C ASN D 134 -14.76 -20.09 -4.31
N PHE D 135 -14.45 -21.27 -4.85
CA PHE D 135 -14.64 -22.50 -4.09
C PHE D 135 -13.78 -22.50 -2.83
N LEU D 136 -12.53 -22.07 -2.95
CA LEU D 136 -11.67 -21.98 -1.78
C LEU D 136 -12.18 -20.93 -0.80
N TYR D 137 -12.71 -19.82 -1.31
CA TYR D 137 -13.25 -18.79 -0.43
C TYR D 137 -14.49 -19.28 0.31
N ALA D 138 -15.32 -20.09 -0.35
CA ALA D 138 -16.49 -20.65 0.32
C ALA D 138 -16.08 -21.50 1.50
N LEU D 139 -14.97 -22.23 1.37
CA LEU D 139 -14.46 -23.01 2.49
C LEU D 139 -13.94 -22.09 3.59
N ARG D 140 -13.27 -21.00 3.21
CA ARG D 140 -12.75 -20.07 4.21
C ARG D 140 -13.88 -19.39 4.96
N PHE D 141 -14.92 -18.97 4.25
CA PHE D 141 -16.04 -18.32 4.92
C PHE D 141 -16.69 -19.26 5.92
N LEU D 142 -16.77 -20.54 5.60
CA LEU D 142 -17.40 -21.50 6.50
C LEU D 142 -16.54 -21.80 7.71
N LEU D 143 -15.23 -21.97 7.51
CA LEU D 143 -14.37 -22.51 8.55
C LEU D 143 -13.35 -21.53 9.10
N ASP D 144 -13.00 -20.48 8.38
CA ASP D 144 -11.97 -19.54 8.82
C ASP D 144 -12.62 -18.35 9.50
N LYS D 145 -12.22 -18.10 10.75
CA LYS D 145 -12.79 -16.99 11.51
C LYS D 145 -12.43 -15.65 10.89
N GLU D 146 -11.18 -15.52 10.40
CA GLU D 146 -10.72 -14.23 9.91
C GLU D 146 -11.49 -13.79 8.67
N ILE D 147 -11.75 -14.72 7.75
CA ILE D 147 -12.52 -14.36 6.56
C ILE D 147 -13.98 -14.11 6.92
N ARG D 148 -14.52 -14.93 7.82
CA ARG D 148 -15.95 -14.88 8.11
C ARG D 148 -16.36 -13.59 8.82
N LYS D 149 -15.46 -13.02 9.62
CA LYS D 149 -15.81 -11.87 10.43
C LYS D 149 -16.14 -10.64 9.59
N PHE D 150 -15.78 -10.63 8.32
CA PHE D 150 -16.04 -9.46 7.48
C PHE D 150 -17.43 -9.45 6.88
N GLY D 151 -18.19 -10.53 6.98
CA GLY D 151 -19.51 -10.57 6.41
C GLY D 151 -19.48 -10.68 4.90
N PHE D 152 -20.68 -10.64 4.32
CA PHE D 152 -20.85 -10.76 2.88
C PHE D 152 -21.20 -9.39 2.30
N ASN D 153 -20.51 -9.02 1.22
CA ASN D 153 -20.82 -7.79 0.51
C ASN D 153 -22.00 -8.04 -0.44
N LYS D 154 -22.37 -7.00 -1.18
CA LYS D 154 -23.37 -7.19 -2.23
C LYS D 154 -22.83 -8.05 -3.36
N SER D 155 -21.53 -7.92 -3.65
CA SER D 155 -20.92 -8.69 -4.73
C SER D 155 -20.87 -10.19 -4.43
N ASP D 156 -20.89 -10.58 -3.16
CA ASP D 156 -20.77 -11.98 -2.81
C ASP D 156 -22.03 -12.76 -3.13
N TYR D 157 -23.13 -12.09 -3.47
CA TYR D 157 -24.35 -12.79 -3.82
C TYR D 157 -24.38 -13.09 -5.31
N HIS D 158 -25.04 -14.20 -5.66
CA HIS D 158 -25.07 -14.63 -7.05
C HIS D 158 -25.77 -13.59 -7.90
N LYS D 159 -25.12 -13.21 -9.01
CA LYS D 159 -25.62 -12.19 -9.92
C LYS D 159 -25.94 -10.88 -9.20
N HIS D 160 -25.29 -10.64 -8.07
CA HIS D 160 -25.53 -9.47 -7.23
C HIS D 160 -26.98 -9.37 -6.78
N ASP D 161 -27.71 -10.49 -6.81
CA ASP D 161 -29.11 -10.53 -6.41
C ASP D 161 -29.16 -10.78 -4.92
N THR D 162 -29.27 -9.70 -4.13
CA THR D 162 -29.27 -9.82 -2.68
C THR D 162 -30.57 -10.40 -2.14
N SER D 163 -31.60 -10.55 -2.98
CA SER D 163 -32.84 -11.16 -2.51
C SER D 163 -32.67 -12.64 -2.23
N LYS D 164 -31.66 -13.26 -2.84
CA LYS D 164 -31.41 -14.69 -2.65
C LYS D 164 -30.51 -14.91 -1.45
N LYS D 165 -30.70 -16.05 -0.79
CA LYS D 165 -29.97 -16.36 0.43
C LYS D 165 -28.75 -17.21 0.11
N ILE D 166 -27.58 -16.74 0.55
CA ILE D 166 -26.35 -17.50 0.41
C ILE D 166 -26.37 -18.65 1.39
N GLU D 167 -26.08 -19.85 0.91
CA GLU D 167 -26.11 -21.04 1.75
C GLU D 167 -24.92 -21.92 1.40
N ILE D 168 -24.09 -22.21 2.39
CA ILE D 168 -22.93 -23.07 2.23
C ILE D 168 -23.04 -24.16 3.30
N ILE D 169 -23.21 -25.40 2.86
CA ILE D 169 -23.44 -26.52 3.78
C ILE D 169 -22.34 -27.55 3.56
N LEU D 170 -21.70 -27.96 4.65
CA LEU D 170 -20.69 -29.00 4.62
C LEU D 170 -21.22 -30.20 5.39
N THR D 171 -21.19 -31.37 4.76
CA THR D 171 -21.65 -32.61 5.36
C THR D 171 -20.45 -33.43 5.81
N LEU D 172 -20.51 -33.92 7.03
CA LEU D 172 -19.42 -34.69 7.61
C LEU D 172 -19.89 -36.09 7.96
N ASP D 173 -18.94 -37.02 8.05
CA ASP D 173 -19.22 -38.40 8.42
C ASP D 173 -18.55 -38.70 9.75
N LEU D 174 -19.33 -39.20 10.70
CA LEU D 174 -18.83 -39.55 12.02
C LEU D 174 -19.02 -41.03 12.32
N SER D 175 -19.12 -41.86 11.27
CA SER D 175 -19.35 -43.28 11.47
C SER D 175 -18.16 -43.94 12.15
N ASN D 176 -16.94 -43.59 11.75
CA ASN D 176 -15.74 -44.21 12.30
C ASN D 176 -15.27 -43.43 13.54
N TYR D 177 -16.20 -43.25 14.47
CA TYR D 177 -15.90 -42.50 15.69
C TYR D 177 -14.91 -43.26 16.57
N GLU D 178 -15.06 -44.57 16.67
CA GLU D 178 -14.26 -45.34 17.63
C GLU D 178 -12.79 -45.37 17.26
N LYS D 179 -12.46 -45.24 15.97
CA LYS D 179 -11.08 -45.32 15.53
C LYS D 179 -10.46 -43.96 15.23
N ASP D 180 -11.22 -43.03 14.65
CA ASP D 180 -10.69 -41.74 14.25
C ASP D 180 -10.67 -40.79 15.44
N GLU D 181 -9.50 -40.24 15.73
CA GLU D 181 -9.38 -39.29 16.83
C GLU D 181 -9.94 -37.92 16.46
N ASP D 182 -9.87 -37.53 15.19
CA ASP D 182 -10.40 -36.24 14.79
C ASP D 182 -11.91 -36.21 14.87
N THR D 183 -12.57 -37.35 14.70
CA THR D 183 -14.00 -37.42 14.92
C THR D 183 -14.34 -37.13 16.38
N LYS D 184 -13.51 -37.62 17.30
CA LYS D 184 -13.72 -37.35 18.72
C LYS D 184 -13.54 -35.87 19.01
N LYS D 185 -12.62 -35.21 18.31
CA LYS D 185 -12.44 -33.77 18.49
C LYS D 185 -13.71 -33.01 18.14
N LEU D 186 -14.35 -33.40 17.04
CA LEU D 186 -15.58 -32.71 16.63
C LEU D 186 -16.73 -33.02 17.56
N ILE D 187 -16.85 -34.28 17.99
CA ILE D 187 -17.99 -34.68 18.83
C ILE D 187 -17.94 -33.97 20.17
N SER D 188 -16.73 -33.79 20.73
CA SER D 188 -16.61 -33.16 22.03
C SER D 188 -17.12 -31.73 22.01
N VAL D 189 -16.82 -30.99 20.95
CA VAL D 189 -17.29 -29.61 20.86
C VAL D 189 -18.78 -29.58 20.58
N VAL D 190 -19.28 -30.48 19.73
CA VAL D 190 -20.67 -30.43 19.29
C VAL D 190 -21.62 -30.64 20.45
N LYS D 191 -21.33 -31.62 21.30
CA LYS D 191 -22.10 -31.91 22.52
C LYS D 191 -23.51 -32.32 22.12
N GLY D 192 -24.55 -31.59 22.51
CA GLY D 192 -25.92 -32.03 22.34
C GLY D 192 -26.58 -31.69 21.03
N ALA D 193 -25.85 -31.11 20.07
CA ALA D 193 -26.45 -30.79 18.78
C ALA D 193 -26.73 -32.03 17.94
N ARG D 194 -26.25 -33.19 18.36
CA ARG D 194 -26.43 -34.43 17.62
C ARG D 194 -27.66 -35.19 18.09
N THR D 195 -28.08 -36.17 17.29
CA THR D 195 -29.16 -37.07 17.64
C THR D 195 -28.68 -38.49 17.45
N SER D 196 -29.07 -39.38 18.37
CA SER D 196 -28.60 -40.75 18.32
C SER D 196 -29.09 -41.46 17.06
N ALA D 197 -30.23 -41.04 16.50
CA ALA D 197 -30.71 -41.63 15.26
C ALA D 197 -29.76 -41.33 14.10
N ASN D 198 -29.24 -40.10 14.05
CA ASN D 198 -28.35 -39.65 12.98
C ASN D 198 -26.92 -39.47 13.48
N ALA D 199 -26.46 -40.39 14.31
CA ALA D 199 -25.14 -40.26 14.92
C ALA D 199 -24.00 -40.36 13.91
N ASP D 200 -24.28 -40.77 12.67
CA ASP D 200 -23.24 -40.94 11.68
C ASP D 200 -23.02 -39.69 10.84
N VAL D 201 -24.06 -38.89 10.61
CA VAL D 201 -23.97 -37.74 9.72
C VAL D 201 -24.01 -36.47 10.56
N PHE D 202 -23.35 -35.43 10.06
CA PHE D 202 -23.35 -34.13 10.70
C PHE D 202 -23.27 -33.04 9.63
N TYR D 203 -23.92 -31.92 9.91
CA TYR D 203 -23.97 -30.81 8.97
C TYR D 203 -23.47 -29.54 9.63
N ILE D 204 -22.66 -28.78 8.91
CA ILE D 204 -22.26 -27.44 9.31
C ILE D 204 -22.72 -26.50 8.21
N ALA D 205 -23.66 -25.62 8.54
CA ALA D 205 -24.31 -24.78 7.55
C ALA D 205 -23.98 -23.32 7.79
N LEU D 206 -23.90 -22.57 6.71
CA LEU D 206 -23.71 -21.13 6.75
C LEU D 206 -24.86 -20.48 5.99
N GLU D 207 -25.57 -19.58 6.64
CA GLU D 207 -26.68 -18.86 6.02
C GLU D 207 -26.40 -17.37 6.07
N SER D 208 -26.89 -16.65 5.08
CA SER D 208 -26.71 -15.21 5.04
C SER D 208 -27.82 -14.60 4.20
N LYS D 209 -28.59 -13.71 4.80
CA LYS D 209 -29.59 -12.91 4.10
C LYS D 209 -29.18 -11.45 4.16
N TYR D 210 -29.11 -10.81 3.01
CA TYR D 210 -28.65 -9.43 2.95
C TYR D 210 -29.65 -8.51 3.66
N ASP D 211 -29.11 -7.52 4.35
CA ASP D 211 -29.93 -6.50 5.02
C ASP D 211 -29.84 -5.23 4.19
N ASP D 212 -30.87 -4.98 3.39
CA ASP D 212 -30.88 -3.79 2.54
C ASP D 212 -30.89 -2.51 3.36
N LYS D 213 -31.46 -2.56 4.57
CA LYS D 213 -31.46 -1.38 5.43
C LYS D 213 -30.03 -1.00 5.84
N GLU D 214 -29.21 -1.99 6.20
CA GLU D 214 -27.88 -1.74 6.71
C GLU D 214 -26.78 -1.98 5.68
N LEU D 215 -27.12 -2.43 4.48
CA LEU D 215 -26.12 -2.75 3.46
C LEU D 215 -25.09 -3.75 3.98
N TYR D 216 -25.57 -4.77 4.67
CA TYR D 216 -24.70 -5.74 5.31
C TYR D 216 -25.28 -7.13 5.16
N GLY D 217 -24.40 -8.11 4.93
CA GLY D 217 -24.79 -9.50 4.91
C GLY D 217 -24.23 -10.24 6.09
N ASN D 218 -25.09 -10.61 7.04
CA ASN D 218 -24.65 -11.25 8.27
C ASN D 218 -24.51 -12.75 8.05
N ILE D 219 -23.38 -13.30 8.46
CA ILE D 219 -23.13 -14.74 8.36
C ILE D 219 -23.54 -15.40 9.67
N ILE D 220 -24.46 -16.35 9.58
CA ILE D 220 -24.94 -17.09 10.75
C ILE D 220 -24.62 -18.56 10.53
N LEU D 221 -23.89 -19.15 11.46
CA LEU D 221 -23.47 -20.54 11.37
C LEU D 221 -24.41 -21.41 12.18
N LYS D 222 -24.85 -22.51 11.57
CA LYS D 222 -25.68 -23.50 12.24
C LYS D 222 -25.06 -24.88 12.07
N TRP D 223 -25.39 -25.78 12.97
CA TRP D 223 -24.93 -27.15 12.84
C TRP D 223 -25.94 -28.08 13.50
N GLY D 224 -25.78 -29.37 13.21
CA GLY D 224 -26.66 -30.37 13.77
C GLY D 224 -26.68 -31.60 12.91
N SER D 225 -27.19 -32.69 13.50
CA SER D 225 -27.28 -33.95 12.77
C SER D 225 -28.44 -33.97 11.79
N GLU D 226 -29.52 -33.26 12.07
CA GLU D 226 -30.67 -33.18 11.19
C GLU D 226 -30.55 -31.94 10.32
N LEU D 227 -30.69 -32.11 9.01
CA LEU D 227 -30.52 -30.98 8.10
C LEU D 227 -31.73 -30.05 8.14
N ASP D 228 -32.92 -30.59 8.41
CA ASP D 228 -34.11 -29.74 8.40
C ASP D 228 -34.07 -28.70 9.49
N ASN D 229 -33.63 -29.08 10.70
CA ASN D 229 -33.50 -28.14 11.80
C ASN D 229 -32.07 -28.16 12.32
N LEU D 230 -31.40 -27.01 12.23
CA LEU D 230 -30.05 -26.85 12.74
C LEU D 230 -30.03 -25.72 13.73
N ILE D 231 -29.38 -25.92 14.85
CA ILE D 231 -29.27 -24.89 15.88
C ILE D 231 -28.05 -24.04 15.59
N ASP D 232 -28.08 -22.80 16.08
CA ASP D 232 -26.94 -21.91 15.88
C ASP D 232 -25.74 -22.40 16.68
N ILE D 233 -24.56 -22.24 16.11
CA ILE D 233 -23.33 -22.64 16.79
C ILE D 233 -23.13 -21.69 17.96
N PRO D 234 -23.05 -22.19 19.19
CA PRO D 234 -22.86 -21.29 20.33
C PRO D 234 -21.51 -20.61 20.29
N GLY D 235 -21.46 -19.41 20.84
CA GLY D 235 -20.23 -18.65 20.88
C GLY D 235 -20.36 -17.43 21.76
N ARG D 236 -19.22 -16.91 22.18
CA ARG D 236 -19.14 -15.74 23.03
C ARG D 236 -18.24 -14.70 22.36
N GLY D 237 -18.79 -13.53 22.11
CA GLY D 237 -17.99 -12.48 21.49
C GLY D 237 -17.66 -12.81 20.05
N ASN D 238 -16.38 -12.78 19.72
CA ASN D 238 -15.96 -12.97 18.34
C ASN D 238 -15.83 -14.44 17.97
N ILE D 239 -15.53 -15.29 18.92
CA ILE D 239 -15.30 -16.70 18.63
C ILE D 239 -16.55 -17.51 18.90
N ASN D 240 -16.68 -18.65 18.23
CA ASN D 240 -17.76 -19.59 18.44
C ASN D 240 -17.17 -20.98 18.66
N ALA D 241 -18.05 -21.95 18.94
CA ALA D 241 -17.57 -23.29 19.25
C ALA D 241 -16.86 -23.92 18.08
N LEU D 242 -17.23 -23.57 16.85
CA LEU D 242 -16.60 -24.16 15.69
C LEU D 242 -15.13 -23.78 15.57
N ASP D 243 -14.78 -22.56 15.98
CA ASP D 243 -13.40 -22.11 15.86
C ASP D 243 -12.47 -22.89 16.79
N ASN D 244 -12.99 -23.58 17.79
CA ASN D 244 -12.15 -24.36 18.68
C ASN D 244 -11.71 -25.69 18.06
N VAL D 245 -12.48 -26.22 17.11
CA VAL D 245 -12.20 -27.55 16.59
C VAL D 245 -11.49 -27.47 15.24
N PHE D 246 -11.82 -26.47 14.43
CA PHE D 246 -11.30 -26.37 13.07
C PHE D 246 -10.24 -25.29 13.00
N LYS D 247 -9.10 -25.64 12.41
CA LYS D 247 -8.02 -24.69 12.16
C LYS D 247 -7.72 -24.72 10.66
N VAL D 248 -7.87 -23.57 10.01
CA VAL D 248 -7.63 -23.46 8.58
C VAL D 248 -6.29 -22.74 8.39
N ILE D 249 -5.35 -23.42 7.75
CA ILE D 249 -4.05 -22.85 7.44
C ILE D 249 -4.01 -22.58 5.95
N TYR D 250 -3.97 -21.31 5.59
CA TYR D 250 -3.99 -20.89 4.19
C TYR D 250 -2.56 -20.66 3.73
N ILE D 251 -2.08 -21.54 2.84
CA ILE D 251 -0.74 -21.45 2.29
C ILE D 251 -0.84 -20.77 0.93
N ASN D 252 -0.22 -19.61 0.82
CA ASN D 252 -0.16 -18.92 -0.46
C ASN D 252 1.25 -19.01 -1.02
N PRO D 253 1.40 -19.01 -2.36
CA PRO D 253 2.74 -19.16 -2.93
C PRO D 253 3.70 -18.07 -2.51
N LEU D 254 3.22 -16.84 -2.34
CA LEU D 254 4.06 -15.72 -1.92
C LEU D 254 3.99 -15.62 -0.41
N VAL D 255 4.90 -16.32 0.27
CA VAL D 255 4.99 -16.30 1.72
C VAL D 255 6.43 -16.00 2.10
N ASP D 256 6.63 -14.95 2.88
CA ASP D 256 7.96 -14.60 3.35
C ASP D 256 8.35 -15.57 4.46
N LEU D 257 9.53 -16.19 4.32
CA LEU D 257 9.95 -17.19 5.30
C LEU D 257 10.13 -16.57 6.68
N ASP D 258 10.87 -15.46 6.76
CA ASP D 258 11.09 -14.84 8.06
C ASP D 258 9.78 -14.37 8.68
N LYS D 259 8.83 -13.95 7.86
CA LYS D 259 7.49 -13.67 8.35
C LYS D 259 6.88 -14.94 8.94
N LEU D 260 7.00 -16.06 8.23
CA LEU D 260 6.42 -17.31 8.71
C LEU D 260 7.05 -17.74 10.02
N PHE D 261 8.36 -17.59 10.14
CA PHE D 261 9.04 -17.98 11.37
C PHE D 261 8.73 -17.01 12.51
N ALA D 262 8.24 -15.82 12.19
CA ALA D 262 8.07 -14.79 13.23
C ALA D 262 7.03 -15.21 14.26
N GLN D 263 5.84 -15.61 13.82
CA GLN D 263 4.81 -15.98 14.79
C GLN D 263 5.07 -17.34 15.41
N ASN D 264 5.54 -18.30 14.63
CA ASN D 264 5.66 -19.67 15.12
C ASN D 264 6.82 -19.85 16.08
N LYS D 265 7.84 -18.99 16.02
CA LYS D 265 8.97 -19.16 16.93
C LYS D 265 8.56 -19.02 18.38
N LYS D 266 7.51 -18.23 18.64
CA LYS D 266 7.00 -18.12 20.01
C LYS D 266 6.56 -19.48 20.53
N TYR D 267 5.73 -20.18 19.75
CA TYR D 267 5.25 -21.49 20.17
C TYR D 267 6.38 -22.50 20.26
N ILE D 268 7.27 -22.50 19.26
CA ILE D 268 8.23 -23.58 19.09
C ILE D 268 9.11 -23.74 20.33
N PHE D 269 9.43 -22.64 20.99
CA PHE D 269 10.33 -22.70 22.13
C PHE D 269 9.62 -22.72 23.48
N GLU D 270 8.42 -22.14 23.58
CA GLU D 270 7.71 -22.18 24.86
C GLU D 270 7.18 -23.58 25.15
N GLU D 271 6.77 -24.32 24.12
CA GLU D 271 6.22 -25.65 24.34
C GLU D 271 7.28 -26.63 24.81
N SER D 272 8.51 -26.50 24.31
CA SER D 272 9.56 -27.44 24.68
C SER D 272 9.95 -27.25 26.14
N GLN D 273 10.40 -28.33 26.76
CA GLN D 273 10.77 -28.30 28.17
C GLN D 273 12.16 -27.68 28.34
N GLY D 274 12.30 -26.84 29.36
CA GLY D 274 13.55 -26.16 29.65
C GLY D 274 14.15 -26.66 30.95
N ASN D 275 15.36 -27.20 30.85
CA ASN D 275 16.06 -27.78 31.99
C ASN D 275 16.96 -26.74 32.66
N GLU D 276 17.65 -27.16 33.71
CA GLU D 276 18.49 -26.24 34.47
C GLU D 276 19.64 -25.70 33.63
N SER D 277 20.26 -26.56 32.81
CA SER D 277 21.37 -26.10 31.98
C SER D 277 20.92 -25.03 31.01
N ASP D 278 19.74 -25.22 30.41
CA ASP D 278 19.21 -24.20 29.50
C ASP D 278 18.89 -22.91 30.25
N GLU D 279 18.38 -23.03 31.48
CA GLU D 279 18.11 -21.84 32.27
C GLU D 279 19.38 -21.06 32.57
N GLY D 280 20.47 -21.77 32.86
CA GLY D 280 21.74 -21.09 33.06
C GLY D 280 22.21 -20.38 31.80
N ILE D 281 21.98 -20.98 30.64
CA ILE D 281 22.39 -20.36 29.38
C ILE D 281 21.54 -19.13 29.10
N LEU D 282 20.24 -19.18 29.41
CA LEU D 282 19.40 -17.99 29.30
C LEU D 282 19.97 -16.84 30.10
N ASN D 283 20.28 -17.08 31.38
CA ASN D 283 20.81 -16.02 32.22
C ASN D 283 22.16 -15.54 31.72
N ASN D 284 23.00 -16.47 31.25
CA ASN D 284 24.30 -16.09 30.73
C ASN D 284 24.18 -15.20 29.50
N ILE D 285 23.25 -15.54 28.60
CA ILE D 285 23.06 -14.74 27.40
C ILE D 285 22.57 -13.34 27.77
N LYS D 286 21.62 -13.26 28.72
CA LYS D 286 21.12 -11.96 29.14
C LYS D 286 22.24 -11.09 29.69
N SER D 287 23.18 -11.69 30.42
CA SER D 287 24.34 -10.95 30.89
C SER D 287 25.20 -10.49 29.72
N LEU D 288 25.38 -11.35 28.71
CA LEU D 288 26.19 -10.98 27.56
C LEU D 288 25.60 -9.80 26.81
N THR D 289 24.28 -9.83 26.58
CA THR D 289 23.65 -8.73 25.86
C THR D 289 23.68 -7.45 26.68
N ASP D 290 23.54 -7.56 28.00
CA ASP D 290 23.66 -6.38 28.85
C ASP D 290 25.05 -5.78 28.76
N GLN D 291 26.08 -6.62 28.73
CA GLN D 291 27.44 -6.11 28.59
C GLN D 291 27.64 -5.45 27.23
N VAL D 292 26.97 -5.96 26.19
CA VAL D 292 27.06 -5.35 24.88
C VAL D 292 26.53 -3.93 24.91
N ASN D 293 25.38 -3.74 25.54
CA ASN D 293 24.82 -2.40 25.67
C ASN D 293 25.71 -1.50 26.51
N GLN D 294 26.28 -2.06 27.57
CA GLN D 294 27.19 -1.28 28.41
C GLN D 294 28.44 -0.88 27.65
N GLN D 295 28.98 -1.79 26.82
CA GLN D 295 30.18 -1.48 26.07
C GLN D 295 29.91 -0.43 24.99
N ILE D 296 28.69 -0.43 24.44
CA ILE D 296 28.33 0.59 23.44
C ILE D 296 28.39 1.97 24.07
N GLY D 297 27.86 2.11 25.29
CA GLY D 297 27.87 3.40 25.95
C GLY D 297 29.28 3.89 26.28
N GLU D 298 30.25 2.98 26.33
CA GLU D 298 31.61 3.37 26.64
C GLU D 298 32.38 3.92 25.45
N MET D 299 31.85 3.76 24.24
CA MET D 299 32.51 4.30 23.06
C MET D 299 32.50 5.82 23.09
N THR D 300 33.61 6.43 22.69
CA THR D 300 33.70 7.89 22.72
C THR D 300 32.77 8.52 21.68
N ILE D 301 32.71 7.96 20.48
CA ILE D 301 31.86 8.55 19.45
C ILE D 301 30.39 8.38 19.81
N ILE D 302 30.04 7.27 20.46
CA ILE D 302 28.67 7.11 20.94
C ILE D 302 28.39 8.05 22.09
N LYS D 303 29.33 8.14 23.04
CA LYS D 303 29.14 9.05 24.17
C LYS D 303 29.08 10.49 23.71
N GLY D 304 29.90 10.85 22.73
CA GLY D 304 29.89 12.22 22.23
C GLY D 304 28.56 12.58 21.59
N PHE D 305 28.02 11.70 20.77
CA PHE D 305 26.78 11.99 20.06
C PHE D 305 25.61 12.12 21.04
N GLN D 306 25.44 11.14 21.91
CA GLN D 306 24.27 11.14 22.77
C GLN D 306 24.34 12.27 23.79
N GLN D 307 25.55 12.74 24.12
CA GLN D 307 25.67 13.93 24.94
C GLN D 307 25.28 15.18 24.15
N GLU D 308 25.72 15.27 22.90
CA GLU D 308 25.42 16.43 22.08
C GLU D 308 23.93 16.52 21.78
N ILE D 309 23.32 15.42 21.36
CA ILE D 309 21.91 15.45 21.01
C ILE D 309 21.04 15.63 22.24
N THR D 310 21.53 15.23 23.42
CA THR D 310 20.79 15.52 24.64
C THR D 310 20.70 17.02 24.87
N SER D 311 21.80 17.73 24.66
CA SER D 311 21.77 19.18 24.78
C SER D 311 20.82 19.81 23.77
N GLU D 312 20.82 19.32 22.53
CA GLU D 312 19.91 19.83 21.53
C GLU D 312 18.46 19.61 21.93
N TYR D 313 18.15 18.41 22.46
CA TYR D 313 16.81 18.15 22.92
C TYR D 313 16.45 19.02 24.12
N ARG D 314 17.39 19.21 25.05
CA ARG D 314 17.13 20.07 26.19
C ARG D 314 16.90 21.51 25.75
N SER D 315 17.64 21.97 24.74
CA SER D 315 17.41 23.29 24.20
C SER D 315 16.04 23.40 23.55
N LEU D 316 15.59 22.32 22.91
CA LEU D 316 14.27 22.33 22.28
C LEU D 316 13.17 22.54 23.32
N LYS D 317 13.23 21.80 24.42
CA LYS D 317 12.26 21.95 25.50
C LYS D 317 12.95 21.59 26.80
N LYS D 318 12.61 22.32 27.87
CA LYS D 318 13.27 22.14 29.16
C LYS D 318 12.62 20.97 29.88
N GLU D 319 13.01 19.77 29.45
CA GLU D 319 12.55 18.53 30.05
C GLU D 319 13.75 17.73 30.52
N GLU D 320 13.62 17.11 31.70
CA GLU D 320 14.70 16.33 32.28
C GLU D 320 14.71 14.95 31.60
N VAL D 321 15.36 14.91 30.44
CA VAL D 321 15.39 13.72 29.60
C VAL D 321 16.80 13.54 29.06
N SER D 322 17.28 12.30 29.07
CA SER D 322 18.57 11.95 28.48
C SER D 322 18.34 10.97 27.33
N ILE D 323 19.24 11.01 26.35
CA ILE D 323 19.14 10.18 25.16
C ILE D 323 20.26 9.15 25.20
N GLU D 324 19.92 7.89 24.98
CA GLU D 324 20.87 6.80 24.96
C GLU D 324 20.79 6.06 23.63
N LEU D 325 21.94 5.60 23.16
CA LEU D 325 22.03 4.78 21.96
C LEU D 325 22.27 3.35 22.38
N LYS D 326 21.22 2.54 22.38
CA LYS D 326 21.30 1.15 22.80
C LYS D 326 20.89 0.24 21.65
N SER D 327 21.52 -0.93 21.60
CA SER D 327 21.17 -1.92 20.59
C SER D 327 19.77 -2.44 20.86
N GLU D 328 18.97 -2.54 19.79
CA GLU D 328 17.57 -2.94 19.96
C GLU D 328 17.46 -4.37 20.45
N MET D 329 18.28 -5.27 19.91
CA MET D 329 18.24 -6.67 20.34
C MET D 329 18.61 -6.80 21.81
N ALA D 330 19.66 -6.09 22.23
CA ALA D 330 20.11 -6.20 23.62
C ALA D 330 19.05 -5.72 24.60
N ILE D 331 18.23 -4.76 24.19
CA ILE D 331 17.14 -4.30 25.04
C ILE D 331 16.06 -5.35 25.14
N LYS D 332 15.68 -5.95 24.00
CA LYS D 332 14.58 -6.89 23.97
C LYS D 332 14.99 -8.34 24.20
N GLY D 333 16.29 -8.64 24.13
CA GLY D 333 16.75 -10.01 24.26
C GLY D 333 16.97 -10.68 22.91
N PHE D 334 17.76 -11.74 22.94
CA PHE D 334 18.10 -12.45 21.71
C PHE D 334 16.88 -13.04 21.03
N PHE D 335 15.85 -13.38 21.81
CA PHE D 335 14.67 -14.03 21.24
C PHE D 335 13.95 -13.14 20.25
N SER D 336 14.09 -11.82 20.38
CA SER D 336 13.31 -10.90 19.55
C SER D 336 13.70 -11.02 18.08
N ASP D 337 14.98 -11.19 17.77
CA ASP D 337 15.46 -11.10 16.41
C ASP D 337 16.07 -12.40 15.89
N ILE D 338 15.82 -13.52 16.58
CA ILE D 338 16.38 -14.78 16.14
C ILE D 338 15.68 -15.25 14.86
N ILE D 339 16.46 -15.66 13.87
CA ILE D 339 15.91 -16.11 12.59
C ILE D 339 16.71 -17.30 12.10
N PRO D 340 16.07 -18.14 11.28
CA PRO D 340 16.79 -19.29 10.73
C PRO D 340 17.74 -18.87 9.62
N TYR D 341 18.94 -19.45 9.63
CA TYR D 341 19.95 -19.19 8.63
C TYR D 341 20.27 -20.51 7.92
N ILE D 342 20.08 -20.54 6.61
CA ILE D 342 20.32 -21.75 5.83
C ILE D 342 21.81 -21.79 5.53
N LYS D 343 22.53 -22.71 6.18
CA LYS D 343 23.98 -22.78 6.08
C LYS D 343 24.38 -23.99 5.24
N LYS D 344 25.10 -23.74 4.15
CA LYS D 344 25.63 -24.83 3.35
C LYS D 344 26.69 -25.59 4.15
N ASP D 345 26.70 -26.91 3.98
CA ASP D 345 27.62 -27.75 4.73
C ASP D 345 29.06 -27.46 4.30
N GLY D 346 29.95 -27.40 5.29
CA GLY D 346 31.34 -27.08 5.03
C GLY D 346 31.62 -25.62 4.74
N ASP D 347 30.63 -24.74 4.93
CA ASP D 347 30.77 -23.31 4.65
C ASP D 347 30.60 -22.53 5.94
N SER D 348 31.56 -21.64 6.21
CA SER D 348 31.50 -20.82 7.42
C SER D 348 30.51 -19.68 7.31
N ASN D 349 30.24 -19.21 6.09
CA ASN D 349 29.36 -18.07 5.90
C ASN D 349 27.92 -18.42 6.22
N TYR D 350 27.15 -17.42 6.63
CA TYR D 350 25.73 -17.56 6.92
C TYR D 350 24.94 -16.79 5.87
N TYR D 351 23.94 -17.43 5.29
CA TYR D 351 23.21 -16.82 4.20
C TYR D 351 21.73 -16.71 4.54
N PRO D 352 21.11 -15.56 4.27
CA PRO D 352 19.67 -15.37 4.45
C PRO D 352 18.86 -16.26 3.50
N GLY D 355 19.91 -18.37 -2.14
CA GLY D 355 18.95 -18.70 -3.17
C GLY D 355 17.51 -18.51 -2.71
N ASP D 356 16.65 -18.06 -3.63
CA ASP D 356 15.25 -17.88 -3.29
C ASP D 356 14.53 -19.21 -3.12
N GLY D 357 14.77 -20.14 -4.04
CA GLY D 357 14.17 -21.47 -3.92
C GLY D 357 14.62 -22.20 -2.67
N ARG D 358 15.81 -21.86 -2.18
CA ARG D 358 16.26 -22.37 -0.88
C ARG D 358 15.26 -22.01 0.21
N ARG D 359 14.74 -20.78 0.16
CA ARG D 359 13.78 -20.34 1.18
C ARG D 359 12.42 -20.98 0.99
N LYS D 360 11.96 -21.09 -0.26
CA LYS D 360 10.61 -21.60 -0.50
C LYS D 360 10.46 -23.03 0.01
N MET D 361 11.46 -23.87 -0.27
CA MET D 361 11.40 -25.24 0.24
C MET D 361 11.50 -25.26 1.75
N LEU D 362 12.38 -24.44 2.33
CA LEU D 362 12.56 -24.47 3.77
C LEU D 362 11.34 -23.92 4.48
N SER D 363 10.60 -23.03 3.82
CA SER D 363 9.33 -22.55 4.40
C SER D 363 8.33 -23.68 4.51
N TYR D 364 8.35 -24.62 3.57
CA TYR D 364 7.42 -25.74 3.64
C TYR D 364 7.80 -26.70 4.75
N SER D 365 9.09 -26.91 4.98
CA SER D 365 9.51 -27.81 6.05
C SER D 365 9.09 -27.28 7.42
N ILE D 366 9.06 -25.96 7.59
CA ILE D 366 8.52 -25.39 8.82
C ILE D 366 7.05 -25.75 8.95
N TYR D 367 6.30 -25.68 7.85
CA TYR D 367 4.91 -26.13 7.86
C TYR D 367 4.82 -27.60 8.22
N ASN D 368 5.73 -28.42 7.68
CA ASN D 368 5.77 -29.84 8.03
C ASN D 368 6.08 -30.02 9.51
N TYR D 369 7.06 -29.26 10.02
CA TYR D 369 7.44 -29.39 11.42
C TYR D 369 6.28 -29.01 12.34
N LEU D 370 5.60 -27.90 12.03
CA LEU D 370 4.46 -27.50 12.85
C LEU D 370 3.33 -28.51 12.75
N ALA D 371 3.10 -29.06 11.55
CA ALA D 371 2.01 -30.00 11.37
C ALA D 371 2.14 -31.20 12.29
N LYS D 372 3.36 -31.58 12.64
CA LYS D 372 3.55 -32.74 13.50
C LYS D 372 3.11 -32.47 14.93
N LYS D 373 3.34 -31.25 15.42
CA LYS D 373 3.18 -31.00 16.86
C LYS D 373 2.51 -29.69 17.24
N LYS D 374 2.16 -28.82 16.29
CA LYS D 374 1.60 -27.53 16.69
C LYS D 374 0.15 -27.66 17.14
N TYR D 375 -0.66 -28.41 16.39
CA TYR D 375 -2.10 -28.53 16.64
C TYR D 375 -2.45 -30.00 16.81
N GLU D 376 -2.33 -30.51 18.03
CA GLU D 376 -2.82 -31.85 18.34
C GLU D 376 -4.24 -31.84 18.87
N ASP D 377 -4.86 -30.68 19.02
CA ASP D 377 -6.18 -30.57 19.63
C ASP D 377 -7.24 -30.06 18.66
N LYS D 378 -6.91 -29.94 17.38
CA LYS D 378 -7.89 -29.44 16.42
C LYS D 378 -7.65 -30.08 15.07
N ILE D 379 -8.69 -30.05 14.24
CA ILE D 379 -8.62 -30.55 12.88
C ILE D 379 -8.05 -29.45 12.00
N VAL D 380 -6.92 -29.72 11.35
CA VAL D 380 -6.21 -28.73 10.57
C VAL D 380 -6.48 -28.98 9.09
N ILE D 381 -7.03 -27.97 8.41
CA ILE D 381 -7.30 -28.04 6.99
C ILE D 381 -6.38 -27.06 6.29
N TYR D 382 -5.63 -27.55 5.31
CA TYR D 382 -4.70 -26.74 4.55
C TYR D 382 -5.34 -26.34 3.23
N LEU D 383 -5.39 -25.05 2.97
CA LEU D 383 -5.86 -24.54 1.69
C LEU D 383 -4.63 -24.07 0.93
N ILE D 384 -4.15 -24.90 0.01
CA ILE D 384 -2.93 -24.63 -0.73
C ILE D 384 -3.35 -24.18 -2.13
N GLU D 385 -3.11 -22.91 -2.44
CA GLU D 385 -3.58 -22.31 -3.67
C GLU D 385 -2.39 -22.01 -4.57
N GLU D 386 -2.37 -22.64 -5.74
CA GLU D 386 -1.35 -22.43 -6.76
C GLU D 386 0.07 -22.51 -6.19
N PRO D 387 0.48 -23.65 -5.62
CA PRO D 387 1.84 -23.75 -5.10
C PRO D 387 2.91 -23.65 -6.17
N GLU D 388 2.57 -23.95 -7.43
CA GLU D 388 3.55 -23.99 -8.49
C GLU D 388 4.03 -22.62 -8.92
N ILE D 389 3.43 -21.55 -8.40
CA ILE D 389 3.81 -20.20 -8.81
C ILE D 389 5.26 -19.95 -8.40
N SER D 390 6.11 -19.65 -9.37
CA SER D 390 7.53 -19.37 -9.16
C SER D 390 8.22 -20.52 -8.43
N LEU D 391 7.85 -21.74 -8.79
CA LEU D 391 8.43 -22.95 -8.21
C LEU D 391 8.97 -23.82 -9.32
N HIS D 392 10.23 -24.23 -9.19
CA HIS D 392 10.83 -25.10 -10.19
C HIS D 392 10.10 -26.44 -10.24
N ARG D 393 10.05 -27.02 -11.44
CA ARG D 393 9.26 -28.23 -11.62
C ARG D 393 9.80 -29.38 -10.77
N SER D 394 11.10 -29.38 -10.45
CA SER D 394 11.63 -30.39 -9.55
C SER D 394 11.09 -30.21 -8.14
N MET D 395 10.94 -28.96 -7.70
CA MET D 395 10.34 -28.72 -6.40
C MET D 395 8.85 -29.05 -6.41
N GLN D 396 8.19 -28.88 -7.56
CA GLN D 396 6.78 -29.21 -7.65
C GLN D 396 6.54 -30.69 -7.41
N ILE D 397 7.41 -31.54 -7.96
CA ILE D 397 7.30 -32.97 -7.71
C ILE D 397 7.61 -33.29 -6.26
N ALA D 398 8.57 -32.56 -5.67
CA ALA D 398 8.87 -32.75 -4.25
C ALA D 398 7.68 -32.39 -3.39
N LEU D 399 7.01 -31.29 -3.72
CA LEU D 399 5.80 -30.91 -2.99
C LEU D 399 4.69 -31.92 -3.22
N SER D 400 4.61 -32.49 -4.43
CA SER D 400 3.60 -33.50 -4.71
C SER D 400 3.80 -34.73 -3.82
N LYS D 401 5.04 -35.14 -3.62
CA LYS D 401 5.31 -36.29 -2.77
C LYS D 401 4.89 -36.02 -1.33
N GLN D 402 5.12 -34.79 -0.85
CA GLN D 402 4.73 -34.44 0.51
C GLN D 402 3.22 -34.52 0.69
N LEU D 403 2.47 -34.02 -0.30
CA LEU D 403 1.03 -33.93 -0.16
C LEU D 403 0.38 -35.31 -0.13
N PHE D 404 0.82 -36.22 -0.99
CA PHE D 404 0.13 -37.48 -1.19
C PHE D 404 0.83 -38.67 -0.55
N GLU D 405 2.16 -38.76 -0.65
CA GLU D 405 2.85 -39.90 -0.08
C GLU D 405 2.93 -39.80 1.44
N GLN D 406 3.23 -38.63 1.97
CA GLN D 406 3.39 -38.47 3.40
C GLN D 406 2.03 -38.30 4.08
N SER D 407 2.04 -38.36 5.40
CA SER D 407 0.86 -38.16 6.22
C SER D 407 0.87 -36.80 6.92
N THR D 408 1.73 -35.88 6.45
CA THR D 408 1.83 -34.58 7.11
C THR D 408 0.54 -33.79 6.98
N TYR D 409 -0.06 -33.78 5.80
CA TYR D 409 -1.26 -32.99 5.53
C TYR D 409 -2.42 -33.98 5.42
N LYS D 410 -3.08 -34.23 6.55
CA LYS D 410 -4.19 -35.18 6.56
C LYS D 410 -5.35 -34.68 5.71
N TYR D 411 -5.72 -33.42 5.88
CA TYR D 411 -6.82 -32.81 5.12
C TYR D 411 -6.29 -31.57 4.43
N PHE D 412 -6.54 -31.47 3.12
CA PHE D 412 -6.17 -30.25 2.42
C PHE D 412 -7.03 -30.10 1.18
N PHE D 413 -7.12 -28.87 0.69
CA PHE D 413 -7.74 -28.54 -0.58
C PHE D 413 -6.69 -27.85 -1.44
N LEU D 414 -6.29 -28.49 -2.52
CA LEU D 414 -5.20 -28.01 -3.36
C LEU D 414 -5.77 -27.49 -4.67
N SER D 415 -5.49 -26.24 -4.98
CA SER D 415 -5.87 -25.64 -6.25
C SER D 415 -4.60 -25.45 -7.08
N THR D 416 -4.55 -26.10 -8.24
CA THR D 416 -3.31 -26.14 -9.00
C THR D 416 -3.60 -25.97 -10.49
N HIS D 417 -2.58 -25.48 -11.20
CA HIS D 417 -2.60 -25.40 -12.65
C HIS D 417 -1.53 -26.24 -13.31
N SER D 418 -0.67 -26.88 -12.55
CA SER D 418 0.49 -27.56 -13.11
C SER D 418 0.36 -29.06 -12.95
N PRO D 419 0.55 -29.83 -14.01
CA PRO D 419 0.46 -31.29 -13.89
C PRO D 419 1.52 -31.90 -12.98
N GLU D 420 2.63 -31.19 -12.74
CA GLU D 420 3.71 -31.77 -11.96
C GLU D 420 3.28 -32.00 -10.52
N LEU D 421 2.41 -31.14 -9.99
CA LEU D 421 1.94 -31.30 -8.63
C LEU D 421 1.07 -32.54 -8.45
N LEU D 422 0.62 -33.16 -9.54
CA LEU D 422 -0.18 -34.37 -9.48
C LEU D 422 0.60 -35.62 -9.86
N TYR D 423 1.93 -35.53 -9.87
CA TYR D 423 2.73 -36.68 -10.28
C TYR D 423 2.61 -37.82 -9.30
N GLU D 424 2.47 -37.52 -8.01
CA GLU D 424 2.37 -38.54 -6.98
C GLU D 424 0.95 -38.70 -6.45
N MET D 425 -0.04 -38.17 -7.16
CA MET D 425 -1.40 -38.18 -6.65
C MET D 425 -1.90 -39.61 -6.47
N ASP D 426 -2.60 -39.82 -5.35
CA ASP D 426 -3.16 -41.13 -5.02
C ASP D 426 -4.05 -40.95 -3.80
N ASN D 427 -5.15 -41.71 -3.76
CA ASN D 427 -6.10 -41.66 -2.66
C ASN D 427 -6.58 -40.23 -2.41
N THR D 428 -6.84 -39.52 -3.49
CA THR D 428 -7.28 -38.14 -3.42
C THR D 428 -8.55 -37.98 -4.23
N ARG D 429 -9.30 -36.92 -3.92
CA ARG D 429 -10.51 -36.58 -4.65
C ARG D 429 -10.19 -35.47 -5.63
N LEU D 430 -10.47 -35.71 -6.91
CA LEU D 430 -10.21 -34.73 -7.96
C LEU D 430 -11.49 -34.01 -8.31
N ILE D 431 -11.47 -32.69 -8.21
CA ILE D 431 -12.62 -31.84 -8.51
C ILE D 431 -12.25 -30.99 -9.71
N ARG D 432 -13.02 -31.10 -10.78
CA ARG D 432 -12.75 -30.38 -12.01
C ARG D 432 -13.84 -29.35 -12.26
N VAL D 433 -13.44 -28.10 -12.46
CA VAL D 433 -14.35 -27.02 -12.76
C VAL D 433 -14.41 -26.87 -14.27
N HIS D 434 -15.61 -27.01 -14.84
CA HIS D 434 -15.74 -26.99 -16.29
C HIS D 434 -15.53 -25.57 -16.82
N SER D 435 -15.20 -25.49 -18.11
CA SER D 435 -14.88 -24.21 -18.72
C SER D 435 -16.08 -23.30 -18.85
N THR D 436 -17.29 -23.83 -18.72
CA THR D 436 -18.50 -23.03 -18.84
C THR D 436 -18.59 -22.01 -17.71
N GLU D 437 -19.20 -20.86 -18.02
CA GLU D 437 -19.41 -19.82 -17.01
C GLU D 437 -20.42 -20.25 -15.96
N LYS D 438 -21.27 -21.23 -16.26
CA LYS D 438 -22.30 -21.68 -15.33
C LYS D 438 -21.68 -22.29 -14.08
N VAL D 439 -20.42 -22.71 -14.15
CA VAL D 439 -19.69 -23.34 -13.05
C VAL D 439 -20.30 -24.68 -12.70
N VAL D 440 -20.04 -25.68 -13.53
CA VAL D 440 -20.31 -27.07 -13.21
C VAL D 440 -19.04 -27.68 -12.65
N CYS D 441 -19.20 -28.53 -11.63
CA CYS D 441 -18.08 -29.19 -10.98
C CYS D 441 -18.27 -30.69 -11.04
N SER D 442 -17.29 -31.39 -11.60
CA SER D 442 -17.29 -32.84 -11.67
C SER D 442 -16.25 -33.36 -10.70
N SER D 443 -16.61 -34.39 -9.94
CA SER D 443 -15.78 -34.92 -8.88
C SER D 443 -15.53 -36.40 -9.08
N HIS D 444 -14.29 -36.83 -8.84
CA HIS D 444 -13.91 -38.22 -8.95
C HIS D 444 -12.96 -38.56 -7.81
N MET D 445 -13.15 -39.72 -7.20
CA MET D 445 -12.27 -40.19 -6.14
C MET D 445 -11.17 -41.01 -6.77
N TYR D 446 -9.97 -40.45 -6.83
CA TYR D 446 -8.87 -41.07 -7.54
C TYR D 446 -8.15 -42.07 -6.65
N ASN D 447 -8.07 -43.31 -7.11
CA ASN D 447 -7.30 -44.34 -6.44
C ASN D 447 -6.54 -45.15 -7.49
N VAL D 448 -5.40 -45.68 -7.09
CA VAL D 448 -4.61 -46.56 -7.92
C VAL D 448 -4.63 -47.95 -7.30
N GLU D 449 -5.10 -48.93 -8.05
CA GLU D 449 -5.27 -50.27 -7.54
C GLU D 449 -3.92 -50.93 -7.32
N GLU D 450 -3.95 -52.07 -6.61
CA GLU D 450 -2.71 -52.81 -6.36
C GLU D 450 -2.14 -53.39 -7.65
N ALA D 451 -2.99 -53.69 -8.63
CA ALA D 451 -2.50 -54.19 -9.91
C ALA D 451 -1.63 -53.15 -10.61
N TYR D 452 -2.02 -51.88 -10.54
CA TYR D 452 -1.29 -50.81 -11.20
C TYR D 452 -0.18 -50.24 -10.32
N GLY D 453 0.09 -50.84 -9.15
CA GLY D 453 1.09 -50.28 -8.26
C GLY D 453 2.48 -50.28 -8.85
N SER D 454 2.79 -51.26 -9.71
CA SER D 454 4.12 -51.33 -10.28
C SER D 454 4.33 -50.29 -11.38
N VAL D 455 3.26 -49.89 -12.06
CA VAL D 455 3.34 -48.89 -13.12
C VAL D 455 2.74 -47.57 -12.67
N LYS D 456 2.61 -47.37 -11.35
CA LYS D 456 1.92 -46.18 -10.85
C LYS D 456 2.64 -44.89 -11.24
N LYS D 457 3.98 -44.88 -11.16
CA LYS D 457 4.72 -43.67 -11.46
C LYS D 457 4.57 -43.28 -12.92
N LYS D 458 4.74 -44.24 -13.84
CA LYS D 458 4.57 -43.94 -15.26
C LYS D 458 3.13 -43.57 -15.58
N LEU D 459 2.18 -44.29 -14.97
CA LEU D 459 0.77 -44.03 -15.22
C LEU D 459 0.35 -42.64 -14.75
N ASN D 460 0.83 -42.22 -13.58
CA ASN D 460 0.44 -40.92 -13.05
C ASN D 460 1.00 -39.78 -13.87
N LYS D 461 2.24 -39.92 -14.35
CA LYS D 461 2.86 -38.86 -15.12
C LYS D 461 2.10 -38.60 -16.40
N ALA D 462 1.66 -39.65 -17.08
CA ALA D 462 0.90 -39.48 -18.31
C ALA D 462 -0.49 -38.91 -18.03
N LEU D 463 -1.17 -39.42 -16.99
CA LEU D 463 -2.54 -39.02 -16.72
C LEU D 463 -2.63 -37.58 -16.21
N SER D 464 -1.59 -37.08 -15.53
CA SER D 464 -1.69 -35.76 -14.91
C SER D 464 -1.87 -34.68 -15.97
N SER D 465 -1.20 -34.80 -17.11
CA SER D 465 -1.37 -33.80 -18.15
C SER D 465 -2.73 -33.92 -18.82
N ALA D 466 -3.29 -35.12 -18.89
CA ALA D 466 -4.59 -35.31 -19.53
C ALA D 466 -5.73 -34.69 -18.74
N LEU D 467 -5.55 -34.50 -17.43
CA LEU D 467 -6.62 -33.92 -16.63
C LEU D 467 -6.94 -32.49 -17.06
N PHE D 468 -5.95 -31.77 -17.57
CA PHE D 468 -6.15 -30.40 -18.02
C PHE D 468 -6.47 -30.34 -19.51
N ALA D 469 -7.47 -31.12 -19.93
CA ALA D 469 -7.82 -31.20 -21.33
C ALA D 469 -9.32 -31.43 -21.45
N GLU D 470 -9.85 -31.14 -22.64
CA GLU D 470 -11.26 -31.35 -22.91
C GLU D 470 -11.52 -32.69 -23.60
N ARG D 471 -10.71 -33.01 -24.60
CA ARG D 471 -10.83 -34.25 -25.34
C ARG D 471 -9.50 -34.98 -25.30
N VAL D 472 -9.52 -36.24 -24.85
CA VAL D 472 -8.31 -37.04 -24.71
C VAL D 472 -8.46 -38.26 -25.60
N LEU D 473 -7.48 -38.45 -26.49
CA LEU D 473 -7.44 -39.62 -27.35
C LEU D 473 -6.42 -40.60 -26.81
N LEU D 474 -6.86 -41.81 -26.49
CA LEU D 474 -6.01 -42.84 -25.92
C LEU D 474 -5.40 -43.67 -27.03
N ILE D 475 -4.07 -43.62 -27.16
CA ILE D 475 -3.35 -44.37 -28.18
C ILE D 475 -2.41 -45.34 -27.48
N GLU D 476 -1.84 -46.26 -28.27
CA GLU D 476 -1.04 -47.32 -27.68
C GLU D 476 0.39 -46.87 -27.40
N GLY D 477 1.14 -46.51 -28.44
CA GLY D 477 2.54 -46.23 -28.28
C GLY D 477 2.99 -44.98 -29.01
N PRO D 478 4.31 -44.83 -29.15
CA PRO D 478 4.85 -43.64 -29.84
C PRO D 478 4.64 -43.66 -31.33
N SER D 479 4.56 -44.84 -31.95
CA SER D 479 4.34 -44.89 -33.40
C SER D 479 3.01 -44.26 -33.78
N GLU D 480 1.96 -44.56 -33.00
CA GLU D 480 0.69 -43.88 -33.21
C GLU D 480 0.81 -42.39 -32.94
N LYS D 481 1.55 -42.03 -31.88
CA LYS D 481 1.72 -40.62 -31.55
C LYS D 481 2.47 -39.88 -32.65
N ILE D 482 3.50 -40.51 -33.22
CA ILE D 482 4.28 -39.87 -34.28
C ILE D 482 3.40 -39.59 -35.49
N LEU D 483 2.60 -40.57 -35.90
CA LEU D 483 1.74 -40.39 -37.07
C LEU D 483 0.65 -39.38 -36.80
N PHE D 484 -0.02 -39.49 -35.64
CA PHE D 484 -1.14 -38.61 -35.35
C PHE D 484 -0.67 -37.18 -35.13
N GLU D 485 0.51 -37.00 -34.54
CA GLU D 485 1.04 -35.66 -34.36
C GLU D 485 1.33 -34.99 -35.70
N LYS D 486 1.85 -35.76 -36.66
CA LYS D 486 2.10 -35.22 -37.98
C LYS D 486 0.80 -34.91 -38.71
N VAL D 487 -0.16 -35.83 -38.66
CA VAL D 487 -1.43 -35.62 -39.35
C VAL D 487 -2.16 -34.43 -38.75
N LEU D 488 -2.19 -34.35 -37.42
CA LEU D 488 -2.85 -33.22 -36.77
C LEU D 488 -2.13 -31.91 -37.06
N ASP D 489 -0.80 -31.97 -37.20
CA ASP D 489 -0.05 -30.76 -37.51
C ASP D 489 -0.48 -30.17 -38.85
N GLU D 490 -0.66 -31.02 -39.85
CA GLU D 490 -1.04 -30.53 -41.18
C GLU D 490 -2.51 -30.19 -41.26
N VAL D 491 -3.33 -30.73 -40.36
CA VAL D 491 -4.77 -30.55 -40.47
C VAL D 491 -5.28 -29.56 -39.44
N GLU D 492 -5.04 -29.84 -38.16
CA GLU D 492 -5.54 -29.03 -37.06
C GLU D 492 -4.37 -28.70 -36.13
N PRO D 493 -3.46 -27.83 -36.57
CA PRO D 493 -2.22 -27.63 -35.80
C PRO D 493 -2.43 -27.11 -34.40
N GLU D 494 -3.52 -26.40 -34.11
CA GLU D 494 -3.80 -25.89 -32.78
C GLU D 494 -4.82 -26.74 -32.04
N TYR D 495 -4.78 -28.06 -32.23
CA TYR D 495 -5.68 -28.93 -31.49
C TYR D 495 -5.37 -28.93 -30.01
N GLU D 496 -4.10 -28.80 -29.63
CA GLU D 496 -3.74 -28.74 -28.22
C GLU D 496 -4.27 -27.47 -27.57
N LEU D 497 -4.30 -26.37 -28.31
CA LEU D 497 -4.84 -25.12 -27.77
C LEU D 497 -6.32 -25.27 -27.46
N ASN D 498 -7.07 -25.95 -28.33
CA ASN D 498 -8.51 -26.05 -28.16
C ASN D 498 -8.89 -27.02 -27.06
N GLY D 499 -7.98 -27.86 -26.60
CA GLY D 499 -8.28 -28.77 -25.52
C GLY D 499 -8.00 -30.22 -25.85
N GLY D 500 -7.51 -30.49 -27.05
CA GLY D 500 -7.16 -31.85 -27.42
C GLY D 500 -5.90 -32.31 -26.70
N PHE D 501 -5.78 -33.63 -26.56
CA PHE D 501 -4.62 -34.22 -25.90
C PHE D 501 -4.46 -35.65 -26.37
N LEU D 502 -3.22 -36.03 -26.65
CA LEU D 502 -2.88 -37.37 -27.11
C LEU D 502 -2.23 -38.11 -25.94
N LEU D 503 -3.00 -38.93 -25.25
CA LEU D 503 -2.52 -39.70 -24.12
C LEU D 503 -2.21 -41.11 -24.59
N GLU D 504 -0.97 -41.54 -24.39
CA GLU D 504 -0.54 -42.85 -24.84
C GLU D 504 -0.51 -43.81 -23.65
N VAL D 505 -1.12 -44.98 -23.83
CA VAL D 505 -1.21 -46.00 -22.79
C VAL D 505 -0.80 -47.32 -23.40
N GLY D 506 0.03 -48.08 -22.67
CA GLY D 506 0.54 -49.32 -23.22
C GLY D 506 0.70 -50.41 -22.19
N GLY D 507 0.24 -51.61 -22.53
CA GLY D 507 0.38 -52.75 -21.64
C GLY D 507 -0.61 -52.79 -20.50
N THR D 508 -1.54 -51.84 -20.44
CA THR D 508 -2.52 -51.80 -19.38
C THR D 508 -3.91 -51.62 -19.96
N TYR D 509 -4.91 -52.08 -19.23
CA TYR D 509 -6.30 -51.87 -19.64
C TYR D 509 -6.67 -50.40 -19.51
N PHE D 510 -7.60 -49.96 -20.36
CA PHE D 510 -8.02 -48.57 -20.34
C PHE D 510 -8.93 -48.25 -19.16
N ASN D 511 -9.20 -49.22 -18.29
CA ASN D 511 -10.20 -49.01 -17.24
C ASN D 511 -9.80 -47.87 -16.32
N HIS D 512 -8.54 -47.82 -15.90
CA HIS D 512 -8.12 -46.80 -14.95
C HIS D 512 -8.23 -45.40 -15.56
N TYR D 513 -7.78 -45.24 -16.80
CA TYR D 513 -7.79 -43.92 -17.43
C TYR D 513 -9.21 -43.46 -17.73
N VAL D 514 -10.02 -44.34 -18.30
CA VAL D 514 -11.35 -43.94 -18.74
C VAL D 514 -12.24 -43.61 -17.55
N CYS D 515 -12.17 -44.42 -16.50
CA CYS D 515 -12.99 -44.18 -15.32
C CYS D 515 -12.69 -42.81 -14.72
N THR D 516 -11.41 -42.42 -14.67
CA THR D 516 -11.06 -41.10 -14.17
C THR D 516 -11.55 -40.01 -15.11
N LEU D 517 -11.30 -40.16 -16.42
CA LEU D 517 -11.67 -39.12 -17.37
C LEU D 517 -13.19 -38.99 -17.48
N ASN D 518 -13.90 -40.12 -17.49
CA ASN D 518 -15.35 -40.05 -17.61
C ASN D 518 -15.99 -39.37 -16.41
N ASP D 519 -15.51 -39.69 -15.20
CA ASP D 519 -16.07 -39.09 -13.99
C ASP D 519 -15.84 -37.59 -13.97
N LEU D 520 -14.69 -37.14 -14.45
CA LEU D 520 -14.36 -35.72 -14.44
C LEU D 520 -15.04 -34.95 -15.57
N GLY D 521 -15.75 -35.63 -16.46
CA GLY D 521 -16.42 -34.95 -17.55
C GLY D 521 -15.55 -34.69 -18.76
N ILE D 522 -14.40 -35.35 -18.86
CA ILE D 522 -13.51 -35.17 -20.00
C ILE D 522 -13.87 -36.20 -21.05
N THR D 523 -14.03 -35.76 -22.29
CA THR D 523 -14.33 -36.68 -23.38
C THR D 523 -13.12 -37.55 -23.68
N HIS D 524 -13.33 -38.86 -23.72
CA HIS D 524 -12.26 -39.81 -23.98
C HIS D 524 -12.56 -40.56 -25.27
N ILE D 525 -11.58 -40.59 -26.17
CA ILE D 525 -11.64 -41.35 -27.41
C ILE D 525 -10.54 -42.38 -27.38
N ILE D 526 -10.85 -43.60 -27.81
CA ILE D 526 -9.91 -44.71 -27.76
C ILE D 526 -9.73 -45.28 -29.16
N LYS D 527 -8.49 -45.33 -29.61
CA LYS D 527 -8.13 -45.96 -30.88
C LYS D 527 -7.18 -47.10 -30.57
N THR D 528 -7.69 -48.32 -30.61
CA THR D 528 -6.90 -49.51 -30.35
C THR D 528 -7.04 -50.46 -31.52
N ASP D 529 -6.18 -51.47 -31.56
CA ASP D 529 -6.15 -52.43 -32.65
C ASP D 529 -6.47 -53.83 -32.12
N ASN D 530 -7.10 -54.62 -32.98
CA ASN D 530 -7.43 -56.00 -32.63
C ASN D 530 -6.14 -56.81 -32.51
N ASP D 531 -5.86 -57.30 -31.32
CA ASP D 531 -4.61 -57.99 -31.03
C ASP D 531 -4.89 -59.40 -30.55
N LEU D 532 -3.98 -60.31 -30.91
CA LEU D 532 -3.99 -61.69 -30.42
C LEU D 532 -2.72 -61.91 -29.61
N LYS D 533 -2.88 -62.32 -28.36
CA LYS D 533 -1.76 -62.54 -27.46
C LYS D 533 -1.72 -64.01 -27.06
N SER D 534 -0.54 -64.60 -27.12
CA SER D 534 -0.36 -66.01 -26.78
C SER D 534 0.06 -66.12 -25.32
N LYS D 535 -0.65 -66.94 -24.55
CA LYS D 535 -0.29 -67.15 -23.16
C LYS D 535 1.00 -67.96 -23.05
N LYS D 536 1.72 -67.76 -21.96
CA LYS D 536 2.97 -68.44 -21.74
C LYS D 536 2.75 -69.94 -21.52
N GLY D 537 3.59 -70.75 -22.14
CA GLY D 537 3.56 -72.18 -21.94
C GLY D 537 2.50 -72.93 -22.71
N LYS D 538 1.69 -72.26 -23.52
CA LYS D 538 0.64 -72.88 -24.29
C LYS D 538 0.85 -72.57 -25.76
N LYS D 539 0.87 -73.61 -26.60
CA LYS D 539 1.17 -73.48 -28.02
C LYS D 539 -0.10 -73.39 -28.84
N GLY D 540 -0.11 -72.47 -29.80
CA GLY D 540 -1.19 -72.41 -30.77
C GLY D 540 -2.50 -71.90 -30.23
N VAL D 541 -2.50 -71.22 -29.09
CA VAL D 541 -3.71 -70.67 -28.51
C VAL D 541 -3.46 -69.20 -28.16
N TYR D 542 -4.44 -68.35 -28.45
CA TYR D 542 -4.30 -66.92 -28.29
C TYR D 542 -5.53 -66.34 -27.61
N GLU D 543 -5.34 -65.22 -26.93
CA GLU D 543 -6.42 -64.50 -26.29
C GLU D 543 -6.65 -63.18 -27.00
N LEU D 544 -7.91 -62.80 -27.14
CA LEU D 544 -8.29 -61.58 -27.87
C LEU D 544 -8.03 -60.37 -26.97
N LEU D 545 -6.75 -60.04 -26.83
CA LEU D 545 -6.34 -58.96 -25.95
C LEU D 545 -6.91 -57.63 -26.41
N GLY D 546 -6.88 -57.36 -27.71
CA GLY D 546 -7.44 -56.12 -28.22
C GLY D 546 -8.94 -56.04 -27.99
N LEU D 547 -9.65 -57.14 -28.24
CA LEU D 547 -11.09 -57.15 -28.04
C LEU D 547 -11.45 -57.12 -26.56
N ASN D 548 -10.67 -57.81 -25.72
CA ASN D 548 -10.98 -57.89 -24.31
C ASN D 548 -10.88 -56.52 -23.63
N ARG D 549 -9.88 -55.72 -24.01
CA ARG D 549 -9.73 -54.40 -23.40
C ARG D 549 -10.95 -53.53 -23.66
N CYS D 550 -11.47 -53.56 -24.89
CA CYS D 550 -12.66 -52.78 -25.20
C CYS D 550 -13.88 -53.33 -24.47
N LEU D 551 -14.00 -54.65 -24.39
CA LEU D 551 -15.13 -55.24 -23.67
C LEU D 551 -15.08 -54.93 -22.19
N ASN D 552 -13.87 -54.93 -21.60
CA ASN D 552 -13.74 -54.57 -20.19
C ASN D 552 -14.24 -53.16 -19.95
N LEU D 553 -14.06 -52.26 -20.91
CA LEU D 553 -14.56 -50.91 -20.78
C LEU D 553 -16.08 -50.88 -20.73
N LEU D 554 -16.72 -51.72 -21.55
CA LEU D 554 -18.17 -51.78 -21.58
C LEU D 554 -18.76 -52.44 -20.36
N GLY D 555 -17.93 -53.01 -19.48
CA GLY D 555 -18.40 -53.75 -18.33
C GLY D 555 -18.58 -55.23 -18.56
N ARG D 556 -18.45 -55.68 -19.81
CA ARG D 556 -18.59 -57.10 -20.11
C ARG D 556 -17.35 -57.86 -19.67
N GLU D 557 -17.51 -59.17 -19.52
CA GLU D 557 -16.41 -60.02 -19.09
C GLU D 557 -15.49 -60.32 -20.27
N ASN D 558 -14.27 -60.76 -19.94
CA ASN D 558 -13.30 -61.10 -20.97
C ASN D 558 -13.73 -62.32 -21.75
N LEU D 559 -13.49 -62.29 -23.05
CA LEU D 559 -13.77 -63.45 -23.89
C LEU D 559 -12.74 -64.55 -23.65
N ASP D 560 -13.15 -65.78 -23.92
CA ASP D 560 -12.25 -66.90 -23.78
C ASP D 560 -11.17 -66.88 -24.87
N GLU D 561 -10.05 -67.53 -24.58
CA GLU D 561 -8.98 -67.63 -25.55
C GLU D 561 -9.34 -68.62 -26.64
N ILE D 562 -8.86 -68.35 -27.85
CA ILE D 562 -9.11 -69.20 -29.00
C ILE D 562 -7.80 -69.82 -29.44
N THR D 563 -7.89 -71.01 -30.03
CA THR D 563 -6.71 -71.72 -30.50
C THR D 563 -6.52 -71.47 -31.99
N ILE D 564 -5.25 -71.47 -32.41
CA ILE D 564 -4.89 -71.28 -33.81
C ILE D 564 -4.00 -72.45 -34.22
N ASP D 565 -4.42 -73.21 -35.22
CA ASP D 565 -3.67 -74.34 -35.72
C ASP D 565 -2.88 -73.88 -36.94
N ILE D 566 -1.56 -73.77 -36.78
CA ILE D 566 -0.69 -73.43 -37.89
C ILE D 566 0.32 -74.55 -38.10
N PRO D 567 0.74 -74.80 -39.34
CA PRO D 567 1.83 -75.76 -39.57
C PRO D 567 3.15 -75.23 -39.04
N GLU D 568 4.03 -76.17 -38.69
CA GLU D 568 5.35 -75.77 -38.20
C GLU D 568 6.16 -75.07 -39.28
N ASP D 569 6.02 -75.51 -40.54
CA ASP D 569 6.75 -74.87 -41.63
C ASP D 569 6.28 -73.44 -41.86
N ILE D 570 5.01 -73.15 -41.60
CA ILE D 570 4.48 -71.81 -41.80
C ILE D 570 5.12 -70.88 -40.78
N LYS D 571 6.00 -69.99 -41.25
CA LYS D 571 6.73 -69.08 -40.38
C LYS D 571 6.80 -67.72 -41.04
N GLY D 572 7.15 -66.72 -40.24
CA GLY D 572 7.40 -65.38 -40.77
C GLY D 572 6.13 -64.76 -41.33
N LYS D 573 6.23 -64.29 -42.57
CA LYS D 573 5.12 -63.58 -43.19
C LYS D 573 3.91 -64.47 -43.37
N LYS D 574 4.12 -65.75 -43.69
CA LYS D 574 3.00 -66.67 -43.85
C LYS D 574 2.23 -66.82 -42.54
N LYS D 575 2.95 -66.94 -41.42
CA LYS D 575 2.29 -67.04 -40.13
C LYS D 575 1.56 -65.75 -39.79
N LYS D 576 2.17 -64.60 -40.07
CA LYS D 576 1.55 -63.33 -39.76
C LYS D 576 0.27 -63.12 -40.55
N GLU D 577 0.27 -63.49 -41.84
CA GLU D 577 -0.94 -63.34 -42.64
C GLU D 577 -2.03 -64.30 -42.20
N ARG D 578 -1.66 -65.47 -41.66
CA ARG D 578 -2.65 -66.38 -41.12
C ARG D 578 -3.36 -65.78 -39.91
N LEU D 579 -2.60 -65.15 -39.02
CA LEU D 579 -3.19 -64.47 -37.87
C LEU D 579 -4.07 -63.32 -38.32
N ASN D 580 -3.63 -62.58 -39.35
CA ASN D 580 -4.43 -61.48 -39.86
C ASN D 580 -5.77 -61.97 -40.40
N GLU D 581 -5.77 -63.14 -41.05
CA GLU D 581 -7.02 -63.71 -41.54
C GLU D 581 -7.97 -64.02 -40.39
N ARG D 582 -7.45 -64.59 -39.30
CA ARG D 582 -8.29 -64.86 -38.15
C ARG D 582 -8.78 -63.57 -37.51
N LYS D 583 -7.91 -62.56 -37.44
CA LYS D 583 -8.32 -61.28 -36.89
C LYS D 583 -9.47 -60.69 -37.69
N LYS D 584 -9.40 -60.77 -39.02
CA LYS D 584 -10.50 -60.30 -39.85
C LYS D 584 -11.77 -61.09 -39.59
N GLU D 585 -11.64 -62.42 -39.45
CA GLU D 585 -12.80 -63.24 -39.16
C GLU D 585 -13.40 -62.92 -37.80
N ILE D 586 -12.55 -62.75 -36.79
CA ILE D 586 -13.03 -62.42 -35.45
C ILE D 586 -13.70 -61.06 -35.44
N PHE D 587 -13.12 -60.09 -36.15
CA PHE D 587 -13.71 -58.77 -36.23
C PHE D 587 -15.11 -58.82 -36.84
N LYS D 588 -15.28 -59.63 -37.89
CA LYS D 588 -16.59 -59.80 -38.50
C LYS D 588 -17.55 -60.51 -37.56
N GLN D 589 -17.06 -61.51 -36.83
CA GLN D 589 -17.94 -62.30 -35.96
C GLN D 589 -18.55 -61.44 -34.87
N TYR D 590 -17.77 -60.55 -34.27
CA TYR D 590 -18.23 -59.69 -33.17
C TYR D 590 -18.61 -58.31 -33.66
N LYS D 591 -19.20 -58.22 -34.86
CA LYS D 591 -19.53 -56.91 -35.42
C LYS D 591 -20.56 -56.18 -34.56
N ASN D 592 -21.36 -56.92 -33.79
CA ASN D 592 -22.31 -56.25 -32.90
C ASN D 592 -21.59 -55.53 -31.77
N GLU D 593 -20.59 -56.17 -31.18
CA GLU D 593 -19.81 -55.51 -30.13
C GLU D 593 -19.06 -54.31 -30.68
N VAL D 594 -18.50 -54.43 -31.88
CA VAL D 594 -17.80 -53.32 -32.50
C VAL D 594 -18.75 -52.15 -32.71
N GLY D 595 -20.00 -52.43 -33.07
CA GLY D 595 -20.98 -51.36 -33.17
C GLY D 595 -21.22 -50.68 -31.85
N GLU D 596 -21.23 -51.45 -30.76
CA GLU D 596 -21.35 -50.86 -29.43
C GLU D 596 -20.15 -49.98 -29.11
N PHE D 597 -18.96 -50.41 -29.51
CA PHE D 597 -17.76 -49.63 -29.24
C PHE D 597 -17.82 -48.27 -29.90
N LEU D 598 -18.30 -48.21 -31.15
CA LEU D 598 -18.39 -46.94 -31.85
C LEU D 598 -19.30 -45.96 -31.12
N GLY D 599 -20.35 -46.45 -30.48
CA GLY D 599 -21.20 -45.57 -29.70
C GLY D 599 -20.48 -44.99 -28.50
N GLU D 600 -19.61 -45.80 -27.87
CA GLU D 600 -18.84 -45.37 -26.71
C GLU D 600 -17.51 -44.73 -27.10
N ARG D 601 -17.39 -44.28 -28.35
CA ARG D 601 -16.18 -43.62 -28.84
C ARG D 601 -14.95 -44.51 -28.71
N ILE D 602 -15.14 -45.81 -28.94
CA ILE D 602 -14.05 -46.78 -28.97
C ILE D 602 -13.91 -47.27 -30.39
N TYR D 603 -12.77 -47.00 -31.00
CA TYR D 603 -12.51 -47.33 -32.39
C TYR D 603 -11.52 -48.47 -32.46
N LEU D 604 -12.00 -49.67 -32.75
CA LEU D 604 -11.19 -50.86 -32.81
C LEU D 604 -10.79 -51.13 -34.26
N SER D 605 -9.49 -51.21 -34.50
CA SER D 605 -9.00 -51.52 -35.83
C SER D 605 -9.29 -52.98 -36.17
N GLU D 606 -9.56 -53.23 -37.47
CA GLU D 606 -9.82 -54.59 -37.90
C GLU D 606 -8.60 -55.48 -37.70
N ILE D 607 -7.41 -54.96 -38.05
CA ILE D 607 -6.18 -55.71 -37.85
C ILE D 607 -5.24 -54.90 -36.98
N ASP D 608 -4.84 -53.73 -37.45
CA ASP D 608 -3.95 -52.85 -36.70
C ASP D 608 -3.98 -51.48 -37.37
N LEU D 609 -3.23 -50.54 -36.78
CA LEU D 609 -3.19 -49.18 -37.32
C LEU D 609 -2.56 -49.14 -38.70
N GLU D 610 -1.51 -49.94 -38.92
CA GLU D 610 -0.81 -49.91 -40.20
C GLU D 610 -1.73 -50.31 -41.34
N ASN D 611 -2.54 -51.35 -41.14
CA ASN D 611 -3.48 -51.77 -42.19
C ASN D 611 -4.54 -50.70 -42.43
N ASP D 612 -5.03 -50.06 -41.37
CA ASP D 612 -5.95 -48.95 -41.55
C ASP D 612 -5.28 -47.79 -42.28
N LEU D 613 -4.01 -47.53 -41.95
CA LEU D 613 -3.26 -46.48 -42.66
C LEU D 613 -3.09 -46.83 -44.12
N TYR D 614 -2.85 -48.10 -44.43
CA TYR D 614 -2.69 -48.51 -45.82
C TYR D 614 -3.97 -48.31 -46.61
N SER D 615 -5.12 -48.55 -45.98
CA SER D 615 -6.39 -48.32 -46.66
C SER D 615 -6.58 -46.85 -46.98
N ALA D 616 -6.21 -45.96 -46.07
CA ALA D 616 -6.39 -44.54 -46.30
C ALA D 616 -5.45 -44.02 -47.39
N ILE D 617 -4.17 -44.40 -47.32
CA ILE D 617 -3.18 -43.99 -48.29
C ILE D 617 -2.39 -45.23 -48.72
N GLY D 618 -2.85 -45.87 -49.79
CA GLY D 618 -2.19 -47.07 -50.26
C GLY D 618 -1.07 -46.79 -51.23
N GLU D 619 -1.38 -46.07 -52.31
CA GLU D 619 -0.36 -45.77 -53.31
C GLU D 619 0.72 -44.86 -52.76
N SER D 620 0.37 -43.94 -51.86
CA SER D 620 1.37 -43.08 -51.27
C SER D 620 2.39 -43.87 -50.48
N MET D 621 1.93 -44.85 -49.69
CA MET D 621 2.86 -45.71 -48.96
C MET D 621 3.69 -46.55 -49.91
N LYS D 622 3.12 -46.90 -51.06
CA LYS D 622 3.84 -47.72 -52.03
C LYS D 622 5.04 -46.97 -52.60
N ARG D 623 4.83 -45.73 -53.04
CA ARG D 623 5.92 -44.97 -53.64
C ARG D 623 6.91 -44.48 -52.59
N ILE D 624 6.43 -44.13 -51.40
CA ILE D 624 7.32 -43.66 -50.35
C ILE D 624 8.27 -44.77 -49.93
N PHE D 625 7.74 -45.97 -49.72
CA PHE D 625 8.54 -47.09 -49.24
C PHE D 625 9.21 -47.88 -50.36
N GLU D 626 8.66 -47.84 -51.57
CA GLU D 626 9.17 -48.53 -52.75
C GLU D 626 9.05 -50.05 -52.61
N ASN D 627 8.65 -50.54 -51.45
CA ASN D 627 8.55 -51.98 -51.21
C ASN D 627 7.26 -52.53 -51.81
N GLU D 628 7.27 -53.83 -52.09
CA GLU D 628 6.08 -54.49 -52.61
C GLU D 628 4.94 -54.43 -51.61
N ASP D 629 5.23 -54.67 -50.33
CA ASP D 629 4.22 -54.62 -49.27
C ASP D 629 4.64 -53.55 -48.26
N PRO D 630 4.11 -52.34 -48.37
CA PRO D 630 4.46 -51.30 -47.38
C PRO D 630 4.08 -51.64 -45.96
N VAL D 631 2.98 -52.38 -45.77
CA VAL D 631 2.53 -52.68 -44.42
C VAL D 631 3.55 -53.55 -43.69
N HIS D 632 4.05 -54.59 -44.36
CA HIS D 632 5.04 -55.46 -43.74
C HIS D 632 6.31 -54.71 -43.41
N TYR D 633 6.76 -53.86 -44.33
CA TYR D 633 7.97 -53.08 -44.08
C TYR D 633 7.77 -52.10 -42.93
N LEU D 634 6.59 -51.46 -42.88
CA LEU D 634 6.32 -50.49 -41.81
C LEU D 634 6.31 -51.17 -40.45
N GLN D 635 5.92 -52.43 -40.39
CA GLN D 635 5.86 -53.14 -39.12
C GLN D 635 7.20 -53.72 -38.69
N LYS D 636 8.19 -53.75 -39.58
CA LYS D 636 9.47 -54.35 -39.24
C LYS D 636 10.18 -53.55 -38.15
N SER D 637 10.29 -52.23 -38.33
CA SER D 637 10.85 -51.34 -37.34
C SER D 637 9.86 -50.20 -37.17
N LYS D 638 8.97 -50.32 -36.17
CA LYS D 638 7.81 -49.45 -36.09
C LYS D 638 8.22 -47.99 -35.91
N LEU D 639 9.19 -47.74 -35.03
CA LEU D 639 9.55 -46.36 -34.73
C LEU D 639 10.26 -45.68 -35.89
N PHE D 640 11.25 -46.36 -36.48
CA PHE D 640 12.04 -45.72 -37.52
C PHE D 640 11.28 -45.63 -38.83
N ASN D 641 10.54 -46.68 -39.20
CA ASN D 641 9.81 -46.65 -40.47
C ASN D 641 8.66 -45.66 -40.42
N MET D 642 8.02 -45.51 -39.27
CA MET D 642 6.95 -44.51 -39.15
C MET D 642 7.51 -43.11 -39.31
N VAL D 643 8.68 -42.84 -38.73
CA VAL D 643 9.31 -41.54 -38.90
C VAL D 643 9.64 -41.29 -40.36
N GLU D 644 10.18 -42.30 -41.03
CA GLU D 644 10.50 -42.15 -42.45
C GLU D 644 9.25 -41.90 -43.28
N LEU D 645 8.17 -42.64 -42.98
CA LEU D 645 6.92 -42.42 -43.70
C LEU D 645 6.36 -41.03 -43.41
N VAL D 646 6.43 -40.61 -42.14
CA VAL D 646 5.88 -39.31 -41.76
C VAL D 646 6.65 -38.18 -42.44
N ASN D 647 7.96 -38.36 -42.60
CA ASN D 647 8.78 -37.34 -43.25
C ASN D 647 8.35 -37.14 -44.70
N ASN D 648 8.05 -38.23 -45.40
CA ASN D 648 7.72 -38.17 -46.82
C ASN D 648 6.23 -37.95 -47.08
N LEU D 649 5.41 -37.89 -46.03
CA LEU D 649 3.99 -37.64 -46.24
C LEU D 649 3.77 -36.20 -46.67
N SER D 650 2.86 -36.01 -47.62
CA SER D 650 2.48 -34.68 -48.08
C SER D 650 1.21 -34.24 -47.38
N THR D 651 0.89 -32.95 -47.53
CA THR D 651 -0.28 -32.40 -46.87
C THR D 651 -1.57 -33.01 -47.40
N LYS D 652 -1.59 -33.45 -48.65
CA LYS D 652 -2.77 -34.10 -49.18
C LYS D 652 -3.02 -35.45 -48.51
N ASP D 653 -1.95 -36.24 -48.31
CA ASP D 653 -2.11 -37.52 -47.65
C ASP D 653 -2.59 -37.35 -46.21
N CYS D 654 -2.08 -36.33 -45.51
CA CYS D 654 -2.53 -36.07 -44.15
C CYS D 654 -4.02 -35.77 -44.11
N PHE D 655 -4.51 -35.02 -45.10
CA PHE D 655 -5.95 -34.77 -45.17
C PHE D 655 -6.72 -36.02 -45.56
N ASP D 656 -6.11 -36.87 -46.40
CA ASP D 656 -6.75 -38.14 -46.74
C ASP D 656 -6.91 -39.02 -45.51
N VAL D 657 -5.88 -39.08 -44.67
CA VAL D 657 -5.97 -39.85 -43.43
C VAL D 657 -7.01 -39.25 -42.50
N PHE D 658 -7.02 -37.92 -42.39
CA PHE D 658 -7.97 -37.25 -41.51
C PHE D 658 -9.41 -37.49 -41.95
N GLU D 659 -9.67 -37.44 -43.24
CA GLU D 659 -11.02 -37.57 -43.75
C GLU D 659 -11.48 -39.03 -43.86
N HIS D 660 -10.58 -39.99 -43.73
CA HIS D 660 -10.95 -41.38 -43.87
C HIS D 660 -11.85 -41.83 -42.73
N GLU D 661 -12.70 -42.82 -43.01
CA GLU D 661 -13.63 -43.30 -42.01
C GLU D 661 -12.92 -44.09 -40.91
N LYS D 662 -11.84 -44.81 -41.27
CA LYS D 662 -11.13 -45.59 -40.27
C LYS D 662 -10.52 -44.70 -39.20
N PHE D 663 -9.98 -43.56 -39.58
CA PHE D 663 -9.41 -42.60 -38.63
C PHE D 663 -10.44 -41.58 -38.19
N ALA D 664 -11.61 -42.05 -37.77
CA ALA D 664 -12.64 -41.15 -37.28
C ALA D 664 -12.32 -40.61 -35.90
N CYS D 665 -11.40 -41.24 -35.18
CA CYS D 665 -11.02 -40.75 -33.85
C CYS D 665 -10.38 -39.37 -33.94
N LEU D 666 -9.66 -39.08 -35.02
CA LEU D 666 -9.03 -37.77 -35.16
C LEU D 666 -10.08 -36.67 -35.24
N LYS D 667 -11.17 -36.91 -35.97
CA LYS D 667 -12.24 -35.92 -36.04
C LYS D 667 -12.89 -35.74 -34.68
N GLU D 668 -13.07 -36.84 -33.94
CA GLU D 668 -13.64 -36.75 -32.60
C GLU D 668 -12.73 -35.97 -31.66
N LEU D 669 -11.43 -36.20 -31.75
CA LEU D 669 -10.48 -35.48 -30.90
C LEU D 669 -10.48 -33.99 -31.22
N VAL D 670 -10.54 -33.65 -32.51
CA VAL D 670 -10.54 -32.25 -32.91
C VAL D 670 -11.81 -31.56 -32.42
N GLY D 671 -12.93 -32.26 -32.45
CA GLY D 671 -14.19 -31.71 -32.03
C GLY D 671 -15.10 -31.23 -33.13
N SER D 672 -14.77 -31.51 -34.39
CA SER D 672 -15.60 -31.09 -35.50
C SER D 672 -16.92 -31.86 -35.55
N SER E 2 61.66 14.53 7.94
CA SER E 2 60.61 13.54 8.17
C SER E 2 59.31 13.97 7.50
N ARG E 3 58.26 13.17 7.69
CA ARG E 3 56.97 13.42 7.07
C ARG E 3 55.93 13.94 8.04
N GLU E 4 56.04 13.62 9.33
CA GLU E 4 54.99 13.98 10.28
C GLU E 4 54.83 15.49 10.41
N GLN E 5 55.94 16.23 10.48
CA GLN E 5 55.85 17.67 10.68
C GLN E 5 55.28 18.37 9.45
N ILE E 6 55.56 17.86 8.25
CA ILE E 6 55.04 18.50 7.05
C ILE E 6 53.54 18.27 6.92
N ILE E 7 53.04 17.15 7.44
CA ILE E 7 51.60 16.91 7.42
C ILE E 7 50.87 17.92 8.31
N LYS E 8 51.42 18.20 9.51
CA LYS E 8 50.75 19.10 10.43
C LYS E 8 50.66 20.52 9.87
N ASP E 9 51.72 20.98 9.21
CA ASP E 9 51.73 22.34 8.68
C ASP E 9 50.73 22.46 7.53
N GLY E 10 49.98 23.56 7.53
CA GLY E 10 48.97 23.78 6.52
C GLY E 10 49.24 24.96 5.60
N GLY E 11 50.31 25.69 5.89
CA GLY E 11 50.67 26.85 5.08
C GLY E 11 51.46 26.46 3.85
N ASN E 12 52.18 27.45 3.30
CA ASN E 12 53.03 27.20 2.15
C ASN E 12 54.26 26.42 2.58
N ILE E 13 54.56 25.35 1.84
CA ILE E 13 55.63 24.42 2.19
C ILE E 13 56.57 24.27 1.01
N LEU E 14 57.87 24.40 1.27
CA LEU E 14 58.91 24.09 0.29
C LEU E 14 59.44 22.70 0.58
N VAL E 15 59.26 21.78 -0.36
CA VAL E 15 59.80 20.43 -0.25
C VAL E 15 61.01 20.33 -1.15
N THR E 16 62.14 19.91 -0.58
CA THR E 16 63.39 19.83 -1.33
C THR E 16 63.91 18.40 -1.37
N ALA E 17 63.02 17.45 -1.69
CA ALA E 17 63.40 16.06 -1.74
C ALA E 17 64.44 15.83 -2.83
N GLY E 18 65.31 14.84 -2.60
CA GLY E 18 66.39 14.52 -3.50
C GLY E 18 66.14 13.21 -4.24
N ALA E 19 66.74 13.09 -5.42
CA ALA E 19 66.72 11.91 -6.27
C ALA E 19 65.32 11.54 -6.76
N GLY E 20 64.32 12.35 -6.45
CA GLY E 20 62.98 12.08 -6.94
C GLY E 20 62.25 10.95 -6.25
N SER E 21 62.80 10.42 -5.14
CA SER E 21 62.16 9.30 -4.47
C SER E 21 60.93 9.73 -3.69
N GLY E 22 60.98 10.90 -3.08
CA GLY E 22 59.90 11.32 -2.19
C GLY E 22 58.88 12.24 -2.80
N LYS E 23 59.05 12.59 -4.08
CA LYS E 23 58.12 13.50 -4.74
C LYS E 23 56.69 12.96 -4.72
N THR E 24 56.46 11.83 -5.38
CA THR E 24 55.11 11.30 -5.49
C THR E 24 54.59 10.81 -4.14
N THR E 25 55.46 10.23 -3.32
CA THR E 25 55.02 9.71 -2.03
C THR E 25 54.53 10.82 -1.11
N ILE E 26 55.28 11.93 -1.05
CA ILE E 26 54.86 13.05 -0.20
C ILE E 26 53.59 13.68 -0.75
N LEU E 27 53.51 13.87 -2.07
CA LEU E 27 52.36 14.52 -2.67
C LEU E 27 51.07 13.75 -2.36
N VAL E 28 51.08 12.44 -2.61
CA VAL E 28 49.88 11.65 -2.39
C VAL E 28 49.50 11.65 -0.92
N SER E 29 50.49 11.50 -0.02
CA SER E 29 50.21 11.49 1.40
C SER E 29 49.65 12.83 1.86
N LYS E 30 50.27 13.93 1.44
CA LYS E 30 49.80 15.25 1.86
C LYS E 30 48.42 15.55 1.30
N ILE E 31 48.16 15.16 0.05
CA ILE E 31 46.85 15.40 -0.55
C ILE E 31 45.77 14.63 0.22
N GLU E 32 46.04 13.36 0.55
CA GLU E 32 45.06 12.57 1.29
C GLU E 32 44.79 13.16 2.66
N ALA E 33 45.84 13.62 3.35
CA ALA E 33 45.65 14.21 4.67
C ALA E 33 44.82 15.48 4.59
N ASP E 34 45.10 16.33 3.61
CA ASP E 34 44.37 17.59 3.48
C ASP E 34 42.93 17.36 3.06
N LEU E 35 42.71 16.43 2.12
CA LEU E 35 41.35 16.16 1.67
C LEU E 35 40.49 15.59 2.80
N LYS E 36 41.05 14.68 3.59
CA LYS E 36 40.28 14.10 4.68
C LYS E 36 40.08 15.08 5.83
N GLU E 37 41.01 16.01 6.02
CA GLU E 37 40.88 16.98 7.10
C GLU E 37 39.87 18.07 6.75
N ASN E 38 39.87 18.53 5.50
CA ASN E 38 39.01 19.62 5.07
C ASN E 38 37.65 19.09 4.65
N LYS E 39 36.61 19.48 5.38
CA LYS E 39 35.24 19.05 5.09
C LYS E 39 34.45 20.08 4.29
N THR E 40 35.08 21.18 3.88
CA THR E 40 34.39 22.22 3.13
C THR E 40 34.24 21.82 1.67
N HIS E 41 33.64 22.72 0.89
CA HIS E 41 33.45 22.47 -0.53
C HIS E 41 34.73 22.65 -1.35
N TYR E 42 35.75 23.27 -0.78
CA TYR E 42 36.97 23.53 -1.51
C TYR E 42 37.66 22.24 -1.91
N SER E 43 38.39 22.29 -3.02
CA SER E 43 39.12 21.15 -3.54
C SER E 43 40.57 21.55 -3.78
N ILE E 44 41.39 20.58 -4.17
CA ILE E 44 42.80 20.81 -4.43
C ILE E 44 43.06 20.61 -5.91
N ALA E 45 44.15 21.19 -6.38
CA ALA E 45 44.62 21.02 -7.75
C ALA E 45 46.06 20.53 -7.71
N ALA E 46 46.33 19.41 -8.36
CA ALA E 46 47.67 18.85 -8.46
C ALA E 46 48.15 18.98 -9.89
N VAL E 47 49.28 19.65 -10.08
CA VAL E 47 49.85 19.91 -11.40
C VAL E 47 51.21 19.23 -11.48
N THR E 48 51.44 18.47 -12.54
CA THR E 48 52.69 17.76 -12.76
C THR E 48 53.22 18.06 -14.15
N PHE E 49 54.54 18.18 -14.27
CA PHE E 49 55.14 18.40 -15.58
C PHE E 49 54.88 17.22 -16.51
N THR E 50 55.03 16.01 -16.00
CA THR E 50 54.87 14.80 -16.81
C THR E 50 53.43 14.33 -16.72
N ASN E 51 52.82 14.05 -17.88
CA ASN E 51 51.48 13.50 -17.90
C ASN E 51 51.43 12.13 -17.23
N LYS E 52 52.53 11.37 -17.31
CA LYS E 52 52.59 10.07 -16.64
C LYS E 52 52.42 10.24 -15.13
N ALA E 53 53.10 11.24 -14.56
CA ALA E 53 52.97 11.48 -13.12
C ALA E 53 51.54 11.83 -12.75
N ALA E 54 50.82 12.48 -13.66
CA ALA E 54 49.44 12.87 -13.38
C ALA E 54 48.56 11.65 -13.17
N LYS E 55 48.60 10.68 -14.08
CA LYS E 55 47.77 9.49 -13.92
C LYS E 55 48.24 8.62 -12.78
N GLU E 56 49.55 8.51 -12.56
CA GLU E 56 50.04 7.68 -11.46
C GLU E 56 49.65 8.27 -10.12
N ILE E 57 49.64 9.60 -10.01
CA ILE E 57 49.15 10.23 -8.78
C ILE E 57 47.66 9.98 -8.63
N GLU E 58 46.89 10.18 -9.69
CA GLU E 58 45.44 10.04 -9.62
C GLU E 58 45.06 8.63 -9.18
N GLY E 59 45.83 7.63 -9.62
CA GLY E 59 45.52 6.25 -9.24
C GLY E 59 45.55 6.02 -7.74
N ARG E 60 46.47 6.69 -7.04
CA ARG E 60 46.61 6.43 -5.60
C ARG E 60 45.53 7.13 -4.78
N LEU E 61 45.09 8.32 -5.17
CA LEU E 61 43.92 8.90 -4.51
C LEU E 61 42.67 8.07 -4.80
N GLY E 62 42.53 7.58 -6.02
CA GLY E 62 41.37 6.81 -6.39
C GLY E 62 40.18 7.69 -6.74
N TYR E 63 39.04 7.02 -6.92
CA TYR E 63 37.82 7.71 -7.31
C TYR E 63 37.36 8.66 -6.22
N SER E 64 36.94 9.86 -6.62
CA SER E 64 36.44 10.86 -5.68
C SER E 64 35.54 11.83 -6.43
N SER E 65 34.48 12.26 -5.76
CA SER E 65 33.54 13.22 -6.33
C SER E 65 33.77 14.63 -5.82
N ARG E 66 34.87 14.87 -5.10
CA ARG E 66 35.16 16.20 -4.57
C ARG E 66 35.36 17.23 -5.67
N GLY E 67 35.77 16.82 -6.85
CA GLY E 67 36.08 17.75 -7.92
C GLY E 67 37.52 18.19 -7.99
N ASN E 68 38.43 17.43 -7.39
CA ASN E 68 39.84 17.79 -7.43
C ASN E 68 40.36 17.71 -8.86
N PHE E 69 41.40 18.47 -9.14
CA PHE E 69 42.04 18.47 -10.45
C PHE E 69 43.44 17.88 -10.33
N ILE E 70 43.70 16.85 -11.14
CA ILE E 70 45.03 16.26 -11.24
C ILE E 70 45.38 16.20 -12.73
N GLY E 71 46.48 16.84 -13.10
CA GLY E 71 46.86 16.89 -14.50
C GLY E 71 48.13 17.67 -14.69
N THR E 72 48.39 18.01 -15.95
CA THR E 72 49.61 18.73 -16.31
C THR E 72 49.47 20.22 -16.02
N ASN E 73 50.63 20.89 -15.98
CA ASN E 73 50.63 22.33 -15.76
C ASN E 73 49.92 23.06 -16.89
N ASP E 74 50.19 22.67 -18.14
CA ASP E 74 49.52 23.30 -19.26
C ASP E 74 48.04 22.93 -19.32
N GLY E 75 47.71 21.70 -18.89
CA GLY E 75 46.31 21.30 -18.87
C GLY E 75 45.51 22.01 -17.80
N PHE E 76 46.19 22.50 -16.76
CA PHE E 76 45.47 23.19 -15.68
C PHE E 76 44.97 24.55 -16.15
N VAL E 77 45.83 25.34 -16.78
CA VAL E 77 45.43 26.69 -17.20
C VAL E 77 44.39 26.62 -18.31
N GLU E 78 44.56 25.68 -19.24
CA GLU E 78 43.58 25.55 -20.32
C GLU E 78 42.22 25.14 -19.79
N SER E 79 42.17 24.14 -18.91
CA SER E 79 40.89 23.60 -18.47
C SER E 79 40.21 24.51 -17.45
N GLU E 80 40.99 25.18 -16.60
CA GLU E 80 40.42 25.93 -15.48
C GLU E 80 40.35 27.42 -15.73
N ILE E 81 41.28 28.00 -16.47
CA ILE E 81 41.37 29.44 -16.66
C ILE E 81 41.09 29.84 -18.09
N ILE E 82 41.76 29.22 -19.05
CA ILE E 82 41.72 29.70 -20.42
C ILE E 82 40.36 29.39 -21.05
N ARG E 83 40.03 28.11 -21.17
CA ARG E 83 38.83 27.71 -21.92
C ARG E 83 37.55 28.32 -21.38
N PRO E 84 37.26 28.32 -20.07
CA PRO E 84 35.96 28.84 -19.62
C PRO E 84 35.87 30.35 -19.67
N PHE E 85 36.95 31.07 -19.42
CA PHE E 85 36.91 32.51 -19.24
C PHE E 85 37.65 33.30 -20.32
N ILE E 86 37.93 32.68 -21.46
CA ILE E 86 38.59 33.41 -22.54
C ILE E 86 37.65 34.45 -23.13
N LYS E 87 36.39 34.06 -23.36
CA LYS E 87 35.44 34.98 -23.98
C LYS E 87 35.11 36.14 -23.06
N ASP E 88 34.95 35.88 -21.76
CA ASP E 88 34.60 36.94 -20.83
C ASP E 88 35.71 37.98 -20.73
N ALA E 89 36.96 37.53 -20.73
CA ALA E 89 38.08 38.46 -20.57
C ALA E 89 38.37 39.23 -21.86
N PHE E 90 38.16 38.59 -23.02
CA PHE E 90 38.60 39.16 -24.29
C PHE E 90 37.48 39.34 -25.30
N GLY E 91 36.23 39.24 -24.89
CA GLY E 91 35.12 39.41 -25.81
C GLY E 91 34.71 38.09 -26.46
N ASN E 92 33.49 38.10 -26.99
CA ASN E 92 32.92 36.88 -27.56
C ASN E 92 33.60 36.46 -28.87
N ASP E 93 34.41 37.34 -29.47
CA ASP E 93 35.07 37.00 -30.72
C ASP E 93 36.06 35.86 -30.53
N TYR E 94 36.79 35.86 -29.42
CA TYR E 94 37.79 34.83 -29.19
C TYR E 94 37.13 33.47 -29.00
N PRO E 95 37.75 32.39 -29.44
CA PRO E 95 37.14 31.06 -29.34
C PRO E 95 37.53 30.33 -28.06
N ASP E 96 36.87 29.19 -27.85
CA ASP E 96 37.14 28.34 -26.71
C ASP E 96 37.16 26.85 -27.08
N ASN E 97 37.14 26.53 -28.37
CA ASN E 97 37.19 25.15 -28.84
C ASN E 97 38.54 24.78 -29.44
N PHE E 98 39.52 25.69 -29.32
CA PHE E 98 40.86 25.46 -29.83
C PHE E 98 41.58 24.41 -28.98
N THR E 99 42.33 23.53 -29.64
CA THR E 99 43.08 22.46 -28.98
C THR E 99 44.56 22.78 -29.09
N ALA E 100 45.17 23.15 -27.97
CA ALA E 100 46.54 23.64 -27.98
C ALA E 100 47.51 22.58 -28.46
N GLU E 101 48.44 22.99 -29.32
CA GLU E 101 49.57 22.18 -29.73
C GLU E 101 50.79 23.08 -29.81
N TYR E 102 51.97 22.51 -29.56
CA TYR E 102 53.19 23.30 -29.46
C TYR E 102 54.25 22.88 -30.48
N PHE E 103 53.86 22.18 -31.55
CA PHE E 103 54.78 21.84 -32.62
C PHE E 103 54.52 22.62 -33.89
N ASP E 104 53.60 23.58 -33.86
CA ASP E 104 53.26 24.35 -35.05
C ASP E 104 52.79 25.74 -34.64
N ASN E 105 52.90 26.68 -35.58
CA ASN E 105 52.39 28.03 -35.42
C ASN E 105 53.00 28.72 -34.20
N GLN E 106 54.32 28.88 -34.23
CA GLN E 106 55.02 29.60 -33.19
C GLN E 106 54.85 31.11 -33.37
N PHE E 107 54.94 31.82 -32.26
CA PHE E 107 54.72 33.27 -32.22
C PHE E 107 56.00 33.99 -31.85
N ALA E 108 56.24 35.13 -32.51
CA ALA E 108 57.45 35.90 -32.23
C ALA E 108 57.35 36.67 -30.92
N SER E 109 56.19 37.29 -30.65
CA SER E 109 56.06 38.18 -29.51
C SER E 109 54.62 38.22 -29.04
N TYR E 110 54.43 38.75 -27.83
CA TYR E 110 53.09 38.85 -27.25
C TYR E 110 52.20 39.76 -28.08
N ASP E 111 52.72 40.89 -28.53
CA ASP E 111 51.89 41.75 -29.37
C ASP E 111 51.69 41.18 -30.75
N LYS E 112 52.40 40.10 -31.07
CA LYS E 112 52.16 39.34 -32.29
C LYS E 112 51.40 38.05 -32.00
N GLY E 113 51.72 37.37 -30.90
CA GLY E 113 51.04 36.12 -30.60
C GLY E 113 49.59 36.30 -30.20
N LEU E 114 49.26 37.45 -29.60
CA LEU E 114 47.94 37.62 -29.02
C LEU E 114 46.86 37.71 -30.10
N GLN E 115 47.02 38.63 -31.07
CA GLN E 115 45.94 38.84 -32.01
C GLN E 115 45.86 37.73 -33.05
N VAL E 116 46.99 37.12 -33.43
CA VAL E 116 46.92 35.99 -34.34
C VAL E 116 46.18 34.82 -33.71
N LEU E 117 46.17 34.74 -32.38
CA LEU E 117 45.42 33.67 -31.71
C LEU E 117 43.94 33.73 -32.03
N LYS E 118 43.40 34.94 -32.15
CA LYS E 118 41.96 35.09 -32.40
C LYS E 118 41.55 34.46 -33.72
N TYR E 119 42.33 34.70 -34.78
CA TYR E 119 41.95 34.23 -36.10
C TYR E 119 42.17 32.72 -36.27
N GLN E 120 43.27 32.20 -35.74
CA GLN E 120 43.64 30.82 -36.02
C GLN E 120 42.71 29.82 -35.33
N ASN E 121 42.15 30.19 -34.18
CA ASN E 121 41.40 29.26 -33.33
C ASN E 121 42.24 28.05 -32.99
N ILE E 122 43.50 28.31 -32.62
CA ILE E 122 44.39 27.26 -32.13
C ILE E 122 45.46 27.95 -31.29
N LEU E 123 45.93 27.25 -30.27
CA LEU E 123 46.89 27.82 -29.34
C LEU E 123 48.31 27.43 -29.74
N GLY E 124 49.15 28.43 -30.01
CA GLY E 124 50.51 28.21 -30.46
C GLY E 124 51.50 28.56 -29.38
N THR E 125 52.61 27.82 -29.34
CA THR E 125 53.65 28.02 -28.34
C THR E 125 54.55 29.17 -28.77
N TYR E 126 55.68 29.31 -28.09
CA TYR E 126 56.66 30.35 -28.38
C TYR E 126 57.95 29.73 -28.91
N SER E 127 58.58 30.45 -29.84
CA SER E 127 59.87 30.01 -30.36
C SER E 127 60.97 30.13 -29.32
N ASN E 128 60.80 30.97 -28.30
CA ASN E 128 61.80 31.12 -27.25
C ASN E 128 61.38 30.31 -26.03
N PRO E 129 62.16 29.29 -25.65
CA PRO E 129 61.79 28.49 -24.47
C PRO E 129 61.66 29.30 -23.19
N LYS E 130 62.43 30.38 -23.05
CA LYS E 130 62.50 31.10 -21.78
C LYS E 130 61.15 31.68 -21.38
N LYS E 131 60.33 32.09 -22.35
CA LYS E 131 59.02 32.65 -22.07
C LYS E 131 57.92 31.72 -22.57
N ASN E 132 56.88 31.56 -21.77
CA ASN E 132 55.74 30.69 -22.09
C ASN E 132 54.53 31.57 -22.36
N PHE E 133 54.07 31.58 -23.61
CA PHE E 133 52.95 32.43 -24.01
C PHE E 133 51.66 32.01 -23.31
N LYS E 134 51.45 30.70 -23.16
CA LYS E 134 50.19 30.21 -22.62
C LYS E 134 49.96 30.71 -21.20
N PHE E 135 51.00 30.69 -20.36
CA PHE E 135 50.80 31.03 -18.95
C PHE E 135 50.63 32.53 -18.75
N GLN E 136 51.34 33.36 -19.52
CA GLN E 136 51.11 34.79 -19.40
C GLN E 136 49.74 35.18 -19.94
N LEU E 137 49.25 34.45 -20.95
CA LEU E 137 47.87 34.64 -21.39
C LEU E 137 46.89 34.27 -20.29
N ALA E 138 47.14 33.15 -19.60
CA ALA E 138 46.29 32.78 -18.47
C ALA E 138 46.38 33.80 -17.36
N LEU E 139 47.58 34.32 -17.08
CA LEU E 139 47.72 35.38 -16.09
C LEU E 139 46.96 36.63 -16.54
N ASP E 140 47.02 36.95 -17.82
CA ASP E 140 46.29 38.11 -18.32
C ASP E 140 44.79 37.93 -18.18
N ILE E 141 44.29 36.72 -18.42
CA ILE E 141 42.86 36.46 -18.30
C ILE E 141 42.40 36.67 -16.86
N LEU E 142 43.18 36.18 -15.90
CA LEU E 142 42.81 36.33 -14.49
C LEU E 142 42.73 37.79 -14.09
N LYS E 143 43.68 38.60 -14.56
CA LYS E 143 43.66 40.03 -14.22
C LYS E 143 42.45 40.72 -14.85
N LYS E 144 42.05 40.29 -16.04
CA LYS E 144 41.01 41.00 -16.78
C LYS E 144 39.60 40.56 -16.38
N SER E 145 39.42 39.28 -16.06
CA SER E 145 38.09 38.73 -15.82
C SER E 145 37.83 38.61 -14.33
N LEU E 146 36.73 39.22 -13.86
CA LEU E 146 36.39 39.14 -12.45
C LEU E 146 35.84 37.77 -12.09
N VAL E 147 35.00 37.19 -12.96
CA VAL E 147 34.43 35.89 -12.67
C VAL E 147 35.51 34.81 -12.64
N ALA E 148 36.54 34.94 -13.48
CA ALA E 148 37.64 33.99 -13.44
C ALA E 148 38.36 34.04 -12.09
N ARG E 149 38.60 35.25 -11.57
CA ARG E 149 39.21 35.38 -10.25
C ARG E 149 38.31 34.80 -9.17
N GLN E 150 37.02 35.07 -9.26
CA GLN E 150 36.08 34.54 -8.26
C GLN E 150 36.04 33.02 -8.30
N TYR E 151 36.02 32.43 -9.50
CA TYR E 151 35.91 30.98 -9.59
C TYR E 151 37.14 30.30 -9.01
N ILE E 152 38.33 30.81 -9.30
CA ILE E 152 39.55 30.19 -8.82
C ILE E 152 39.61 30.22 -7.31
N PHE E 153 39.26 31.36 -6.70
CA PHE E 153 39.26 31.45 -5.25
C PHE E 153 38.22 30.52 -4.64
N SER E 154 37.04 30.44 -5.24
CA SER E 154 35.97 29.62 -4.68
C SER E 154 36.19 28.13 -4.89
N LYS E 155 36.98 27.75 -5.90
CA LYS E 155 37.14 26.33 -6.21
C LYS E 155 38.27 25.71 -5.40
N TYR E 156 39.44 26.31 -5.41
CA TYR E 156 40.65 25.71 -4.85
C TYR E 156 41.13 26.47 -3.62
N PHE E 157 41.53 25.72 -2.60
CA PHE E 157 42.15 26.30 -1.42
C PHE E 157 43.63 25.99 -1.31
N LYS E 158 44.14 25.02 -2.06
CA LYS E 158 45.56 24.70 -2.06
C LYS E 158 45.93 24.08 -3.39
N ILE E 159 47.13 24.41 -3.86
CA ILE E 159 47.64 23.93 -5.14
C ILE E 159 48.90 23.12 -4.89
N PHE E 160 48.95 21.92 -5.46
CA PHE E 160 50.10 21.03 -5.32
C PHE E 160 50.91 21.04 -6.62
N ILE E 161 52.17 21.43 -6.52
CA ILE E 161 53.05 21.56 -7.67
C ILE E 161 54.31 20.76 -7.41
N ASP E 162 54.78 20.05 -8.44
CA ASP E 162 56.02 19.29 -8.36
C ASP E 162 57.01 19.78 -9.41
N GLU E 163 58.27 19.42 -9.21
CA GLU E 163 59.35 19.74 -10.14
C GLU E 163 59.43 21.24 -10.40
N TYR E 164 59.32 22.01 -9.32
CA TYR E 164 59.34 23.47 -9.45
C TYR E 164 60.68 23.99 -9.96
N GLN E 165 61.75 23.20 -9.87
CA GLN E 165 63.01 23.63 -10.45
C GLN E 165 62.93 23.72 -11.97
N ASP E 166 62.03 22.95 -12.59
CA ASP E 166 61.81 23.01 -14.02
C ASP E 166 60.78 24.05 -14.41
N SER E 167 60.22 24.77 -13.44
CA SER E 167 59.17 25.73 -13.74
C SER E 167 59.69 26.91 -14.55
N ASP E 168 58.92 27.32 -15.54
CA ASP E 168 59.27 28.50 -16.33
C ASP E 168 59.05 29.75 -15.50
N LYS E 169 59.68 30.85 -15.94
CA LYS E 169 59.50 32.12 -15.27
C LYS E 169 58.05 32.59 -15.36
N ASP E 170 57.43 32.41 -16.53
CA ASP E 170 56.01 32.76 -16.68
C ASP E 170 55.15 31.90 -15.77
N MET E 171 55.45 30.61 -15.67
CA MET E 171 54.69 29.74 -14.77
C MET E 171 54.84 30.19 -13.32
N HIS E 172 56.05 30.54 -12.93
CA HIS E 172 56.27 31.02 -11.56
C HIS E 172 55.51 32.31 -11.31
N ASN E 173 55.44 33.19 -12.31
CA ASN E 173 54.73 34.45 -12.14
C ASN E 173 53.24 34.22 -11.88
N LEU E 174 52.63 33.28 -12.61
CA LEU E 174 51.22 33.00 -12.38
C LEU E 174 50.98 32.38 -11.02
N PHE E 175 51.81 31.40 -10.65
CA PHE E 175 51.63 30.74 -9.35
C PHE E 175 51.83 31.71 -8.21
N MET E 176 52.77 32.64 -8.34
CA MET E 176 52.91 33.70 -7.34
C MET E 176 51.65 34.56 -7.30
N TYR E 177 51.06 34.84 -8.45
CA TYR E 177 49.81 35.59 -8.49
C TYR E 177 48.70 34.83 -7.77
N LEU E 178 48.62 33.52 -7.99
CA LEU E 178 47.60 32.73 -7.31
C LEU E 178 47.79 32.77 -5.80
N LYS E 179 49.02 33.04 -5.34
CA LYS E 179 49.32 33.01 -3.92
C LYS E 179 48.99 34.33 -3.23
N ASP E 180 49.57 35.43 -3.72
CA ASP E 180 49.60 36.65 -2.91
C ASP E 180 48.29 37.42 -2.97
N GLN E 181 47.77 37.73 -4.16
CA GLN E 181 46.52 38.50 -4.15
C GLN E 181 45.29 37.60 -4.15
N LEU E 182 45.40 36.35 -4.61
CA LEU E 182 44.28 35.42 -4.55
C LEU E 182 44.27 34.57 -3.30
N LYS E 183 45.26 34.73 -2.41
CA LYS E 183 45.27 34.09 -1.09
C LYS E 183 45.02 32.59 -1.17
N ILE E 184 45.83 31.91 -1.99
CA ILE E 184 45.73 30.46 -2.16
C ILE E 184 47.00 29.81 -1.65
N LYS E 185 46.84 28.80 -0.79
CA LYS E 185 47.99 28.08 -0.26
C LYS E 185 48.69 27.32 -1.38
N LEU E 186 50.01 27.26 -1.30
CA LEU E 186 50.84 26.61 -2.31
C LEU E 186 51.69 25.53 -1.68
N PHE E 187 51.82 24.40 -2.38
CA PHE E 187 52.67 23.29 -1.95
C PHE E 187 53.54 22.92 -3.14
N ILE E 188 54.69 23.58 -3.25
CA ILE E 188 55.60 23.35 -4.38
C ILE E 188 56.68 22.37 -3.95
N VAL E 189 57.22 21.67 -4.94
CA VAL E 189 58.30 20.70 -4.72
C VAL E 189 59.38 20.97 -5.74
N GLY E 190 60.61 21.18 -5.27
CA GLY E 190 61.71 21.49 -6.16
C GLY E 190 62.93 20.63 -5.93
N ASP E 191 63.31 19.87 -6.95
CA ASP E 191 64.54 19.07 -6.87
C ASP E 191 65.74 19.97 -7.08
N PRO E 192 66.75 19.93 -6.19
CA PRO E 192 67.97 20.74 -6.31
C PRO E 192 68.73 20.46 -7.59
N TRP E 199 62.12 20.54 -18.33
CA TRP E 199 61.21 21.27 -19.23
C TRP E 199 62.05 22.15 -20.16
N ARG E 200 61.48 22.46 -21.33
CA ARG E 200 62.26 23.09 -22.40
C ARG E 200 62.83 24.43 -21.96
N GLY E 201 62.03 25.26 -21.29
CA GLY E 201 62.49 26.56 -20.86
C GLY E 201 62.66 26.67 -19.36
N ALA E 202 63.23 25.63 -18.75
CA ALA E 202 63.35 25.57 -17.30
C ALA E 202 64.16 26.75 -16.77
N GLU E 203 63.67 27.34 -15.68
CA GLU E 203 64.34 28.46 -15.03
C GLU E 203 64.73 28.07 -13.62
N PRO E 204 65.96 27.61 -13.38
CA PRO E 204 66.35 27.23 -12.02
C PRO E 204 66.38 28.39 -11.04
N GLU E 205 66.42 29.63 -11.53
CA GLU E 205 66.54 30.78 -10.64
C GLU E 205 65.33 30.94 -9.74
N ASN E 206 64.12 30.77 -10.30
CA ASN E 206 62.91 31.07 -9.54
C ASN E 206 62.77 30.16 -8.32
N PHE E 207 63.02 28.86 -8.49
CA PHE E 207 62.88 27.94 -7.37
C PHE E 207 63.96 28.16 -6.34
N ASN E 208 65.22 28.28 -6.78
CA ASN E 208 66.31 28.52 -5.83
C ASN E 208 66.15 29.87 -5.15
N GLY E 209 65.75 30.90 -5.91
CA GLY E 209 65.50 32.20 -5.31
C GLY E 209 64.31 32.21 -4.38
N LEU E 210 63.34 31.32 -4.59
CA LEU E 210 62.18 31.27 -3.72
C LEU E 210 62.58 30.87 -2.30
N ILE E 211 63.50 29.91 -2.17
CA ILE E 211 63.89 29.43 -0.84
C ILE E 211 64.56 30.54 -0.04
N GLU E 212 65.47 31.29 -0.68
CA GLU E 212 66.23 32.30 0.04
C GLU E 212 65.41 33.56 0.29
N ASN E 213 64.54 33.94 -0.64
CA ASN E 213 63.86 35.21 -0.55
C ASN E 213 62.52 35.13 0.19
N SER E 214 61.73 34.09 -0.06
CA SER E 214 60.39 33.99 0.52
C SER E 214 60.49 33.59 1.99
N THR E 215 60.25 34.54 2.89
CA THR E 215 60.21 34.24 4.31
C THR E 215 58.91 33.55 4.71
N ASP E 216 57.80 33.90 4.04
CA ASP E 216 56.52 33.29 4.36
C ASP E 216 56.54 31.79 4.09
N PHE E 217 57.18 31.38 3.00
CA PHE E 217 57.28 29.96 2.69
C PHE E 217 58.09 29.23 3.74
N ASN E 218 57.74 27.97 4.00
CA ASN E 218 58.42 27.13 4.96
C ASN E 218 59.25 26.09 4.20
N LYS E 219 60.54 26.04 4.49
CA LYS E 219 61.46 25.14 3.79
C LYS E 219 61.57 23.83 4.56
N TYR E 220 61.27 22.73 3.87
CA TYR E 220 61.38 21.39 4.45
C TYR E 220 62.24 20.52 3.54
N HIS E 221 63.11 19.73 4.15
CA HIS E 221 64.01 18.84 3.42
C HIS E 221 63.60 17.40 3.71
N LEU E 222 63.35 16.63 2.66
CA LEU E 222 62.97 15.22 2.79
C LEU E 222 64.18 14.37 2.40
N THR E 223 64.49 13.39 3.24
CA THR E 223 65.70 12.59 3.06
C THR E 223 65.65 11.81 1.76
N SER E 224 66.83 11.67 1.12
CA SER E 224 66.89 11.00 -0.17
C SER E 224 66.45 9.55 -0.09
N ASN E 225 66.87 8.85 0.95
CA ASN E 225 66.52 7.45 1.15
C ASN E 225 65.58 7.33 2.35
N PHE E 226 64.44 6.67 2.13
CA PHE E 226 63.45 6.47 3.19
C PHE E 226 62.45 5.39 2.79
N PRO E 322 71.11 13.70 -19.40
CA PRO E 322 69.79 14.22 -19.02
C PRO E 322 68.70 13.83 -20.02
N ASN E 323 69.02 13.90 -21.30
CA ASN E 323 68.08 13.56 -22.36
C ASN E 323 67.93 12.05 -22.55
N ALA E 324 68.81 11.24 -21.96
CA ALA E 324 68.75 9.81 -22.18
C ALA E 324 67.46 9.20 -21.67
N THR E 325 66.88 9.78 -20.61
CA THR E 325 65.61 9.27 -20.08
C THR E 325 64.48 9.38 -21.08
N LEU E 326 64.64 10.21 -22.11
CA LEU E 326 63.66 10.33 -23.18
C LEU E 326 63.95 9.39 -24.35
N LEU E 327 64.91 8.48 -24.19
CA LEU E 327 65.14 7.43 -25.17
C LEU E 327 64.86 6.03 -24.65
N LYS E 328 64.63 5.87 -23.35
CA LYS E 328 64.38 4.54 -22.80
C LYS E 328 63.04 3.98 -23.23
N GLU E 329 61.99 4.80 -23.20
CA GLU E 329 60.65 4.28 -23.46
C GLU E 329 60.46 3.96 -24.94
N VAL E 330 61.06 4.75 -25.82
CA VAL E 330 60.98 4.41 -27.25
C VAL E 330 61.76 3.14 -27.54
N ILE E 331 62.88 2.93 -26.85
CA ILE E 331 63.67 1.71 -27.06
C ILE E 331 62.85 0.48 -26.66
N LYS E 332 62.18 0.54 -25.51
CA LYS E 332 61.36 -0.59 -25.10
C LYS E 332 60.08 -0.69 -25.92
N TYR E 333 59.59 0.44 -26.43
CA TYR E 333 58.46 0.39 -27.37
C TYR E 333 58.85 -0.34 -28.64
N VAL E 334 60.06 -0.10 -29.13
CA VAL E 334 60.57 -0.84 -30.28
C VAL E 334 60.66 -2.32 -29.95
N LYS E 335 61.16 -2.66 -28.77
CA LYS E 335 61.26 -4.05 -28.33
C LYS E 335 59.88 -4.61 -28.02
N ILE E 341 52.39 3.71 -28.31
CA ILE E 341 52.75 5.04 -28.79
C ILE E 341 52.17 6.09 -27.84
N TYR E 342 51.07 5.76 -27.17
CA TYR E 342 50.49 6.67 -26.21
C TYR E 342 51.26 6.69 -24.90
N ASP E 343 51.92 5.58 -24.55
CA ASP E 343 52.67 5.53 -23.31
C ASP E 343 53.85 6.49 -23.33
N LEU E 344 54.57 6.54 -24.45
CA LEU E 344 55.71 7.45 -24.56
C LEU E 344 55.26 8.92 -24.57
N ALA E 345 54.09 9.19 -25.14
CA ALA E 345 53.55 10.55 -25.09
C ALA E 345 53.26 10.98 -23.66
N ALA E 346 52.81 10.04 -22.83
CA ALA E 346 52.57 10.34 -21.41
C ALA E 346 53.86 10.76 -20.72
N GLU E 347 55.00 10.21 -21.14
CA GLU E 347 56.28 10.60 -20.54
C GLU E 347 56.71 11.98 -21.02
N ILE E 348 56.31 12.37 -22.23
CA ILE E 348 56.67 13.68 -22.76
C ILE E 348 55.93 14.77 -21.98
N VAL E 349 56.65 15.83 -21.65
CA VAL E 349 56.07 16.92 -20.86
C VAL E 349 54.99 17.62 -21.66
N GLY E 350 53.84 17.81 -21.03
CA GLY E 350 52.74 18.55 -21.62
C GLY E 350 51.72 17.66 -22.33
N ASN E 351 50.56 18.26 -22.58
CA ASN E 351 49.49 17.58 -23.29
C ASN E 351 49.82 17.54 -24.78
N LEU E 352 49.85 16.34 -25.36
CA LEU E 352 50.31 16.13 -26.72
C LEU E 352 49.12 15.80 -27.61
N SER E 353 48.93 16.57 -28.67
CA SER E 353 47.79 16.40 -29.56
C SER E 353 47.93 15.14 -30.40
N SER E 354 46.79 14.51 -30.67
CA SER E 354 46.78 13.28 -31.47
C SER E 354 47.27 13.54 -32.89
N ARG E 355 47.06 14.76 -33.40
CA ARG E 355 47.58 15.11 -34.72
C ARG E 355 49.10 15.02 -34.74
N GLU E 356 49.75 15.50 -33.68
CA GLU E 356 51.21 15.39 -33.58
C GLU E 356 51.66 13.95 -33.38
N ILE E 357 50.81 13.10 -32.80
CA ILE E 357 51.16 11.70 -32.61
C ILE E 357 51.35 11.02 -33.96
N LYS E 358 50.47 11.29 -34.93
CA LYS E 358 50.59 10.68 -36.24
C LYS E 358 51.89 11.07 -36.93
N GLU E 359 52.36 12.29 -36.71
CA GLU E 359 53.64 12.71 -37.26
C GLU E 359 54.82 12.09 -36.52
N ILE E 360 54.72 11.98 -35.20
CA ILE E 360 55.81 11.38 -34.42
C ILE E 360 55.92 9.88 -34.69
N GLN E 361 54.78 9.19 -34.84
CA GLN E 361 54.81 7.74 -34.94
C GLN E 361 55.52 7.27 -36.20
N LYS E 362 55.41 8.02 -37.29
CA LYS E 362 56.09 7.61 -38.52
C LYS E 362 57.61 7.77 -38.39
N ILE E 363 58.06 8.72 -37.56
CA ILE E 363 59.49 8.85 -37.29
C ILE E 363 59.97 7.68 -36.44
N ILE E 364 59.21 7.31 -35.42
CA ILE E 364 59.64 6.26 -34.51
C ILE E 364 59.69 4.91 -35.20
N ASN E 365 58.65 4.56 -35.95
CA ASN E 365 58.63 3.26 -36.63
C ASN E 365 59.66 3.18 -37.75
N GLU E 366 60.17 4.32 -38.21
CA GLU E 366 61.26 4.30 -39.18
C GLU E 366 62.51 3.67 -38.59
N LEU E 367 62.77 3.91 -37.30
CA LEU E 367 63.94 3.33 -36.65
C LEU E 367 63.87 1.81 -36.64
N LEU E 368 62.70 1.26 -36.33
CA LEU E 368 62.54 -0.19 -36.30
C LEU E 368 62.26 -0.74 -37.69
N ASN E 373 69.50 -0.13 -39.60
CA ASN E 373 70.93 -0.05 -39.36
C ASN E 373 71.25 1.15 -38.48
N GLN E 374 72.54 1.33 -38.16
CA GLN E 374 72.95 2.41 -37.28
C GLN E 374 72.67 3.78 -37.90
N VAL E 375 72.93 3.93 -39.21
CA VAL E 375 72.84 5.25 -39.84
C VAL E 375 71.42 5.79 -39.78
N LEU E 376 70.43 4.94 -40.08
CA LEU E 376 69.05 5.41 -39.99
C LEU E 376 68.64 5.71 -38.56
N ILE E 377 69.28 5.05 -37.58
CA ILE E 377 68.99 5.36 -36.18
C ILE E 377 69.40 6.79 -35.86
N ASN E 378 70.53 7.25 -36.41
CA ASN E 378 71.02 8.58 -36.06
C ASN E 378 70.10 9.68 -36.55
N GLN E 379 69.61 9.60 -37.80
CA GLN E 379 68.95 10.77 -38.37
C GLN E 379 67.55 10.95 -37.81
N VAL E 380 66.88 9.87 -37.39
CA VAL E 380 65.58 10.01 -36.77
C VAL E 380 65.69 10.72 -35.42
N LEU E 381 66.73 10.41 -34.65
CA LEU E 381 66.94 11.13 -33.39
C LEU E 381 67.31 12.59 -33.62
N ILE E 382 67.89 12.91 -34.78
CA ILE E 382 68.21 14.29 -35.09
C ILE E 382 66.94 15.12 -35.23
N ASN E 383 65.97 14.62 -36.00
CA ASN E 383 64.73 15.35 -36.17
C ASN E 383 63.84 15.25 -34.94
N LEU E 384 63.93 14.14 -34.19
CA LEU E 384 63.18 14.04 -32.94
C LEU E 384 63.64 15.09 -31.94
N PHE E 385 64.95 15.29 -31.83
CA PHE E 385 65.47 16.37 -30.99
C PHE E 385 65.11 17.74 -31.57
N ALA E 386 65.09 17.84 -32.90
CA ALA E 386 64.72 19.10 -33.55
C ALA E 386 63.26 19.45 -33.28
N LYS E 387 62.38 18.43 -33.26
CA LYS E 387 60.96 18.69 -33.05
C LYS E 387 60.70 19.32 -31.68
N LEU E 388 61.36 18.80 -30.65
CA LEU E 388 61.18 19.33 -29.29
C LEU E 388 61.96 20.63 -29.11
N ASP E 393 72.93 14.19 -27.93
CA ASP E 393 74.24 13.97 -27.34
C ASP E 393 75.05 12.97 -28.15
N THR E 394 76.37 13.21 -28.23
CA THR E 394 77.25 12.30 -28.95
C THR E 394 77.28 10.92 -28.30
N ARG E 395 77.32 10.89 -26.96
CA ARG E 395 77.32 9.61 -26.25
C ARG E 395 75.96 8.92 -26.34
N GLU E 396 74.87 9.70 -26.39
CA GLU E 396 73.54 9.11 -26.38
C GLU E 396 73.29 8.28 -27.63
N ILE E 397 73.69 8.77 -28.80
CA ILE E 397 73.45 8.03 -30.03
C ILE E 397 74.26 6.74 -30.05
N THR E 398 75.47 6.77 -29.48
CA THR E 398 76.26 5.55 -29.36
C THR E 398 75.56 4.55 -28.44
N ALA E 399 74.98 5.03 -27.34
CA ALA E 399 74.22 4.15 -26.45
C ALA E 399 73.01 3.57 -27.18
N PHE E 400 72.34 4.38 -27.99
CA PHE E 400 71.23 3.87 -28.80
C PHE E 400 71.72 2.82 -29.79
N THR E 401 72.90 3.04 -30.39
CA THR E 401 73.46 2.05 -31.29
C THR E 401 73.75 0.74 -30.57
N GLU E 402 74.24 0.83 -29.32
CA GLU E 402 74.51 -0.38 -28.55
C GLU E 402 73.23 -1.16 -28.29
N VAL E 403 72.14 -0.46 -27.97
CA VAL E 403 70.87 -1.11 -27.71
C VAL E 403 70.01 -1.13 -28.97
N SER F 2 -1.20 23.94 -59.12
CA SER F 2 -2.04 23.78 -57.94
C SER F 2 -1.27 23.16 -56.79
N ARG F 3 -1.89 23.14 -55.61
CA ARG F 3 -1.26 22.56 -54.43
C ARG F 3 -1.65 21.09 -54.26
N GLU F 4 -2.84 20.72 -54.72
CA GLU F 4 -3.39 19.41 -54.38
C GLU F 4 -2.58 18.27 -54.99
N GLN F 5 -2.24 18.38 -56.29
CA GLN F 5 -1.61 17.26 -56.98
C GLN F 5 -0.18 17.03 -56.54
N ILE F 6 0.55 18.10 -56.21
CA ILE F 6 1.94 17.93 -55.80
C ILE F 6 2.02 17.28 -54.42
N ILE F 7 0.96 17.41 -53.62
CA ILE F 7 0.93 16.77 -52.31
C ILE F 7 0.86 15.25 -52.42
N LYS F 8 0.01 14.72 -53.31
CA LYS F 8 -0.04 13.25 -53.42
C LYS F 8 1.24 12.69 -54.01
N ASP F 9 1.91 13.46 -54.88
CA ASP F 9 3.17 12.99 -55.45
C ASP F 9 4.21 12.81 -54.34
N GLY F 10 4.87 11.65 -54.36
CA GLY F 10 5.82 11.31 -53.33
C GLY F 10 7.24 11.15 -53.82
N GLY F 11 7.44 11.21 -55.13
CA GLY F 11 8.75 11.11 -55.71
C GLY F 11 9.48 12.43 -55.71
N ASN F 12 10.50 12.53 -56.55
CA ASN F 12 11.22 13.79 -56.70
C ASN F 12 10.31 14.84 -57.34
N ILE F 13 10.25 16.01 -56.72
CA ILE F 13 9.32 17.06 -57.12
C ILE F 13 10.12 18.33 -57.45
N LEU F 14 9.81 18.92 -58.60
CA LEU F 14 10.44 20.15 -59.05
C LEU F 14 9.39 21.25 -59.09
N VAL F 15 9.70 22.39 -58.47
CA VAL F 15 8.78 23.51 -58.37
C VAL F 15 9.45 24.74 -58.97
N THR F 16 8.73 25.43 -59.85
CA THR F 16 9.19 26.66 -60.50
C THR F 16 8.44 27.87 -59.96
N ALA F 17 8.26 27.92 -58.64
CA ALA F 17 7.53 29.01 -58.03
C ALA F 17 8.23 30.35 -58.26
N GLY F 18 7.43 31.40 -58.43
CA GLY F 18 7.93 32.72 -58.69
C GLY F 18 7.56 33.69 -57.58
N ALA F 19 8.43 34.68 -57.37
CA ALA F 19 8.24 35.77 -56.41
C ALA F 19 8.12 35.28 -54.97
N GLY F 20 8.43 34.01 -54.70
CA GLY F 20 8.35 33.50 -53.35
C GLY F 20 6.95 33.42 -52.76
N SER F 21 5.91 33.53 -53.59
CA SER F 21 4.55 33.46 -53.08
C SER F 21 4.27 32.08 -52.47
N GLY F 22 4.70 31.02 -53.15
CA GLY F 22 4.49 29.68 -52.68
C GLY F 22 5.77 28.94 -52.37
N LYS F 23 6.83 29.67 -52.03
CA LYS F 23 8.06 29.01 -51.61
C LYS F 23 7.96 28.51 -50.18
N THR F 24 7.72 29.41 -49.23
CA THR F 24 7.63 29.02 -47.83
C THR F 24 6.33 28.28 -47.54
N THR F 25 5.22 28.74 -48.12
CA THR F 25 3.92 28.16 -47.79
C THR F 25 3.83 26.72 -48.26
N ILE F 26 4.23 26.46 -49.51
CA ILE F 26 4.15 25.10 -50.04
C ILE F 26 5.16 24.20 -49.34
N LEU F 27 6.35 24.72 -49.05
CA LEU F 27 7.36 23.93 -48.35
C LEU F 27 6.82 23.42 -47.02
N VAL F 28 6.24 24.31 -46.22
CA VAL F 28 5.72 23.92 -44.92
C VAL F 28 4.56 22.94 -45.09
N SER F 29 3.66 23.22 -46.03
CA SER F 29 2.52 22.33 -46.25
C SER F 29 2.97 20.94 -46.68
N LYS F 30 3.93 20.89 -47.60
CA LYS F 30 4.42 19.59 -48.06
C LYS F 30 5.15 18.85 -46.94
N ILE F 31 5.92 19.56 -46.13
CA ILE F 31 6.64 18.93 -45.03
C ILE F 31 5.67 18.34 -44.02
N GLU F 32 4.64 19.10 -43.66
CA GLU F 32 3.65 18.60 -42.70
C GLU F 32 2.91 17.38 -43.25
N ALA F 33 2.57 17.41 -44.54
CA ALA F 33 1.88 16.28 -45.14
C ALA F 33 2.75 15.03 -45.12
N ASP F 34 4.04 15.18 -45.46
CA ASP F 34 4.94 14.03 -45.48
C ASP F 34 5.21 13.51 -44.07
N LEU F 35 5.42 14.42 -43.12
CA LEU F 35 5.71 14.01 -41.75
C LEU F 35 4.54 13.25 -41.14
N LYS F 36 3.32 13.73 -41.35
CA LYS F 36 2.15 13.05 -40.78
C LYS F 36 1.84 11.75 -41.51
N GLU F 37 2.17 11.67 -42.79
CA GLU F 37 1.92 10.44 -43.55
C GLU F 37 2.91 9.35 -43.19
N ASN F 38 4.19 9.70 -43.03
CA ASN F 38 5.24 8.72 -42.77
C ASN F 38 5.33 8.47 -41.27
N LYS F 39 5.08 7.23 -40.87
CA LYS F 39 5.13 6.83 -39.46
C LYS F 39 6.42 6.11 -39.10
N THR F 40 7.39 6.05 -40.02
CA THR F 40 8.64 5.37 -39.77
C THR F 40 9.59 6.27 -38.97
N HIS F 41 10.78 5.76 -38.71
CA HIS F 41 11.79 6.53 -37.98
C HIS F 41 12.47 7.59 -38.82
N TYR F 42 12.31 7.53 -40.14
CA TYR F 42 12.98 8.48 -41.03
C TYR F 42 12.47 9.89 -40.79
N SER F 43 13.35 10.87 -41.04
CA SER F 43 13.01 12.27 -40.90
C SER F 43 13.38 12.99 -42.20
N ILE F 44 13.11 14.30 -42.24
CA ILE F 44 13.39 15.10 -43.41
C ILE F 44 14.35 16.21 -43.03
N ALA F 45 15.04 16.74 -44.03
CA ALA F 45 15.95 17.86 -43.87
C ALA F 45 15.51 19.00 -44.76
N ALA F 46 15.41 20.20 -44.18
CA ALA F 46 15.05 21.41 -44.91
C ALA F 46 16.27 22.33 -44.94
N VAL F 47 16.71 22.69 -46.14
CA VAL F 47 17.90 23.51 -46.32
C VAL F 47 17.50 24.79 -47.05
N THR F 48 17.86 25.94 -46.48
CA THR F 48 17.58 27.24 -47.07
C THR F 48 18.83 28.09 -47.03
N PHE F 49 19.01 28.91 -48.07
CA PHE F 49 20.16 29.81 -48.09
C PHE F 49 20.10 30.82 -46.95
N THR F 50 18.91 31.33 -46.66
CA THR F 50 18.74 32.42 -45.71
C THR F 50 18.41 31.87 -44.33
N ASN F 51 19.10 32.37 -43.31
CA ASN F 51 18.93 31.82 -41.96
C ASN F 51 17.53 32.06 -41.42
N LYS F 52 16.98 33.27 -41.59
CA LYS F 52 15.63 33.52 -41.09
C LYS F 52 14.60 32.72 -41.87
N ALA F 53 14.88 32.44 -43.15
CA ALA F 53 13.98 31.59 -43.93
C ALA F 53 13.84 30.22 -43.27
N ALA F 54 14.96 29.66 -42.79
CA ALA F 54 14.88 28.43 -42.03
C ALA F 54 14.12 28.64 -40.71
N LYS F 55 14.39 29.76 -40.04
CA LYS F 55 13.76 30.00 -38.75
C LYS F 55 12.24 30.15 -38.89
N GLU F 56 11.78 30.89 -39.89
CA GLU F 56 10.34 31.04 -40.07
C GLU F 56 9.71 29.72 -40.49
N ILE F 57 10.42 28.89 -41.25
CA ILE F 57 9.92 27.55 -41.56
C ILE F 57 9.78 26.74 -40.27
N GLU F 58 10.82 26.78 -39.42
CA GLU F 58 10.81 25.97 -38.20
C GLU F 58 9.65 26.37 -37.30
N GLY F 59 9.37 27.66 -37.19
CA GLY F 59 8.24 28.10 -36.40
C GLY F 59 6.92 27.58 -36.92
N ARG F 60 6.82 27.37 -38.23
CA ARG F 60 5.57 26.90 -38.81
C ARG F 60 5.31 25.43 -38.48
N LEU F 61 6.32 24.57 -38.57
CA LEU F 61 6.15 23.20 -38.12
C LEU F 61 5.92 23.13 -36.61
N GLY F 62 6.65 23.93 -35.85
CA GLY F 62 6.55 23.89 -34.41
C GLY F 62 7.42 22.81 -33.80
N TYR F 63 7.24 22.63 -32.49
CA TYR F 63 8.05 21.66 -31.75
C TYR F 63 7.76 20.25 -32.21
N SER F 64 8.82 19.45 -32.34
CA SER F 64 8.70 18.06 -32.74
C SER F 64 9.93 17.30 -32.26
N SER F 65 9.71 16.03 -31.91
CA SER F 65 10.79 15.15 -31.48
C SER F 65 11.23 14.19 -32.58
N ARG F 66 10.75 14.39 -33.81
CA ARG F 66 11.10 13.51 -34.91
C ARG F 66 12.59 13.54 -35.23
N GLY F 67 13.27 14.61 -34.89
CA GLY F 67 14.67 14.77 -35.25
C GLY F 67 14.90 15.39 -36.60
N ASN F 68 13.91 16.12 -37.14
CA ASN F 68 14.07 16.76 -38.43
C ASN F 68 15.14 17.85 -38.37
N PHE F 69 15.69 18.16 -39.53
CA PHE F 69 16.69 19.21 -39.65
C PHE F 69 16.13 20.36 -40.48
N ILE F 70 16.15 21.57 -39.90
CA ILE F 70 15.80 22.79 -40.62
C ILE F 70 16.93 23.79 -40.39
N GLY F 71 17.56 24.22 -41.47
CA GLY F 71 18.68 25.13 -41.33
C GLY F 71 19.28 25.47 -42.68
N THR F 72 20.48 26.04 -42.63
CA THR F 72 21.18 26.48 -43.82
C THR F 72 21.88 25.30 -44.49
N ASN F 73 22.12 25.44 -45.80
CA ASN F 73 22.81 24.39 -46.54
C ASN F 73 24.20 24.14 -45.98
N ASP F 74 24.93 25.22 -45.70
CA ASP F 74 26.25 25.07 -45.08
C ASP F 74 26.14 24.49 -43.67
N GLY F 75 25.09 24.89 -42.93
CA GLY F 75 24.86 24.29 -41.63
C GLY F 75 24.53 22.80 -41.73
N PHE F 76 23.84 22.42 -42.81
CA PHE F 76 23.47 21.02 -42.98
C PHE F 76 24.70 20.14 -43.17
N VAL F 77 25.57 20.50 -44.11
CA VAL F 77 26.73 19.66 -44.38
C VAL F 77 27.69 19.64 -43.20
N GLU F 78 27.85 20.77 -42.52
CA GLU F 78 28.74 20.80 -41.38
C GLU F 78 28.23 19.92 -40.25
N SER F 79 26.97 20.08 -39.87
CA SER F 79 26.44 19.36 -38.72
C SER F 79 26.13 17.90 -39.03
N GLU F 80 25.72 17.60 -40.27
CA GLU F 80 25.29 16.25 -40.59
C GLU F 80 26.39 15.39 -41.19
N ILE F 81 27.37 16.00 -41.87
CA ILE F 81 28.37 15.22 -42.59
C ILE F 81 29.77 15.52 -42.09
N ILE F 82 30.19 16.79 -42.17
CA ILE F 82 31.58 17.13 -41.91
C ILE F 82 31.94 16.85 -40.45
N ARG F 83 31.27 17.56 -39.52
CA ARG F 83 31.65 17.49 -38.12
C ARG F 83 31.67 16.07 -37.55
N PRO F 84 30.65 15.22 -37.78
CA PRO F 84 30.68 13.91 -37.13
C PRO F 84 31.63 12.92 -37.78
N PHE F 85 31.79 13.01 -39.10
CA PHE F 85 32.52 12.01 -39.86
C PHE F 85 33.80 12.53 -40.49
N ILE F 86 34.32 13.67 -40.03
CA ILE F 86 35.59 14.16 -40.57
C ILE F 86 36.73 13.24 -40.15
N LYS F 87 36.73 12.82 -38.89
CA LYS F 87 37.81 11.97 -38.39
C LYS F 87 37.81 10.60 -39.03
N ASP F 88 36.63 10.01 -39.21
CA ASP F 88 36.55 8.67 -39.79
C ASP F 88 37.05 8.66 -41.22
N ALA F 89 36.73 9.69 -42.00
CA ALA F 89 37.12 9.72 -43.40
C ALA F 89 38.59 10.09 -43.58
N PHE F 90 39.14 10.94 -42.71
CA PHE F 90 40.46 11.51 -42.92
C PHE F 90 41.42 11.26 -41.75
N GLY F 91 41.10 10.31 -40.88
CA GLY F 91 41.96 10.01 -39.75
C GLY F 91 41.70 10.95 -38.57
N ASN F 92 42.21 10.54 -37.41
CA ASN F 92 41.96 11.26 -36.17
C ASN F 92 42.69 12.59 -36.11
N ASP F 93 43.66 12.83 -36.99
CA ASP F 93 44.41 14.09 -36.97
C ASP F 93 43.49 15.28 -37.26
N TYR F 94 42.60 15.13 -38.22
CA TYR F 94 41.71 16.24 -38.58
C TYR F 94 40.77 16.55 -37.43
N PRO F 95 40.44 17.81 -37.20
CA PRO F 95 39.61 18.20 -36.06
C PRO F 95 38.13 18.27 -36.42
N ASP F 96 37.33 18.44 -35.38
CA ASP F 96 35.88 18.61 -35.53
C ASP F 96 35.35 19.80 -34.74
N ASN F 97 36.23 20.62 -34.18
CA ASN F 97 35.85 21.83 -33.46
C ASN F 97 35.97 23.08 -34.32
N PHE F 98 36.23 22.91 -35.61
CA PHE F 98 36.34 24.04 -36.53
C PHE F 98 35.02 24.82 -36.58
N THR F 99 35.14 26.13 -36.72
CA THR F 99 33.99 27.02 -36.88
C THR F 99 34.23 27.86 -38.14
N ALA F 100 33.43 27.62 -39.16
CA ALA F 100 33.71 28.21 -40.48
C ALA F 100 33.57 29.72 -40.46
N GLU F 101 34.51 30.39 -41.13
CA GLU F 101 34.43 31.82 -41.40
C GLU F 101 34.77 32.06 -42.85
N TYR F 102 34.19 33.11 -43.42
CA TYR F 102 34.27 33.35 -44.87
C TYR F 102 35.25 34.45 -45.24
N PHE F 103 35.28 35.56 -44.51
CA PHE F 103 36.10 36.69 -44.91
C PHE F 103 37.58 36.50 -44.58
N ASP F 104 37.94 35.41 -43.89
CA ASP F 104 39.33 35.18 -43.50
C ASP F 104 39.77 33.80 -43.97
N ASN F 105 41.07 33.70 -44.28
CA ASN F 105 41.71 32.43 -44.65
C ASN F 105 41.04 31.81 -45.89
N GLN F 106 41.13 32.54 -47.00
CA GLN F 106 40.66 32.01 -48.27
C GLN F 106 41.66 31.01 -48.84
N PHE F 107 41.17 30.16 -49.74
CA PHE F 107 41.99 29.12 -50.34
C PHE F 107 42.06 29.30 -51.85
N ALA F 108 42.97 28.56 -52.48
CA ALA F 108 43.16 28.62 -53.92
C ALA F 108 42.82 27.30 -54.61
N SER F 109 43.31 26.18 -54.07
CA SER F 109 43.09 24.87 -54.68
C SER F 109 42.52 23.92 -53.63
N TYR F 110 41.88 22.85 -54.12
CA TYR F 110 41.27 21.87 -53.22
C TYR F 110 42.33 21.20 -52.35
N ASP F 111 43.38 20.66 -52.98
CA ASP F 111 44.44 20.02 -52.21
C ASP F 111 45.12 21.03 -51.29
N LYS F 112 45.39 22.23 -51.80
CA LYS F 112 45.93 23.29 -50.95
C LYS F 112 44.93 23.64 -49.84
N GLY F 113 43.66 23.78 -50.20
CA GLY F 113 42.63 24.04 -49.20
C GLY F 113 42.46 22.89 -48.23
N LEU F 114 42.65 21.66 -48.71
CA LEU F 114 42.52 20.51 -47.82
C LEU F 114 43.69 20.43 -46.85
N GLN F 115 44.92 20.65 -47.34
CA GLN F 115 46.09 20.47 -46.50
C GLN F 115 46.23 21.58 -45.46
N VAL F 116 45.76 22.78 -45.74
CA VAL F 116 45.75 23.82 -44.71
C VAL F 116 44.70 23.54 -43.64
N LEU F 117 43.64 22.80 -43.99
CA LEU F 117 42.52 22.62 -43.07
C LEU F 117 42.95 21.90 -41.80
N LYS F 118 43.82 20.90 -41.94
CA LYS F 118 44.24 20.12 -40.77
C LYS F 118 44.96 21.00 -39.75
N TYR F 119 45.87 21.85 -40.22
CA TYR F 119 46.69 22.65 -39.31
C TYR F 119 45.90 23.80 -38.71
N GLN F 120 45.07 24.49 -39.51
CA GLN F 120 44.45 25.72 -39.06
C GLN F 120 43.37 25.49 -38.01
N ASN F 121 42.75 24.31 -37.98
CA ASN F 121 41.63 24.02 -37.08
C ASN F 121 40.52 25.05 -37.27
N ILE F 122 40.22 25.37 -38.52
CA ILE F 122 39.11 26.26 -38.85
C ILE F 122 38.73 26.02 -40.29
N LEU F 123 37.47 26.24 -40.62
CA LEU F 123 36.96 26.00 -41.95
C LEU F 123 36.90 27.31 -42.73
N GLY F 124 37.45 27.32 -43.93
CA GLY F 124 37.49 28.51 -44.75
C GLY F 124 36.81 28.30 -46.07
N THR F 125 36.36 29.40 -46.66
CA THR F 125 35.67 29.36 -47.94
C THR F 125 36.69 29.56 -49.07
N TYR F 126 36.20 29.75 -50.28
CA TYR F 126 37.03 29.94 -51.46
C TYR F 126 37.05 31.41 -51.87
N SER F 127 38.11 31.79 -52.59
CA SER F 127 38.17 33.10 -53.19
C SER F 127 37.33 33.21 -54.46
N ASN F 128 36.96 32.08 -55.07
CA ASN F 128 36.19 32.08 -56.30
C ASN F 128 34.75 31.71 -55.99
N PRO F 129 33.80 32.64 -56.15
CA PRO F 129 32.38 32.31 -55.99
C PRO F 129 31.94 30.99 -56.61
N LYS F 130 32.45 30.68 -57.80
CA LYS F 130 31.89 29.61 -58.61
C LYS F 130 32.00 28.26 -57.92
N LYS F 131 33.15 27.98 -57.30
CA LYS F 131 33.39 26.69 -56.66
C LYS F 131 33.33 26.83 -55.15
N ASN F 132 32.66 25.90 -54.50
CA ASN F 132 32.50 25.90 -53.04
C ASN F 132 33.35 24.77 -52.46
N PHE F 133 34.30 25.13 -51.59
CA PHE F 133 35.19 24.12 -51.03
C PHE F 133 34.47 23.26 -50.00
N LYS F 134 33.54 23.84 -49.25
CA LYS F 134 32.88 23.10 -48.18
C LYS F 134 32.08 21.92 -48.73
N PHE F 135 31.35 22.13 -49.83
CA PHE F 135 30.46 21.08 -50.32
C PHE F 135 31.23 19.97 -51.03
N GLN F 136 32.29 20.31 -51.76
CA GLN F 136 33.10 19.26 -52.35
C GLN F 136 33.82 18.44 -51.29
N LEU F 137 34.21 19.08 -50.18
CA LEU F 137 34.73 18.33 -49.05
C LEU F 137 33.69 17.40 -48.47
N ALA F 138 32.44 17.88 -48.35
CA ALA F 138 31.37 17.03 -47.85
C ALA F 138 31.12 15.84 -48.76
N LEU F 139 31.13 16.08 -50.08
CA LEU F 139 31.00 14.97 -51.02
C LEU F 139 32.17 14.00 -50.89
N ASP F 140 33.37 14.53 -50.69
CA ASP F 140 34.53 13.67 -50.52
C ASP F 140 34.41 12.81 -49.26
N ILE F 141 33.90 13.40 -48.17
CA ILE F 141 33.74 12.64 -46.94
C ILE F 141 32.75 11.50 -47.14
N LEU F 142 31.64 11.78 -47.82
CA LEU F 142 30.63 10.75 -48.05
C LEU F 142 31.19 9.59 -48.86
N LYS F 143 31.98 9.88 -49.89
CA LYS F 143 32.55 8.82 -50.70
C LYS F 143 33.57 8.00 -49.91
N LYS F 144 34.29 8.65 -48.98
CA LYS F 144 35.36 7.96 -48.28
C LYS F 144 34.88 7.20 -47.06
N SER F 145 33.87 7.70 -46.35
CA SER F 145 33.44 7.12 -45.09
C SER F 145 32.19 6.27 -45.30
N LEU F 146 32.26 5.01 -44.88
CA LEU F 146 31.11 4.12 -45.01
C LEU F 146 30.04 4.45 -44.00
N VAL F 147 30.43 4.75 -42.76
CA VAL F 147 29.45 5.07 -41.73
C VAL F 147 28.71 6.36 -42.05
N ALA F 148 29.38 7.31 -42.68
CA ALA F 148 28.71 8.55 -43.09
C ALA F 148 27.63 8.25 -44.10
N ARG F 149 27.92 7.40 -45.08
CA ARG F 149 26.91 7.01 -46.06
C ARG F 149 25.75 6.27 -45.40
N GLN F 150 26.06 5.38 -44.45
CA GLN F 150 25.02 4.63 -43.77
C GLN F 150 24.13 5.56 -42.95
N TYR F 151 24.74 6.52 -42.25
CA TYR F 151 23.96 7.41 -41.40
C TYR F 151 23.00 8.26 -42.21
N ILE F 152 23.47 8.81 -43.33
CA ILE F 152 22.61 9.68 -44.14
C ILE F 152 21.42 8.91 -44.68
N PHE F 153 21.66 7.70 -45.18
CA PHE F 153 20.56 6.89 -45.69
C PHE F 153 19.58 6.52 -44.58
N SER F 154 20.09 6.17 -43.40
CA SER F 154 19.22 5.74 -42.32
C SER F 154 18.46 6.89 -41.68
N LYS F 155 18.99 8.11 -41.75
CA LYS F 155 18.37 9.23 -41.06
C LYS F 155 17.29 9.89 -41.89
N TYR F 156 17.60 10.25 -43.14
CA TYR F 156 16.73 11.06 -43.96
C TYR F 156 16.17 10.26 -45.12
N PHE F 157 14.89 10.46 -45.41
CA PHE F 157 14.25 9.87 -46.58
C PHE F 157 13.87 10.90 -47.63
N LYS F 158 13.87 12.19 -47.29
CA LYS F 158 13.58 13.23 -48.25
C LYS F 158 14.25 14.51 -47.81
N ILE F 159 14.78 15.26 -48.77
CA ILE F 159 15.47 16.52 -48.52
C ILE F 159 14.68 17.64 -49.20
N PHE F 160 14.41 18.70 -48.45
CA PHE F 160 13.67 19.85 -48.96
C PHE F 160 14.65 20.99 -49.23
N ILE F 161 14.76 21.39 -50.49
CA ILE F 161 15.66 22.43 -50.92
C ILE F 161 14.85 23.54 -51.57
N ASP F 162 15.27 24.79 -51.35
CA ASP F 162 14.63 25.95 -51.96
C ASP F 162 15.70 26.86 -52.56
N GLU F 163 15.25 27.78 -53.41
CA GLU F 163 16.13 28.73 -54.09
C GLU F 163 17.22 28.01 -54.87
N TYR F 164 16.83 26.92 -55.54
CA TYR F 164 17.79 26.11 -56.28
C TYR F 164 18.40 26.86 -57.46
N GLN F 165 17.75 27.93 -57.95
CA GLN F 165 18.37 28.73 -58.99
C GLN F 165 19.60 29.46 -58.47
N ASP F 166 19.67 29.70 -57.16
CA ASP F 166 20.84 30.28 -56.52
C ASP F 166 21.83 29.23 -56.06
N SER F 167 21.58 27.95 -56.33
CA SER F 167 22.45 26.89 -55.85
C SER F 167 23.77 26.88 -56.59
N ASP F 168 24.85 26.63 -55.86
CA ASP F 168 26.16 26.48 -56.46
C ASP F 168 26.24 25.15 -57.23
N LYS F 169 27.18 25.09 -58.18
CA LYS F 169 27.39 23.86 -58.91
C LYS F 169 27.91 22.76 -57.98
N ASP F 170 28.78 23.10 -57.05
CA ASP F 170 29.26 22.12 -56.08
C ASP F 170 28.12 21.62 -55.22
N MET F 171 27.21 22.51 -54.80
CA MET F 171 26.05 22.08 -54.03
C MET F 171 25.17 21.15 -54.85
N HIS F 172 24.98 21.47 -56.14
CA HIS F 172 24.19 20.60 -57.00
C HIS F 172 24.83 19.23 -57.15
N ASN F 173 26.16 19.18 -57.22
CA ASN F 173 26.85 17.90 -57.37
C ASN F 173 26.61 17.01 -56.17
N LEU F 174 26.66 17.57 -54.96
CA LEU F 174 26.41 16.77 -53.76
C LEU F 174 24.98 16.28 -53.72
N PHE F 175 24.01 17.17 -53.98
CA PHE F 175 22.61 16.78 -53.89
C PHE F 175 22.27 15.71 -54.92
N MET F 176 22.84 15.81 -56.12
CA MET F 176 22.65 14.75 -57.11
C MET F 176 23.20 13.42 -56.60
N TYR F 177 24.36 13.45 -55.95
CA TYR F 177 24.93 12.23 -55.38
C TYR F 177 24.01 11.65 -54.33
N LEU F 178 23.41 12.50 -53.50
CA LEU F 178 22.46 12.02 -52.49
C LEU F 178 21.26 11.36 -53.15
N LYS F 179 20.86 11.84 -54.34
CA LYS F 179 19.68 11.33 -55.00
C LYS F 179 19.96 10.01 -55.71
N ASP F 180 20.91 10.02 -56.65
CA ASP F 180 21.15 8.84 -57.47
C ASP F 180 21.87 7.74 -56.68
N GLN F 181 22.88 8.12 -55.89
CA GLN F 181 23.71 7.10 -55.25
C GLN F 181 23.13 6.63 -53.93
N LEU F 182 22.58 7.54 -53.13
CA LEU F 182 22.02 7.19 -51.83
C LEU F 182 20.50 7.04 -51.86
N LYS F 183 19.88 7.15 -53.03
CA LYS F 183 18.45 6.89 -53.21
C LYS F 183 17.61 7.68 -52.20
N ILE F 184 17.75 9.00 -52.25
CA ILE F 184 17.03 9.90 -51.36
C ILE F 184 16.15 10.81 -52.19
N LYS F 185 14.88 10.90 -51.82
CA LYS F 185 13.95 11.76 -52.52
C LYS F 185 14.31 13.23 -52.32
N LEU F 186 14.02 14.04 -53.33
CA LEU F 186 14.36 15.45 -53.31
C LEU F 186 13.13 16.29 -53.63
N PHE F 187 12.95 17.37 -52.90
CA PHE F 187 11.89 18.34 -53.14
C PHE F 187 12.57 19.71 -53.29
N ILE F 188 12.77 20.13 -54.52
CA ILE F 188 13.55 21.35 -54.81
C ILE F 188 12.63 22.40 -55.39
N VAL F 189 12.79 23.64 -54.92
CA VAL F 189 12.02 24.78 -55.39
C VAL F 189 13.01 25.82 -55.92
N GLY F 190 12.77 26.28 -57.15
CA GLY F 190 13.68 27.23 -57.76
C GLY F 190 12.98 28.36 -58.50
N ASP F 191 13.43 29.59 -58.26
CA ASP F 191 12.89 30.73 -58.97
C ASP F 191 13.32 30.70 -60.44
N PRO F 192 12.47 31.21 -61.35
CA PRO F 192 12.83 31.30 -62.78
C PRO F 192 14.04 32.19 -63.02
N TRP F 199 22.83 33.98 -54.14
CA TRP F 199 24.02 33.48 -53.46
C TRP F 199 25.25 33.93 -54.25
N ARG F 200 26.39 34.02 -53.55
CA ARG F 200 27.57 34.65 -54.12
C ARG F 200 28.06 33.94 -55.38
N GLY F 201 28.05 32.60 -55.38
CA GLY F 201 28.46 31.85 -56.54
C GLY F 201 27.32 31.17 -57.25
N ALA F 202 26.19 31.86 -57.38
CA ALA F 202 24.98 31.25 -57.94
C ALA F 202 25.23 30.76 -59.36
N GLU F 203 24.73 29.55 -59.63
CA GLU F 203 24.86 28.91 -60.93
C GLU F 203 23.46 28.63 -61.47
N PRO F 204 22.88 29.55 -62.25
CA PRO F 204 21.54 29.29 -62.80
C PRO F 204 21.49 28.13 -63.78
N GLU F 205 22.64 27.72 -64.34
CA GLU F 205 22.65 26.67 -65.34
C GLU F 205 22.17 25.34 -64.78
N ASN F 206 22.61 24.99 -63.55
CA ASN F 206 22.31 23.67 -63.02
C ASN F 206 20.82 23.45 -62.85
N PHE F 207 20.10 24.46 -62.35
CA PHE F 207 18.66 24.31 -62.14
C PHE F 207 17.93 24.12 -63.47
N ASN F 208 18.19 25.00 -64.43
CA ASN F 208 17.55 24.87 -65.74
C ASN F 208 17.98 23.60 -66.44
N GLY F 209 19.27 23.26 -66.36
CA GLY F 209 19.73 22.01 -66.93
C GLY F 209 19.07 20.81 -66.29
N LEU F 210 18.87 20.87 -64.97
CA LEU F 210 18.19 19.78 -64.27
C LEU F 210 16.72 19.72 -64.66
N ILE F 211 16.12 20.85 -65.03
CA ILE F 211 14.71 20.87 -65.42
C ILE F 211 14.51 20.10 -66.71
N GLU F 212 15.34 20.36 -67.71
CA GLU F 212 15.14 19.77 -69.03
C GLU F 212 15.67 18.34 -69.11
N ASN F 213 16.82 18.09 -68.50
CA ASN F 213 17.47 16.79 -68.66
C ASN F 213 16.79 15.69 -67.86
N SER F 214 16.36 15.99 -66.64
CA SER F 214 15.85 14.97 -65.73
C SER F 214 14.39 14.66 -66.08
N THR F 215 14.16 13.48 -66.64
CA THR F 215 12.79 13.01 -66.85
C THR F 215 12.17 12.50 -65.56
N ASP F 216 12.98 11.98 -64.63
CA ASP F 216 12.46 11.44 -63.39
C ASP F 216 11.78 12.53 -62.56
N PHE F 217 12.38 13.72 -62.51
CA PHE F 217 11.81 14.81 -61.74
C PHE F 217 10.45 15.21 -62.31
N ASN F 218 9.49 15.44 -61.41
CA ASN F 218 8.17 15.89 -61.81
C ASN F 218 8.09 17.39 -61.62
N LYS F 219 7.97 18.12 -62.73
CA LYS F 219 7.95 19.58 -62.69
C LYS F 219 6.52 20.07 -62.54
N TYR F 220 6.36 21.13 -61.75
CA TYR F 220 5.07 21.79 -61.58
C TYR F 220 5.30 23.30 -61.56
N HIS F 221 4.35 24.03 -62.13
CA HIS F 221 4.44 25.49 -62.20
C HIS F 221 3.48 26.06 -61.17
N LEU F 222 4.05 26.59 -60.09
CA LEU F 222 3.25 27.17 -59.01
C LEU F 222 2.94 28.63 -59.36
N THR F 223 1.65 28.95 -59.48
CA THR F 223 1.27 30.25 -60.03
C THR F 223 1.63 31.39 -59.08
N SER F 224 1.60 32.61 -59.62
CA SER F 224 1.96 33.80 -58.86
C SER F 224 1.01 34.09 -57.70
N ASN F 225 -0.26 33.72 -57.81
CA ASN F 225 -1.29 34.23 -56.91
C ASN F 225 -1.92 33.12 -56.07
N PHE F 226 -1.76 33.25 -54.75
CA PHE F 226 -2.62 32.58 -53.76
C PHE F 226 -2.77 33.45 -52.51
N PRO F 322 18.83 43.07 -57.19
CA PRO F 322 19.17 41.75 -56.66
C PRO F 322 19.72 41.84 -55.24
N ASN F 323 20.69 42.73 -55.03
CA ASN F 323 21.31 42.91 -53.72
C ASN F 323 20.66 44.02 -52.92
N ALA F 324 19.54 44.57 -53.39
CA ALA F 324 18.91 45.70 -52.72
C ALA F 324 18.42 45.36 -51.31
N THR F 325 18.24 44.06 -51.01
CA THR F 325 17.68 43.68 -49.72
C THR F 325 18.58 44.08 -48.55
N LEU F 326 19.89 43.90 -48.69
CA LEU F 326 20.80 44.16 -47.58
C LEU F 326 20.81 45.64 -47.19
N LEU F 327 20.80 46.54 -48.18
CA LEU F 327 20.79 47.96 -47.86
C LEU F 327 19.50 48.38 -47.17
N LYS F 328 18.40 47.68 -47.45
CA LYS F 328 17.17 47.95 -46.71
C LYS F 328 17.30 47.51 -45.25
N GLU F 329 18.01 46.40 -45.01
CA GLU F 329 18.11 45.88 -43.65
C GLU F 329 18.91 46.81 -42.75
N VAL F 330 20.04 47.32 -43.23
CA VAL F 330 20.85 48.21 -42.41
C VAL F 330 20.09 49.50 -42.13
N ILE F 331 19.38 50.02 -43.14
CA ILE F 331 18.57 51.22 -42.93
C ILE F 331 17.50 50.96 -41.87
N LYS F 332 16.84 49.81 -41.94
CA LYS F 332 15.82 49.47 -40.95
C LYS F 332 16.45 49.28 -39.57
N TYR F 333 17.63 48.65 -39.52
CA TYR F 333 18.31 48.48 -38.23
C TYR F 333 18.72 49.83 -37.65
N VAL F 334 19.19 50.75 -38.49
CA VAL F 334 19.58 52.07 -38.03
C VAL F 334 18.38 52.81 -37.45
N LYS F 335 17.24 52.73 -38.12
CA LYS F 335 16.01 53.35 -37.64
C LYS F 335 15.51 52.67 -36.38
N ILE F 341 21.14 43.66 -34.63
CA ILE F 341 22.24 43.19 -35.46
C ILE F 341 22.10 41.70 -35.75
N TYR F 342 21.53 40.97 -34.78
CA TYR F 342 21.32 39.54 -34.97
C TYR F 342 20.20 39.27 -35.97
N ASP F 343 19.23 40.17 -36.07
CA ASP F 343 18.23 40.06 -37.12
C ASP F 343 18.87 40.19 -38.49
N LEU F 344 19.85 41.08 -38.63
CA LEU F 344 20.57 41.22 -39.89
C LEU F 344 21.32 39.94 -40.23
N ALA F 345 21.84 39.25 -39.22
CA ALA F 345 22.56 38.00 -39.46
C ALA F 345 21.67 36.98 -40.13
N ALA F 346 20.42 36.87 -39.69
CA ALA F 346 19.50 35.90 -40.28
C ALA F 346 19.19 36.23 -41.73
N GLU F 347 19.32 37.50 -42.12
CA GLU F 347 19.06 37.88 -43.51
C GLU F 347 20.20 37.47 -44.44
N ILE F 348 21.45 37.59 -43.97
CA ILE F 348 22.59 37.25 -44.79
C ILE F 348 22.62 35.75 -45.07
N VAL F 349 22.95 35.39 -46.31
CA VAL F 349 22.97 33.99 -46.70
C VAL F 349 24.11 33.27 -45.99
N GLY F 350 23.81 32.13 -45.39
CA GLY F 350 24.79 31.34 -44.67
C GLY F 350 24.79 31.62 -43.18
N ASN F 351 25.61 30.86 -42.48
CA ASN F 351 25.77 30.98 -41.04
C ASN F 351 27.04 31.78 -40.74
N LEU F 352 26.88 32.93 -40.09
CA LEU F 352 27.98 33.85 -39.85
C LEU F 352 28.52 33.69 -38.45
N SER F 353 29.84 33.77 -38.32
CA SER F 353 30.49 33.66 -37.03
C SER F 353 30.26 34.92 -36.20
N SER F 354 30.28 34.75 -34.87
CA SER F 354 30.10 35.88 -33.98
C SER F 354 31.26 36.87 -34.09
N ARG F 355 32.48 36.36 -34.23
CA ARG F 355 33.64 37.24 -34.35
C ARG F 355 33.53 38.13 -35.58
N GLU F 356 33.15 37.55 -36.72
CA GLU F 356 33.06 38.32 -37.96
C GLU F 356 31.99 39.39 -37.87
N ILE F 357 30.83 39.06 -37.29
CA ILE F 357 29.76 40.05 -37.17
C ILE F 357 30.14 41.15 -36.17
N LYS F 358 30.98 40.82 -35.18
CA LYS F 358 31.49 41.87 -34.29
C LYS F 358 32.36 42.84 -35.06
N GLU F 359 33.14 42.33 -36.02
CA GLU F 359 33.87 43.21 -36.92
C GLU F 359 32.92 43.97 -37.84
N ILE F 360 31.82 43.33 -38.23
CA ILE F 360 30.87 43.95 -39.16
C ILE F 360 30.15 45.13 -38.50
N GLN F 361 29.77 44.98 -37.23
CA GLN F 361 28.90 45.97 -36.61
C GLN F 361 29.61 47.32 -36.45
N LYS F 362 30.94 47.33 -36.34
CA LYS F 362 31.64 48.60 -36.20
C LYS F 362 31.53 49.44 -37.47
N ILE F 363 31.35 48.79 -38.62
CA ILE F 363 31.10 49.53 -39.86
C ILE F 363 29.70 50.15 -39.83
N ILE F 364 28.71 49.39 -39.37
CA ILE F 364 27.33 49.84 -39.45
C ILE F 364 27.07 50.99 -38.48
N ASN F 365 27.54 50.85 -37.23
CA ASN F 365 27.34 51.93 -36.26
C ASN F 365 28.14 53.17 -36.60
N GLU F 366 29.19 53.05 -37.41
CA GLU F 366 29.89 54.23 -37.89
C GLU F 366 29.02 55.05 -38.82
N LEU F 367 28.16 54.38 -39.60
CA LEU F 367 27.26 55.08 -40.51
C LEU F 367 26.29 55.98 -39.75
N LEU F 368 25.73 55.47 -38.65
CA LEU F 368 24.78 56.23 -37.86
C LEU F 368 25.50 57.15 -36.87
N ASN F 373 26.77 61.82 -42.39
CA ASN F 373 26.42 62.53 -43.62
C ASN F 373 26.49 61.60 -44.82
N GLN F 374 26.17 62.12 -46.00
CA GLN F 374 26.15 61.29 -47.20
C GLN F 374 27.53 60.75 -47.53
N VAL F 375 28.57 61.56 -47.34
CA VAL F 375 29.92 61.15 -47.75
C VAL F 375 30.36 59.92 -46.97
N LEU F 376 30.23 59.95 -45.64
CA LEU F 376 30.64 58.80 -44.84
C LEU F 376 29.76 57.59 -45.10
N ILE F 377 28.51 57.82 -45.52
CA ILE F 377 27.62 56.71 -45.86
C ILE F 377 28.18 55.95 -47.05
N ASN F 378 28.67 56.67 -48.06
CA ASN F 378 29.19 56.00 -49.26
C ASN F 378 30.42 55.16 -48.94
N GLN F 379 31.31 55.67 -48.08
CA GLN F 379 32.55 54.96 -47.79
C GLN F 379 32.40 53.83 -46.79
N VAL F 380 31.21 53.63 -46.22
CA VAL F 380 30.99 52.44 -45.40
C VAL F 380 30.23 51.36 -46.16
N LEU F 381 29.50 51.73 -47.21
CA LEU F 381 28.84 50.72 -48.03
C LEU F 381 29.81 50.04 -48.98
N ILE F 382 30.80 50.77 -49.51
CA ILE F 382 31.68 50.18 -50.51
C ILE F 382 32.57 49.11 -49.88
N ASN F 383 32.97 49.30 -48.62
CA ASN F 383 33.75 48.28 -47.94
C ASN F 383 32.86 47.12 -47.48
N LEU F 384 31.62 47.41 -47.11
CA LEU F 384 30.67 46.34 -46.80
C LEU F 384 30.42 45.46 -48.01
N PHE F 385 30.27 46.08 -49.19
CA PHE F 385 30.15 45.30 -50.42
C PHE F 385 31.48 44.62 -50.77
N ALA F 386 32.59 45.26 -50.42
CA ALA F 386 33.90 44.66 -50.69
C ALA F 386 34.15 43.44 -49.82
N LYS F 387 33.65 43.44 -48.60
CA LYS F 387 33.90 42.31 -47.69
C LYS F 387 33.27 41.02 -48.21
N LEU F 388 32.07 41.10 -48.74
CA LEU F 388 31.40 39.92 -49.28
C LEU F 388 32.01 39.51 -50.61
N ASP F 393 26.15 49.41 -56.50
CA ASP F 393 25.43 50.09 -57.57
C ASP F 393 25.25 51.57 -57.26
N THR F 394 25.35 52.41 -58.30
CA THR F 394 25.16 53.84 -58.11
C THR F 394 23.73 54.16 -57.69
N ARG F 395 22.74 53.44 -58.26
CA ARG F 395 21.36 53.67 -57.87
C ARG F 395 21.11 53.29 -56.42
N GLU F 396 21.74 52.21 -55.95
CA GLU F 396 21.51 51.74 -54.59
C GLU F 396 22.00 52.76 -53.57
N ILE F 397 23.21 53.30 -53.77
CA ILE F 397 23.76 54.24 -52.79
C ILE F 397 22.96 55.55 -52.79
N THR F 398 22.48 55.99 -53.96
CA THR F 398 21.64 57.18 -54.00
C THR F 398 20.34 56.96 -53.23
N ALA F 399 19.75 55.77 -53.34
CA ALA F 399 18.58 55.44 -52.53
C ALA F 399 18.92 55.45 -51.06
N PHE F 400 20.11 54.96 -50.70
CA PHE F 400 20.57 55.05 -49.32
C PHE F 400 20.72 56.50 -48.89
N THR F 401 21.24 57.35 -49.78
CA THR F 401 21.33 58.78 -49.48
C THR F 401 19.96 59.39 -49.26
N GLU F 402 18.98 59.00 -50.08
CA GLU F 402 17.62 59.52 -49.91
C GLU F 402 17.03 59.11 -48.58
N VAL F 403 17.26 57.86 -48.17
CA VAL F 403 16.74 57.38 -46.89
C VAL F 403 17.82 57.46 -45.81
N SER G 2 -63.61 0.73 1.60
CA SER G 2 -62.48 0.74 0.68
C SER G 2 -61.16 0.66 1.43
N ARG G 3 -60.06 0.59 0.68
CA ARG G 3 -58.73 0.45 1.25
C ARG G 3 -57.94 1.75 1.27
N GLU G 4 -58.26 2.70 0.40
CA GLU G 4 -57.43 3.91 0.30
C GLU G 4 -57.55 4.78 1.54
N GLN G 5 -58.78 4.99 2.04
CA GLN G 5 -58.96 5.91 3.15
C GLN G 5 -58.41 5.35 4.45
N ILE G 6 -58.51 4.03 4.67
CA ILE G 6 -57.96 3.46 5.89
C ILE G 6 -56.45 3.52 5.88
N ILE G 7 -55.83 3.45 4.70
CA ILE G 7 -54.37 3.59 4.61
C ILE G 7 -53.94 4.98 5.08
N LYS G 8 -54.67 6.02 4.67
CA LYS G 8 -54.33 7.37 5.09
C LYS G 8 -54.50 7.54 6.58
N ASP G 9 -55.53 6.95 7.16
CA ASP G 9 -55.78 7.11 8.59
C ASP G 9 -54.68 6.44 9.40
N GLY G 10 -54.22 7.15 10.44
CA GLY G 10 -53.14 6.66 11.27
C GLY G 10 -53.54 6.37 12.71
N GLY G 11 -54.78 6.69 13.06
CA GLY G 11 -55.27 6.45 14.40
C GLY G 11 -55.80 5.04 14.57
N ASN G 12 -56.58 4.87 15.63
CA ASN G 12 -57.20 3.57 15.88
C ASN G 12 -58.22 3.26 14.78
N ILE G 13 -58.13 2.05 14.23
CA ILE G 13 -58.93 1.65 13.08
C ILE G 13 -59.66 0.36 13.41
N LEU G 14 -60.97 0.36 13.19
CA LEU G 14 -61.81 -0.82 13.39
C LEU G 14 -62.25 -1.31 12.01
N VAL G 15 -61.87 -2.53 11.66
CA VAL G 15 -62.19 -3.13 10.37
C VAL G 15 -63.22 -4.22 10.59
N THR G 16 -64.27 -4.20 9.76
CA THR G 16 -65.37 -5.14 9.91
C THR G 16 -65.43 -6.05 8.69
N ALA G 17 -64.27 -6.57 8.27
CA ALA G 17 -64.21 -7.44 7.11
C ALA G 17 -65.02 -8.71 7.34
N GLY G 18 -65.68 -9.17 6.28
CA GLY G 18 -66.55 -10.33 6.36
C GLY G 18 -65.87 -11.58 5.81
N ALA G 19 -66.13 -12.70 6.48
CA ALA G 19 -65.67 -14.03 6.06
C ALA G 19 -64.15 -14.15 6.06
N GLY G 20 -63.44 -13.12 6.49
CA GLY G 20 -62.00 -13.17 6.58
C GLY G 20 -61.26 -13.15 5.26
N SER G 21 -61.97 -12.93 4.14
CA SER G 21 -61.31 -12.90 2.84
C SER G 21 -60.34 -11.73 2.74
N GLY G 22 -60.74 -10.56 3.22
CA GLY G 22 -59.93 -9.37 3.15
C GLY G 22 -59.17 -9.01 4.41
N LYS G 23 -59.34 -9.78 5.49
CA LYS G 23 -58.65 -9.45 6.74
C LYS G 23 -57.14 -9.54 6.56
N THR G 24 -56.65 -10.66 6.05
CA THR G 24 -55.22 -10.85 5.92
C THR G 24 -54.64 -9.91 4.86
N THR G 25 -55.37 -9.69 3.77
CA THR G 25 -54.90 -8.80 2.71
C THR G 25 -54.80 -7.36 3.21
N ILE G 26 -55.84 -6.88 3.90
CA ILE G 26 -55.81 -5.51 4.40
C ILE G 26 -54.79 -5.37 5.53
N LEU G 27 -54.54 -6.44 6.28
CA LEU G 27 -53.53 -6.40 7.33
C LEU G 27 -52.15 -6.21 6.75
N VAL G 28 -51.80 -7.00 5.74
CA VAL G 28 -50.48 -6.90 5.13
C VAL G 28 -50.28 -5.54 4.48
N SER G 29 -51.29 -5.06 3.76
CA SER G 29 -51.17 -3.77 3.07
C SER G 29 -50.98 -2.63 4.07
N LYS G 30 -51.76 -2.63 5.15
CA LYS G 30 -51.63 -1.58 6.15
C LYS G 30 -50.29 -1.64 6.84
N ILE G 31 -49.80 -2.85 7.14
CA ILE G 31 -48.51 -3.00 7.82
C ILE G 31 -47.39 -2.45 6.94
N GLU G 32 -47.39 -2.81 5.66
CA GLU G 32 -46.35 -2.32 4.76
C GLU G 32 -46.42 -0.80 4.62
N ALA G 33 -47.63 -0.25 4.53
CA ALA G 33 -47.77 1.21 4.40
C ALA G 33 -47.24 1.91 5.64
N ASP G 34 -47.55 1.38 6.83
CA ASP G 34 -47.08 2.01 8.06
C ASP G 34 -45.56 1.86 8.22
N LEU G 35 -45.03 0.67 7.90
CA LEU G 35 -43.60 0.44 8.06
C LEU G 35 -42.79 1.34 7.12
N LYS G 36 -43.25 1.49 5.88
CA LYS G 36 -42.51 2.32 4.94
C LYS G 36 -42.68 3.81 5.23
N GLU G 37 -43.81 4.19 5.84
CA GLU G 37 -44.02 5.60 6.16
C GLU G 37 -43.22 6.01 7.40
N ASN G 38 -43.14 5.14 8.40
CA ASN G 38 -42.49 5.47 9.66
C ASN G 38 -40.99 5.18 9.55
N LYS G 39 -40.17 6.22 9.71
CA LYS G 39 -38.73 6.10 9.64
C LYS G 39 -38.08 6.01 11.02
N THR G 40 -38.87 5.99 12.09
CA THR G 40 -38.32 5.97 13.44
C THR G 40 -37.91 4.54 13.81
N HIS G 41 -37.41 4.40 15.04
CA HIS G 41 -37.02 3.10 15.56
C HIS G 41 -38.19 2.22 15.95
N TYR G 42 -39.39 2.79 16.07
CA TYR G 42 -40.54 2.03 16.52
C TYR G 42 -40.90 0.95 15.50
N SER G 43 -41.47 -0.13 16.01
CA SER G 43 -41.90 -1.27 15.19
C SER G 43 -43.36 -1.57 15.49
N ILE G 44 -43.91 -2.55 14.78
CA ILE G 44 -45.30 -2.95 14.96
C ILE G 44 -45.32 -4.40 15.43
N ALA G 45 -46.44 -4.77 16.06
CA ALA G 45 -46.69 -6.13 16.49
C ALA G 45 -47.98 -6.62 15.85
N ALA G 46 -47.90 -7.76 15.18
CA ALA G 46 -49.06 -8.40 14.55
C ALA G 46 -49.38 -9.67 15.32
N VAL G 47 -50.59 -9.75 15.86
CA VAL G 47 -51.02 -10.89 16.66
C VAL G 47 -52.21 -11.56 15.98
N THR G 48 -52.15 -12.88 15.83
CA THR G 48 -53.20 -13.65 15.19
C THR G 48 -53.56 -14.83 16.06
N PHE G 49 -54.85 -15.19 16.07
CA PHE G 49 -55.27 -16.37 16.83
C PHE G 49 -54.66 -17.64 16.26
N THR G 50 -54.58 -17.76 14.94
CA THR G 50 -54.04 -18.94 14.30
C THR G 50 -52.54 -18.78 14.11
N ASN G 51 -51.79 -19.81 14.50
CA ASN G 51 -50.35 -19.80 14.28
C ASN G 51 -50.02 -19.77 12.79
N LYS G 52 -50.79 -20.52 11.99
CA LYS G 52 -50.57 -20.51 10.54
C LYS G 52 -50.84 -19.13 9.96
N ALA G 53 -51.87 -18.43 10.46
CA ALA G 53 -52.17 -17.10 9.98
C ALA G 53 -51.00 -16.15 10.20
N ALA G 54 -50.32 -16.28 11.33
CA ALA G 54 -49.13 -15.47 11.57
C ALA G 54 -48.04 -15.81 10.58
N LYS G 55 -47.84 -17.10 10.27
CA LYS G 55 -46.78 -17.50 9.35
C LYS G 55 -47.04 -16.96 7.94
N GLU G 56 -48.28 -17.05 7.47
CA GLU G 56 -48.57 -16.58 6.11
C GLU G 56 -48.46 -15.06 6.04
N ILE G 57 -48.84 -14.36 7.10
CA ILE G 57 -48.66 -12.91 7.14
C ILE G 57 -47.17 -12.58 7.11
N GLU G 58 -46.39 -13.25 7.93
CA GLU G 58 -44.96 -12.96 8.03
C GLU G 58 -44.29 -13.17 6.68
N GLY G 59 -44.67 -14.22 5.96
CA GLY G 59 -44.10 -14.46 4.65
C GLY G 59 -44.37 -13.35 3.66
N ARG G 60 -45.50 -12.66 3.81
CA ARG G 60 -45.84 -11.60 2.87
C ARG G 60 -45.05 -10.31 3.12
N LEU G 61 -44.73 -10.00 4.38
CA LEU G 61 -43.84 -8.86 4.62
C LEU G 61 -42.43 -9.16 4.15
N GLY G 62 -41.98 -10.40 4.31
CA GLY G 62 -40.63 -10.77 3.93
C GLY G 62 -39.63 -10.44 5.01
N TYR G 63 -38.36 -10.63 4.65
CA TYR G 63 -37.27 -10.38 5.59
C TYR G 63 -37.19 -8.91 5.97
N SER G 64 -36.95 -8.65 7.25
CA SER G 64 -36.83 -7.29 7.75
C SER G 64 -36.08 -7.32 9.07
N SER G 65 -35.21 -6.33 9.26
CA SER G 65 -34.44 -6.19 10.49
C SER G 65 -35.04 -5.15 11.43
N ARG G 66 -36.24 -4.65 11.14
CA ARG G 66 -36.87 -3.64 11.98
C ARG G 66 -37.15 -4.15 13.39
N GLY G 67 -37.31 -5.46 13.55
CA GLY G 67 -37.68 -6.00 14.84
C GLY G 67 -39.17 -6.16 15.06
N ASN G 68 -39.97 -6.17 14.00
CA ASN G 68 -41.40 -6.34 14.14
C ASN G 68 -41.73 -7.70 14.71
N PHE G 69 -42.89 -7.79 15.36
CA PHE G 69 -43.36 -9.04 15.94
C PHE G 69 -44.56 -9.53 15.14
N ILE G 70 -44.44 -10.73 14.59
CA ILE G 70 -45.53 -11.43 13.93
C ILE G 70 -45.69 -12.78 14.63
N GLY G 71 -46.84 -12.98 15.25
CA GLY G 71 -47.04 -14.21 16.00
C GLY G 71 -48.44 -14.30 16.54
N THR G 72 -48.63 -15.23 17.48
CA THR G 72 -49.92 -15.49 18.07
C THR G 72 -50.17 -14.58 19.26
N ASN G 73 -51.45 -14.46 19.63
CA ASN G 73 -51.81 -13.67 20.80
C ASN G 73 -51.17 -14.21 22.06
N ASP G 74 -51.20 -15.54 22.23
CA ASP G 74 -50.58 -16.14 23.40
C ASP G 74 -49.06 -16.00 23.35
N GLY G 75 -48.47 -16.09 22.16
CA GLY G 75 -47.03 -15.96 22.05
C GLY G 75 -46.55 -14.54 22.23
N PHE G 76 -47.42 -13.55 22.02
CA PHE G 76 -47.01 -12.16 22.16
C PHE G 76 -46.75 -11.80 23.61
N VAL G 77 -47.67 -12.14 24.51
CA VAL G 77 -47.52 -11.77 25.91
C VAL G 77 -46.35 -12.50 26.53
N GLU G 78 -46.17 -13.78 26.18
CA GLU G 78 -45.06 -14.54 26.71
C GLU G 78 -43.72 -13.95 26.27
N SER G 79 -43.55 -13.75 24.96
CA SER G 79 -42.27 -13.32 24.43
C SER G 79 -41.93 -11.90 24.83
N GLU G 80 -42.93 -11.02 24.86
CA GLU G 80 -42.67 -9.59 25.02
C GLU G 80 -42.88 -9.08 26.45
N ILE G 81 -43.78 -9.68 27.21
CA ILE G 81 -44.14 -9.18 28.53
C ILE G 81 -43.75 -10.18 29.62
N ILE G 82 -44.16 -11.44 29.48
CA ILE G 82 -44.01 -12.40 30.57
C ILE G 82 -42.55 -12.81 30.72
N ARG G 83 -41.95 -13.32 29.65
CA ARG G 83 -40.60 -13.87 29.76
C ARG G 83 -39.56 -12.89 30.31
N PRO G 84 -39.45 -11.65 29.80
CA PRO G 84 -38.35 -10.80 30.25
C PRO G 84 -38.59 -10.15 31.60
N PHE G 85 -39.85 -9.84 31.90
CA PHE G 85 -40.18 -9.00 33.06
C PHE G 85 -40.94 -9.74 34.15
N ILE G 86 -40.93 -11.08 34.15
CA ILE G 86 -41.59 -11.80 35.23
C ILE G 86 -40.80 -11.64 36.52
N LYS G 87 -39.48 -11.76 36.44
CA LYS G 87 -38.64 -11.67 37.64
C LYS G 87 -38.68 -10.27 38.23
N ASP G 88 -38.63 -9.25 37.38
CA ASP G 88 -38.62 -7.87 37.88
C ASP G 88 -39.92 -7.54 38.60
N ALA G 89 -41.05 -8.02 38.08
CA ALA G 89 -42.34 -7.70 38.69
C ALA G 89 -42.61 -8.53 39.95
N PHE G 90 -42.10 -9.75 40.02
CA PHE G 90 -42.47 -10.68 41.09
C PHE G 90 -41.26 -11.24 41.84
N GLY G 91 -40.10 -10.62 41.72
CA GLY G 91 -38.92 -11.08 42.41
C GLY G 91 -38.20 -12.18 41.66
N ASN G 92 -36.98 -12.46 42.13
CA ASN G 92 -36.12 -13.42 41.45
C ASN G 92 -36.59 -14.86 41.63
N ASP G 93 -37.51 -15.11 42.56
CA ASP G 93 -37.97 -16.47 42.79
C ASP G 93 -38.70 -17.03 41.57
N TYR G 94 -39.54 -16.21 40.94
CA TYR G 94 -40.31 -16.68 39.79
C TYR G 94 -39.38 -16.98 38.62
N PRO G 95 -39.69 -17.98 37.80
CA PRO G 95 -38.81 -18.35 36.70
C PRO G 95 -39.19 -17.66 35.39
N ASP G 96 -38.22 -17.62 34.48
CA ASP G 96 -38.42 -17.07 33.16
C ASP G 96 -38.12 -18.07 32.05
N ASN G 97 -37.89 -19.34 32.39
CA ASN G 97 -37.62 -20.38 31.41
C ASN G 97 -38.70 -21.46 31.39
N PHE G 98 -39.88 -21.16 31.93
CA PHE G 98 -40.94 -22.14 32.02
C PHE G 98 -41.50 -22.47 30.64
N THR G 99 -42.44 -23.41 30.61
CA THR G 99 -43.08 -23.86 29.39
C THR G 99 -44.59 -23.85 29.58
N ALA G 100 -45.31 -23.44 28.54
CA ALA G 100 -46.76 -23.33 28.58
C ALA G 100 -47.39 -24.60 28.02
N GLU G 101 -48.21 -25.26 28.82
CA GLU G 101 -48.95 -26.46 28.42
C GLU G 101 -50.43 -26.22 28.67
N TYR G 102 -51.23 -26.25 27.60
CA TYR G 102 -52.65 -25.94 27.72
C TYR G 102 -53.46 -27.09 28.30
N PHE G 103 -53.12 -28.33 27.93
CA PHE G 103 -53.94 -29.47 28.35
C PHE G 103 -53.69 -29.86 29.80
N ASP G 104 -52.47 -29.71 30.31
CA ASP G 104 -52.12 -30.22 31.61
C ASP G 104 -51.93 -29.07 32.61
N ASN G 105 -52.03 -29.44 33.89
CA ASN G 105 -51.79 -28.52 35.01
C ASN G 105 -52.73 -27.32 34.97
N GLN G 106 -54.03 -27.62 35.10
CA GLN G 106 -55.04 -26.58 35.18
C GLN G 106 -55.36 -26.26 36.63
N PHE G 107 -55.71 -25.01 36.89
CA PHE G 107 -56.06 -24.54 38.23
C PHE G 107 -57.43 -23.86 38.19
N ALA G 108 -57.96 -23.58 39.37
CA ALA G 108 -59.31 -23.05 39.51
C ALA G 108 -59.35 -21.56 39.84
N SER G 109 -58.38 -21.06 40.59
CA SER G 109 -58.38 -19.68 41.06
C SER G 109 -57.11 -18.97 40.63
N TYR G 110 -57.22 -17.64 40.49
CA TYR G 110 -56.06 -16.84 40.13
C TYR G 110 -54.98 -16.92 41.21
N ASP G 111 -55.38 -16.73 42.47
CA ASP G 111 -54.40 -16.81 43.56
C ASP G 111 -53.78 -18.19 43.63
N LYS G 112 -54.59 -19.24 43.51
CA LYS G 112 -54.04 -20.58 43.40
C LYS G 112 -53.20 -20.72 42.14
N GLY G 113 -53.69 -20.21 41.02
CA GLY G 113 -52.91 -20.25 39.79
C GLY G 113 -51.62 -19.46 39.90
N LEU G 114 -51.66 -18.32 40.59
CA LEU G 114 -50.45 -17.55 40.79
C LEU G 114 -49.51 -18.25 41.76
N GLN G 115 -50.06 -18.87 42.81
CA GLN G 115 -49.23 -19.51 43.82
C GLN G 115 -48.61 -20.80 43.31
N VAL G 116 -49.31 -21.54 42.45
CA VAL G 116 -48.69 -22.73 41.87
C VAL G 116 -47.62 -22.34 40.87
N LEU G 117 -47.72 -21.14 40.29
CA LEU G 117 -46.83 -20.75 39.20
C LEU G 117 -45.38 -20.72 39.64
N LYS G 118 -45.10 -20.20 40.84
CA LYS G 118 -43.72 -20.07 41.29
C LYS G 118 -43.08 -21.44 41.46
N TYR G 119 -43.78 -22.38 42.09
CA TYR G 119 -43.20 -23.70 42.35
C TYR G 119 -43.21 -24.59 41.12
N GLN G 120 -44.26 -24.52 40.29
CA GLN G 120 -44.39 -25.45 39.17
C GLN G 120 -43.36 -25.20 38.07
N ASN G 121 -42.98 -23.94 37.85
CA ASN G 121 -42.02 -23.55 36.81
C ASN G 121 -42.49 -24.02 35.42
N ILE G 122 -43.80 -24.08 35.21
CA ILE G 122 -44.39 -24.18 33.89
C ILE G 122 -45.55 -23.20 33.84
N LEU G 123 -45.77 -22.62 32.66
CA LEU G 123 -46.81 -21.61 32.51
C LEU G 123 -48.17 -22.30 32.54
N GLY G 124 -48.85 -22.21 33.68
CA GLY G 124 -50.12 -22.87 33.85
C GLY G 124 -51.23 -22.21 33.05
N THR G 125 -52.35 -22.92 32.95
CA THR G 125 -53.51 -22.48 32.21
C THR G 125 -54.75 -22.54 33.09
N TYR G 126 -55.72 -21.69 32.78
CA TYR G 126 -56.93 -21.62 33.58
C TYR G 126 -57.92 -22.70 33.14
N SER G 127 -58.41 -23.48 34.09
CA SER G 127 -59.38 -24.52 33.77
C SER G 127 -60.67 -23.91 33.22
N ASN G 128 -61.14 -22.83 33.85
CA ASN G 128 -62.34 -22.17 33.38
C ASN G 128 -62.09 -21.52 32.01
N PRO G 129 -63.01 -21.67 31.06
CA PRO G 129 -62.83 -21.02 29.76
C PRO G 129 -63.25 -19.57 29.73
N LYS G 130 -63.99 -19.11 30.74
CA LYS G 130 -64.43 -17.72 30.75
C LYS G 130 -63.26 -16.76 30.93
N LYS G 131 -62.22 -17.16 31.65
CA LYS G 131 -61.10 -16.30 31.94
C LYS G 131 -59.80 -16.93 31.44
N ASN G 132 -58.84 -16.07 31.08
CA ASN G 132 -57.53 -16.49 30.61
C ASN G 132 -56.50 -16.03 31.63
N PHE G 133 -55.92 -16.98 32.37
CA PHE G 133 -54.98 -16.62 33.43
C PHE G 133 -53.74 -15.92 32.86
N LYS G 134 -53.28 -16.36 31.68
CA LYS G 134 -52.06 -15.82 31.13
C LYS G 134 -52.17 -14.32 30.87
N PHE G 135 -53.29 -13.87 30.32
CA PHE G 135 -53.44 -12.46 30.02
C PHE G 135 -53.64 -11.63 31.30
N GLN G 136 -54.27 -12.22 32.32
CA GLN G 136 -54.32 -11.55 33.61
C GLN G 136 -52.93 -11.37 34.19
N LEU G 137 -52.09 -12.42 34.08
CA LEU G 137 -50.72 -12.32 34.57
C LEU G 137 -49.93 -11.28 33.79
N ALA G 138 -50.10 -11.25 32.47
CA ALA G 138 -49.40 -10.25 31.66
C ALA G 138 -49.85 -8.84 32.02
N LEU G 139 -51.15 -8.65 32.23
CA LEU G 139 -51.64 -7.34 32.65
C LEU G 139 -51.10 -6.96 34.02
N ASP G 140 -51.03 -7.92 34.93
CA ASP G 140 -50.50 -7.65 36.26
C ASP G 140 -49.02 -7.27 36.20
N ILE G 141 -48.26 -7.94 35.33
CA ILE G 141 -46.84 -7.64 35.20
C ILE G 141 -46.63 -6.21 34.74
N LEU G 142 -47.41 -5.77 33.76
CA LEU G 142 -47.26 -4.42 33.23
C LEU G 142 -47.51 -3.38 34.30
N LYS G 143 -48.55 -3.57 35.12
CA LYS G 143 -48.83 -2.62 36.19
C LYS G 143 -47.72 -2.61 37.23
N LYS G 144 -47.16 -3.78 37.54
CA LYS G 144 -46.18 -3.88 38.62
C LYS G 144 -44.80 -3.39 38.19
N SER G 145 -44.41 -3.64 36.95
CA SER G 145 -43.04 -3.42 36.50
C SER G 145 -42.97 -2.12 35.70
N LEU G 146 -42.09 -1.21 36.12
CA LEU G 146 -41.90 0.03 35.39
C LEU G 146 -41.12 -0.21 34.10
N VAL G 147 -40.07 -1.02 34.15
CA VAL G 147 -39.27 -1.28 32.96
C VAL G 147 -40.08 -1.99 31.90
N ALA G 148 -41.01 -2.86 32.30
CA ALA G 148 -41.89 -3.50 31.32
C ALA G 148 -42.75 -2.46 30.62
N ARG G 149 -43.30 -1.51 31.38
CA ARG G 149 -44.09 -0.44 30.76
C ARG G 149 -43.22 0.41 29.84
N GLN G 150 -42.00 0.74 30.27
CA GLN G 150 -41.12 1.55 29.44
C GLN G 150 -40.75 0.82 28.16
N TYR G 151 -40.47 -0.47 28.24
CA TYR G 151 -40.06 -1.21 27.05
C TYR G 151 -41.17 -1.28 26.02
N ILE G 152 -42.39 -1.57 26.46
CA ILE G 152 -43.50 -1.71 25.53
C ILE G 152 -43.78 -0.40 24.81
N PHE G 153 -43.78 0.71 25.54
CA PHE G 153 -44.02 2.00 24.91
C PHE G 153 -42.92 2.35 23.92
N SER G 154 -41.66 2.10 24.28
CA SER G 154 -40.54 2.45 23.42
C SER G 154 -40.34 1.49 22.27
N LYS G 155 -40.95 0.31 22.32
CA LYS G 155 -40.73 -0.67 21.25
C LYS G 155 -41.77 -0.56 20.16
N TYR G 156 -43.05 -0.50 20.53
CA TYR G 156 -44.15 -0.56 19.58
C TYR G 156 -44.91 0.75 19.56
N PHE G 157 -45.27 1.18 18.35
CA PHE G 157 -46.13 2.34 18.17
C PHE G 157 -47.52 1.99 17.68
N LYS G 158 -47.71 0.80 17.13
CA LYS G 158 -49.02 0.35 16.71
C LYS G 158 -49.09 -1.18 16.83
N ILE G 159 -50.26 -1.67 17.24
CA ILE G 159 -50.50 -3.09 17.43
C ILE G 159 -51.57 -3.53 16.44
N PHE G 160 -51.29 -4.59 15.70
CA PHE G 160 -52.23 -5.13 14.71
C PHE G 160 -52.89 -6.38 15.28
N ILE G 161 -54.21 -6.33 15.41
CA ILE G 161 -54.99 -7.43 15.96
C ILE G 161 -56.04 -7.83 14.94
N ASP G 162 -56.17 -9.13 14.70
CA ASP G 162 -57.22 -9.67 13.84
C ASP G 162 -58.07 -10.64 14.63
N GLU G 163 -59.23 -10.97 14.07
CA GLU G 163 -60.18 -11.89 14.69
C GLU G 163 -60.54 -11.43 16.09
N TYR G 164 -60.78 -10.12 16.24
CA TYR G 164 -61.04 -9.57 17.55
C TYR G 164 -62.37 -10.02 18.14
N GLN G 165 -63.30 -10.52 17.32
CA GLN G 165 -64.55 -11.01 17.88
C GLN G 165 -64.35 -12.30 18.67
N ASP G 166 -63.27 -13.04 18.39
CA ASP G 166 -62.91 -14.21 19.18
C ASP G 166 -62.14 -13.87 20.44
N SER G 167 -61.79 -12.61 20.64
CA SER G 167 -60.98 -12.22 21.78
C SER G 167 -61.75 -12.36 23.08
N ASP G 168 -61.08 -12.85 24.11
CA ASP G 168 -61.66 -12.97 25.44
C ASP G 168 -61.82 -11.58 26.06
N LYS G 169 -62.73 -11.50 27.04
CA LYS G 169 -62.92 -10.24 27.75
C LYS G 169 -61.66 -9.81 28.48
N ASP G 170 -60.98 -10.75 29.13
CA ASP G 170 -59.72 -10.44 29.79
C ASP G 170 -58.66 -10.04 28.78
N MET G 171 -58.60 -10.75 27.64
CA MET G 171 -57.67 -10.37 26.58
C MET G 171 -57.97 -8.96 26.07
N HIS G 172 -59.25 -8.62 25.95
CA HIS G 172 -59.63 -7.26 25.60
C HIS G 172 -59.16 -6.27 26.64
N ASN G 173 -59.17 -6.67 27.91
CA ASN G 173 -58.77 -5.77 28.99
C ASN G 173 -57.32 -5.34 28.86
N LEU G 174 -56.44 -6.27 28.50
CA LEU G 174 -55.02 -5.93 28.36
C LEU G 174 -54.80 -4.94 27.23
N PHE G 175 -55.44 -5.17 26.08
CA PHE G 175 -55.22 -4.30 24.93
C PHE G 175 -55.69 -2.87 25.22
N MET G 176 -56.84 -2.73 25.90
CA MET G 176 -57.30 -1.40 26.27
C MET G 176 -56.38 -0.76 27.31
N TYR G 177 -55.68 -1.57 28.11
CA TYR G 177 -54.64 -1.02 28.96
C TYR G 177 -53.53 -0.41 28.11
N LEU G 178 -53.14 -1.09 27.04
CA LEU G 178 -52.10 -0.57 26.14
C LEU G 178 -52.55 0.71 25.47
N LYS G 179 -53.83 0.78 25.08
CA LYS G 179 -54.31 1.92 24.31
C LYS G 179 -54.51 3.15 25.20
N ASP G 180 -54.96 2.96 26.43
CA ASP G 180 -55.47 4.09 27.20
C ASP G 180 -54.34 4.90 27.84
N GLN G 181 -53.55 4.29 28.73
CA GLN G 181 -52.45 5.03 29.35
C GLN G 181 -51.11 4.79 28.69
N LEU G 182 -50.87 3.63 28.09
CA LEU G 182 -49.62 3.44 27.37
C LEU G 182 -49.63 4.08 25.99
N LYS G 183 -50.77 4.62 25.56
CA LYS G 183 -50.84 5.49 24.38
C LYS G 183 -50.28 4.80 23.13
N ILE G 184 -50.83 3.64 22.82
CA ILE G 184 -50.40 2.84 21.68
C ILE G 184 -51.57 2.72 20.70
N LYS G 185 -51.31 3.04 19.44
CA LYS G 185 -52.34 2.92 18.42
C LYS G 185 -52.71 1.47 18.20
N LEU G 186 -54.00 1.23 17.93
CA LEU G 186 -54.53 -0.11 17.76
C LEU G 186 -55.18 -0.23 16.40
N PHE G 187 -54.87 -1.32 15.69
CA PHE G 187 -55.52 -1.66 14.42
C PHE G 187 -56.14 -3.03 14.62
N ILE G 188 -57.43 -3.05 14.97
CA ILE G 188 -58.12 -4.28 15.32
C ILE G 188 -59.13 -4.61 14.24
N VAL G 189 -59.22 -5.89 13.90
CA VAL G 189 -60.13 -6.38 12.86
C VAL G 189 -61.09 -7.37 13.50
N GLY G 190 -62.38 -7.16 13.29
CA GLY G 190 -63.39 -8.03 13.83
C GLY G 190 -64.41 -8.43 12.78
N ASP G 191 -64.97 -9.62 12.96
CA ASP G 191 -65.96 -10.16 12.05
C ASP G 191 -67.28 -10.36 12.77
N PRO G 192 -68.40 -9.89 12.20
CA PRO G 192 -69.73 -10.04 12.79
C PRO G 192 -70.15 -11.50 12.93
N TRP G 199 -61.84 -19.29 19.25
CA TRP G 199 -61.10 -19.48 20.50
C TRP G 199 -62.04 -20.00 21.58
N ARG G 200 -61.50 -20.79 22.51
CA ARG G 200 -62.33 -21.57 23.42
C ARG G 200 -63.20 -20.68 24.29
N GLY G 201 -62.64 -19.59 24.80
CA GLY G 201 -63.40 -18.67 25.63
C GLY G 201 -63.82 -17.42 24.90
N ALA G 202 -64.24 -17.58 23.64
CA ALA G 202 -64.56 -16.43 22.80
C ALA G 202 -65.65 -15.58 23.43
N GLU G 203 -65.43 -14.27 23.40
CA GLU G 203 -66.37 -13.30 23.98
C GLU G 203 -66.69 -12.25 22.93
N PRO G 204 -67.67 -12.52 22.06
CA PRO G 204 -68.07 -11.49 21.08
C PRO G 204 -68.60 -10.22 21.70
N GLU G 205 -69.00 -10.25 22.98
CA GLU G 205 -69.61 -9.09 23.62
C GLU G 205 -68.65 -7.90 23.65
N ASN G 206 -67.39 -8.14 24.00
CA ASN G 206 -66.44 -7.04 24.16
C ASN G 206 -66.20 -6.34 22.83
N PHE G 207 -66.04 -7.12 21.75
CA PHE G 207 -65.81 -6.52 20.43
C PHE G 207 -67.05 -5.79 19.93
N ASN G 208 -68.21 -6.44 20.02
CA ASN G 208 -69.44 -5.85 19.51
C ASN G 208 -69.82 -4.59 20.29
N GLY G 209 -69.64 -4.60 21.61
CA GLY G 209 -69.91 -3.41 22.39
C GLY G 209 -68.86 -2.33 22.25
N LEU G 210 -67.67 -2.68 21.76
CA LEU G 210 -66.60 -1.69 21.63
C LEU G 210 -66.95 -0.59 20.65
N ILE G 211 -67.63 -0.93 19.55
CA ILE G 211 -67.97 0.07 18.55
C ILE G 211 -68.88 1.15 19.14
N GLU G 212 -69.89 0.72 19.89
CA GLU G 212 -70.83 1.68 20.48
C GLU G 212 -70.23 2.42 21.68
N ASN G 213 -69.44 1.73 22.51
CA ASN G 213 -68.97 2.32 23.75
C ASN G 213 -68.00 3.48 23.49
N SER G 214 -67.07 3.29 22.56
CA SER G 214 -66.01 4.26 22.31
C SER G 214 -66.27 5.01 21.02
N THR G 215 -66.22 6.34 21.08
CA THR G 215 -66.40 7.18 19.91
C THR G 215 -65.08 7.60 19.27
N ASP G 216 -64.00 7.63 20.04
CA ASP G 216 -62.70 8.01 19.47
C ASP G 216 -62.23 6.99 18.44
N PHE G 217 -62.63 5.74 18.59
CA PHE G 217 -62.23 4.70 17.64
C PHE G 217 -62.89 4.94 16.29
N ASN G 218 -62.16 4.61 15.23
CA ASN G 218 -62.64 4.77 13.87
C ASN G 218 -63.03 3.40 13.31
N LYS G 219 -64.21 3.31 12.73
CA LYS G 219 -64.74 2.06 12.21
C LYS G 219 -64.82 2.12 10.68
N TYR G 220 -64.51 0.99 10.04
CA TYR G 220 -64.56 0.88 8.60
C TYR G 220 -65.03 -0.52 8.23
N HIS G 221 -65.91 -0.60 7.23
CA HIS G 221 -66.51 -1.86 6.80
C HIS G 221 -66.18 -2.06 5.33
N LEU G 222 -65.30 -3.00 5.02
CA LEU G 222 -64.96 -3.29 3.65
C LEU G 222 -65.89 -4.35 3.08
N THR G 223 -66.03 -4.34 1.75
CA THR G 223 -66.92 -5.26 1.08
C THR G 223 -66.41 -6.69 1.17
N SER G 224 -67.35 -7.64 1.19
CA SER G 224 -66.97 -9.05 1.27
C SER G 224 -66.18 -9.49 0.06
N ASN G 225 -66.56 -9.01 -1.13
CA ASN G 225 -65.89 -9.35 -2.37
C ASN G 225 -65.09 -8.16 -2.89
N PHE G 226 -64.04 -8.46 -3.62
CA PHE G 226 -63.17 -7.43 -4.18
C PHE G 226 -62.38 -7.95 -5.37
N PRO G 322 -68.73 -24.79 12.64
CA PRO G 322 -67.67 -23.82 12.98
C PRO G 322 -66.32 -24.49 13.17
N ASN G 323 -66.33 -25.72 13.67
CA ASN G 323 -65.12 -26.47 13.93
C ASN G 323 -64.76 -27.42 12.78
N ALA G 324 -65.46 -27.34 11.65
CA ALA G 324 -65.21 -28.26 10.55
C ALA G 324 -63.82 -28.11 9.96
N THR G 325 -63.13 -27.00 10.26
CA THR G 325 -61.81 -26.79 9.69
C THR G 325 -60.81 -27.84 10.15
N LEU G 326 -60.83 -28.18 11.45
CA LEU G 326 -59.82 -29.10 11.96
C LEU G 326 -60.12 -30.54 11.54
N LEU G 327 -61.38 -30.89 11.30
CA LEU G 327 -61.68 -32.20 10.75
C LEU G 327 -61.10 -32.34 9.36
N LYS G 328 -61.19 -31.30 8.54
CA LYS G 328 -60.61 -31.34 7.21
C LYS G 328 -59.08 -31.43 7.29
N GLU G 329 -58.48 -30.83 8.32
CA GLU G 329 -57.03 -30.83 8.44
C GLU G 329 -56.50 -32.21 8.80
N VAL G 330 -57.14 -32.89 9.75
CA VAL G 330 -56.72 -34.25 10.08
C VAL G 330 -57.01 -35.19 8.93
N ILE G 331 -58.12 -34.98 8.21
CA ILE G 331 -58.43 -35.82 7.06
C ILE G 331 -57.37 -35.68 5.98
N LYS G 332 -56.95 -34.44 5.69
CA LYS G 332 -55.90 -34.24 4.70
C LYS G 332 -54.56 -34.77 5.19
N TYR G 333 -54.31 -34.70 6.51
CA TYR G 333 -53.08 -35.28 7.05
C TYR G 333 -53.09 -36.80 6.93
N VAL G 334 -54.26 -37.42 7.07
CA VAL G 334 -54.37 -38.86 6.89
C VAL G 334 -54.02 -39.25 5.47
N LYS G 335 -54.50 -38.50 4.49
CA LYS G 335 -54.19 -38.74 3.08
C LYS G 335 -52.73 -38.39 2.78
N ILE G 341 -48.11 -33.46 10.73
CA ILE G 341 -48.71 -33.22 12.03
C ILE G 341 -48.33 -31.83 12.53
N TYR G 342 -47.12 -31.37 12.16
CA TYR G 342 -46.69 -30.04 12.55
C TYR G 342 -47.54 -28.98 11.86
N ASP G 343 -47.94 -29.21 10.62
CA ASP G 343 -48.88 -28.31 9.96
C ASP G 343 -50.21 -28.28 10.68
N LEU G 344 -50.66 -29.44 11.17
CA LEU G 344 -51.90 -29.49 11.94
C LEU G 344 -51.79 -28.66 13.21
N ALA G 345 -50.58 -28.57 13.78
CA ALA G 345 -50.39 -27.76 14.98
C ALA G 345 -50.66 -26.29 14.71
N ALA G 346 -50.22 -25.80 13.55
CA ALA G 346 -50.40 -24.38 13.23
C ALA G 346 -51.86 -24.00 13.13
N GLU G 347 -52.73 -24.95 12.76
CA GLU G 347 -54.15 -24.64 12.63
C GLU G 347 -54.78 -24.38 14.00
N ILE G 348 -54.42 -25.18 15.01
CA ILE G 348 -54.97 -24.99 16.34
C ILE G 348 -54.38 -23.72 16.95
N VAL G 349 -55.22 -23.00 17.72
CA VAL G 349 -54.78 -21.77 18.34
C VAL G 349 -53.71 -22.06 19.38
N GLY G 350 -52.86 -21.07 19.64
CA GLY G 350 -51.79 -21.21 20.60
C GLY G 350 -50.59 -21.93 20.02
N ASN G 351 -49.60 -22.15 20.89
CA ASN G 351 -48.36 -22.82 20.53
C ASN G 351 -48.33 -24.16 21.26
N LEU G 352 -48.37 -25.25 20.50
CA LEU G 352 -48.45 -26.58 21.10
C LEU G 352 -47.07 -27.08 21.51
N SER G 353 -46.99 -27.64 22.71
CA SER G 353 -45.75 -28.19 23.21
C SER G 353 -45.40 -29.50 22.49
N SER G 354 -44.12 -29.85 22.54
CA SER G 354 -43.67 -31.08 21.90
C SER G 354 -44.30 -32.30 22.56
N ARG G 355 -44.37 -32.31 23.89
CA ARG G 355 -45.01 -33.43 24.58
C ARG G 355 -46.49 -33.52 24.23
N GLU G 356 -47.18 -32.38 24.20
CA GLU G 356 -48.61 -32.39 23.91
C GLU G 356 -48.89 -32.83 22.48
N ILE G 357 -48.10 -32.36 21.52
CA ILE G 357 -48.35 -32.72 20.13
C ILE G 357 -47.98 -34.17 19.87
N LYS G 358 -46.98 -34.71 20.58
CA LYS G 358 -46.67 -36.12 20.44
C LYS G 358 -47.82 -36.99 20.92
N GLU G 359 -48.44 -36.61 22.04
CA GLU G 359 -49.64 -37.30 22.49
C GLU G 359 -50.77 -37.17 21.49
N ILE G 360 -50.95 -35.97 20.93
CA ILE G 360 -51.98 -35.75 19.93
C ILE G 360 -51.72 -36.60 18.69
N GLN G 361 -50.47 -36.61 18.21
CA GLN G 361 -50.12 -37.38 17.02
C GLN G 361 -50.34 -38.88 17.25
N LYS G 362 -50.11 -39.36 18.48
CA LYS G 362 -50.34 -40.76 18.77
C LYS G 362 -51.82 -41.12 18.58
N ILE G 363 -52.71 -40.21 18.98
CA ILE G 363 -54.14 -40.43 18.75
C ILE G 363 -54.46 -40.41 17.26
N ILE G 364 -53.82 -39.49 16.52
CA ILE G 364 -54.15 -39.32 15.10
C ILE G 364 -53.73 -40.54 14.30
N ASN G 365 -52.55 -41.09 14.56
CA ASN G 365 -52.13 -42.29 13.84
C ASN G 365 -52.98 -43.50 14.24
N GLU G 366 -53.57 -43.46 15.43
CA GLU G 366 -54.53 -44.50 15.81
C GLU G 366 -55.78 -44.42 14.92
N LEU G 367 -56.14 -43.21 14.50
CA LEU G 367 -57.27 -43.05 13.60
C LEU G 367 -57.03 -43.75 12.26
N LEU G 368 -55.83 -43.58 11.70
CA LEU G 368 -55.50 -44.18 10.41
C LEU G 368 -54.91 -45.58 10.60
N ASN G 373 -61.80 -48.40 11.10
CA ASN G 373 -63.25 -48.63 11.10
C ASN G 373 -63.99 -47.40 11.62
N GLN G 374 -65.30 -47.38 11.38
CA GLN G 374 -66.11 -46.23 11.80
C GLN G 374 -66.15 -46.08 13.32
N VAL G 375 -66.26 -47.20 14.03
CA VAL G 375 -66.41 -47.15 15.49
C VAL G 375 -65.17 -46.54 16.14
N LEU G 376 -63.98 -47.01 15.73
CA LEU G 376 -62.75 -46.44 16.28
C LEU G 376 -62.56 -45.00 15.83
N ILE G 377 -63.12 -44.62 14.68
CA ILE G 377 -63.05 -43.24 14.24
C ILE G 377 -63.81 -42.34 15.20
N ASN G 378 -65.01 -42.75 15.61
CA ASN G 378 -65.82 -41.92 16.49
C ASN G 378 -65.16 -41.74 17.85
N GLN G 379 -64.57 -42.80 18.40
CA GLN G 379 -63.92 -42.70 19.70
C GLN G 379 -62.74 -41.74 19.66
N VAL G 380 -61.98 -41.76 18.57
CA VAL G 380 -60.82 -40.86 18.45
C VAL G 380 -61.27 -39.41 18.44
N LEU G 381 -62.32 -39.11 17.67
CA LEU G 381 -62.83 -37.73 17.62
C LEU G 381 -63.37 -37.29 18.98
N ILE G 382 -63.92 -38.23 19.75
CA ILE G 382 -64.47 -37.87 21.06
C ILE G 382 -63.35 -37.44 22.01
N ASN G 383 -62.28 -38.22 22.07
CA ASN G 383 -61.19 -37.88 23.00
C ASN G 383 -60.42 -36.65 22.53
N LEU G 384 -60.28 -36.45 21.22
CA LEU G 384 -59.64 -35.24 20.72
C LEU G 384 -60.43 -34.00 21.11
N PHE G 385 -61.76 -34.07 21.00
CA PHE G 385 -62.60 -32.97 21.47
C PHE G 385 -62.52 -32.84 22.99
N ALA G 386 -62.38 -33.96 23.69
CA ALA G 386 -62.24 -33.91 25.15
C ALA G 386 -60.94 -33.24 25.55
N LYS G 387 -59.86 -33.49 24.81
CA LYS G 387 -58.57 -32.90 25.15
C LYS G 387 -58.62 -31.38 25.08
N LEU G 388 -59.24 -30.84 24.04
CA LEU G 388 -59.35 -29.39 23.89
C LEU G 388 -60.45 -28.84 24.80
N ASP G 393 -69.90 -32.57 17.45
CA ASP G 393 -71.21 -32.51 16.80
C ASP G 393 -71.53 -33.84 16.13
N THR G 394 -72.81 -34.22 16.16
CA THR G 394 -73.25 -35.46 15.54
C THR G 394 -73.15 -35.40 14.02
N ARG G 395 -73.21 -34.21 13.42
CA ARG G 395 -73.07 -34.10 11.98
C ARG G 395 -71.62 -34.25 11.53
N GLU G 396 -70.67 -33.72 12.31
CA GLU G 396 -69.27 -33.76 11.91
C GLU G 396 -68.72 -35.18 11.92
N ILE G 397 -69.12 -36.00 12.89
CA ILE G 397 -68.63 -37.38 12.94
C ILE G 397 -69.12 -38.17 11.73
N THR G 398 -70.35 -37.90 11.29
CA THR G 398 -70.86 -38.55 10.08
C THR G 398 -70.06 -38.12 8.85
N ALA G 399 -69.70 -36.84 8.77
CA ALA G 399 -68.88 -36.38 7.65
C ALA G 399 -67.51 -37.05 7.66
N PHE G 400 -66.92 -37.22 8.84
CA PHE G 400 -65.66 -37.93 8.95
C PHE G 400 -65.81 -39.38 8.50
N THR G 401 -66.93 -40.02 8.87
CA THR G 401 -67.19 -41.38 8.43
C THR G 401 -67.31 -41.46 6.91
N GLU G 402 -67.97 -40.46 6.30
CA GLU G 402 -68.11 -40.44 4.85
C GLU G 402 -66.75 -40.32 4.17
N VAL G 403 -65.87 -39.48 4.70
CA VAL G 403 -64.54 -39.31 4.12
C VAL G 403 -63.52 -40.20 4.83
N SER H 2 4.05 -40.31 48.24
CA SER H 2 4.04 -38.89 48.56
C SER H 2 3.40 -38.08 47.45
N ARG H 3 3.58 -36.75 47.50
CA ARG H 3 2.98 -35.88 46.50
C ARG H 3 3.53 -36.18 45.11
N GLU H 4 4.85 -36.37 45.00
CA GLU H 4 5.44 -36.67 43.70
C GLU H 4 5.06 -38.07 43.24
N GLN H 5 4.82 -39.00 44.17
CA GLN H 5 4.34 -40.32 43.80
C GLN H 5 2.99 -40.25 43.12
N ILE H 6 2.09 -39.41 43.64
CA ILE H 6 0.77 -39.23 43.04
C ILE H 6 0.90 -38.59 41.66
N ILE H 7 1.79 -37.59 41.54
CA ILE H 7 1.80 -36.75 40.35
C ILE H 7 2.17 -37.56 39.11
N LYS H 8 3.18 -38.44 39.21
CA LYS H 8 3.62 -39.17 38.04
C LYS H 8 2.78 -40.40 37.75
N ASP H 9 1.85 -40.75 38.63
CA ASP H 9 0.95 -41.86 38.35
C ASP H 9 -0.18 -41.41 37.42
N GLY H 10 -0.47 -42.24 36.42
CA GLY H 10 -1.47 -41.88 35.43
C GLY H 10 -2.72 -42.72 35.47
N GLY H 11 -2.79 -43.66 36.41
CA GLY H 11 -3.93 -44.54 36.54
C GLY H 11 -4.98 -44.00 37.50
N ASN H 12 -5.71 -44.93 38.10
CA ASN H 12 -6.73 -44.56 39.08
C ASN H 12 -6.11 -44.45 40.46
N ILE H 13 -6.31 -43.31 41.12
CA ILE H 13 -5.63 -42.98 42.36
C ILE H 13 -6.65 -42.86 43.49
N LEU H 14 -6.42 -43.59 44.58
CA LEU H 14 -7.12 -43.36 45.84
C LEU H 14 -6.29 -42.41 46.69
N VAL H 15 -6.94 -41.40 47.25
CA VAL H 15 -6.30 -40.45 48.15
C VAL H 15 -7.04 -40.50 49.48
N THR H 16 -6.31 -40.74 50.56
CA THR H 16 -6.87 -40.88 51.90
C THR H 16 -6.40 -39.77 52.82
N ALA H 17 -6.35 -38.54 52.32
CA ALA H 17 -5.91 -37.41 53.12
C ALA H 17 -6.90 -37.12 54.24
N GLY H 18 -6.37 -36.71 55.39
CA GLY H 18 -7.20 -36.42 56.55
C GLY H 18 -7.37 -34.92 56.74
N ALA H 19 -8.55 -34.54 57.23
CA ALA H 19 -8.94 -33.17 57.57
C ALA H 19 -9.07 -32.26 56.37
N GLY H 20 -8.76 -32.73 55.16
CA GLY H 20 -8.91 -31.94 53.96
C GLY H 20 -7.83 -30.91 53.72
N SER H 21 -6.80 -30.86 54.56
CA SER H 21 -5.74 -29.86 54.37
C SER H 21 -4.92 -30.17 53.12
N GLY H 22 -4.48 -31.42 52.97
CA GLY H 22 -3.61 -31.77 51.87
C GLY H 22 -4.33 -32.20 50.60
N LYS H 23 -5.57 -32.68 50.75
CA LYS H 23 -6.30 -33.17 49.58
C LYS H 23 -6.68 -32.03 48.64
N THR H 24 -6.99 -30.86 49.19
CA THR H 24 -7.38 -29.74 48.35
C THR H 24 -6.22 -29.25 47.49
N THR H 25 -5.03 -29.14 48.08
CA THR H 25 -3.88 -28.66 47.32
C THR H 25 -3.31 -29.73 46.41
N ILE H 26 -3.46 -31.01 46.76
CA ILE H 26 -2.94 -32.06 45.89
C ILE H 26 -3.86 -32.28 44.70
N LEU H 27 -5.16 -31.99 44.86
CA LEU H 27 -6.08 -32.08 43.73
C LEU H 27 -5.72 -31.04 42.68
N VAL H 28 -5.47 -29.80 43.10
CA VAL H 28 -5.08 -28.75 42.17
C VAL H 28 -3.75 -29.08 41.51
N SER H 29 -2.78 -29.55 42.30
CA SER H 29 -1.46 -29.87 41.76
C SER H 29 -1.55 -30.97 40.71
N LYS H 30 -2.32 -32.02 40.99
CA LYS H 30 -2.46 -33.11 40.02
C LYS H 30 -3.17 -32.62 38.76
N ILE H 31 -4.20 -31.78 38.92
CA ILE H 31 -4.92 -31.27 37.76
C ILE H 31 -3.99 -30.46 36.87
N GLU H 32 -3.19 -29.58 37.48
CA GLU H 32 -2.25 -28.79 36.70
C GLU H 32 -1.22 -29.66 36.01
N ALA H 33 -0.73 -30.70 36.71
CA ALA H 33 0.27 -31.59 36.12
C ALA H 33 -0.29 -32.33 34.92
N ASP H 34 -1.53 -32.83 35.03
CA ASP H 34 -2.11 -33.59 33.93
C ASP H 34 -2.47 -32.67 32.76
N LEU H 35 -2.99 -31.48 33.05
CA LEU H 35 -3.31 -30.53 31.99
C LEU H 35 -2.05 -30.11 31.23
N LYS H 36 -0.97 -29.85 31.96
CA LYS H 36 0.29 -29.48 31.31
C LYS H 36 0.84 -30.63 30.47
N GLU H 37 0.75 -31.85 30.99
CA GLU H 37 1.33 -32.99 30.29
C GLU H 37 0.53 -33.35 29.04
N ASN H 38 -0.79 -33.31 29.13
CA ASN H 38 -1.65 -33.74 28.03
C ASN H 38 -1.81 -32.61 27.02
N LYS H 39 -1.40 -32.87 25.79
CA LYS H 39 -1.50 -31.90 24.70
C LYS H 39 -2.70 -32.14 23.79
N THR H 40 -3.51 -33.15 24.08
CA THR H 40 -4.63 -33.50 23.23
C THR H 40 -5.82 -32.57 23.51
N HIS H 41 -6.93 -32.84 22.83
CA HIS H 41 -8.15 -32.05 22.98
C HIS H 41 -8.93 -32.43 24.24
N TYR H 42 -8.60 -33.55 24.87
CA TYR H 42 -9.38 -34.03 26.01
C TYR H 42 -9.25 -33.06 27.18
N SER H 43 -10.28 -33.04 28.01
CA SER H 43 -10.34 -32.19 29.20
C SER H 43 -10.54 -33.05 30.44
N ILE H 44 -10.64 -32.40 31.59
CA ILE H 44 -10.87 -33.07 32.85
C ILE H 44 -12.10 -32.46 33.51
N ALA H 45 -12.75 -33.25 34.36
CA ALA H 45 -13.88 -32.80 35.15
C ALA H 45 -13.51 -32.86 36.62
N ALA H 46 -13.64 -31.74 37.32
CA ALA H 46 -13.37 -31.65 38.75
C ALA H 46 -14.70 -31.39 39.44
N VAL H 47 -15.22 -32.41 40.10
CA VAL H 47 -16.52 -32.33 40.77
C VAL H 47 -16.31 -32.39 42.28
N THR H 48 -17.00 -31.51 42.99
CA THR H 48 -16.89 -31.43 44.44
C THR H 48 -18.29 -31.42 45.06
N PHE H 49 -18.36 -31.90 46.30
CA PHE H 49 -19.63 -31.89 47.01
C PHE H 49 -20.07 -30.46 47.33
N THR H 50 -19.15 -29.60 47.72
CA THR H 50 -19.45 -28.24 48.11
C THR H 50 -19.27 -27.30 46.93
N ASN H 51 -20.26 -26.42 46.73
CA ASN H 51 -20.13 -25.41 45.69
C ASN H 51 -18.95 -24.48 45.98
N LYS H 52 -18.74 -24.14 47.26
CA LYS H 52 -17.60 -23.30 47.62
C LYS H 52 -16.29 -23.98 47.26
N ALA H 53 -16.19 -25.29 47.49
CA ALA H 53 -14.98 -26.02 47.16
C ALA H 53 -14.69 -25.95 45.66
N ALA H 54 -15.74 -25.83 44.84
CA ALA H 54 -15.54 -25.74 43.40
C ALA H 54 -14.83 -24.44 43.02
N LYS H 55 -15.34 -23.31 43.52
CA LYS H 55 -14.75 -22.02 43.16
C LYS H 55 -13.34 -21.87 43.70
N GLU H 56 -13.10 -22.30 44.94
CA GLU H 56 -11.75 -22.21 45.48
C GLU H 56 -10.77 -23.07 44.69
N ILE H 57 -11.21 -24.24 44.22
CA ILE H 57 -10.38 -25.02 43.30
C ILE H 57 -10.26 -24.30 41.96
N GLU H 58 -11.37 -23.83 41.42
CA GLU H 58 -11.37 -23.23 40.09
C GLU H 58 -10.48 -21.99 40.04
N GLY H 59 -10.43 -21.24 41.14
CA GLY H 59 -9.60 -20.04 41.17
C GLY H 59 -8.11 -20.33 41.08
N ARG H 60 -7.69 -21.57 41.31
CA ARG H 60 -6.29 -21.93 41.30
C ARG H 60 -5.80 -22.41 39.93
N LEU H 61 -6.68 -22.59 38.95
CA LEU H 61 -6.23 -22.90 37.60
C LEU H 61 -6.13 -21.67 36.73
N GLY H 62 -7.00 -20.69 36.93
CA GLY H 62 -7.02 -19.50 36.11
C GLY H 62 -7.81 -19.68 34.84
N TYR H 63 -7.86 -18.61 34.06
CA TYR H 63 -8.60 -18.62 32.81
C TYR H 63 -7.96 -19.60 31.82
N SER H 64 -8.81 -20.37 31.14
CA SER H 64 -8.34 -21.35 30.17
C SER H 64 -9.46 -21.66 29.20
N SER H 65 -9.09 -21.94 27.95
CA SER H 65 -10.03 -22.33 26.92
C SER H 65 -10.03 -23.83 26.69
N ARG H 66 -9.41 -24.60 27.58
CA ARG H 66 -9.37 -26.05 27.43
C ARG H 66 -10.76 -26.67 27.48
N GLY H 67 -11.72 -26.02 28.12
CA GLY H 67 -13.04 -26.59 28.26
C GLY H 67 -13.21 -27.48 29.46
N ASN H 68 -12.32 -27.37 30.44
CA ASN H 68 -12.43 -28.19 31.64
C ASN H 68 -13.69 -27.82 32.43
N PHE H 69 -14.17 -28.78 33.21
CA PHE H 69 -15.33 -28.57 34.06
C PHE H 69 -14.92 -28.62 35.52
N ILE H 70 -15.25 -27.57 36.26
CA ILE H 70 -15.07 -27.51 37.70
C ILE H 70 -16.41 -27.10 38.30
N GLY H 71 -16.96 -27.94 39.16
CA GLY H 71 -18.27 -27.64 39.72
C GLY H 71 -18.70 -28.72 40.69
N THR H 72 -19.99 -28.73 40.98
CA THR H 72 -20.56 -29.69 41.91
C THR H 72 -20.90 -31.00 41.21
N ASN H 73 -21.16 -32.03 42.02
CA ASN H 73 -21.52 -33.33 41.47
C ASN H 73 -22.83 -33.24 40.69
N ASP H 74 -23.86 -32.64 41.29
CA ASP H 74 -25.14 -32.49 40.60
C ASP H 74 -25.02 -31.53 39.41
N GLY H 75 -24.21 -30.49 39.54
CA GLY H 75 -24.01 -29.59 38.43
C GLY H 75 -23.36 -30.27 37.24
N PHE H 76 -22.43 -31.19 37.50
CA PHE H 76 -21.81 -31.94 36.42
C PHE H 76 -22.84 -32.81 35.70
N VAL H 77 -23.67 -33.51 36.46
CA VAL H 77 -24.63 -34.44 35.87
C VAL H 77 -25.64 -33.69 35.02
N GLU H 78 -26.16 -32.56 35.52
CA GLU H 78 -27.16 -31.82 34.78
C GLU H 78 -26.57 -31.20 33.52
N SER H 79 -25.44 -30.50 33.66
CA SER H 79 -24.92 -29.73 32.54
C SER H 79 -24.30 -30.62 31.47
N GLU H 80 -23.72 -31.76 31.85
CA GLU H 80 -22.99 -32.59 30.91
C GLU H 80 -23.79 -33.77 30.39
N ILE H 81 -24.82 -34.22 31.11
CA ILE H 81 -25.55 -35.41 30.70
C ILE H 81 -27.03 -35.12 30.52
N ILE H 82 -27.68 -34.65 31.58
CA ILE H 82 -29.14 -34.54 31.55
C ILE H 82 -29.57 -33.48 30.54
N ARG H 83 -29.19 -32.23 30.77
CA ARG H 83 -29.67 -31.11 29.95
C ARG H 83 -29.45 -31.30 28.46
N PRO H 84 -28.27 -31.72 27.97
CA PRO H 84 -28.08 -31.81 26.52
C PRO H 84 -28.74 -33.03 25.90
N PHE H 85 -28.77 -34.15 26.63
CA PHE H 85 -29.17 -35.43 26.05
C PHE H 85 -30.43 -36.00 26.68
N ILE H 86 -31.24 -35.18 27.35
CA ILE H 86 -32.50 -35.69 27.89
C ILE H 86 -33.48 -36.01 26.77
N LYS H 87 -33.57 -35.12 25.77
CA LYS H 87 -34.52 -35.32 24.68
C LYS H 87 -34.14 -36.51 23.82
N ASP H 88 -32.85 -36.68 23.54
CA ASP H 88 -32.41 -37.78 22.69
C ASP H 88 -32.69 -39.13 23.34
N ALA H 89 -32.47 -39.24 24.65
CA ALA H 89 -32.67 -40.50 25.33
C ALA H 89 -34.15 -40.81 25.56
N PHE H 90 -34.95 -39.79 25.85
CA PHE H 90 -36.33 -40.00 26.29
C PHE H 90 -37.35 -39.33 25.37
N GLY H 91 -36.99 -39.03 24.13
CA GLY H 91 -37.91 -38.41 23.22
C GLY H 91 -38.04 -36.91 23.42
N ASN H 92 -38.61 -36.25 22.41
CA ASN H 92 -38.72 -34.81 22.43
C ASN H 92 -39.73 -34.30 23.45
N ASP H 93 -40.56 -35.18 24.00
CA ASP H 93 -41.54 -34.76 25.00
C ASP H 93 -40.86 -34.24 26.26
N TYR H 94 -39.82 -34.92 26.72
CA TYR H 94 -39.11 -34.47 27.92
C TYR H 94 -38.42 -33.15 27.65
N PRO H 95 -38.38 -32.25 28.63
CA PRO H 95 -37.78 -30.93 28.43
C PRO H 95 -36.32 -30.88 28.85
N ASP H 96 -35.67 -29.79 28.45
CA ASP H 96 -34.31 -29.50 28.88
C ASP H 96 -34.18 -28.20 29.65
N ASN H 97 -35.24 -27.40 29.71
CA ASN H 97 -35.26 -26.16 30.48
C ASN H 97 -35.68 -26.39 31.92
N PHE H 98 -35.59 -27.62 32.41
CA PHE H 98 -35.96 -27.96 33.77
C PHE H 98 -35.08 -27.21 34.78
N THR H 99 -35.52 -27.23 36.03
CA THR H 99 -34.79 -26.60 37.13
C THR H 99 -34.75 -27.58 38.30
N ALA H 100 -33.73 -27.42 39.15
CA ALA H 100 -33.52 -28.31 40.29
C ALA H 100 -34.08 -27.66 41.54
N GLU H 101 -34.98 -28.38 42.24
CA GLU H 101 -35.59 -27.90 43.48
C GLU H 101 -35.63 -29.05 44.47
N TYR H 102 -34.83 -28.93 45.54
CA TYR H 102 -34.72 -30.01 46.51
C TYR H 102 -35.92 -30.07 47.46
N PHE H 103 -36.51 -28.92 47.79
CA PHE H 103 -37.45 -28.85 48.90
C PHE H 103 -38.85 -29.34 48.53
N ASP H 104 -39.22 -29.32 47.26
CA ASP H 104 -40.58 -29.66 46.85
C ASP H 104 -40.56 -30.63 45.69
N ASN H 105 -41.75 -31.16 45.39
CA ASN H 105 -41.95 -32.09 44.28
C ASN H 105 -41.09 -33.35 44.41
N GLN H 106 -40.97 -33.85 45.63
CA GLN H 106 -40.23 -35.08 45.87
C GLN H 106 -41.00 -36.28 45.31
N PHE H 107 -40.24 -37.31 44.95
CA PHE H 107 -40.79 -38.51 44.33
C PHE H 107 -40.65 -39.70 45.27
N ALA H 108 -41.64 -40.60 45.23
CA ALA H 108 -41.59 -41.81 46.03
C ALA H 108 -41.07 -43.01 45.24
N SER H 109 -41.34 -43.07 43.94
CA SER H 109 -40.92 -44.18 43.10
C SER H 109 -40.18 -43.65 41.88
N TYR H 110 -39.26 -44.47 41.37
CA TYR H 110 -38.47 -44.07 40.20
C TYR H 110 -39.37 -43.89 38.97
N ASP H 111 -40.18 -44.90 38.67
CA ASP H 111 -41.09 -44.80 37.53
C ASP H 111 -42.08 -43.67 37.72
N LYS H 112 -42.64 -43.55 38.92
CA LYS H 112 -43.50 -42.40 39.23
C LYS H 112 -42.70 -41.11 39.15
N GLY H 113 -41.47 -41.13 39.67
CA GLY H 113 -40.62 -39.95 39.56
C GLY H 113 -40.33 -39.58 38.13
N LEU H 114 -40.14 -40.58 37.26
CA LEU H 114 -39.96 -40.29 35.85
C LEU H 114 -41.25 -39.77 35.23
N GLN H 115 -42.39 -40.37 35.56
CA GLN H 115 -43.63 -39.99 34.92
C GLN H 115 -44.12 -38.63 35.38
N VAL H 116 -43.86 -38.26 36.64
CA VAL H 116 -44.15 -36.89 37.05
C VAL H 116 -43.19 -35.91 36.40
N LEU H 117 -41.94 -36.33 36.14
CA LEU H 117 -40.97 -35.44 35.51
C LEU H 117 -41.41 -35.05 34.10
N LYS H 118 -42.03 -36.00 33.37
CA LYS H 118 -42.46 -35.70 32.01
C LYS H 118 -43.55 -34.63 31.99
N TYR H 119 -44.48 -34.68 32.95
CA TYR H 119 -45.59 -33.74 32.98
C TYR H 119 -45.30 -32.49 33.81
N GLN H 120 -44.58 -32.62 34.93
CA GLN H 120 -44.20 -31.44 35.69
C GLN H 120 -43.08 -30.66 35.01
N ASN H 121 -42.23 -31.34 34.23
CA ASN H 121 -41.18 -30.77 33.42
C ASN H 121 -40.05 -30.14 34.23
N ILE H 122 -40.02 -30.35 35.55
CA ILE H 122 -39.01 -29.76 36.42
C ILE H 122 -38.38 -30.86 37.26
N LEU H 123 -37.05 -30.87 37.31
CA LEU H 123 -36.33 -31.86 38.09
C LEU H 123 -36.45 -31.58 39.58
N GLY H 124 -36.47 -32.66 40.37
CA GLY H 124 -36.51 -32.56 41.81
C GLY H 124 -35.67 -33.65 42.43
N THR H 125 -35.66 -33.68 43.76
CA THR H 125 -34.92 -34.69 44.48
C THR H 125 -35.84 -35.82 44.94
N TYR H 126 -35.25 -36.96 45.22
CA TYR H 126 -35.99 -38.10 45.74
C TYR H 126 -36.40 -37.84 47.18
N SER H 127 -37.58 -38.36 47.55
CA SER H 127 -38.05 -38.21 48.93
C SER H 127 -37.13 -38.92 49.91
N ASN H 128 -36.71 -40.14 49.56
CA ASN H 128 -35.80 -40.88 50.41
C ASN H 128 -34.38 -40.35 50.23
N PRO H 129 -33.73 -39.87 51.29
CA PRO H 129 -32.37 -39.33 51.13
C PRO H 129 -31.36 -40.36 50.68
N LYS H 130 -31.60 -41.65 50.95
CA LYS H 130 -30.65 -42.69 50.55
C LYS H 130 -30.49 -42.75 49.04
N LYS H 131 -31.59 -42.63 48.31
CA LYS H 131 -31.56 -42.67 46.85
C LYS H 131 -31.58 -41.26 46.28
N ASN H 132 -30.78 -41.04 45.24
CA ASN H 132 -30.70 -39.76 44.56
C ASN H 132 -31.24 -39.95 43.14
N PHE H 133 -32.49 -39.55 42.92
CA PHE H 133 -33.17 -39.82 41.65
C PHE H 133 -32.39 -39.26 40.48
N LYS H 134 -31.72 -38.13 40.66
CA LYS H 134 -31.06 -37.46 39.55
C LYS H 134 -29.96 -38.33 38.95
N PHE H 135 -29.22 -39.05 39.79
CA PHE H 135 -28.04 -39.75 39.29
C PHE H 135 -28.38 -41.01 38.52
N GLN H 136 -29.39 -41.79 38.94
CA GLN H 136 -29.77 -42.92 38.11
C GLN H 136 -30.44 -42.46 36.82
N LEU H 137 -31.07 -41.29 36.85
CA LEU H 137 -31.57 -40.71 35.61
C LEU H 137 -30.43 -40.40 34.66
N ALA H 138 -29.33 -39.86 35.18
CA ALA H 138 -28.15 -39.65 34.35
C ALA H 138 -27.58 -40.97 33.86
N LEU H 139 -27.51 -41.97 34.73
CA LEU H 139 -27.04 -43.28 34.30
C LEU H 139 -27.97 -43.88 33.27
N ASP H 140 -29.29 -43.72 33.45
CA ASP H 140 -30.24 -44.21 32.48
C ASP H 140 -30.09 -43.51 31.14
N ILE H 141 -29.86 -42.20 31.17
CA ILE H 141 -29.67 -41.44 29.93
C ILE H 141 -28.46 -41.96 29.17
N LEU H 142 -27.36 -42.21 29.87
CA LEU H 142 -26.15 -42.70 29.22
C LEU H 142 -26.38 -44.06 28.57
N LYS H 143 -27.11 -44.94 29.25
CA LYS H 143 -27.35 -46.28 28.71
C LYS H 143 -28.23 -46.22 27.47
N LYS H 144 -29.11 -45.23 27.39
CA LYS H 144 -30.09 -45.18 26.30
C LYS H 144 -29.64 -44.32 25.13
N SER H 145 -28.83 -43.30 25.37
CA SER H 145 -28.43 -42.35 24.32
C SER H 145 -27.02 -42.69 23.85
N LEU H 146 -26.88 -42.93 22.55
CA LEU H 146 -25.56 -43.23 22.00
C LEU H 146 -24.69 -41.98 21.92
N VAL H 147 -25.29 -40.85 21.52
CA VAL H 147 -24.52 -39.62 21.39
C VAL H 147 -24.03 -39.14 22.75
N ALA H 148 -24.81 -39.37 23.81
CA ALA H 148 -24.36 -39.02 25.15
C ALA H 148 -23.13 -39.82 25.53
N ARG H 149 -23.13 -41.12 25.24
CA ARG H 149 -21.95 -41.94 25.51
C ARG H 149 -20.78 -41.48 24.68
N GLN H 150 -21.00 -41.18 23.40
CA GLN H 150 -19.92 -40.72 22.53
C GLN H 150 -19.34 -39.40 23.02
N TYR H 151 -20.21 -38.48 23.43
CA TYR H 151 -19.73 -37.16 23.85
C TYR H 151 -18.87 -37.26 25.10
N ILE H 152 -19.32 -38.01 26.09
CA ILE H 152 -18.59 -38.09 27.36
C ILE H 152 -17.22 -38.71 27.14
N PHE H 153 -17.15 -39.78 26.35
CA PHE H 153 -15.87 -40.43 26.10
C PHE H 153 -14.93 -39.51 25.32
N SER H 154 -15.47 -38.77 24.35
CA SER H 154 -14.62 -37.92 23.52
C SER H 154 -14.33 -36.58 24.15
N LYS H 155 -14.94 -36.26 25.29
CA LYS H 155 -14.71 -34.97 25.94
C LYS H 155 -13.72 -35.07 27.08
N TYR H 156 -13.92 -36.03 27.99
CA TYR H 156 -13.13 -36.14 29.21
C TYR H 156 -12.28 -37.40 29.17
N PHE H 157 -11.05 -37.28 29.66
CA PHE H 157 -10.19 -38.44 29.82
C PHE H 157 -9.89 -38.76 31.28
N LYS H 158 -10.18 -37.85 32.21
CA LYS H 158 -9.99 -38.10 33.63
C LYS H 158 -11.00 -37.29 34.42
N ILE H 159 -11.51 -37.88 35.50
CA ILE H 159 -12.51 -37.25 36.35
C ILE H 159 -11.95 -37.16 37.76
N PHE H 160 -12.06 -35.97 38.37
CA PHE H 160 -11.62 -35.74 39.73
C PHE H 160 -12.84 -35.61 40.63
N ILE H 161 -12.97 -36.51 41.60
CA ILE H 161 -14.12 -36.55 42.49
C ILE H 161 -13.59 -36.60 43.93
N ASP H 162 -13.48 -35.44 44.57
CA ASP H 162 -13.04 -35.41 45.94
C ASP H 162 -14.19 -35.80 46.88
N GLU H 163 -13.83 -36.12 48.13
CA GLU H 163 -14.80 -36.50 49.15
C GLU H 163 -15.64 -37.69 48.70
N TYR H 164 -15.00 -38.67 48.06
CA TYR H 164 -15.74 -39.83 47.57
C TYR H 164 -16.24 -40.71 48.70
N GLN H 165 -15.64 -40.63 49.89
CA GLN H 165 -16.18 -41.37 51.02
C GLN H 165 -17.56 -40.86 51.42
N ASP H 166 -17.87 -39.61 51.09
CA ASP H 166 -19.19 -39.03 51.32
C ASP H 166 -20.13 -39.24 50.15
N SER H 167 -19.72 -40.00 49.13
CA SER H 167 -20.55 -40.21 47.96
C SER H 167 -21.68 -41.20 48.26
N ASP H 168 -22.76 -41.06 47.52
CA ASP H 168 -23.92 -41.94 47.63
C ASP H 168 -23.69 -43.21 46.80
N LYS H 169 -24.56 -44.21 47.03
CA LYS H 169 -24.52 -45.42 46.23
C LYS H 169 -24.87 -45.12 44.78
N ASP H 170 -25.87 -44.27 44.55
CA ASP H 170 -26.23 -43.90 43.19
C ASP H 170 -25.09 -43.19 42.49
N MET H 171 -24.42 -42.27 43.19
CA MET H 171 -23.30 -41.55 42.60
C MET H 171 -22.15 -42.50 42.30
N HIS H 172 -21.90 -43.44 43.21
CA HIS H 172 -20.86 -44.43 42.97
C HIS H 172 -21.18 -45.30 41.78
N ASN H 173 -22.46 -45.64 41.58
CA ASN H 173 -22.85 -46.49 40.47
C ASN H 173 -22.56 -45.83 39.14
N LEU H 174 -22.83 -44.52 39.02
CA LEU H 174 -22.56 -43.81 37.78
C LEU H 174 -21.07 -43.71 37.51
N PHE H 175 -20.30 -43.33 38.52
CA PHE H 175 -18.87 -43.10 38.31
C PHE H 175 -18.16 -44.39 37.90
N MET H 176 -18.51 -45.51 38.53
CA MET H 176 -17.94 -46.79 38.12
C MET H 176 -18.36 -47.15 36.70
N TYR H 177 -19.59 -46.84 36.32
CA TYR H 177 -19.98 -47.03 34.92
C TYR H 177 -19.11 -46.20 34.00
N LEU H 178 -18.80 -44.97 34.39
CA LEU H 178 -17.90 -44.15 33.60
C LEU H 178 -16.50 -44.75 33.54
N LYS H 179 -16.08 -45.45 34.60
CA LYS H 179 -14.71 -45.94 34.66
C LYS H 179 -14.53 -47.24 33.90
N ASP H 180 -15.21 -48.30 34.33
CA ASP H 180 -14.96 -49.62 33.75
C ASP H 180 -15.61 -49.77 32.38
N GLN H 181 -16.78 -49.18 32.18
CA GLN H 181 -17.50 -49.36 30.92
C GLN H 181 -17.00 -48.36 29.88
N LEU H 182 -17.07 -47.07 30.20
CA LEU H 182 -16.71 -46.02 29.26
C LEU H 182 -15.22 -45.75 29.20
N LYS H 183 -14.42 -46.46 29.99
CA LYS H 183 -12.96 -46.39 29.94
C LYS H 183 -12.46 -44.95 30.18
N ILE H 184 -12.75 -44.44 31.37
CA ILE H 184 -12.35 -43.10 31.78
C ILE H 184 -11.54 -43.21 33.07
N LYS H 185 -10.41 -42.54 33.11
CA LYS H 185 -9.58 -42.53 34.31
C LYS H 185 -10.28 -41.81 35.44
N LEU H 186 -10.08 -42.30 36.66
CA LEU H 186 -10.74 -41.78 37.85
C LEU H 186 -9.70 -41.36 38.87
N PHE H 187 -9.96 -40.23 39.53
CA PHE H 187 -9.09 -39.71 40.59
C PHE H 187 -10.01 -39.25 41.72
N ILE H 188 -10.16 -40.09 42.74
CA ILE H 188 -11.09 -39.82 43.83
C ILE H 188 -10.32 -39.58 45.12
N VAL H 189 -10.98 -38.94 46.07
CA VAL H 189 -10.44 -38.67 47.39
C VAL H 189 -11.44 -39.14 48.43
N GLY H 190 -10.97 -39.90 49.41
CA GLY H 190 -11.83 -40.38 50.47
C GLY H 190 -11.21 -40.23 51.84
N ASP H 191 -11.97 -39.67 52.79
CA ASP H 191 -11.48 -39.43 54.15
C ASP H 191 -12.44 -40.09 55.14
N PRO H 192 -12.24 -41.38 55.47
CA PRO H 192 -13.05 -42.13 56.44
C PRO H 192 -13.31 -41.37 57.74
N TRP H 199 -23.23 -34.68 52.50
CA TRP H 199 -24.51 -35.14 51.96
C TRP H 199 -25.14 -36.12 52.93
N ARG H 200 -26.44 -35.95 53.19
CA ARG H 200 -27.09 -36.66 54.29
C ARG H 200 -27.28 -38.14 53.97
N GLY H 201 -27.74 -38.46 52.77
CA GLY H 201 -28.18 -39.80 52.45
C GLY H 201 -27.14 -40.73 51.90
N ALA H 202 -25.86 -40.43 52.07
CA ALA H 202 -24.80 -41.26 51.51
C ALA H 202 -24.29 -42.25 52.55
N GLU H 203 -23.38 -43.12 52.11
CA GLU H 203 -22.73 -44.07 52.99
C GLU H 203 -21.23 -44.11 52.71
N PRO H 204 -20.41 -44.19 53.75
CA PRO H 204 -18.96 -44.37 53.55
C PRO H 204 -18.56 -45.80 53.25
N GLU H 205 -19.50 -46.75 53.31
CA GLU H 205 -19.16 -48.15 53.11
C GLU H 205 -18.72 -48.42 51.68
N ASN H 206 -19.37 -47.79 50.70
CA ASN H 206 -19.06 -48.07 49.30
C ASN H 206 -17.61 -47.71 48.98
N PHE H 207 -17.14 -46.55 49.44
CA PHE H 207 -15.76 -46.15 49.20
C PHE H 207 -14.79 -47.08 49.93
N ASN H 208 -15.08 -47.38 51.21
CA ASN H 208 -14.20 -48.25 51.97
C ASN H 208 -14.18 -49.66 51.39
N GLY H 209 -15.34 -50.17 50.98
CA GLY H 209 -15.38 -51.46 50.31
C GLY H 209 -14.61 -51.45 49.00
N LEU H 210 -14.76 -50.37 48.23
CA LEU H 210 -14.07 -50.27 46.94
C LEU H 210 -12.56 -50.17 47.10
N ILE H 211 -12.07 -49.84 48.30
CA ILE H 211 -10.63 -49.74 48.51
C ILE H 211 -9.96 -51.09 48.27
N GLU H 212 -10.55 -52.16 48.79
CA GLU H 212 -10.00 -53.49 48.63
C GLU H 212 -10.71 -54.32 47.57
N ASN H 213 -11.93 -53.95 47.18
CA ASN H 213 -12.65 -54.72 46.17
C ASN H 213 -11.99 -54.57 44.80
N SER H 214 -11.47 -53.38 44.49
CA SER H 214 -10.88 -53.11 43.19
C SER H 214 -9.38 -53.33 43.25
N THR H 215 -8.87 -54.15 42.33
CA THR H 215 -7.43 -54.41 42.25
C THR H 215 -6.73 -53.50 41.25
N ASP H 216 -7.43 -53.05 40.22
CA ASP H 216 -6.85 -52.14 39.23
C ASP H 216 -6.61 -50.75 39.78
N PHE H 217 -7.14 -50.44 40.96
CA PHE H 217 -7.05 -49.11 41.54
C PHE H 217 -5.80 -49.01 42.41
N ASN H 218 -5.26 -47.79 42.52
CA ASN H 218 -4.04 -47.56 43.28
C ASN H 218 -4.38 -46.84 44.57
N LYS H 219 -3.86 -47.35 45.69
CA LYS H 219 -4.12 -46.79 47.03
C LYS H 219 -2.90 -46.01 47.47
N TYR H 220 -3.01 -44.69 47.47
CA TYR H 220 -1.94 -43.80 47.91
C TYR H 220 -2.39 -43.07 49.17
N HIS H 221 -1.55 -43.10 50.20
CA HIS H 221 -1.89 -42.55 51.51
C HIS H 221 -1.28 -41.16 51.65
N LEU H 222 -2.10 -40.21 52.11
CA LEU H 222 -1.67 -38.84 52.34
C LEU H 222 -1.95 -38.51 53.79
N THR H 223 -0.91 -38.08 54.51
CA THR H 223 -1.01 -37.86 55.95
C THR H 223 -1.71 -36.54 56.24
N SER H 224 -2.00 -36.31 57.53
CA SER H 224 -2.76 -35.12 57.91
C SER H 224 -1.96 -33.84 57.70
N ASN H 225 -0.71 -33.84 58.13
CA ASN H 225 0.13 -32.63 58.09
C ASN H 225 1.09 -32.74 56.91
N PHE H 226 0.99 -31.77 56.00
CA PHE H 226 1.91 -31.68 54.85
C PHE H 226 2.01 -30.24 54.37
N PRO H 322 -20.51 -32.23 63.08
CA PRO H 322 -20.65 -32.44 61.64
C PRO H 322 -21.22 -31.22 60.93
N ASN H 323 -22.26 -30.63 61.52
CA ASN H 323 -22.91 -29.45 60.95
C ASN H 323 -22.47 -28.16 61.65
N ALA H 324 -21.26 -28.15 62.22
CA ALA H 324 -20.79 -26.97 62.94
C ALA H 324 -20.64 -25.78 62.01
N THR H 325 -20.42 -26.03 60.72
CA THR H 325 -20.17 -24.94 59.78
C THR H 325 -21.42 -24.15 59.47
N LEU H 326 -22.59 -24.80 59.44
CA LEU H 326 -23.78 -24.13 58.94
C LEU H 326 -24.26 -23.04 59.89
N LEU H 327 -24.10 -23.23 61.20
CA LEU H 327 -24.45 -22.17 62.13
C LEU H 327 -23.36 -21.10 62.18
N LYS H 328 -22.11 -21.48 61.94
CA LYS H 328 -21.04 -20.48 61.87
C LYS H 328 -21.23 -19.55 60.68
N GLU H 329 -21.67 -20.10 59.54
CA GLU H 329 -21.87 -19.28 58.35
C GLU H 329 -23.00 -18.28 58.53
N VAL H 330 -24.11 -18.70 59.16
CA VAL H 330 -25.20 -17.76 59.37
C VAL H 330 -24.84 -16.75 60.46
N ILE H 331 -24.03 -17.16 61.44
CA ILE H 331 -23.60 -16.23 62.49
C ILE H 331 -22.81 -15.08 61.88
N LYS H 332 -21.88 -15.40 60.99
CA LYS H 332 -21.12 -14.35 60.31
C LYS H 332 -22.01 -13.57 59.34
N TYR H 333 -23.02 -14.23 58.77
CA TYR H 333 -23.97 -13.51 57.93
C TYR H 333 -24.80 -12.53 58.75
N VAL H 334 -25.13 -12.90 59.99
CA VAL H 334 -25.86 -12.00 60.87
C VAL H 334 -25.04 -10.75 61.14
N LYS H 335 -23.75 -10.91 61.42
CA LYS H 335 -22.85 -9.78 61.63
C LYS H 335 -22.56 -9.05 60.33
N ILE H 341 -26.30 -13.33 51.29
CA ILE H 341 -27.22 -14.46 51.34
C ILE H 341 -26.80 -15.50 50.29
N TYR H 342 -26.11 -15.03 49.24
CA TYR H 342 -25.61 -15.96 48.23
C TYR H 342 -24.35 -16.66 48.70
N ASP H 343 -23.71 -16.16 49.76
CA ASP H 343 -22.47 -16.77 50.23
C ASP H 343 -22.75 -18.02 51.05
N LEU H 344 -23.52 -17.90 52.13
CA LEU H 344 -23.80 -19.07 52.96
C LEU H 344 -24.68 -20.08 52.23
N ALA H 345 -25.43 -19.63 51.21
CA ALA H 345 -26.17 -20.58 50.38
C ALA H 345 -25.23 -21.40 49.52
N ALA H 346 -24.08 -20.85 49.15
CA ALA H 346 -23.11 -21.59 48.36
C ALA H 346 -22.43 -22.68 49.17
N GLU H 347 -22.29 -22.48 50.48
CA GLU H 347 -21.67 -23.49 51.33
C GLU H 347 -22.52 -24.75 51.47
N ILE H 348 -23.83 -24.65 51.20
CA ILE H 348 -24.68 -25.82 51.25
C ILE H 348 -24.33 -26.76 50.10
N VAL H 349 -24.60 -28.04 50.30
CA VAL H 349 -24.25 -29.05 49.29
C VAL H 349 -25.22 -28.94 48.12
N GLY H 350 -24.66 -28.87 46.91
CA GLY H 350 -25.45 -28.84 45.70
C GLY H 350 -25.92 -27.44 45.33
N ASN H 351 -26.42 -27.32 44.11
CA ASN H 351 -26.94 -26.06 43.61
C ASN H 351 -28.28 -25.77 44.29
N LEU H 352 -28.51 -24.50 44.62
CA LEU H 352 -29.71 -24.06 45.30
C LEU H 352 -30.51 -23.11 44.41
N SER H 353 -31.80 -23.38 44.29
CA SER H 353 -32.67 -22.52 43.49
C SER H 353 -32.80 -21.14 44.13
N SER H 354 -33.02 -20.12 43.29
CA SER H 354 -33.13 -18.76 43.79
C SER H 354 -34.32 -18.62 44.73
N ARG H 355 -35.45 -19.25 44.40
CA ARG H 355 -36.60 -19.23 45.30
C ARG H 355 -36.27 -19.91 46.62
N GLU H 356 -35.55 -21.03 46.56
CA GLU H 356 -35.16 -21.73 47.78
C GLU H 356 -34.22 -20.88 48.62
N ILE H 357 -33.29 -20.16 47.97
CA ILE H 357 -32.41 -19.25 48.69
C ILE H 357 -33.22 -18.14 49.35
N LYS H 358 -34.20 -17.60 48.64
CA LYS H 358 -35.04 -16.55 49.22
C LYS H 358 -35.82 -17.07 50.42
N GLU H 359 -36.32 -18.30 50.34
CA GLU H 359 -36.98 -18.91 51.50
C GLU H 359 -35.99 -19.08 52.65
N ILE H 360 -34.76 -19.47 52.34
CA ILE H 360 -33.71 -19.52 53.37
C ILE H 360 -33.47 -18.13 53.95
N GLN H 361 -33.48 -17.11 53.10
CA GLN H 361 -33.27 -15.75 53.59
C GLN H 361 -34.38 -15.31 54.54
N LYS H 362 -35.63 -15.62 54.20
CA LYS H 362 -36.75 -15.16 55.01
C LYS H 362 -36.85 -15.93 56.33
N ILE H 363 -36.24 -17.11 56.41
CA ILE H 363 -36.26 -17.85 57.66
C ILE H 363 -35.03 -17.53 58.50
N ILE H 364 -33.98 -17.01 57.88
CA ILE H 364 -32.76 -16.67 58.61
C ILE H 364 -32.89 -15.30 59.28
N ASN H 365 -33.43 -14.32 58.55
CA ASN H 365 -33.52 -12.97 59.09
C ASN H 365 -34.41 -12.88 60.32
N GLU H 366 -35.28 -13.86 60.53
CA GLU H 366 -36.08 -13.90 61.75
C GLU H 366 -35.20 -14.11 62.98
N LEU H 367 -34.09 -14.83 62.83
CA LEU H 367 -33.19 -15.07 63.95
C LEU H 367 -32.58 -13.78 64.45
N LEU H 368 -32.13 -12.92 63.53
CA LEU H 368 -31.49 -11.66 63.92
C LEU H 368 -32.54 -10.60 64.25
N ASN H 373 -36.19 -13.81 70.35
CA ASN H 373 -35.26 -14.11 71.44
C ASN H 373 -34.73 -15.54 71.34
N GLN H 374 -34.37 -16.11 72.49
CA GLN H 374 -33.82 -17.48 72.50
C GLN H 374 -34.86 -18.48 72.01
N VAL H 375 -36.11 -18.34 72.45
CA VAL H 375 -37.16 -19.27 72.04
C VAL H 375 -37.36 -19.19 70.53
N LEU H 376 -37.38 -17.98 69.97
CA LEU H 376 -37.47 -17.83 68.53
C LEU H 376 -36.26 -18.43 67.84
N ILE H 377 -35.10 -18.40 68.50
CA ILE H 377 -33.90 -18.99 67.92
C ILE H 377 -34.04 -20.51 67.80
N ASN H 378 -34.58 -21.15 68.84
CA ASN H 378 -34.73 -22.60 68.79
C ASN H 378 -35.69 -23.04 67.70
N GLN H 379 -36.81 -22.33 67.55
CA GLN H 379 -37.82 -22.76 66.59
C GLN H 379 -37.35 -22.56 65.14
N VAL H 380 -36.61 -21.48 64.87
CA VAL H 380 -36.10 -21.29 63.51
C VAL H 380 -35.02 -22.31 63.20
N LEU H 381 -34.29 -22.78 64.21
CA LEU H 381 -33.34 -23.86 64.00
C LEU H 381 -34.05 -25.18 63.70
N ILE H 382 -35.20 -25.41 64.36
CA ILE H 382 -35.89 -26.69 64.20
C ILE H 382 -36.41 -26.85 62.77
N ASN H 383 -37.10 -25.83 62.25
CA ASN H 383 -37.64 -25.94 60.91
C ASN H 383 -36.58 -25.73 59.83
N LEU H 384 -35.44 -25.13 60.18
CA LEU H 384 -34.30 -25.13 59.26
C LEU H 384 -33.83 -26.55 59.01
N PHE H 385 -33.72 -27.35 60.06
CA PHE H 385 -33.38 -28.76 59.91
C PHE H 385 -34.49 -29.52 59.20
N ALA H 386 -35.75 -29.17 59.48
CA ALA H 386 -36.87 -29.84 58.82
C ALA H 386 -36.87 -29.58 57.33
N LYS H 387 -36.58 -28.34 56.91
CA LYS H 387 -36.51 -28.04 55.49
C LYS H 387 -35.36 -28.78 54.82
N LEU H 388 -34.22 -28.86 55.50
CA LEU H 388 -33.06 -29.56 54.96
C LEU H 388 -33.24 -31.08 55.08
N ASP H 393 -29.17 -30.48 66.71
CA ASP H 393 -28.57 -30.98 67.95
C ASP H 393 -28.83 -30.03 69.11
N THR H 394 -28.96 -30.60 70.31
CA THR H 394 -29.19 -29.78 71.50
C THR H 394 -27.98 -28.91 71.83
N ARG H 395 -26.78 -29.41 71.56
CA ARG H 395 -25.57 -28.63 71.84
C ARG H 395 -25.47 -27.42 70.91
N GLU H 396 -25.80 -27.60 69.62
CA GLU H 396 -25.62 -26.54 68.65
C GLU H 396 -26.52 -25.35 68.94
N ILE H 397 -27.78 -25.60 69.31
CA ILE H 397 -28.69 -24.48 69.57
C ILE H 397 -28.25 -23.69 70.78
N THR H 398 -27.68 -24.36 71.78
CA THR H 398 -27.12 -23.64 72.94
C THR H 398 -25.94 -22.77 72.53
N ALA H 399 -25.08 -23.29 71.64
CA ALA H 399 -23.97 -22.49 71.14
C ALA H 399 -24.46 -21.27 70.37
N PHE H 400 -25.52 -21.45 69.58
CA PHE H 400 -26.11 -20.32 68.86
C PHE H 400 -26.65 -19.29 69.84
N THR H 401 -27.28 -19.73 70.93
CA THR H 401 -27.77 -18.81 71.94
C THR H 401 -26.63 -18.05 72.59
N GLU H 402 -25.49 -18.71 72.79
CA GLU H 402 -24.32 -18.04 73.36
C GLU H 402 -23.85 -16.90 72.47
N VAL H 403 -23.81 -17.12 71.17
CA VAL H 403 -23.37 -16.09 70.22
C VAL H 403 -24.57 -15.30 69.72
N LYS I 132 31.90 43.50 59.27
CA LYS I 132 32.38 43.44 57.90
C LYS I 132 31.24 43.15 56.94
N LEU I 133 31.31 43.72 55.74
CA LEU I 133 30.31 43.47 54.72
C LEU I 133 30.61 42.17 53.98
N GLN I 134 29.56 41.58 53.41
CA GLN I 134 29.71 40.30 52.72
C GLN I 134 30.61 40.44 51.49
N SER I 135 30.41 41.51 50.70
CA SER I 135 31.16 41.75 49.47
C SER I 135 31.23 40.51 48.59
N HIS I 136 30.06 39.88 48.41
CA HIS I 136 29.95 38.63 47.68
C HIS I 136 28.82 38.72 46.67
N ASN I 137 28.95 37.99 45.57
CA ASN I 137 27.93 37.95 44.52
C ASN I 137 27.16 36.64 44.50
N PHE I 138 27.85 35.51 44.65
CA PHE I 138 27.19 34.21 44.60
C PHE I 138 26.31 34.01 45.83
N ASN I 139 25.01 33.84 45.60
CA ASN I 139 24.06 33.70 46.70
C ASN I 139 24.26 32.36 47.41
N LEU I 140 23.86 32.32 48.67
CA LEU I 140 24.06 31.15 49.51
C LEU I 140 22.84 30.93 50.38
N ASN I 141 22.70 29.70 50.89
CA ASN I 141 21.56 29.31 51.70
C ASN I 141 22.01 28.95 53.10
N TYR I 142 21.06 28.96 54.02
CA TYR I 142 21.28 28.64 55.42
C TYR I 142 20.36 27.51 55.85
N ASN I 143 20.51 27.09 57.10
CA ASN I 143 19.64 26.06 57.68
C ASN I 143 18.33 26.71 58.09
N LEU I 144 17.24 26.36 57.40
CA LEU I 144 15.94 26.96 57.70
C LEU I 144 15.44 26.56 59.07
N LEU I 145 15.97 25.49 59.67
CA LEU I 145 15.64 25.17 61.05
C LEU I 145 16.16 26.24 61.99
N ASP I 146 17.35 26.77 61.72
CA ASP I 146 18.02 27.73 62.59
C ASP I 146 17.95 29.17 62.10
N ARG I 147 17.16 29.46 61.07
CA ARG I 147 17.03 30.84 60.62
C ARG I 147 16.17 31.65 61.59
N ILE I 148 15.24 31.00 62.29
CA ILE I 148 14.25 31.73 63.08
C ILE I 148 14.91 32.50 64.22
N GLN I 149 15.84 31.86 64.94
CA GLN I 149 16.39 32.46 66.14
C GLN I 149 17.40 33.56 65.84
N THR I 150 17.95 33.62 64.64
CA THR I 150 19.01 34.55 64.33
C THR I 150 18.44 35.82 63.68
N HIS I 151 19.33 36.73 63.30
CA HIS I 151 19.00 37.95 62.59
C HIS I 151 19.49 37.87 61.14
N PRO I 152 18.77 38.48 60.20
CA PRO I 152 19.21 38.43 58.80
C PRO I 152 20.62 38.96 58.59
N MET I 153 20.99 40.04 59.29
CA MET I 153 22.35 40.56 59.17
C MET I 153 23.34 39.71 59.96
N LEU I 154 22.86 38.91 60.91
CA LEU I 154 23.72 38.03 61.69
C LEU I 154 23.97 36.69 61.03
N LEU I 155 23.37 36.44 59.86
CA LEU I 155 23.54 35.16 59.19
C LEU I 155 24.91 35.05 58.53
N GLU I 156 25.60 36.17 58.29
CA GLU I 156 26.86 36.12 57.56
C GLU I 156 27.90 35.28 58.31
N THR I 157 27.99 35.45 59.63
CA THR I 157 28.92 34.64 60.41
C THR I 157 28.41 33.23 60.63
N LYS I 158 27.13 32.98 60.42
CA LYS I 158 26.55 31.67 60.65
C LYS I 158 26.99 30.71 59.54
N PRO I 159 26.88 29.41 59.79
CA PRO I 159 27.27 28.43 58.76
C PRO I 159 26.47 28.60 57.48
N CYS I 160 27.14 28.42 56.35
CA CYS I 160 26.53 28.59 55.04
C CYS I 160 26.80 27.35 54.18
N TYR I 161 25.93 27.14 53.20
CA TYR I 161 26.17 26.13 52.18
C TYR I 161 25.66 26.65 50.86
N LEU I 162 26.37 26.31 49.78
CA LEU I 162 26.03 26.82 48.47
C LEU I 162 24.95 25.97 47.82
N SER I 163 24.43 26.45 46.69
CA SER I 163 23.42 25.72 45.94
C SER I 163 24.08 24.64 45.10
N GLN I 164 23.29 23.60 44.79
CA GLN I 164 23.82 22.46 44.05
C GLN I 164 24.25 22.87 42.64
N GLU I 165 23.36 23.53 41.91
CA GLU I 165 23.70 24.00 40.57
C GLU I 165 24.74 25.09 40.63
N GLU I 166 24.66 25.97 41.64
CA GLU I 166 25.61 27.06 41.76
C GLU I 166 27.02 26.53 41.93
N SER I 167 27.19 25.46 42.71
CA SER I 167 28.51 24.86 42.90
C SER I 167 29.05 24.35 41.58
N TYR I 168 28.22 23.67 40.80
CA TYR I 168 28.66 23.18 39.50
C TYR I 168 28.99 24.33 38.55
N LYS I 169 28.16 25.36 38.54
CA LYS I 169 28.39 26.50 37.66
C LYS I 169 29.70 27.21 38.02
N ILE I 170 29.98 27.33 39.31
CA ILE I 170 31.24 27.94 39.74
C ILE I 170 32.43 27.13 39.24
N ILE I 171 32.36 25.81 39.42
CA ILE I 171 33.47 24.95 39.01
C ILE I 171 33.66 24.98 37.51
N ARG I 172 32.56 24.89 36.76
CA ARG I 172 32.65 24.90 35.30
C ARG I 172 33.26 26.21 34.80
N ASN I 173 32.78 27.33 35.35
CA ASN I 173 33.32 28.62 34.92
C ASN I 173 34.77 28.78 35.31
N HIS I 174 35.14 28.36 36.52
CA HIS I 174 36.54 28.47 36.95
C HIS I 174 37.45 27.59 36.11
N ILE I 175 37.00 26.38 35.78
CA ILE I 175 37.81 25.47 34.98
C ILE I 175 38.06 26.06 33.60
N LYS I 176 37.03 26.63 32.99
CA LYS I 176 37.18 27.19 31.65
C LYS I 176 38.21 28.31 31.62
N ALA I 177 38.17 29.18 32.63
CA ALA I 177 39.11 30.30 32.66
C ALA I 177 40.52 29.86 32.99
N ASN I 178 40.67 28.88 33.90
CA ASN I 178 41.97 28.54 34.44
C ASN I 178 42.64 27.36 33.74
N ILE I 179 41.96 26.69 32.81
CA ILE I 179 42.52 25.48 32.22
C ILE I 179 43.71 25.85 31.34
N ASN I 180 44.69 24.93 31.29
CA ASN I 180 45.83 25.08 30.40
C ASN I 180 45.56 24.25 29.15
N PRO I 181 45.34 24.87 27.99
CA PRO I 181 45.08 24.09 26.77
C PRO I 181 46.24 23.20 26.37
N LYS I 182 47.46 23.51 26.81
CA LYS I 182 48.62 22.73 26.38
C LYS I 182 48.64 21.35 27.05
N PHE I 183 48.36 21.30 28.34
CA PHE I 183 48.46 20.05 29.10
C PHE I 183 47.11 19.43 29.43
N ALA I 184 46.00 20.06 29.05
CA ALA I 184 44.68 19.54 29.40
C ALA I 184 43.67 20.00 28.36
N ARG I 185 42.52 19.32 28.36
CA ARG I 185 41.45 19.64 27.42
C ARG I 185 40.12 19.27 28.06
N ILE I 186 39.06 19.92 27.59
CA ILE I 186 37.70 19.63 28.03
C ILE I 186 37.00 18.92 26.88
N THR I 187 36.66 17.65 27.09
CA THR I 187 36.03 16.87 26.03
C THR I 187 34.57 17.25 25.86
N SER I 188 33.87 17.49 26.97
CA SER I 188 32.44 17.79 26.92
C SER I 188 32.10 18.76 28.04
N ASP I 189 31.59 19.93 27.67
CA ASP I 189 31.10 20.91 28.63
C ASP I 189 29.64 21.20 28.31
N TYR I 190 28.77 20.96 29.29
CA TYR I 190 27.34 21.16 29.11
C TYR I 190 26.76 21.60 30.44
N ASP I 191 25.52 22.08 30.38
CA ASP I 191 24.82 22.45 31.61
C ASP I 191 24.46 21.25 32.47
N PHE I 192 24.57 20.04 31.93
CA PHE I 192 24.25 18.84 32.68
C PHE I 192 25.47 17.95 32.96
N CYS I 193 26.56 18.14 32.23
CA CYS I 193 27.75 17.31 32.42
C CYS I 193 28.99 18.12 32.07
N LEU I 194 30.11 17.75 32.68
CA LEU I 194 31.38 18.40 32.42
C LEU I 194 32.48 17.36 32.57
N THR I 195 33.27 17.18 31.51
CA THR I 195 34.34 16.20 31.49
C THR I 195 35.65 16.89 31.15
N VAL I 196 36.67 16.68 31.98
CA VAL I 196 38.00 17.24 31.76
C VAL I 196 38.96 16.09 31.54
N VAL I 197 39.64 16.09 30.41
CA VAL I 197 40.59 15.05 30.06
C VAL I 197 42.00 15.58 30.28
N LYS I 198 42.94 14.65 30.47
CA LYS I 198 44.35 15.00 30.63
C LYS I 198 45.09 14.71 29.34
N VAL I 199 45.79 15.70 28.81
CA VAL I 199 46.50 15.58 27.55
C VAL I 199 47.97 15.31 27.86
N LEU I 200 48.46 14.14 27.45
CA LEU I 200 49.86 13.79 27.58
C LEU I 200 50.36 13.24 26.26
N GLU I 201 51.64 13.47 25.98
CA GLU I 201 52.23 13.12 24.69
C GLU I 201 53.24 12.00 24.86
N LEU I 202 53.59 11.39 23.74
CA LEU I 202 54.63 10.37 23.67
C LEU I 202 55.77 10.91 22.83
N TYR I 203 57.01 10.62 23.24
CA TYR I 203 58.16 10.98 22.42
C TYR I 203 58.05 10.35 21.04
N LYS I 204 58.07 9.03 20.99
CA LYS I 204 57.85 8.32 19.74
C LYS I 204 56.35 8.28 19.43
N PRO I 205 55.93 8.71 18.24
CA PRO I 205 54.52 8.57 17.88
C PRO I 205 54.12 7.10 17.88
N HIS I 206 52.88 6.85 18.28
CA HIS I 206 52.38 5.49 18.40
C HIS I 206 51.87 5.01 17.05
N GLU I 207 52.36 3.86 16.60
CA GLU I 207 51.92 3.25 15.36
C GLU I 207 50.86 2.20 15.68
N TYR I 208 49.73 2.26 14.99
CA TYR I 208 48.69 1.27 15.16
C TYR I 208 47.87 1.17 13.88
N ILE I 209 47.09 0.09 13.80
CA ILE I 209 46.25 -0.19 12.64
C ILE I 209 44.81 -0.30 13.11
N VAL I 210 43.88 0.23 12.30
CA VAL I 210 42.46 0.22 12.61
C VAL I 210 41.69 -0.24 11.39
N ASP I 211 40.42 -0.56 11.61
CA ASP I 211 39.49 -0.92 10.56
C ASP I 211 38.34 0.08 10.56
N LEU I 212 38.08 0.68 9.40
CA LEU I 212 36.84 1.44 9.22
C LEU I 212 35.66 0.54 8.85
N ASN I 213 35.91 -0.75 8.68
CA ASN I 213 34.85 -1.74 8.52
C ASN I 213 34.59 -2.51 9.80
N ALA I 214 35.20 -2.09 10.92
CA ALA I 214 35.10 -2.85 12.15
C ALA I 214 33.72 -2.77 12.79
N MET I 215 32.93 -1.74 12.47
CA MET I 215 31.60 -1.62 13.05
C MET I 215 30.64 -2.65 12.50
N TYR I 216 30.96 -3.28 11.38
CA TYR I 216 30.10 -4.29 10.76
C TYR I 216 30.88 -5.59 10.66
N LYS I 217 30.16 -6.71 10.75
CA LYS I 217 30.84 -7.99 10.85
C LYS I 217 30.98 -8.69 9.50
N ARG I 218 29.98 -8.57 8.62
CA ARG I 218 29.95 -9.44 7.45
C ARG I 218 31.03 -9.08 6.42
N ARG I 219 31.17 -7.80 6.10
CA ARG I 219 32.08 -7.42 5.02
C ARG I 219 33.53 -7.66 5.43
N LYS I 220 34.38 -7.91 4.44
CA LYS I 220 35.78 -8.21 4.67
C LYS I 220 36.47 -7.00 5.30
N PRO I 221 37.38 -7.21 6.26
CA PRO I 221 38.01 -6.06 6.91
C PRO I 221 39.16 -5.52 6.07
N LYS I 222 39.28 -4.20 6.03
CA LYS I 222 40.36 -3.51 5.35
C LYS I 222 41.11 -2.66 6.36
N LEU I 223 42.44 -2.72 6.30
CA LEU I 223 43.30 -2.16 7.32
C LEU I 223 43.78 -0.77 6.90
N GLU I 224 43.82 0.15 7.85
CA GLU I 224 44.30 1.50 7.61
C GLU I 224 45.17 1.96 8.77
N LYS I 225 46.30 2.58 8.45
CA LYS I 225 47.25 3.00 9.47
C LYS I 225 46.93 4.40 9.98
N ARG I 226 47.18 4.61 11.27
CA ARG I 226 47.12 5.94 11.87
C ARG I 226 48.29 6.09 12.82
N PHE I 227 48.65 7.34 13.10
CA PHE I 227 49.80 7.67 13.93
C PHE I 227 49.34 8.66 14.99
N GLN I 228 49.26 8.21 16.24
CA GLN I 228 48.80 9.04 17.35
C GLN I 228 49.99 9.35 18.26
N THR I 229 50.21 10.64 18.52
CA THR I 229 51.26 11.08 19.41
C THR I 229 50.75 11.62 20.73
N LYS I 230 49.45 11.88 20.84
CA LYS I 230 48.85 12.44 22.04
C LYS I 230 47.91 11.42 22.64
N ARG I 231 48.12 11.09 23.91
CA ARG I 231 47.28 10.15 24.63
C ARG I 231 46.45 10.91 25.66
N GLU I 232 45.14 10.67 25.68
CA GLU I 232 44.22 11.37 26.55
C GLU I 232 43.69 10.42 27.61
N VAL I 233 43.83 10.80 28.87
CA VAL I 233 43.29 10.03 29.99
C VAL I 233 42.31 10.90 30.75
N GLU I 234 41.21 10.31 31.16
CA GLU I 234 40.16 11.04 31.85
C GLU I 234 40.60 11.31 33.28
N ILE I 235 40.48 12.57 33.72
CA ILE I 235 40.91 12.94 35.07
C ILE I 235 39.83 13.61 35.89
N TYR I 236 38.85 14.29 35.29
CA TYR I 236 37.81 14.94 36.07
C TYR I 236 36.52 15.01 35.28
N LYS I 237 35.47 14.40 35.82
CA LYS I 237 34.13 14.50 35.27
C LYS I 237 33.19 14.81 36.41
N VAL I 238 32.16 15.59 36.14
CA VAL I 238 31.31 16.12 37.20
C VAL I 238 30.01 16.62 36.57
N ALA I 239 28.91 16.44 37.30
CA ALA I 239 27.60 16.89 36.85
C ALA I 239 26.87 17.61 37.97
N PRO I 240 26.03 18.58 37.64
CA PRO I 240 25.23 19.25 38.68
C PRO I 240 24.12 18.37 39.23
N LYS I 241 23.76 17.30 38.54
CA LYS I 241 22.62 16.48 38.91
C LYS I 241 22.84 15.10 38.34
N ALA I 242 21.93 14.18 38.66
CA ALA I 242 22.06 12.79 38.26
C ALA I 242 21.95 12.69 36.75
N TYR I 243 23.08 12.48 36.08
CA TYR I 243 23.12 12.29 34.64
C TYR I 243 24.16 11.24 34.32
N GLN I 244 23.73 10.14 33.71
CA GLN I 244 24.62 9.06 33.27
C GLN I 244 25.37 8.55 34.50
N SER I 245 26.67 8.27 34.38
CA SER I 245 27.49 7.84 35.50
C SER I 245 28.33 8.97 36.08
N TYR I 246 28.03 10.20 35.70
CA TYR I 246 28.81 11.33 36.19
C TYR I 246 28.61 11.50 37.69
N PRO I 247 29.67 11.72 38.46
CA PRO I 247 29.49 11.96 39.90
C PRO I 247 28.86 13.31 40.15
N ILE I 248 27.82 13.32 40.99
CA ILE I 248 27.12 14.56 41.29
C ILE I 248 28.02 15.45 42.13
N VAL I 249 28.17 16.71 41.70
CA VAL I 249 29.02 17.63 42.45
C VAL I 249 28.40 17.89 43.82
N GLU I 250 29.26 18.21 44.77
CA GLU I 250 28.83 18.46 46.13
C GLU I 250 28.74 19.96 46.40
N PRO I 251 27.78 20.39 47.21
CA PRO I 251 27.65 21.82 47.51
C PRO I 251 28.75 22.27 48.47
N PHE I 252 29.33 23.42 48.19
CA PHE I 252 30.33 23.99 49.07
C PHE I 252 29.69 24.42 50.38
N SER I 253 30.33 24.08 51.49
CA SER I 253 29.83 24.40 52.82
C SER I 253 30.89 25.15 53.60
N GLY I 254 30.46 26.17 54.34
CA GLY I 254 31.37 26.96 55.15
C GLY I 254 30.75 27.45 56.44
N LYS I 255 31.51 27.40 57.53
CA LYS I 255 31.00 27.91 58.80
C LYS I 255 30.78 29.41 58.75
N ASP I 256 31.46 30.10 57.85
CA ASP I 256 31.33 31.54 57.70
C ASP I 256 31.45 31.88 56.22
N VAL I 257 30.89 33.03 55.84
CA VAL I 257 30.89 33.43 54.43
C VAL I 257 32.31 33.50 53.90
N GLU I 258 33.21 34.15 54.64
CA GLU I 258 34.61 34.17 54.24
C GLU I 258 35.22 32.78 54.34
N ASP I 259 34.84 32.01 55.37
CA ASP I 259 35.29 30.63 55.47
C ASP I 259 34.80 29.82 54.29
N LEU I 260 33.55 30.02 53.87
CA LEU I 260 33.04 29.39 52.66
C LEU I 260 33.82 29.83 51.44
N LYS I 261 34.17 31.12 51.38
CA LYS I 261 34.98 31.63 50.27
C LYS I 261 36.34 30.93 50.23
N SER I 262 36.97 30.76 51.40
CA SER I 262 38.25 30.08 51.45
C SER I 262 38.12 28.63 50.98
N ASN I 263 37.06 27.94 51.42
CA ASN I 263 36.86 26.55 51.01
C ASN I 263 36.71 26.45 49.50
N ILE I 264 35.91 27.35 48.91
CA ILE I 264 35.74 27.35 47.46
C ILE I 264 37.06 27.66 46.78
N LYS I 265 37.76 28.69 47.27
CA LYS I 265 39.02 29.10 46.66
C LYS I 265 40.05 27.98 46.74
N LYS I 266 40.22 27.39 47.92
CA LYS I 266 41.22 26.34 48.09
C LYS I 266 40.88 25.11 47.25
N PHE I 267 39.60 24.72 47.22
CA PHE I 267 39.20 23.55 46.44
C PHE I 267 39.48 23.77 44.96
N LEU I 268 39.20 24.98 44.46
CA LEU I 268 39.47 25.27 43.06
C LEU I 268 40.97 25.23 42.75
N ASP I 269 41.79 25.73 43.69
CA ASP I 269 43.22 25.82 43.42
C ASP I 269 43.84 24.45 43.22
N ASP I 270 43.61 23.53 44.17
CA ASP I 270 44.23 22.21 44.08
C ASP I 270 43.62 21.37 42.96
N LEU I 271 42.30 21.47 42.77
CA LEU I 271 41.68 20.79 41.64
C LEU I 271 42.24 21.30 40.32
N MET I 272 42.36 22.62 40.19
CA MET I 272 42.92 23.19 38.97
C MET I 272 44.40 22.84 38.84
N ALA I 273 45.12 22.80 39.97
CA ALA I 273 46.56 22.51 39.94
C ALA I 273 46.83 21.09 39.43
N LYS I 274 46.03 20.12 39.88
CA LYS I 274 46.24 18.74 39.43
C LYS I 274 45.92 18.56 37.95
N ILE I 275 45.27 19.55 37.33
CA ILE I 275 44.96 19.48 35.91
C ILE I 275 45.99 20.26 35.09
N ASN I 276 46.35 21.47 35.54
CA ASN I 276 47.28 22.28 34.77
C ASN I 276 48.67 21.68 34.73
N GLU I 277 49.12 21.07 35.82
CA GLU I 277 50.49 20.62 35.92
C GLU I 277 50.77 19.58 34.84
N PRO I 278 51.88 19.69 34.11
CA PRO I 278 52.10 18.81 32.96
C PRO I 278 52.56 17.43 33.37
N LEU I 279 52.18 16.45 32.56
CA LEU I 279 52.61 15.08 32.72
C LEU I 279 53.05 14.52 31.38
N VAL I 280 54.17 13.80 31.37
CA VAL I 280 54.65 13.11 30.19
C VAL I 280 55.03 11.68 30.58
N GLU I 281 54.98 10.79 29.60
CA GLU I 281 55.32 9.39 29.86
C GLU I 281 56.81 9.28 30.19
N CYS I 282 57.23 8.08 30.58
CA CYS I 282 58.62 7.81 30.89
C CYS I 282 59.21 6.89 29.82
N LYS I 283 60.34 7.30 29.25
CA LYS I 283 61.00 6.46 28.25
C LYS I 283 61.70 5.28 28.88
N CYS I 284 61.96 5.33 30.19
CA CYS I 284 62.55 4.19 30.89
C CYS I 284 61.64 2.97 30.85
N CYS I 285 60.33 3.17 30.64
CA CYS I 285 59.39 2.07 30.56
C CYS I 285 58.42 2.26 29.40
N LYS I 286 58.81 3.03 28.39
CA LYS I 286 58.09 3.26 27.15
C LYS I 286 56.58 3.43 27.34
N GLY I 287 56.18 4.14 28.39
CA GLY I 287 54.79 4.51 28.58
C GLY I 287 54.03 3.77 29.65
N ARG I 288 54.69 2.96 30.48
CA ARG I 288 53.96 2.28 31.55
C ARG I 288 53.61 3.23 32.70
N GLY I 289 54.31 4.36 32.82
CA GLY I 289 54.03 5.31 33.87
C GLY I 289 54.41 6.71 33.43
N VAL I 290 53.77 7.69 34.07
CA VAL I 290 53.90 9.09 33.70
C VAL I 290 54.92 9.76 34.60
N ILE I 291 55.42 10.91 34.17
CA ILE I 291 56.45 11.63 34.92
C ILE I 291 56.41 13.10 34.53
N LEU I 292 56.77 13.96 35.48
CA LEU I 292 56.89 15.38 35.19
C LEU I 292 58.02 15.62 34.21
N ASN I 293 57.77 16.48 33.23
CA ASN I 293 58.77 16.78 32.21
C ASN I 293 59.78 17.83 32.69
N LYS J 132 35.76 -70.86 4.86
CA LYS J 132 36.66 -69.74 4.69
C LYS J 132 35.95 -68.58 3.99
N LEU J 133 34.73 -68.85 3.51
CA LEU J 133 33.96 -67.82 2.83
C LEU J 133 33.62 -66.69 3.80
N GLN J 134 33.64 -65.46 3.28
CA GLN J 134 33.43 -64.29 4.13
C GLN J 134 32.03 -64.29 4.74
N SER J 135 31.00 -64.57 3.93
CA SER J 135 29.60 -64.55 4.37
C SER J 135 29.27 -63.26 5.12
N HIS J 136 29.66 -62.13 4.54
CA HIS J 136 29.48 -60.82 5.14
C HIS J 136 28.43 -60.04 4.35
N ASN J 137 27.44 -59.50 5.07
CA ASN J 137 26.43 -58.66 4.42
C ASN J 137 27.00 -57.31 4.03
N PHE J 138 27.74 -56.68 4.93
CA PHE J 138 28.33 -55.37 4.65
C PHE J 138 29.50 -55.53 3.67
N ASN J 139 29.57 -54.64 2.69
CA ASN J 139 30.60 -54.72 1.66
C ASN J 139 31.89 -54.07 2.17
N LEU J 140 33.01 -54.56 1.63
CA LEU J 140 34.34 -54.07 1.99
C LEU J 140 35.09 -53.67 0.74
N ASN J 141 35.74 -52.51 0.78
CA ASN J 141 36.56 -52.04 -0.32
C ASN J 141 38.02 -51.94 0.11
N TYR J 142 38.91 -52.32 -0.80
CA TYR J 142 40.34 -52.42 -0.52
C TYR J 142 41.09 -51.27 -1.19
N ASN J 143 42.40 -51.26 -0.99
CA ASN J 143 43.24 -50.23 -1.59
C ASN J 143 43.32 -50.41 -3.09
N LEU J 144 43.38 -49.28 -3.81
CA LEU J 144 43.44 -49.34 -5.26
C LEU J 144 44.71 -50.01 -5.75
N LEU J 145 45.84 -49.75 -5.09
CA LEU J 145 47.09 -50.38 -5.48
C LEU J 145 47.08 -51.87 -5.17
N ASP J 146 46.44 -52.25 -4.06
CA ASP J 146 46.43 -53.65 -3.66
C ASP J 146 45.65 -54.51 -4.64
N ARG J 147 44.55 -53.99 -5.18
CA ARG J 147 43.68 -54.79 -6.06
C ARG J 147 44.43 -55.26 -7.29
N ILE J 148 45.29 -54.42 -7.85
CA ILE J 148 45.95 -54.75 -9.11
C ILE J 148 46.82 -55.99 -8.96
N GLN J 149 47.53 -56.11 -7.84
CA GLN J 149 48.44 -57.23 -7.66
C GLN J 149 47.68 -58.52 -7.32
N THR J 150 46.95 -58.52 -6.20
CA THR J 150 46.30 -59.74 -5.74
C THR J 150 45.07 -60.06 -6.58
N HIS J 151 44.72 -61.34 -6.59
CA HIS J 151 43.51 -61.79 -7.27
C HIS J 151 42.27 -61.34 -6.51
N PRO J 152 41.18 -61.01 -7.22
CA PRO J 152 39.96 -60.62 -6.53
C PRO J 152 39.42 -61.67 -5.58
N MET J 153 39.56 -62.95 -5.91
CA MET J 153 39.11 -64.00 -5.01
C MET J 153 39.95 -64.03 -3.73
N LEU J 154 41.25 -63.72 -3.86
CA LEU J 154 42.14 -63.67 -2.72
C LEU J 154 42.22 -62.29 -2.10
N LEU J 155 41.40 -61.35 -2.56
CA LEU J 155 41.36 -60.02 -1.94
C LEU J 155 40.81 -60.06 -0.53
N GLU J 156 40.14 -61.15 -0.15
CA GLU J 156 39.50 -61.22 1.16
C GLU J 156 40.52 -61.12 2.29
N THR J 157 41.65 -61.81 2.17
CA THR J 157 42.63 -61.80 3.24
C THR J 157 43.41 -60.50 3.28
N LYS J 158 43.36 -59.70 2.21
CA LYS J 158 44.08 -58.45 2.17
C LYS J 158 43.49 -57.43 3.13
N PRO J 159 44.27 -56.44 3.55
CA PRO J 159 43.74 -55.40 4.42
C PRO J 159 42.58 -54.66 3.78
N CYS J 160 41.61 -54.28 4.60
CA CYS J 160 40.38 -53.68 4.11
C CYS J 160 39.92 -52.60 5.09
N TYR J 161 39.12 -51.67 4.57
CA TYR J 161 38.49 -50.65 5.39
C TYR J 161 37.03 -50.54 5.00
N LEU J 162 36.23 -50.00 5.90
CA LEU J 162 34.80 -49.84 5.68
C LEU J 162 34.49 -48.41 5.27
N SER J 163 33.32 -48.24 4.65
CA SER J 163 32.87 -46.91 4.25
C SER J 163 32.49 -46.09 5.47
N GLN J 164 32.73 -44.78 5.38
CA GLN J 164 32.40 -43.89 6.49
C GLN J 164 30.90 -43.90 6.79
N GLU J 165 30.08 -43.77 5.76
CA GLU J 165 28.63 -43.85 5.96
C GLU J 165 28.23 -45.22 6.45
N GLU J 166 28.83 -46.27 5.90
CA GLU J 166 28.54 -47.63 6.35
C GLU J 166 28.93 -47.82 7.81
N SER J 167 30.08 -47.28 8.21
CA SER J 167 30.52 -47.39 9.60
C SER J 167 29.53 -46.70 10.54
N TYR J 168 29.08 -45.50 10.17
CA TYR J 168 28.10 -44.80 10.98
C TYR J 168 26.77 -45.57 11.03
N LYS J 169 26.36 -46.12 9.89
CA LYS J 169 25.12 -46.89 9.85
C LYS J 169 25.20 -48.12 10.74
N ILE J 170 26.36 -48.78 10.75
CA ILE J 170 26.54 -49.95 11.61
C ILE J 170 26.42 -49.54 13.07
N ILE J 171 27.08 -48.45 13.46
CA ILE J 171 27.07 -48.00 14.84
C ILE J 171 25.66 -47.59 15.25
N ARG J 172 24.97 -46.83 14.40
CA ARG J 172 23.63 -46.36 14.73
C ARG J 172 22.67 -47.53 14.93
N ASN J 173 22.72 -48.50 14.01
CA ASN J 173 21.82 -49.65 14.11
C ASN J 173 22.10 -50.47 15.35
N HIS J 174 23.38 -50.71 15.65
CA HIS J 174 23.72 -51.51 16.82
C HIS J 174 23.34 -50.81 18.12
N ILE J 175 23.57 -49.50 18.19
CA ILE J 175 23.24 -48.76 19.41
C ILE J 175 21.74 -48.79 19.67
N LYS J 176 20.93 -48.62 18.62
CA LYS J 176 19.49 -48.62 18.79
C LYS J 176 19.01 -49.95 19.37
N ALA J 177 19.57 -51.06 18.89
CA ALA J 177 19.12 -52.37 19.35
C ALA J 177 19.60 -52.67 20.76
N ASN J 178 20.78 -52.18 21.13
CA ASN J 178 21.45 -52.61 22.35
C ASN J 178 21.37 -51.61 23.49
N ILE J 179 20.76 -50.44 23.28
CA ILE J 179 20.75 -49.40 24.30
C ILE J 179 19.79 -49.80 25.41
N ASN J 180 20.22 -49.60 26.66
CA ASN J 180 19.36 -49.80 27.81
C ASN J 180 18.58 -48.53 28.08
N PRO J 181 17.25 -48.54 27.98
CA PRO J 181 16.49 -47.29 28.20
C PRO J 181 16.68 -46.70 29.59
N LYS J 182 16.87 -47.54 30.61
CA LYS J 182 17.04 -47.02 31.97
C LYS J 182 18.42 -46.41 32.17
N PHE J 183 19.43 -46.92 31.47
CA PHE J 183 20.79 -46.45 31.70
C PHE J 183 21.10 -45.21 30.87
N ALA J 184 20.71 -45.21 29.61
CA ALA J 184 21.04 -44.13 28.70
C ALA J 184 19.92 -43.96 27.68
N ARG J 185 19.88 -42.80 27.05
CA ARG J 185 18.84 -42.48 26.09
C ARG J 185 19.46 -41.80 24.88
N ILE J 186 18.87 -42.03 23.71
CA ILE J 186 19.33 -41.38 22.48
C ILE J 186 18.54 -40.09 22.30
N THR J 187 19.21 -38.95 22.46
CA THR J 187 18.53 -37.67 22.35
C THR J 187 18.16 -37.37 20.90
N SER J 188 19.03 -37.72 19.96
CA SER J 188 18.78 -37.40 18.55
C SER J 188 19.47 -38.43 17.67
N ASP J 189 18.67 -39.17 16.90
CA ASP J 189 19.18 -40.10 15.90
C ASP J 189 18.73 -39.61 14.53
N TYR J 190 19.68 -39.42 13.63
CA TYR J 190 19.41 -38.92 12.29
C TYR J 190 20.43 -39.51 11.34
N ASP J 191 20.15 -39.38 10.05
CA ASP J 191 21.09 -39.86 9.04
C ASP J 191 22.34 -39.01 8.98
N PHE J 192 22.34 -37.83 9.62
CA PHE J 192 23.49 -36.95 9.61
C PHE J 192 24.12 -36.76 10.98
N CYS J 193 23.43 -37.11 12.06
CA CYS J 193 23.97 -36.93 13.40
C CYS J 193 23.37 -37.98 14.32
N LEU J 194 24.13 -38.32 15.37
CA LEU J 194 23.66 -39.24 16.39
C LEU J 194 24.21 -38.80 17.73
N THR J 195 23.34 -38.67 18.72
CA THR J 195 23.74 -38.24 20.06
C THR J 195 23.17 -39.19 21.08
N VAL J 196 24.02 -39.68 21.98
CA VAL J 196 23.63 -40.56 23.07
C VAL J 196 23.88 -39.82 24.37
N VAL J 197 22.86 -39.74 25.20
CA VAL J 197 22.98 -39.11 26.52
C VAL J 197 23.01 -40.20 27.57
N LYS J 198 23.68 -39.93 28.68
CA LYS J 198 23.75 -40.85 29.81
C LYS J 198 22.81 -40.37 30.90
N VAL J 199 21.92 -41.27 31.34
CA VAL J 199 20.89 -40.94 32.32
C VAL J 199 21.30 -41.51 33.66
N LEU J 200 21.32 -40.66 34.68
CA LEU J 200 21.59 -41.09 36.04
C LEU J 200 20.51 -40.50 36.96
N GLU J 201 20.19 -41.25 38.01
CA GLU J 201 19.08 -40.92 38.89
C GLU J 201 19.60 -40.43 40.23
N LEU J 202 19.05 -39.33 40.72
CA LEU J 202 19.36 -38.83 42.05
C LEU J 202 18.33 -39.36 43.05
N TYR J 203 18.82 -39.91 44.16
CA TYR J 203 17.90 -40.45 45.17
C TYR J 203 16.97 -39.37 45.69
N LYS J 204 17.50 -38.21 46.01
CA LYS J 204 16.68 -37.07 46.41
C LYS J 204 16.27 -36.28 45.18
N PRO J 205 14.97 -36.04 44.97
CA PRO J 205 14.57 -35.19 43.85
C PRO J 205 15.15 -33.79 43.98
N HIS J 206 15.58 -33.23 42.85
CA HIS J 206 16.21 -31.92 42.82
C HIS J 206 15.17 -30.86 42.52
N GLU J 207 15.16 -29.80 43.33
CA GLU J 207 14.20 -28.72 43.21
C GLU J 207 14.95 -27.46 42.78
N TYR J 208 14.49 -26.84 41.70
CA TYR J 208 15.12 -25.62 41.21
C TYR J 208 14.07 -24.72 40.58
N ILE J 209 14.40 -23.44 40.51
CA ILE J 209 13.48 -22.40 40.05
C ILE J 209 13.81 -22.07 38.60
N VAL J 210 12.78 -22.07 37.75
CA VAL J 210 12.91 -21.65 36.36
C VAL J 210 12.07 -20.38 36.17
N ASP J 211 12.30 -19.72 35.04
CA ASP J 211 11.59 -18.50 34.68
C ASP J 211 11.13 -18.62 33.24
N LEU J 212 9.82 -18.75 33.03
CA LEU J 212 9.28 -18.79 31.69
C LEU J 212 9.32 -17.42 31.00
N ASN J 213 9.67 -16.36 31.73
CA ASN J 213 9.88 -15.04 31.14
C ASN J 213 11.35 -14.75 30.90
N ALA J 214 12.21 -15.77 30.97
CA ALA J 214 13.65 -15.54 30.84
C ALA J 214 14.02 -15.08 29.43
N MET J 215 13.31 -15.55 28.41
CA MET J 215 13.67 -15.20 27.03
C MET J 215 13.40 -13.74 26.70
N TYR J 216 12.57 -13.06 27.49
CA TYR J 216 12.18 -11.68 27.21
C TYR J 216 12.67 -10.81 28.36
N LYS J 217 13.62 -9.93 28.07
CA LYS J 217 14.23 -9.11 29.11
C LYS J 217 13.26 -8.06 29.63
N ARG J 218 12.45 -7.48 28.74
CA ARG J 218 11.63 -6.33 29.14
C ARG J 218 10.56 -6.71 30.15
N ARG J 219 9.93 -7.87 29.96
CA ARG J 219 8.82 -8.25 30.83
C ARG J 219 9.33 -8.60 32.22
N LYS J 220 8.45 -8.42 33.21
CA LYS J 220 8.82 -8.66 34.60
C LYS J 220 9.08 -10.15 34.83
N PRO J 221 9.99 -10.50 35.73
CA PRO J 221 10.27 -11.91 35.99
C PRO J 221 9.10 -12.59 36.67
N LYS J 222 9.02 -13.91 36.48
CA LYS J 222 7.96 -14.71 37.08
C LYS J 222 8.52 -16.09 37.36
N LEU J 223 8.83 -16.38 38.62
CA LEU J 223 9.50 -17.61 39.00
C LEU J 223 8.51 -18.75 39.13
N GLU J 224 8.97 -19.96 38.82
CA GLU J 224 8.15 -21.16 38.92
C GLU J 224 9.02 -22.30 39.47
N LYS J 225 8.51 -22.99 40.47
CA LYS J 225 9.24 -24.13 41.04
C LYS J 225 9.04 -25.37 40.19
N ARG J 226 10.13 -26.11 39.98
CA ARG J 226 10.09 -27.30 39.15
C ARG J 226 10.89 -28.40 39.81
N PHE J 227 10.39 -29.64 39.67
CA PHE J 227 10.99 -30.80 40.31
C PHE J 227 11.62 -31.70 39.25
N GLN J 228 12.84 -32.14 39.51
CA GLN J 228 13.54 -33.05 38.61
C GLN J 228 14.09 -34.22 39.41
N THR J 229 14.19 -35.38 38.76
CA THR J 229 14.62 -36.60 39.44
C THR J 229 15.75 -37.33 38.73
N LYS J 230 15.91 -37.18 37.42
CA LYS J 230 16.99 -37.84 36.69
C LYS J 230 17.73 -36.81 35.86
N ARG J 231 19.05 -36.76 36.03
CA ARG J 231 19.89 -35.83 35.28
C ARG J 231 20.54 -36.55 34.12
N GLU J 232 20.50 -35.93 32.94
CA GLU J 232 21.05 -36.51 31.72
C GLU J 232 22.32 -35.77 31.34
N VAL J 233 23.40 -36.51 31.13
CA VAL J 233 24.69 -35.96 30.76
C VAL J 233 25.13 -36.62 29.46
N GLU J 234 25.57 -35.80 28.50
CA GLU J 234 26.01 -36.32 27.22
C GLU J 234 27.21 -37.23 27.39
N ILE J 235 27.18 -38.38 26.71
CA ILE J 235 28.22 -39.39 26.83
C ILE J 235 28.91 -39.67 25.50
N TYR J 236 28.14 -39.84 24.43
CA TYR J 236 28.74 -40.18 23.14
C TYR J 236 27.87 -39.63 22.02
N LYS J 237 28.50 -38.88 21.10
CA LYS J 237 27.84 -38.40 19.90
C LYS J 237 28.79 -38.55 18.73
N VAL J 238 28.22 -38.80 17.55
CA VAL J 238 29.02 -39.03 16.35
C VAL J 238 28.17 -38.69 15.13
N ALA J 239 28.82 -38.48 14.00
CA ALA J 239 28.15 -38.17 12.74
C ALA J 239 28.86 -38.87 11.59
N PRO J 240 28.15 -39.20 10.52
CA PRO J 240 28.81 -39.80 9.36
C PRO J 240 29.61 -38.81 8.54
N LYS J 241 29.38 -37.52 8.71
CA LYS J 241 30.01 -36.51 7.88
C LYS J 241 30.01 -35.20 8.66
N ALA J 242 30.68 -34.19 8.09
CA ALA J 242 30.81 -32.91 8.76
C ALA J 242 29.47 -32.24 8.95
N TYR J 243 28.98 -32.21 10.18
CA TYR J 243 27.72 -31.55 10.51
C TYR J 243 27.85 -30.91 11.87
N GLN J 244 27.80 -29.58 11.90
CA GLN J 244 27.89 -28.79 13.14
C GLN J 244 29.20 -29.16 13.83
N SER J 245 29.22 -29.42 15.13
CA SER J 245 30.44 -29.76 15.85
C SER J 245 30.56 -31.25 16.11
N TYR J 246 29.75 -32.07 15.45
CA TYR J 246 29.77 -33.50 15.71
C TYR J 246 31.08 -34.11 15.21
N PRO J 247 31.68 -35.02 15.97
CA PRO J 247 32.90 -35.68 15.51
C PRO J 247 32.61 -36.69 14.41
N ILE J 248 33.52 -36.74 13.43
CA ILE J 248 33.34 -37.64 12.29
C ILE J 248 33.60 -39.08 12.74
N VAL J 249 32.75 -40.00 12.29
CA VAL J 249 32.92 -41.40 12.64
C VAL J 249 34.15 -41.96 11.96
N GLU J 250 34.97 -42.67 12.72
CA GLU J 250 36.15 -43.30 12.14
C GLU J 250 35.74 -44.52 11.32
N PRO J 251 36.22 -44.66 10.09
CA PRO J 251 35.89 -45.84 9.29
C PRO J 251 36.60 -47.07 9.82
N PHE J 252 35.85 -48.16 9.96
CA PHE J 252 36.44 -49.41 10.44
C PHE J 252 37.40 -49.96 9.40
N SER J 253 38.58 -50.39 9.86
CA SER J 253 39.60 -50.97 8.99
C SER J 253 40.19 -52.20 9.66
N GLY J 254 40.39 -53.24 8.88
CA GLY J 254 40.95 -54.48 9.38
C GLY J 254 41.85 -55.12 8.36
N LYS J 255 42.88 -55.83 8.86
CA LYS J 255 43.80 -56.52 7.98
C LYS J 255 43.12 -57.69 7.28
N ASP J 256 42.09 -58.26 7.88
CA ASP J 256 41.35 -59.37 7.32
C ASP J 256 39.87 -59.17 7.56
N VAL J 257 39.05 -59.77 6.70
CA VAL J 257 37.60 -59.59 6.80
C VAL J 257 37.10 -60.05 8.16
N GLU J 258 37.51 -61.24 8.58
CA GLU J 258 37.15 -61.70 9.91
C GLU J 258 37.85 -60.89 10.99
N ASP J 259 39.09 -60.44 10.72
CA ASP J 259 39.76 -59.54 11.63
C ASP J 259 38.99 -58.22 11.77
N LEU J 260 38.50 -57.69 10.66
CA LEU J 260 37.67 -56.49 10.71
C LEU J 260 36.39 -56.75 11.49
N LYS J 261 35.81 -57.94 11.30
CA LYS J 261 34.58 -58.28 12.03
C LYS J 261 34.82 -58.26 13.53
N SER J 262 35.94 -58.81 13.99
CA SER J 262 36.27 -58.78 15.40
C SER J 262 36.49 -57.35 15.89
N ASN J 263 37.21 -56.54 15.10
CA ASN J 263 37.46 -55.16 15.49
C ASN J 263 36.15 -54.39 15.62
N ILE J 264 35.25 -54.56 14.66
CA ILE J 264 33.95 -53.91 14.73
C ILE J 264 33.17 -54.40 15.94
N LYS J 265 33.19 -55.71 16.17
CA LYS J 265 32.45 -56.27 17.30
C LYS J 265 32.99 -55.75 18.63
N LYS J 266 34.31 -55.87 18.84
CA LYS J 266 34.89 -55.46 20.11
C LYS J 266 34.73 -53.96 20.33
N PHE J 267 34.79 -53.18 19.26
CA PHE J 267 34.51 -51.74 19.38
C PHE J 267 33.09 -51.50 19.82
N LEU J 268 32.15 -52.30 19.31
CA LEU J 268 30.75 -52.12 19.65
C LEU J 268 30.49 -52.49 21.11
N ASP J 269 31.09 -53.57 21.60
CA ASP J 269 30.80 -54.00 22.97
C ASP J 269 31.32 -53.00 23.99
N ASP J 270 32.59 -52.59 23.88
CA ASP J 270 33.15 -51.68 24.86
C ASP J 270 32.49 -50.30 24.77
N LEU J 271 32.14 -49.86 23.57
CA LEU J 271 31.38 -48.61 23.44
C LEU J 271 30.02 -48.74 24.10
N MET J 272 29.34 -49.87 23.91
CA MET J 272 28.03 -50.05 24.52
C MET J 272 28.14 -50.41 25.99
N ALA J 273 29.29 -50.91 26.42
CA ALA J 273 29.46 -51.30 27.82
C ALA J 273 29.40 -50.09 28.74
N LYS J 274 30.12 -49.02 28.41
CA LYS J 274 30.03 -47.80 29.20
C LYS J 274 28.63 -47.20 29.13
N ILE J 275 27.91 -47.46 28.05
CA ILE J 275 26.51 -47.09 27.99
C ILE J 275 25.66 -48.00 28.86
N ASN J 276 26.03 -49.28 28.96
CA ASN J 276 25.25 -50.27 29.70
C ASN J 276 25.80 -50.52 31.10
N GLU J 277 26.34 -49.50 31.76
CA GLU J 277 26.77 -49.66 33.14
C GLU J 277 25.89 -48.81 34.05
N PRO J 278 25.33 -49.38 35.11
CA PRO J 278 24.52 -48.57 36.03
C PRO J 278 25.36 -47.48 36.67
N LEU J 279 24.78 -46.30 36.81
CA LEU J 279 25.49 -45.16 37.37
C LEU J 279 24.48 -44.22 38.01
N VAL J 280 24.71 -43.89 39.27
CA VAL J 280 23.90 -42.92 40.00
C VAL J 280 24.83 -42.05 40.82
N GLU J 281 24.53 -40.76 40.89
CA GLU J 281 25.36 -39.85 41.64
C GLU J 281 25.33 -40.20 43.12
N CYS J 282 26.51 -40.35 43.70
CA CYS J 282 26.62 -40.80 45.08
C CYS J 282 26.03 -39.79 46.05
N LYS J 283 25.44 -40.30 47.12
CA LYS J 283 24.97 -39.45 48.20
C LYS J 283 26.11 -38.97 49.10
N CYS J 284 27.24 -39.69 49.10
CA CYS J 284 28.37 -39.30 49.94
C CYS J 284 29.08 -38.05 49.42
N CYS J 285 28.70 -37.56 48.24
CA CYS J 285 29.20 -36.27 47.76
C CYS J 285 28.09 -35.41 47.15
N LYS J 286 26.83 -35.70 47.46
CA LYS J 286 25.66 -34.98 46.96
C LYS J 286 25.77 -34.59 45.49
N GLY J 287 26.27 -35.49 44.65
CA GLY J 287 26.13 -35.35 43.21
C GLY J 287 27.35 -34.85 42.46
N ARG J 288 28.51 -34.69 43.12
CA ARG J 288 29.74 -34.31 42.43
C ARG J 288 30.50 -35.51 41.89
N GLY J 289 30.04 -36.72 42.17
CA GLY J 289 30.66 -37.92 41.63
C GLY J 289 29.63 -39.01 41.56
N VAL J 290 29.86 -39.96 40.66
CA VAL J 290 28.88 -40.98 40.33
C VAL J 290 29.42 -42.33 40.78
N ILE J 291 28.53 -43.14 41.37
CA ILE J 291 28.89 -44.45 41.90
C ILE J 291 27.97 -45.49 41.29
N LEU J 292 28.53 -46.66 40.96
CA LEU J 292 27.74 -47.74 40.42
C LEU J 292 26.82 -48.32 41.48
N ASN J 293 25.63 -48.73 41.07
CA ASN J 293 24.67 -49.32 41.99
C ASN J 293 24.27 -50.72 41.53
N LYS K 132 -20.67 -37.43 -67.36
CA LYS K 132 -20.20 -36.07 -67.14
C LYS K 132 -19.73 -35.90 -65.70
N LEU K 133 -20.28 -36.72 -64.80
CA LEU K 133 -19.93 -36.72 -63.38
C LEU K 133 -20.22 -35.39 -62.73
N GLN K 134 -19.93 -35.28 -61.43
CA GLN K 134 -20.18 -34.02 -60.72
C GLN K 134 -19.20 -32.94 -61.16
N SER K 135 -17.90 -33.27 -61.22
CA SER K 135 -16.86 -32.34 -61.65
C SER K 135 -16.89 -31.05 -60.82
N HIS K 136 -17.03 -31.21 -59.50
CA HIS K 136 -17.12 -30.09 -58.58
C HIS K 136 -16.00 -30.19 -57.54
N ASN K 137 -15.28 -29.08 -57.36
CA ASN K 137 -14.27 -29.03 -56.31
C ASN K 137 -14.91 -28.83 -54.93
N PHE K 138 -15.93 -27.98 -54.86
CA PHE K 138 -16.58 -27.70 -53.58
C PHE K 138 -17.53 -28.83 -53.20
N ASN K 139 -17.47 -29.23 -51.94
CA ASN K 139 -18.35 -30.26 -51.43
C ASN K 139 -19.74 -29.70 -51.20
N LEU K 140 -20.73 -30.59 -51.19
CA LEU K 140 -22.12 -30.19 -51.05
C LEU K 140 -22.87 -31.23 -50.24
N ASN K 141 -24.04 -30.82 -49.73
CA ASN K 141 -24.85 -31.66 -48.87
C ASN K 141 -26.22 -31.88 -49.48
N TYR K 142 -26.93 -32.86 -48.93
CA TYR K 142 -28.27 -33.23 -49.39
C TYR K 142 -29.19 -33.38 -48.19
N ASN K 143 -30.48 -33.51 -48.47
CA ASN K 143 -31.45 -33.71 -47.41
C ASN K 143 -31.24 -35.06 -46.74
N LEU K 144 -31.37 -35.08 -45.41
CA LEU K 144 -31.15 -36.32 -44.67
C LEU K 144 -32.23 -37.35 -44.98
N LEU K 145 -33.47 -36.91 -45.18
CA LEU K 145 -34.57 -37.84 -45.36
C LEU K 145 -34.54 -38.48 -46.75
N ASP K 146 -34.18 -37.70 -47.77
CA ASP K 146 -34.25 -38.19 -49.14
C ASP K 146 -33.02 -38.97 -49.58
N ARG K 147 -31.98 -39.05 -48.74
CA ARG K 147 -30.81 -39.85 -49.10
C ARG K 147 -31.09 -41.34 -48.97
N ILE K 148 -31.98 -41.72 -48.04
CA ILE K 148 -32.17 -43.14 -47.73
C ILE K 148 -32.70 -43.90 -48.94
N GLN K 149 -33.68 -43.33 -49.63
CA GLN K 149 -34.31 -44.01 -50.75
C GLN K 149 -33.49 -44.01 -52.03
N THR K 150 -32.46 -43.17 -52.11
CA THR K 150 -31.71 -43.00 -53.34
C THR K 150 -30.39 -43.77 -53.30
N HIS K 151 -29.66 -43.71 -54.42
CA HIS K 151 -28.33 -44.24 -54.57
C HIS K 151 -27.31 -43.11 -54.52
N PRO K 152 -26.14 -43.36 -53.92
CA PRO K 152 -25.12 -42.29 -53.84
C PRO K 152 -24.71 -41.73 -55.19
N MET K 153 -24.65 -42.58 -56.23
CA MET K 153 -24.30 -42.06 -57.55
C MET K 153 -25.43 -41.23 -58.13
N LEU K 154 -26.66 -41.45 -57.67
CA LEU K 154 -27.82 -40.69 -58.11
C LEU K 154 -28.08 -39.46 -57.25
N LEU K 155 -27.20 -39.16 -56.29
CA LEU K 155 -27.42 -38.02 -55.41
C LEU K 155 -27.23 -36.70 -56.15
N GLU K 156 -26.35 -36.67 -57.16
CA GLU K 156 -25.97 -35.41 -57.78
C GLU K 156 -27.14 -34.73 -58.48
N THR K 157 -28.01 -35.51 -59.12
CA THR K 157 -29.13 -34.92 -59.85
C THR K 157 -30.24 -34.41 -58.93
N LYS K 158 -30.28 -34.89 -57.70
CA LYS K 158 -31.31 -34.47 -56.76
C LYS K 158 -31.02 -33.07 -56.24
N PRO K 159 -32.04 -32.38 -55.69
CA PRO K 159 -31.81 -31.04 -55.16
C PRO K 159 -30.75 -31.04 -54.05
N CYS K 160 -29.95 -29.98 -54.03
CA CYS K 160 -28.82 -29.90 -53.13
C CYS K 160 -28.71 -28.48 -52.60
N TYR K 161 -28.02 -28.35 -51.46
CA TYR K 161 -27.72 -27.04 -50.88
C TYR K 161 -26.25 -27.02 -50.46
N LEU K 162 -25.69 -25.82 -50.44
CA LEU K 162 -24.29 -25.65 -50.05
C LEU K 162 -24.20 -25.36 -48.55
N SER K 163 -22.98 -25.46 -48.03
CA SER K 163 -22.76 -25.16 -46.63
C SER K 163 -22.78 -23.67 -46.38
N GLN K 164 -23.07 -23.30 -45.12
CA GLN K 164 -23.16 -21.89 -44.76
C GLN K 164 -21.78 -21.22 -44.86
N GLU K 165 -20.80 -21.74 -44.12
CA GLU K 165 -19.46 -21.18 -44.16
C GLU K 165 -18.87 -21.31 -45.56
N GLU K 166 -19.15 -22.42 -46.25
CA GLU K 166 -18.67 -22.59 -47.61
C GLU K 166 -19.23 -21.51 -48.53
N SER K 167 -20.51 -21.18 -48.37
CA SER K 167 -21.11 -20.13 -49.19
C SER K 167 -20.42 -18.81 -48.96
N TYR K 168 -20.15 -18.47 -47.69
CA TYR K 168 -19.45 -17.23 -47.39
C TYR K 168 -18.03 -17.25 -47.94
N LYS K 169 -17.35 -18.39 -47.82
CA LYS K 169 -15.97 -18.47 -48.30
C LYS K 169 -15.91 -18.28 -49.80
N ILE K 170 -16.87 -18.85 -50.54
CA ILE K 170 -16.90 -18.68 -51.99
C ILE K 170 -17.06 -17.21 -52.34
N ILE K 171 -17.99 -16.53 -51.67
CA ILE K 171 -18.24 -15.12 -51.96
C ILE K 171 -17.02 -14.28 -51.61
N ARG K 172 -16.41 -14.54 -50.45
CA ARG K 172 -15.26 -13.76 -50.03
C ARG K 172 -14.09 -13.94 -50.99
N ASN K 173 -13.82 -15.18 -51.40
CA ASN K 173 -12.68 -15.43 -52.27
C ASN K 173 -12.86 -14.77 -53.63
N HIS K 174 -14.06 -14.88 -54.21
CA HIS K 174 -14.29 -14.27 -55.51
C HIS K 174 -14.19 -12.75 -55.44
N ILE K 175 -14.75 -12.15 -54.39
CA ILE K 175 -14.75 -10.70 -54.27
C ILE K 175 -13.31 -10.18 -54.20
N LYS K 176 -12.46 -10.85 -53.43
CA LYS K 176 -11.07 -10.42 -53.34
C LYS K 176 -10.38 -10.44 -54.70
N ALA K 177 -10.73 -11.43 -55.54
CA ALA K 177 -10.05 -11.58 -56.81
C ALA K 177 -10.65 -10.75 -57.93
N ASN K 178 -11.91 -10.32 -57.79
CA ASN K 178 -12.63 -9.75 -58.92
C ASN K 178 -12.94 -8.27 -58.81
N ILE K 179 -12.94 -7.69 -57.61
CA ILE K 179 -13.33 -6.29 -57.48
C ILE K 179 -12.30 -5.39 -58.14
N ASN K 180 -12.77 -4.31 -58.75
CA ASN K 180 -11.88 -3.30 -59.29
C ASN K 180 -11.41 -2.39 -58.17
N PRO K 181 -10.11 -2.29 -57.92
CA PRO K 181 -9.64 -1.44 -56.80
C PRO K 181 -10.06 0.01 -56.93
N LYS K 182 -10.17 0.54 -58.15
CA LYS K 182 -10.55 1.94 -58.31
C LYS K 182 -12.03 2.14 -58.02
N PHE K 183 -12.88 1.22 -58.49
CA PHE K 183 -14.32 1.43 -58.38
C PHE K 183 -14.81 1.25 -56.95
N ALA K 184 -14.36 0.18 -56.29
CA ALA K 184 -14.81 -0.11 -54.93
C ALA K 184 -13.62 -0.61 -54.12
N ARG K 185 -13.72 -0.43 -52.80
CA ARG K 185 -12.68 -0.82 -51.87
C ARG K 185 -13.27 -1.74 -50.82
N ILE K 186 -12.53 -2.78 -50.46
CA ILE K 186 -12.93 -3.69 -49.40
C ILE K 186 -12.23 -3.26 -48.12
N THR K 187 -13.00 -2.99 -47.07
CA THR K 187 -12.45 -2.43 -45.85
C THR K 187 -12.11 -3.49 -44.80
N SER K 188 -13.03 -4.42 -44.55
CA SER K 188 -12.81 -5.43 -43.53
C SER K 188 -13.15 -6.80 -44.10
N ASP K 189 -12.13 -7.63 -44.29
CA ASP K 189 -12.30 -9.02 -44.70
C ASP K 189 -11.75 -9.90 -43.58
N TYR K 190 -12.62 -10.74 -43.01
CA TYR K 190 -12.23 -11.62 -41.92
C TYR K 190 -12.99 -12.93 -42.07
N ASP K 191 -12.61 -13.90 -41.25
CA ASP K 191 -13.32 -15.18 -41.26
C ASP K 191 -14.72 -15.07 -40.67
N PHE K 192 -15.03 -13.96 -40.01
CA PHE K 192 -16.33 -13.77 -39.39
C PHE K 192 -17.14 -12.64 -39.99
N CYS K 193 -16.53 -11.72 -40.72
CA CYS K 193 -17.23 -10.58 -41.29
C CYS K 193 -16.61 -10.22 -42.63
N LEU K 194 -17.38 -9.52 -43.45
CA LEU K 194 -16.93 -9.09 -44.76
C LEU K 194 -17.66 -7.80 -45.09
N THR K 195 -16.91 -6.76 -45.45
CA THR K 195 -17.49 -5.47 -45.80
C THR K 195 -16.77 -4.90 -47.01
N VAL K 196 -17.52 -4.61 -48.06
CA VAL K 196 -17.01 -3.91 -49.24
C VAL K 196 -17.83 -2.64 -49.40
N VAL K 197 -17.16 -1.51 -49.52
CA VAL K 197 -17.83 -0.23 -49.67
C VAL K 197 -17.56 0.29 -51.08
N LYS K 198 -18.46 1.15 -51.55
CA LYS K 198 -18.35 1.74 -52.87
C LYS K 198 -17.66 3.09 -52.77
N VAL K 199 -16.56 3.24 -53.50
CA VAL K 199 -15.81 4.48 -53.53
C VAL K 199 -16.32 5.31 -54.69
N LEU K 200 -16.83 6.50 -54.41
CA LEU K 200 -17.26 7.44 -55.44
C LEU K 200 -16.53 8.75 -55.26
N GLU K 201 -16.12 9.35 -56.37
CA GLU K 201 -15.28 10.54 -56.37
C GLU K 201 -16.14 11.78 -56.59
N LEU K 202 -16.07 12.72 -55.66
CA LEU K 202 -16.73 14.01 -55.84
C LEU K 202 -15.87 14.89 -56.75
N TYR K 203 -16.48 15.42 -57.81
CA TYR K 203 -15.71 16.20 -58.78
C TYR K 203 -15.07 17.41 -58.13
N LYS K 204 -15.83 18.17 -57.35
CA LYS K 204 -15.27 19.25 -56.58
C LYS K 204 -14.67 18.68 -55.29
N PRO K 205 -13.39 18.92 -55.02
CA PRO K 205 -12.78 18.35 -53.79
C PRO K 205 -13.46 18.91 -52.55
N HIS K 206 -14.12 18.03 -51.82
CA HIS K 206 -14.87 18.46 -50.63
C HIS K 206 -13.93 18.96 -49.56
N GLU K 207 -14.26 20.11 -48.99
CA GLU K 207 -13.49 20.74 -47.93
C GLU K 207 -14.38 20.96 -46.72
N TYR K 208 -13.90 20.58 -45.55
CA TYR K 208 -14.63 20.79 -44.31
C TYR K 208 -13.63 20.90 -43.17
N ILE K 209 -14.13 21.16 -41.97
CA ILE K 209 -13.31 21.37 -40.78
C ILE K 209 -13.59 20.26 -39.79
N VAL K 210 -12.53 19.67 -39.25
CA VAL K 210 -12.63 18.65 -38.22
C VAL K 210 -11.97 19.17 -36.96
N ASP K 211 -12.32 18.55 -35.84
CA ASP K 211 -11.76 18.88 -34.53
C ASP K 211 -11.02 17.66 -34.00
N LEU K 212 -9.74 17.83 -33.70
CA LEU K 212 -8.97 16.75 -33.09
C LEU K 212 -9.21 16.64 -31.60
N ASN K 213 -9.86 17.63 -30.99
CA ASN K 213 -10.22 17.61 -29.58
C ASN K 213 -11.69 17.26 -29.37
N ALA K 214 -12.38 16.84 -30.43
CA ALA K 214 -13.81 16.57 -30.32
C ALA K 214 -14.12 15.34 -29.48
N MET K 215 -13.13 14.48 -29.24
CA MET K 215 -13.36 13.31 -28.41
C MET K 215 -13.41 13.64 -26.93
N TYR K 216 -12.93 14.81 -26.53
CA TYR K 216 -12.94 15.24 -25.14
C TYR K 216 -13.67 16.57 -25.02
N LYS K 217 -14.50 16.71 -24.01
CA LYS K 217 -15.37 17.87 -23.89
C LYS K 217 -14.72 19.06 -23.19
N ARG K 218 -13.85 18.81 -22.21
CA ARG K 218 -13.41 19.89 -21.33
C ARG K 218 -12.49 20.87 -22.05
N ARG K 219 -11.50 20.38 -22.77
CA ARG K 219 -10.49 21.28 -23.33
C ARG K 219 -11.05 22.07 -24.50
N LYS K 220 -10.42 23.20 -24.78
CA LYS K 220 -10.88 24.11 -25.81
C LYS K 220 -10.78 23.45 -27.19
N PRO K 221 -11.74 23.73 -28.08
CA PRO K 221 -11.69 23.15 -29.42
C PRO K 221 -10.52 23.70 -30.22
N LYS K 222 -10.01 22.87 -31.13
CA LYS K 222 -8.98 23.27 -32.07
C LYS K 222 -9.39 22.78 -33.45
N LEU K 223 -9.53 23.69 -34.39
CA LEU K 223 -10.02 23.37 -35.72
C LEU K 223 -8.87 23.05 -36.66
N GLU K 224 -9.17 22.28 -37.70
CA GLU K 224 -8.16 21.90 -38.67
C GLU K 224 -8.83 21.62 -40.01
N LYS K 225 -8.19 22.07 -41.09
CA LYS K 225 -8.75 21.94 -42.43
C LYS K 225 -8.42 20.58 -43.02
N ARG K 226 -9.40 19.97 -43.69
CA ARG K 226 -9.17 18.70 -44.38
C ARG K 226 -9.90 18.70 -45.72
N PHE K 227 -9.23 18.20 -46.74
CA PHE K 227 -9.80 18.04 -48.08
C PHE K 227 -10.01 16.56 -48.35
N GLN K 228 -11.21 16.20 -48.80
CA GLN K 228 -11.51 14.83 -49.18
C GLN K 228 -12.08 14.83 -50.59
N THR K 229 -11.71 13.82 -51.37
CA THR K 229 -12.15 13.69 -52.75
C THR K 229 -12.88 12.39 -53.04
N LYS K 230 -12.64 11.34 -52.28
CA LYS K 230 -13.29 10.04 -52.48
C LYS K 230 -14.22 9.79 -51.32
N ARG K 231 -15.52 9.98 -51.56
CA ARG K 231 -16.54 9.67 -50.56
C ARG K 231 -16.92 8.21 -50.70
N GLU K 232 -16.77 7.45 -49.62
CA GLU K 232 -17.00 6.01 -49.64
C GLU K 232 -18.33 5.70 -48.96
N VAL K 233 -19.18 4.94 -49.65
CA VAL K 233 -20.47 4.53 -49.13
C VAL K 233 -20.50 3.01 -49.07
N GLU K 234 -21.10 2.48 -48.01
CA GLU K 234 -21.23 1.05 -47.84
C GLU K 234 -22.21 0.50 -48.87
N ILE K 235 -21.84 -0.59 -49.54
CA ILE K 235 -22.70 -1.17 -50.55
C ILE K 235 -23.09 -2.60 -50.17
N TYR K 236 -22.10 -3.45 -49.94
CA TYR K 236 -22.34 -4.85 -49.62
C TYR K 236 -21.54 -5.27 -48.40
N LYS K 237 -22.20 -6.02 -47.52
CA LYS K 237 -21.52 -6.60 -46.37
C LYS K 237 -22.27 -7.86 -45.96
N VAL K 238 -21.54 -8.86 -45.48
CA VAL K 238 -22.12 -10.16 -45.17
C VAL K 238 -21.20 -10.87 -44.19
N ALA K 239 -21.74 -11.87 -43.50
CA ALA K 239 -21.00 -12.66 -42.54
C ALA K 239 -21.39 -14.12 -42.67
N PRO K 240 -20.47 -15.05 -42.40
CA PRO K 240 -20.84 -16.47 -42.43
C PRO K 240 -21.77 -16.87 -41.30
N LYS K 241 -21.85 -16.08 -40.24
CA LYS K 241 -22.64 -16.42 -39.07
C LYS K 241 -22.93 -15.13 -38.31
N ALA K 242 -23.86 -15.22 -37.38
CA ALA K 242 -24.30 -14.04 -36.63
C ALA K 242 -23.14 -13.36 -35.93
N TYR K 243 -22.79 -12.16 -36.38
CA TYR K 243 -21.74 -11.36 -35.77
C TYR K 243 -22.11 -9.90 -35.88
N GLN K 244 -22.30 -9.24 -34.74
CA GLN K 244 -22.67 -7.83 -34.67
C GLN K 244 -23.97 -7.66 -35.46
N SER K 245 -24.08 -6.67 -36.33
CA SER K 245 -25.29 -6.45 -37.12
C SER K 245 -25.14 -6.95 -38.55
N TYR K 246 -24.13 -7.75 -38.83
CA TYR K 246 -23.90 -8.21 -40.19
C TYR K 246 -24.99 -9.18 -40.63
N PRO K 247 -25.44 -9.10 -41.87
CA PRO K 247 -26.44 -10.06 -42.36
C PRO K 247 -25.79 -11.40 -42.67
N ILE K 248 -26.44 -12.47 -42.24
CA ILE K 248 -25.92 -13.81 -42.43
C ILE K 248 -26.12 -14.21 -43.89
N VAL K 249 -25.04 -14.72 -44.50
CA VAL K 249 -25.12 -15.16 -45.89
C VAL K 249 -26.09 -16.33 -46.00
N GLU K 250 -26.89 -16.33 -47.06
CA GLU K 250 -27.74 -17.50 -47.21
C GLU K 250 -27.01 -18.59 -47.97
N PRO K 251 -27.25 -19.86 -47.63
CA PRO K 251 -26.60 -20.95 -48.36
C PRO K 251 -27.09 -21.04 -49.79
N PHE K 252 -26.20 -21.48 -50.67
CA PHE K 252 -26.55 -21.67 -52.07
C PHE K 252 -27.30 -22.98 -52.25
N SER K 253 -28.39 -22.94 -53.01
CA SER K 253 -29.25 -24.09 -53.23
C SER K 253 -29.49 -24.27 -54.72
N GLY K 254 -29.59 -25.52 -55.14
CA GLY K 254 -29.87 -25.83 -56.53
C GLY K 254 -30.47 -27.21 -56.67
N LYS K 255 -31.33 -27.36 -57.69
CA LYS K 255 -31.94 -28.66 -57.94
C LYS K 255 -30.93 -29.68 -58.47
N ASP K 256 -29.82 -29.21 -59.05
CA ASP K 256 -28.80 -30.09 -59.58
C ASP K 256 -27.45 -29.46 -59.31
N VAL K 257 -26.41 -30.30 -59.31
CA VAL K 257 -25.06 -29.80 -59.05
C VAL K 257 -24.67 -28.76 -60.09
N GLU K 258 -25.02 -28.98 -61.36
CA GLU K 258 -24.80 -27.96 -62.37
C GLU K 258 -25.78 -26.81 -62.23
N ASP K 259 -27.03 -27.10 -61.83
CA ASP K 259 -27.99 -26.04 -61.54
C ASP K 259 -27.50 -25.18 -60.39
N LEU K 260 -26.93 -25.81 -59.36
CA LEU K 260 -26.35 -25.06 -58.25
C LEU K 260 -25.20 -24.18 -58.73
N LYS K 261 -24.37 -24.71 -59.62
CA LYS K 261 -23.25 -23.93 -60.14
C LYS K 261 -23.73 -22.70 -60.90
N SER K 262 -24.78 -22.86 -61.71
CA SER K 262 -25.33 -21.72 -62.44
C SER K 262 -25.92 -20.69 -61.49
N ASN K 263 -26.63 -21.15 -60.46
CA ASN K 263 -27.19 -20.23 -59.47
C ASN K 263 -26.07 -19.47 -58.75
N ILE K 264 -25.00 -20.16 -58.38
CA ILE K 264 -23.86 -19.50 -57.77
C ILE K 264 -23.26 -18.50 -58.75
N LYS K 265 -23.06 -18.92 -60.00
CA LYS K 265 -22.44 -18.05 -60.99
C LYS K 265 -23.31 -16.82 -61.25
N LYS K 266 -24.62 -17.00 -61.37
CA LYS K 266 -25.50 -15.87 -61.64
C LYS K 266 -25.49 -14.87 -60.49
N PHE K 267 -25.63 -15.36 -59.26
CA PHE K 267 -25.56 -14.47 -58.09
C PHE K 267 -24.18 -13.84 -57.98
N LEU K 268 -23.13 -14.60 -58.27
CA LEU K 268 -21.77 -14.07 -58.21
C LEU K 268 -21.59 -12.93 -59.20
N ASP K 269 -22.09 -13.10 -60.43
CA ASP K 269 -21.99 -12.04 -61.41
C ASP K 269 -22.86 -10.83 -61.02
N ASP K 270 -24.01 -11.08 -60.40
CA ASP K 270 -24.88 -10.00 -59.97
C ASP K 270 -24.16 -9.13 -58.94
N LEU K 271 -23.55 -9.76 -57.94
CA LEU K 271 -22.83 -9.01 -56.92
C LEU K 271 -21.68 -8.23 -57.54
N MET K 272 -20.93 -8.85 -58.45
CA MET K 272 -19.79 -8.18 -59.06
C MET K 272 -20.26 -6.96 -59.85
N ALA K 273 -21.36 -7.12 -60.60
CA ALA K 273 -21.90 -6.02 -61.39
C ALA K 273 -22.29 -4.84 -60.51
N LYS K 274 -22.87 -5.10 -59.35
CA LYS K 274 -23.16 -4.02 -58.42
C LYS K 274 -21.89 -3.32 -57.97
N ILE K 275 -20.80 -4.09 -57.81
CA ILE K 275 -19.54 -3.51 -57.36
C ILE K 275 -18.93 -2.63 -58.45
N ASN K 276 -18.98 -3.08 -59.71
CA ASN K 276 -18.30 -2.40 -60.81
C ASN K 276 -19.14 -1.30 -61.45
N GLU K 277 -20.10 -0.73 -60.72
CA GLU K 277 -20.86 0.39 -61.27
C GLU K 277 -19.96 1.62 -61.36
N PRO K 278 -20.02 2.36 -62.46
CA PRO K 278 -19.20 3.58 -62.60
C PRO K 278 -19.57 4.61 -61.55
N LEU K 279 -18.73 5.65 -61.47
CA LEU K 279 -18.79 6.57 -60.33
C LEU K 279 -18.26 7.95 -60.72
N VAL K 280 -19.19 8.87 -61.00
CA VAL K 280 -18.92 10.31 -60.96
C VAL K 280 -20.16 10.97 -60.41
N GLU K 281 -19.97 12.11 -59.74
CA GLU K 281 -21.09 12.86 -59.20
C GLU K 281 -21.57 13.88 -60.20
N CYS K 282 -22.85 14.23 -60.10
CA CYS K 282 -23.50 15.03 -61.12
C CYS K 282 -23.13 16.50 -60.98
N LYS K 283 -22.66 17.09 -62.08
CA LYS K 283 -22.50 18.54 -62.13
C LYS K 283 -23.85 19.23 -62.14
N CYS K 284 -24.81 18.71 -62.92
CA CYS K 284 -26.14 19.29 -62.92
C CYS K 284 -26.80 19.11 -61.55
N CYS K 285 -26.65 17.92 -60.98
CA CYS K 285 -27.23 17.57 -59.69
C CYS K 285 -26.12 17.64 -58.64
N LYS K 286 -25.80 18.86 -58.22
CA LYS K 286 -24.78 19.07 -57.21
C LYS K 286 -25.13 18.30 -55.95
N GLY K 287 -24.13 17.60 -55.40
CA GLY K 287 -24.42 16.74 -54.27
C GLY K 287 -25.26 15.55 -54.68
N ARG K 288 -26.12 15.11 -53.75
CA ARG K 288 -27.00 13.95 -53.94
C ARG K 288 -26.09 12.75 -54.28
N GLY K 289 -26.30 12.06 -55.40
CA GLY K 289 -25.58 10.84 -55.65
C GLY K 289 -24.81 10.75 -56.95
N VAL K 290 -24.86 9.58 -57.58
CA VAL K 290 -23.94 9.22 -58.64
C VAL K 290 -24.70 9.13 -59.97
N ILE K 291 -23.94 9.22 -61.07
CA ILE K 291 -24.47 9.05 -62.42
C ILE K 291 -23.54 8.10 -63.17
N LEU K 292 -24.13 7.25 -64.01
CA LEU K 292 -23.35 6.31 -64.81
C LEU K 292 -22.36 7.06 -65.69
N ASN K 293 -21.12 6.56 -65.73
CA ASN K 293 -20.10 7.11 -66.60
C ASN K 293 -19.23 6.00 -67.19
N LYS L 132 -47.28 64.68 3.89
CA LYS L 132 -47.55 63.36 4.46
C LYS L 132 -46.25 62.62 4.75
N LEU L 133 -46.29 61.72 5.72
CA LEU L 133 -45.14 60.92 6.10
C LEU L 133 -45.26 59.51 5.53
N GLN L 134 -44.11 58.92 5.21
CA GLN L 134 -44.10 57.59 4.62
C GLN L 134 -44.68 56.55 5.56
N SER L 135 -44.26 56.58 6.83
CA SER L 135 -44.67 55.60 7.84
C SER L 135 -44.48 54.17 7.34
N HIS L 136 -43.31 53.92 6.75
CA HIS L 136 -42.98 52.62 6.18
C HIS L 136 -41.62 52.17 6.67
N ASN L 137 -41.39 50.86 6.65
CA ASN L 137 -40.19 50.29 7.23
C ASN L 137 -39.10 50.02 6.18
N PHE L 138 -39.47 49.46 5.04
CA PHE L 138 -38.47 49.06 4.06
C PHE L 138 -37.75 50.27 3.47
N ASN L 139 -36.43 50.17 3.38
CA ASN L 139 -35.63 51.29 2.87
C ASN L 139 -35.80 51.42 1.36
N LEU L 140 -35.57 52.64 0.87
CA LEU L 140 -35.72 52.95 -0.55
C LEU L 140 -34.42 53.51 -1.09
N ASN L 141 -34.07 53.08 -2.30
CA ASN L 141 -32.88 53.57 -2.99
C ASN L 141 -33.31 54.37 -4.21
N TYR L 142 -32.70 55.53 -4.39
CA TYR L 142 -33.05 56.45 -5.46
C TYR L 142 -32.02 56.37 -6.58
N ASN L 143 -32.29 57.09 -7.66
CA ASN L 143 -31.40 57.08 -8.81
C ASN L 143 -30.10 57.80 -8.50
N LEU L 144 -29.08 57.49 -9.28
CA LEU L 144 -27.76 58.08 -9.06
C LEU L 144 -27.73 59.58 -9.34
N LEU L 145 -28.73 60.11 -10.05
CA LEU L 145 -28.75 61.50 -10.44
C LEU L 145 -29.87 62.31 -9.80
N ASP L 146 -31.00 61.68 -9.47
CA ASP L 146 -32.17 62.42 -9.02
C ASP L 146 -32.07 62.89 -7.57
N ARG L 147 -31.02 62.51 -6.86
CA ARG L 147 -30.88 62.90 -5.46
C ARG L 147 -30.16 64.23 -5.28
N ILE L 148 -29.24 64.57 -6.19
CA ILE L 148 -28.32 65.67 -5.96
C ILE L 148 -29.06 67.01 -5.91
N GLN L 149 -29.94 67.25 -6.88
CA GLN L 149 -30.49 68.59 -7.03
C GLN L 149 -31.66 68.88 -6.10
N THR L 150 -32.22 67.86 -5.45
CA THR L 150 -33.37 68.06 -4.58
C THR L 150 -33.03 67.73 -3.13
N HIS L 151 -33.84 68.27 -2.23
CA HIS L 151 -33.69 67.99 -0.81
C HIS L 151 -34.24 66.61 -0.48
N PRO L 152 -33.72 65.98 0.57
CA PRO L 152 -34.24 64.66 0.97
C PRO L 152 -35.74 64.64 1.25
N MET L 153 -36.28 65.73 1.82
CA MET L 153 -37.72 65.77 2.07
C MET L 153 -38.51 65.72 0.77
N LEU L 154 -38.08 66.47 -0.24
CA LEU L 154 -38.69 66.36 -1.56
C LEU L 154 -38.32 65.07 -2.28
N LEU L 155 -37.20 64.45 -1.91
CA LEU L 155 -36.85 63.15 -2.48
C LEU L 155 -37.87 62.09 -2.10
N GLU L 156 -38.62 62.32 -1.02
CA GLU L 156 -39.65 61.37 -0.60
C GLU L 156 -40.74 61.24 -1.65
N THR L 157 -41.09 62.32 -2.33
CA THR L 157 -42.16 62.32 -3.32
C THR L 157 -41.63 62.17 -4.74
N LYS L 158 -40.56 61.40 -4.90
CA LYS L 158 -39.91 61.16 -6.18
C LYS L 158 -39.89 59.68 -6.45
N PRO L 159 -39.59 59.27 -7.70
CA PRO L 159 -39.57 57.84 -8.01
C PRO L 159 -38.59 57.08 -7.12
N CYS L 160 -39.01 55.87 -6.72
CA CYS L 160 -38.24 55.03 -5.83
C CYS L 160 -38.18 53.62 -6.40
N TYR L 161 -37.14 52.88 -6.03
CA TYR L 161 -37.04 51.47 -6.39
C TYR L 161 -36.52 50.69 -5.19
N LEU L 162 -36.91 49.41 -5.12
CA LEU L 162 -36.52 48.54 -4.03
C LEU L 162 -35.30 47.71 -4.41
N SER L 163 -34.63 47.20 -3.40
CA SER L 163 -33.49 46.31 -3.62
C SER L 163 -33.96 44.97 -4.17
N GLN L 164 -33.10 44.35 -4.97
CA GLN L 164 -33.41 43.04 -5.52
C GLN L 164 -33.64 42.02 -4.42
N GLU L 165 -32.72 41.93 -3.45
CA GLU L 165 -32.89 41.00 -2.35
C GLU L 165 -34.10 41.39 -1.51
N GLU L 166 -34.30 42.69 -1.29
CA GLU L 166 -35.46 43.14 -0.54
C GLU L 166 -36.76 42.78 -1.25
N SER L 167 -36.79 42.94 -2.57
CA SER L 167 -37.98 42.57 -3.34
C SER L 167 -38.25 41.08 -3.22
N TYR L 168 -37.21 40.26 -3.30
CA TYR L 168 -37.37 38.83 -3.11
C TYR L 168 -37.81 38.51 -1.68
N LYS L 169 -37.22 39.21 -0.71
CA LYS L 169 -37.52 38.92 0.69
C LYS L 169 -38.97 39.21 1.03
N ILE L 170 -39.50 40.35 0.56
CA ILE L 170 -40.89 40.68 0.85
C ILE L 170 -41.83 39.72 0.13
N ILE L 171 -41.48 39.32 -1.08
CA ILE L 171 -42.31 38.36 -1.81
C ILE L 171 -42.34 37.02 -1.08
N ARG L 172 -41.17 36.55 -0.63
CA ARG L 172 -41.10 35.27 0.06
C ARG L 172 -41.90 35.31 1.36
N ASN L 173 -41.76 36.38 2.13
CA ASN L 173 -42.49 36.49 3.38
C ASN L 173 -43.99 36.59 3.13
N HIS L 174 -44.39 37.38 2.14
CA HIS L 174 -45.82 37.51 1.84
C HIS L 174 -46.42 36.19 1.37
N ILE L 175 -45.68 35.45 0.53
CA ILE L 175 -46.19 34.18 0.02
C ILE L 175 -46.39 33.20 1.16
N LYS L 176 -45.41 33.10 2.06
CA LYS L 176 -45.50 32.14 3.16
C LYS L 176 -46.72 32.42 4.04
N ALA L 177 -46.98 33.69 4.33
CA ALA L 177 -48.10 34.01 5.23
C ALA L 177 -49.45 33.81 4.55
N ASN L 178 -49.51 33.91 3.22
CA ASN L 178 -50.78 33.95 2.52
C ASN L 178 -51.12 32.67 1.78
N ILE L 179 -50.18 31.75 1.62
CA ILE L 179 -50.43 30.55 0.84
C ILE L 179 -51.38 29.64 1.60
N ASN L 180 -52.41 29.14 0.91
CA ASN L 180 -53.27 28.15 1.54
C ASN L 180 -52.71 26.75 1.28
N PRO L 181 -52.57 25.92 2.31
CA PRO L 181 -51.94 24.61 2.11
C PRO L 181 -52.75 23.68 1.22
N LYS L 182 -54.06 23.89 1.10
CA LYS L 182 -54.89 22.92 0.40
C LYS L 182 -54.69 22.97 -1.11
N PHE L 183 -54.58 24.17 -1.68
CA PHE L 183 -54.55 24.32 -3.13
C PHE L 183 -53.14 24.36 -3.69
N ALA L 184 -52.14 24.69 -2.88
CA ALA L 184 -50.78 24.77 -3.39
C ALA L 184 -49.79 24.59 -2.24
N ARG L 185 -48.55 24.29 -2.60
CA ARG L 185 -47.50 24.00 -1.64
C ARG L 185 -46.20 24.64 -2.09
N ILE L 186 -45.34 24.98 -1.14
CA ILE L 186 -44.02 25.53 -1.44
C ILE L 186 -43.03 24.37 -1.44
N THR L 187 -42.50 24.04 -2.61
CA THR L 187 -41.58 22.91 -2.71
C THR L 187 -40.21 23.24 -2.13
N SER L 188 -39.73 24.47 -2.31
CA SER L 188 -38.40 24.83 -1.85
C SER L 188 -38.36 26.32 -1.56
N ASP L 189 -38.12 26.67 -0.29
CA ASP L 189 -37.94 28.05 0.12
C ASP L 189 -36.53 28.19 0.68
N TYR L 190 -35.75 29.11 0.10
CA TYR L 190 -34.38 29.32 0.52
C TYR L 190 -34.04 30.79 0.31
N ASP L 191 -32.90 31.21 0.86
CA ASP L 191 -32.44 32.57 0.64
C ASP L 191 -31.98 32.81 -0.78
N PHE L 192 -31.82 31.76 -1.58
CA PHE L 192 -31.36 31.88 -2.95
C PHE L 192 -32.38 31.44 -3.98
N CYS L 193 -33.41 30.70 -3.59
CA CYS L 193 -34.41 30.24 -4.54
C CYS L 193 -35.75 30.08 -3.83
N LEU L 194 -36.83 30.24 -4.58
CA LEU L 194 -38.18 30.05 -4.08
C LEU L 194 -39.02 29.43 -5.16
N THR L 195 -39.60 28.27 -4.87
CA THR L 195 -40.41 27.54 -5.84
C THR L 195 -41.77 27.26 -5.23
N VAL L 196 -42.83 27.57 -5.97
CA VAL L 196 -44.20 27.30 -5.55
C VAL L 196 -44.82 26.34 -6.54
N VAL L 197 -45.40 25.25 -6.02
CA VAL L 197 -46.05 24.25 -6.84
C VAL L 197 -47.56 24.38 -6.64
N LYS L 198 -48.31 23.96 -7.65
CA LYS L 198 -49.76 23.98 -7.59
C LYS L 198 -50.28 22.56 -7.38
N VAL L 199 -51.05 22.36 -6.32
CA VAL L 199 -51.57 21.05 -5.96
C VAL L 199 -53.00 20.93 -6.45
N LEU L 200 -53.29 19.84 -7.15
CA LEU L 200 -54.65 19.54 -7.57
C LEU L 200 -54.85 18.04 -7.50
N GLU L 201 -56.05 17.61 -7.10
CA GLU L 201 -56.33 16.22 -6.80
C GLU L 201 -57.19 15.60 -7.90
N LEU L 202 -56.85 14.38 -8.29
CA LEU L 202 -57.66 13.64 -9.24
C LEU L 202 -58.90 13.10 -8.54
N TYR L 203 -60.06 13.33 -9.15
CA TYR L 203 -61.30 12.76 -8.61
C TYR L 203 -61.30 11.25 -8.63
N LYS L 204 -60.47 10.63 -9.47
CA LYS L 204 -60.31 9.19 -9.48
C LYS L 204 -58.87 8.84 -9.14
N PRO L 205 -58.63 8.04 -8.09
CA PRO L 205 -57.28 7.56 -7.80
C PRO L 205 -56.51 7.13 -9.03
N HIS L 206 -55.32 7.71 -9.22
CA HIS L 206 -54.52 7.44 -10.40
C HIS L 206 -53.55 6.29 -10.12
N GLU L 207 -53.48 5.34 -11.04
CA GLU L 207 -52.64 4.17 -10.91
C GLU L 207 -51.51 4.24 -11.94
N TYR L 208 -50.27 4.07 -11.46
CA TYR L 208 -49.12 3.93 -12.33
C TYR L 208 -48.06 3.13 -11.58
N ILE L 209 -47.31 2.33 -12.34
CA ILE L 209 -46.34 1.41 -11.76
C ILE L 209 -44.94 1.97 -11.98
N VAL L 210 -44.16 2.04 -10.91
CA VAL L 210 -42.80 2.54 -10.96
C VAL L 210 -41.85 1.35 -10.84
N ASP L 211 -40.58 1.60 -11.16
CA ASP L 211 -39.53 0.59 -11.06
C ASP L 211 -38.52 1.04 -10.02
N LEU L 212 -38.27 0.20 -9.02
CA LEU L 212 -37.25 0.51 -8.03
C LEU L 212 -35.85 0.33 -8.59
N ASN L 213 -35.70 -0.46 -9.64
CA ASN L 213 -34.42 -0.68 -10.31
C ASN L 213 -34.26 0.22 -11.53
N ALA L 214 -35.15 1.18 -11.74
CA ALA L 214 -35.08 2.03 -12.92
C ALA L 214 -33.82 2.88 -12.95
N MET L 215 -33.20 3.12 -11.80
CA MET L 215 -31.98 3.92 -11.76
C MET L 215 -30.75 3.15 -12.21
N TYR L 216 -30.86 1.84 -12.40
CA TYR L 216 -29.74 0.99 -12.75
C TYR L 216 -30.12 0.14 -13.95
N LYS L 217 -29.22 0.06 -14.94
CA LYS L 217 -29.56 -0.67 -16.16
C LYS L 217 -29.34 -2.17 -15.99
N ARG L 218 -28.30 -2.58 -15.28
CA ARG L 218 -27.95 -4.01 -15.28
C ARG L 218 -28.89 -4.84 -14.39
N ARG L 219 -29.27 -4.32 -13.23
CA ARG L 219 -30.08 -5.12 -12.32
C ARG L 219 -31.45 -5.41 -12.91
N LYS L 220 -32.00 -6.56 -12.52
CA LYS L 220 -33.26 -7.06 -13.05
C LYS L 220 -34.39 -6.13 -12.63
N PRO L 221 -35.17 -5.59 -13.55
CA PRO L 221 -36.28 -4.71 -13.18
C PRO L 221 -37.34 -5.43 -12.35
N LYS L 222 -37.92 -4.68 -11.42
CA LYS L 222 -39.05 -5.15 -10.63
C LYS L 222 -40.07 -4.03 -10.53
N LEU L 223 -41.33 -4.40 -10.36
CA LEU L 223 -42.45 -3.48 -10.41
C LEU L 223 -43.09 -3.35 -9.03
N GLU L 224 -43.54 -2.14 -8.71
CA GLU L 224 -44.17 -1.85 -7.42
C GLU L 224 -45.47 -1.10 -7.65
N LYS L 225 -46.52 -1.52 -6.95
CA LYS L 225 -47.79 -0.83 -7.02
C LYS L 225 -47.67 0.55 -6.41
N ARG L 226 -48.18 1.56 -7.10
CA ARG L 226 -48.13 2.92 -6.60
C ARG L 226 -49.40 3.66 -7.00
N PHE L 227 -50.04 4.29 -6.02
CA PHE L 227 -51.28 5.02 -6.23
C PHE L 227 -51.10 6.45 -5.78
N GLN L 228 -51.50 7.40 -6.61
CA GLN L 228 -51.40 8.81 -6.31
C GLN L 228 -52.75 9.48 -6.55
N THR L 229 -53.08 10.46 -5.72
CA THR L 229 -54.36 11.15 -5.79
C THR L 229 -54.25 12.64 -6.05
N LYS L 230 -53.14 13.28 -5.68
CA LYS L 230 -52.92 14.69 -5.91
C LYS L 230 -51.71 14.88 -6.81
N ARG L 231 -51.92 15.58 -7.91
CA ARG L 231 -50.85 15.87 -8.86
C ARG L 231 -50.37 17.30 -8.67
N GLU L 232 -49.06 17.48 -8.63
CA GLU L 232 -48.45 18.78 -8.37
C GLU L 232 -47.80 19.29 -9.64
N VAL L 233 -48.19 20.49 -10.05
CA VAL L 233 -47.63 21.16 -11.23
C VAL L 233 -47.04 22.48 -10.79
N GLU L 234 -45.79 22.72 -11.18
CA GLU L 234 -45.11 23.96 -10.81
C GLU L 234 -45.84 25.16 -11.42
N ILE L 235 -45.99 26.21 -10.63
CA ILE L 235 -46.71 27.42 -11.04
C ILE L 235 -45.81 28.65 -11.01
N TYR L 236 -45.17 28.91 -9.87
CA TYR L 236 -44.38 30.12 -9.71
C TYR L 236 -43.04 29.77 -9.05
N LYS L 237 -41.95 30.22 -9.67
CA LYS L 237 -40.62 30.12 -9.10
C LYS L 237 -39.89 31.43 -9.32
N VAL L 238 -39.02 31.78 -8.37
CA VAL L 238 -38.31 33.06 -8.42
C VAL L 238 -37.09 32.95 -7.53
N ALA L 239 -36.09 33.80 -7.78
CA ALA L 239 -34.86 33.84 -7.02
C ALA L 239 -34.42 35.28 -6.87
N PRO L 240 -33.69 35.61 -5.79
CA PRO L 240 -33.20 36.99 -5.66
C PRO L 240 -32.06 37.30 -6.61
N LYS L 241 -31.25 36.31 -6.93
CA LYS L 241 -30.09 36.47 -7.79
C LYS L 241 -29.96 35.24 -8.68
N ALA L 242 -29.02 35.29 -9.61
CA ALA L 242 -28.88 34.24 -10.63
C ALA L 242 -28.48 32.94 -9.96
N TYR L 243 -29.43 32.01 -9.87
CA TYR L 243 -29.18 30.69 -9.32
C TYR L 243 -29.87 29.66 -10.21
N GLN L 244 -29.06 28.82 -10.87
CA GLN L 244 -29.56 27.75 -11.75
C GLN L 244 -30.42 28.42 -12.83
N SER L 245 -31.61 27.90 -13.12
CA SER L 245 -32.48 28.47 -14.14
C SER L 245 -33.59 29.32 -13.54
N TYR L 246 -33.51 29.64 -12.26
CA TYR L 246 -34.57 30.42 -11.62
C TYR L 246 -34.60 31.83 -12.18
N PRO L 247 -35.79 32.37 -12.47
CA PRO L 247 -35.87 33.74 -12.95
C PRO L 247 -35.56 34.74 -11.84
N ILE L 248 -34.77 35.76 -12.17
CA ILE L 248 -34.39 36.77 -11.20
C ILE L 248 -35.59 37.65 -10.89
N VAL L 249 -35.83 37.89 -9.59
CA VAL L 249 -36.96 38.73 -9.20
C VAL L 249 -36.73 40.15 -9.70
N GLU L 250 -37.77 40.73 -10.28
CA GLU L 250 -37.69 42.11 -10.74
C GLU L 250 -37.64 43.06 -9.55
N PRO L 251 -36.95 44.19 -9.65
CA PRO L 251 -36.94 45.16 -8.55
C PRO L 251 -38.22 45.97 -8.53
N PHE L 252 -38.83 46.08 -7.36
CA PHE L 252 -40.04 46.88 -7.22
C PHE L 252 -39.73 48.36 -7.44
N SER L 253 -40.60 49.02 -8.20
CA SER L 253 -40.42 50.43 -8.53
C SER L 253 -41.74 51.17 -8.39
N GLY L 254 -41.65 52.46 -8.11
CA GLY L 254 -42.83 53.30 -7.98
C GLY L 254 -42.52 54.76 -8.16
N LYS L 255 -43.40 55.49 -8.83
CA LYS L 255 -43.20 56.93 -9.03
C LYS L 255 -43.25 57.68 -7.70
N ASP L 256 -44.04 57.17 -6.76
CA ASP L 256 -44.15 57.76 -5.43
C ASP L 256 -44.10 56.64 -4.40
N VAL L 257 -43.70 57.00 -3.17
CA VAL L 257 -43.58 56.00 -2.12
C VAL L 257 -44.92 55.31 -1.88
N GLU L 258 -45.98 56.10 -1.75
CA GLU L 258 -47.31 55.50 -1.63
C GLU L 258 -47.70 54.81 -2.93
N ASP L 259 -47.33 55.39 -4.07
CA ASP L 259 -47.53 54.69 -5.34
C ASP L 259 -46.73 53.40 -5.37
N LEU L 260 -45.51 53.43 -4.85
CA LEU L 260 -44.72 52.20 -4.76
C LEU L 260 -45.40 51.19 -3.85
N LYS L 261 -45.88 51.64 -2.68
CA LYS L 261 -46.52 50.71 -1.75
C LYS L 261 -47.75 50.07 -2.37
N SER L 262 -48.52 50.83 -3.15
CA SER L 262 -49.62 50.22 -3.90
C SER L 262 -49.10 49.24 -4.94
N ASN L 263 -47.95 49.53 -5.55
CA ASN L 263 -47.36 48.61 -6.50
C ASN L 263 -46.98 47.30 -5.82
N ILE L 264 -46.43 47.37 -4.62
CA ILE L 264 -46.12 46.15 -3.87
C ILE L 264 -47.38 45.32 -3.68
N LYS L 265 -48.47 45.96 -3.26
CA LYS L 265 -49.65 45.19 -2.85
C LYS L 265 -50.36 44.56 -4.04
N LYS L 266 -50.62 45.31 -5.12
CA LYS L 266 -51.46 44.75 -6.18
C LYS L 266 -50.72 43.60 -6.87
N PHE L 267 -49.41 43.71 -7.00
CA PHE L 267 -48.62 42.61 -7.54
C PHE L 267 -48.73 41.39 -6.64
N LEU L 268 -48.83 41.61 -5.34
CA LEU L 268 -48.99 40.49 -4.41
C LEU L 268 -50.39 39.90 -4.47
N ASP L 269 -51.42 40.75 -4.55
CA ASP L 269 -52.79 40.23 -4.57
C ASP L 269 -53.03 39.36 -5.79
N ASP L 270 -52.72 39.87 -6.99
CA ASP L 270 -52.94 39.09 -8.20
C ASP L 270 -52.03 37.88 -8.28
N LEU L 271 -50.79 38.01 -7.81
CA LEU L 271 -49.94 36.84 -7.64
C LEU L 271 -50.58 35.85 -6.68
N MET L 272 -50.77 36.28 -5.42
CA MET L 272 -51.34 35.39 -4.41
C MET L 272 -52.67 34.81 -4.86
N ALA L 273 -53.42 35.55 -5.69
CA ALA L 273 -54.62 35.00 -6.30
C ALA L 273 -54.30 33.78 -7.16
N LYS L 274 -53.19 33.82 -7.90
CA LYS L 274 -52.84 32.72 -8.78
C LYS L 274 -52.56 31.45 -7.98
N ILE L 275 -51.71 31.53 -6.96
CA ILE L 275 -51.43 30.37 -6.13
C ILE L 275 -52.69 29.92 -5.39
N ASN L 276 -53.44 30.86 -4.83
CA ASN L 276 -54.62 30.48 -4.05
C ASN L 276 -55.85 30.22 -4.91
N GLU L 277 -55.76 30.39 -6.22
CA GLU L 277 -56.91 30.12 -7.07
C GLU L 277 -57.21 28.62 -7.06
N PRO L 278 -58.45 28.22 -6.79
CA PRO L 278 -58.80 26.79 -6.65
C PRO L 278 -59.10 26.05 -7.95
N LEU L 279 -58.05 25.64 -8.64
CA LEU L 279 -58.18 24.80 -9.82
C LEU L 279 -57.96 23.35 -9.43
N VAL L 280 -58.80 22.46 -9.94
CA VAL L 280 -58.69 21.03 -9.64
C VAL L 280 -59.11 20.24 -10.88
N GLU L 281 -58.47 19.09 -11.06
CA GLU L 281 -58.59 18.31 -12.29
C GLU L 281 -60.04 17.91 -12.55
N CYS L 282 -60.46 18.02 -13.81
CA CYS L 282 -61.82 17.67 -14.20
C CYS L 282 -61.93 16.18 -14.50
N LYS L 283 -62.91 15.52 -13.88
CA LYS L 283 -63.10 14.10 -14.16
C LYS L 283 -63.65 13.87 -15.57
N CYS L 284 -64.13 14.92 -16.23
CA CYS L 284 -64.75 14.75 -17.54
C CYS L 284 -63.72 14.63 -18.66
N CYS L 285 -62.45 14.93 -18.40
CA CYS L 285 -61.38 14.76 -19.37
C CYS L 285 -60.29 13.83 -18.86
N LYS L 286 -60.62 13.03 -17.84
CA LYS L 286 -59.78 11.94 -17.33
C LYS L 286 -58.30 12.29 -17.32
N GLY L 287 -57.98 13.40 -16.65
CA GLY L 287 -56.61 13.83 -16.46
C GLY L 287 -56.18 15.00 -17.33
N ARG L 288 -56.92 15.28 -18.40
CA ARG L 288 -56.42 16.28 -19.36
C ARG L 288 -56.58 17.70 -18.84
N GLY L 289 -57.72 18.02 -18.23
CA GLY L 289 -58.05 19.38 -17.88
C GLY L 289 -58.39 19.55 -16.41
N VAL L 290 -58.55 20.81 -16.01
CA VAL L 290 -58.88 21.16 -14.64
C VAL L 290 -59.94 22.26 -14.62
N ILE L 291 -60.67 22.33 -13.51
CA ILE L 291 -61.67 23.37 -13.28
C ILE L 291 -61.75 23.74 -11.81
N LEU L 292 -62.59 24.72 -11.49
CA LEU L 292 -62.81 25.11 -10.10
C LEU L 292 -63.82 24.18 -9.44
N ASN L 293 -63.56 23.83 -8.18
CA ASN L 293 -64.45 22.95 -7.44
C ASN L 293 -65.63 23.72 -6.86
N CYS M 160 52.53 -38.56 14.91
CA CYS M 160 51.48 -38.12 15.83
C CYS M 160 51.53 -36.60 16.02
N TYR M 161 50.87 -35.88 15.12
CA TYR M 161 50.84 -34.42 15.15
C TYR M 161 49.47 -33.97 15.63
N LEU M 162 49.46 -33.16 16.68
CA LEU M 162 48.20 -32.65 17.22
C LEU M 162 47.64 -31.57 16.30
N SER M 163 46.33 -31.61 16.09
CA SER M 163 45.68 -30.67 15.20
C SER M 163 45.57 -29.29 15.85
N GLN M 164 45.11 -28.31 15.06
CA GLN M 164 45.08 -26.93 15.53
C GLN M 164 44.10 -26.73 16.67
N GLU M 165 42.93 -27.36 16.60
CA GLU M 165 41.83 -26.99 17.50
C GLU M 165 42.14 -27.43 18.93
N GLU M 166 42.55 -28.69 19.13
CA GLU M 166 42.83 -29.13 20.49
C GLU M 166 44.17 -28.62 20.99
N SER M 167 45.07 -28.27 20.09
CA SER M 167 46.30 -27.58 20.51
C SER M 167 45.97 -26.26 21.18
N TYR M 168 44.99 -25.53 20.63
CA TYR M 168 44.51 -24.34 21.30
C TYR M 168 43.80 -24.68 22.59
N LYS M 169 43.16 -25.85 22.65
CA LYS M 169 42.33 -26.19 23.80
C LYS M 169 43.18 -26.42 25.05
N ILE M 170 44.27 -27.16 24.92
CA ILE M 170 44.99 -27.55 26.14
C ILE M 170 45.92 -26.43 26.63
N ILE M 171 46.34 -25.51 25.75
CA ILE M 171 47.09 -24.37 26.23
C ILE M 171 46.17 -23.41 26.99
N ARG M 172 44.95 -23.23 26.49
CA ARG M 172 43.99 -22.39 27.20
C ARG M 172 43.65 -22.98 28.57
N ASN M 173 43.41 -24.29 28.61
CA ASN M 173 43.07 -24.93 29.88
C ASN M 173 44.24 -24.85 30.85
N HIS M 174 45.46 -25.04 30.35
CA HIS M 174 46.63 -24.92 31.21
C HIS M 174 46.84 -23.48 31.68
N ILE M 175 46.57 -22.52 30.80
CA ILE M 175 46.68 -21.11 31.18
C ILE M 175 45.68 -20.77 32.28
N LYS M 176 44.42 -21.21 32.10
CA LYS M 176 43.39 -20.90 33.08
C LYS M 176 43.64 -21.60 34.41
N ALA M 177 44.50 -22.62 34.42
CA ALA M 177 44.67 -23.42 35.63
C ALA M 177 45.81 -22.91 36.50
N ASN M 178 46.92 -22.50 35.89
CA ASN M 178 48.13 -22.17 36.63
C ASN M 178 48.40 -20.67 36.71
N ILE M 179 47.51 -19.84 36.18
CA ILE M 179 47.81 -18.41 36.06
C ILE M 179 47.89 -17.78 37.45
N ASN M 180 48.76 -16.78 37.57
CA ASN M 180 48.88 -16.05 38.83
C ASN M 180 48.11 -14.75 38.68
N PRO M 181 46.97 -14.59 39.36
CA PRO M 181 46.20 -13.35 39.22
C PRO M 181 46.95 -12.12 39.71
N LYS M 182 47.97 -12.31 40.55
CA LYS M 182 48.73 -11.17 41.04
C LYS M 182 49.64 -10.56 39.98
N PHE M 183 49.85 -11.25 38.86
CA PHE M 183 50.71 -10.75 37.80
C PHE M 183 50.04 -10.67 36.44
N ALA M 184 49.12 -11.56 36.12
CA ALA M 184 48.50 -11.57 34.81
C ALA M 184 47.01 -11.83 34.94
N ARG M 185 46.26 -11.41 33.92
CA ARG M 185 44.83 -11.60 33.89
C ARG M 185 44.40 -11.92 32.46
N ILE M 186 43.29 -12.64 32.34
CA ILE M 186 42.72 -13.01 31.05
C ILE M 186 41.54 -12.09 30.77
N THR M 187 41.62 -11.36 29.65
CA THR M 187 40.52 -10.46 29.30
C THR M 187 39.47 -11.17 28.46
N SER M 188 39.88 -11.76 27.33
CA SER M 188 38.98 -12.48 26.45
C SER M 188 39.28 -13.97 26.57
N ASP M 189 38.28 -14.75 26.97
CA ASP M 189 38.40 -16.19 27.15
C ASP M 189 37.23 -16.79 26.38
N TYR M 190 37.46 -17.11 25.10
CA TYR M 190 36.42 -17.61 24.23
C TYR M 190 36.95 -18.83 23.47
N ASP M 191 36.02 -19.64 22.96
CA ASP M 191 36.40 -20.82 22.20
C ASP M 191 37.04 -20.46 20.88
N PHE M 192 36.93 -19.21 20.43
CA PHE M 192 37.50 -18.78 19.17
C PHE M 192 38.68 -17.83 19.33
N CYS M 193 38.89 -17.28 20.51
CA CYS M 193 40.00 -16.36 20.74
C CYS M 193 40.35 -16.34 22.22
N LEU M 194 41.58 -15.93 22.51
CA LEU M 194 42.05 -15.86 23.89
C LEU M 194 43.06 -14.72 24.02
N THR M 195 42.80 -13.82 24.96
CA THR M 195 43.70 -12.70 25.23
C THR M 195 44.00 -12.67 26.72
N VAL M 196 45.28 -12.72 27.05
CA VAL M 196 45.74 -12.59 28.43
C VAL M 196 46.72 -11.42 28.48
N VAL M 197 46.49 -10.50 29.41
CA VAL M 197 47.31 -9.31 29.52
C VAL M 197 47.98 -9.29 30.89
N LYS M 198 49.10 -8.57 30.96
CA LYS M 198 49.83 -8.39 32.20
C LYS M 198 49.20 -7.25 32.98
N VAL M 199 48.97 -7.48 34.26
CA VAL M 199 48.39 -6.45 35.14
C VAL M 199 49.56 -5.85 35.93
N LEU M 200 50.14 -4.79 35.36
CA LEU M 200 51.21 -4.05 36.03
C LEU M 200 50.70 -2.77 36.67
N GLU M 201 49.38 -2.60 36.78
CA GLU M 201 48.83 -1.37 37.32
C GLU M 201 49.30 -1.15 38.75
N LEU M 202 49.25 -2.19 39.58
CA LEU M 202 49.65 -2.05 40.97
C LEU M 202 49.91 -3.42 41.57
N TYR M 203 50.69 -3.44 42.63
CA TYR M 203 50.86 -4.62 43.46
C TYR M 203 49.54 -4.93 44.14
N LYS M 204 49.21 -6.23 44.25
CA LYS M 204 47.83 -6.69 44.43
C LYS M 204 47.24 -6.68 45.85
N PRO M 205 47.94 -7.19 46.89
CA PRO M 205 47.24 -7.43 48.17
C PRO M 205 46.91 -6.20 48.99
N HIS M 206 45.62 -5.88 49.05
CA HIS M 206 45.04 -4.97 50.05
C HIS M 206 45.50 -3.52 49.92
N GLU M 207 45.28 -2.90 48.76
CA GLU M 207 45.53 -1.46 48.63
C GLU M 207 44.27 -0.65 48.36
N TYR M 208 43.24 -1.26 47.76
CA TYR M 208 42.04 -0.49 47.44
C TYR M 208 41.34 -0.03 48.70
N ILE M 209 41.41 -0.82 49.77
CA ILE M 209 40.82 -0.42 51.03
C ILE M 209 41.53 0.80 51.62
N VAL M 210 42.87 0.78 51.62
CA VAL M 210 43.60 1.88 52.23
C VAL M 210 43.45 3.15 51.41
N ASP M 211 43.25 3.03 50.10
CA ASP M 211 43.03 4.21 49.27
C ASP M 211 41.66 4.83 49.58
N LEU M 212 40.64 4.00 49.80
CA LEU M 212 39.34 4.51 50.18
C LEU M 212 39.38 5.20 51.53
N ASN M 213 40.12 4.62 52.49
CA ASN M 213 40.24 5.26 53.80
C ASN M 213 41.00 6.58 53.70
N ALA M 214 41.81 6.76 52.66
CA ALA M 214 42.57 8.00 52.51
C ALA M 214 41.64 9.19 52.32
N MET M 215 40.59 9.02 51.51
CA MET M 215 39.67 10.12 51.24
C MET M 215 38.69 10.32 52.39
N ARG M 231 48.91 2.43 31.48
CA ARG M 231 48.80 1.97 30.10
C ARG M 231 48.69 0.46 30.03
N GLU M 232 47.73 -0.02 29.23
CA GLU M 232 47.54 -1.46 29.06
C GLU M 232 48.73 -2.07 28.34
N VAL M 233 49.03 -3.32 28.67
CA VAL M 233 50.12 -4.07 28.06
C VAL M 233 49.59 -5.41 27.59
N GLU M 234 49.85 -5.75 26.33
CA GLU M 234 49.41 -7.00 25.73
C GLU M 234 50.59 -7.95 25.69
N ILE M 235 50.44 -9.12 26.32
CA ILE M 235 51.55 -10.05 26.46
C ILE M 235 51.32 -11.39 25.75
N TYR M 236 50.08 -11.79 25.48
CA TYR M 236 49.86 -13.04 24.78
C TYR M 236 48.46 -13.06 24.19
N LYS M 237 48.37 -13.28 22.87
CA LYS M 237 47.11 -13.48 22.17
C LYS M 237 47.23 -14.74 21.35
N VAL M 238 46.10 -15.44 21.17
CA VAL M 238 46.11 -16.70 20.43
C VAL M 238 44.68 -17.02 20.04
N ALA M 239 44.53 -17.79 18.96
CA ALA M 239 43.22 -18.22 18.48
C ALA M 239 43.39 -19.50 17.67
N PRO M 240 42.49 -20.47 17.84
CA PRO M 240 42.60 -21.71 17.06
C PRO M 240 42.50 -21.49 15.56
N LYS M 241 41.70 -20.52 15.13
CA LYS M 241 41.47 -20.27 13.72
C LYS M 241 41.43 -18.76 13.50
N ALA M 242 41.75 -18.35 12.26
CA ALA M 242 41.85 -16.94 11.93
C ALA M 242 40.61 -16.17 12.37
N TYR M 243 40.82 -15.19 13.24
CA TYR M 243 39.72 -14.43 13.82
C TYR M 243 40.26 -13.07 14.25
N GLN M 244 39.74 -12.01 13.64
CA GLN M 244 40.16 -10.63 13.93
C GLN M 244 41.66 -10.55 13.67
N SER M 245 42.46 -9.96 14.56
CA SER M 245 43.90 -9.86 14.39
C SER M 245 44.67 -10.86 15.24
N TYR M 246 43.99 -11.87 15.78
CA TYR M 246 44.64 -12.83 16.65
C TYR M 246 45.62 -13.68 15.86
N PRO M 247 46.80 -13.96 16.40
CA PRO M 247 47.73 -14.86 15.71
C PRO M 247 47.22 -16.29 15.72
N ILE M 248 47.61 -17.03 14.68
CA ILE M 248 47.20 -18.42 14.54
C ILE M 248 48.03 -19.29 15.45
N VAL M 249 47.36 -20.17 16.20
CA VAL M 249 48.07 -21.11 17.07
C VAL M 249 48.77 -22.16 16.22
N GLU M 250 49.96 -22.55 16.66
CA GLU M 250 50.74 -23.55 15.93
C GLU M 250 50.34 -24.95 16.39
N PRO M 251 50.06 -25.87 15.47
CA PRO M 251 49.66 -27.22 15.87
C PRO M 251 50.87 -28.02 16.31
N PHE M 252 50.81 -28.58 17.52
CA PHE M 252 51.95 -29.29 18.07
C PHE M 252 52.25 -30.54 17.24
N SER M 253 53.53 -30.72 16.93
CA SER M 253 54.00 -31.85 16.14
C SER M 253 55.04 -32.62 16.93
N GLY M 254 54.87 -33.93 17.02
CA GLY M 254 55.81 -34.77 17.74
C GLY M 254 56.03 -36.11 17.07
N LYS M 255 57.28 -36.53 16.96
CA LYS M 255 57.58 -37.83 16.35
C LYS M 255 57.01 -38.96 17.17
N ASP M 256 57.09 -38.86 18.49
CA ASP M 256 56.59 -39.89 19.40
C ASP M 256 55.68 -39.24 20.43
N VAL M 257 54.73 -40.02 20.94
CA VAL M 257 53.73 -39.49 21.86
C VAL M 257 54.39 -38.90 23.09
N GLU M 258 55.34 -39.63 23.68
CA GLU M 258 56.11 -39.09 24.79
C GLU M 258 56.99 -37.93 24.35
N ASP M 259 57.55 -38.01 23.13
CA ASP M 259 58.34 -36.90 22.60
C ASP M 259 57.46 -35.67 22.45
N LEU M 260 56.24 -35.85 21.93
CA LEU M 260 55.32 -34.73 21.79
C LEU M 260 54.95 -34.14 23.15
N LYS M 261 54.69 -34.99 24.14
CA LYS M 261 54.33 -34.50 25.45
C LYS M 261 55.44 -33.63 26.03
N SER M 262 56.68 -34.07 25.91
CA SER M 262 57.81 -33.26 26.35
C SER M 262 57.90 -31.96 25.56
N ASN M 263 57.67 -32.03 24.25
CA ASN M 263 57.75 -30.83 23.42
C ASN M 263 56.70 -29.81 23.85
N ILE M 264 55.46 -30.24 24.05
CA ILE M 264 54.42 -29.29 24.42
C ILE M 264 54.58 -28.89 25.88
N LYS M 265 55.13 -29.79 26.71
CA LYS M 265 55.36 -29.45 28.11
C LYS M 265 56.32 -28.29 28.23
N LYS M 266 57.48 -28.38 27.58
CA LYS M 266 58.45 -27.29 27.65
C LYS M 266 57.90 -26.03 27.01
N PHE M 267 57.01 -26.17 26.02
CA PHE M 267 56.39 -25.01 25.40
C PHE M 267 55.47 -24.29 26.38
N LEU M 268 54.78 -25.04 27.23
CA LEU M 268 53.89 -24.42 28.20
C LEU M 268 54.68 -23.66 29.27
N ASP M 269 55.78 -24.23 29.74
CA ASP M 269 56.50 -23.62 30.87
C ASP M 269 57.12 -22.28 30.49
N ASP M 270 57.89 -22.23 29.40
CA ASP M 270 58.58 -20.99 29.07
C ASP M 270 57.59 -19.90 28.70
N LEU M 271 56.52 -20.28 27.99
CA LEU M 271 55.46 -19.33 27.68
C LEU M 271 54.81 -18.80 28.95
N MET M 272 54.54 -19.69 29.90
CA MET M 272 53.78 -19.30 31.07
C MET M 272 54.67 -18.74 32.17
N ALA M 273 55.96 -19.09 32.18
CA ALA M 273 56.90 -18.38 33.02
C ALA M 273 57.00 -16.93 32.60
N LYS M 274 56.92 -16.66 31.30
CA LYS M 274 56.83 -15.29 30.81
C LYS M 274 55.54 -14.63 31.30
N ILE M 275 54.43 -15.36 31.32
CA ILE M 275 53.15 -14.79 31.70
C ILE M 275 53.16 -14.40 33.17
N ASN M 276 53.63 -15.31 34.03
CA ASN M 276 53.54 -15.11 35.47
C ASN M 276 54.75 -14.39 36.06
N GLU M 277 55.73 -14.05 35.24
CA GLU M 277 56.92 -13.38 35.76
C GLU M 277 56.53 -11.97 36.22
N PRO M 278 57.14 -11.48 37.31
CA PRO M 278 56.64 -10.27 37.97
C PRO M 278 56.83 -9.00 37.16
N LEU M 279 56.40 -7.87 37.70
CA LEU M 279 56.48 -6.60 37.00
C LEU M 279 57.89 -6.01 37.12
N VAL M 280 58.11 -4.90 36.42
CA VAL M 280 59.40 -4.21 36.41
C VAL M 280 59.31 -3.02 37.35
N GLU M 281 60.37 -2.82 38.14
CA GLU M 281 60.38 -1.75 39.14
C GLU M 281 60.13 -0.39 38.50
N CYS M 282 60.63 -0.19 37.26
CA CYS M 282 60.40 1.03 36.50
C CYS M 282 60.92 2.26 37.24
N LYS M 283 62.25 2.30 37.37
CA LYS M 283 62.95 3.27 38.19
C LYS M 283 62.45 4.71 38.02
N CYS M 284 62.40 5.20 36.78
CA CYS M 284 62.22 6.63 36.56
C CYS M 284 60.81 7.09 36.91
N CYS M 285 59.81 6.60 36.18
CA CYS M 285 58.44 7.07 36.37
C CYS M 285 57.68 6.28 37.41
N LYS M 286 58.24 5.17 37.90
CA LYS M 286 57.68 4.32 38.96
C LYS M 286 56.17 4.14 38.87
N GLY M 287 55.49 4.19 40.01
CA GLY M 287 54.06 3.94 40.05
C GLY M 287 53.24 4.94 39.27
N ARG M 288 53.60 6.21 39.31
CA ARG M 288 52.90 7.22 38.54
C ARG M 288 53.46 7.31 37.12
N CYS N 160 30.03 6.56 59.54
CA CYS N 160 30.67 6.33 58.25
C CYS N 160 30.20 5.02 57.63
N TYR N 161 29.21 5.13 56.73
CA TYR N 161 28.63 3.97 56.06
C TYR N 161 29.05 3.99 54.59
N LEU N 162 29.58 2.88 54.11
CA LEU N 162 30.05 2.79 52.73
C LEU N 162 28.88 2.63 51.77
N SER N 163 29.10 3.05 50.53
CA SER N 163 28.06 2.99 49.52
C SER N 163 27.81 1.55 49.08
N GLN N 164 26.59 1.29 48.61
CA GLN N 164 26.23 -0.04 48.15
C GLN N 164 27.05 -0.44 46.92
N GLU N 165 27.13 0.45 45.93
CA GLU N 165 27.90 0.13 44.73
C GLU N 165 29.38 0.06 45.06
N GLU N 166 29.87 0.98 45.89
CA GLU N 166 31.29 0.96 46.26
C GLU N 166 31.62 -0.29 47.06
N SER N 167 30.66 -0.76 47.87
CA SER N 167 30.87 -2.00 48.60
C SER N 167 31.08 -3.16 47.64
N TYR N 168 30.27 -3.24 46.59
CA TYR N 168 30.42 -4.32 45.62
C TYR N 168 31.75 -4.24 44.89
N LYS N 169 32.20 -3.03 44.58
CA LYS N 169 33.38 -2.88 43.73
C LYS N 169 34.63 -3.44 44.38
N ILE N 170 34.80 -3.23 45.69
CA ILE N 170 36.03 -3.67 46.33
C ILE N 170 36.08 -5.19 46.43
N ILE N 171 34.95 -5.84 46.71
CA ILE N 171 34.93 -7.30 46.74
C ILE N 171 35.30 -7.88 45.38
N ARG N 172 34.71 -7.35 44.32
CA ARG N 172 35.05 -7.82 42.98
C ARG N 172 36.53 -7.60 42.68
N ASN N 173 37.05 -6.43 43.07
CA ASN N 173 38.44 -6.12 42.75
C ASN N 173 39.40 -7.03 43.50
N HIS N 174 39.09 -7.33 44.77
CA HIS N 174 39.95 -8.22 45.53
C HIS N 174 39.77 -9.68 45.12
N ILE N 175 38.53 -10.09 44.85
CA ILE N 175 38.30 -11.46 44.40
C ILE N 175 39.04 -11.71 43.10
N LYS N 176 38.96 -10.76 42.16
CA LYS N 176 39.70 -10.88 40.93
C LYS N 176 41.20 -10.86 41.17
N ALA N 177 41.63 -10.42 42.35
CA ALA N 177 43.05 -10.15 42.57
C ALA N 177 43.80 -11.39 43.05
N ASN N 178 43.25 -12.10 44.03
CA ASN N 178 44.04 -13.10 44.74
C ASN N 178 43.29 -14.42 44.91
N ILE N 179 42.46 -14.80 43.94
CA ILE N 179 41.88 -16.12 43.98
C ILE N 179 42.86 -17.13 43.40
N ASN N 180 42.64 -18.40 43.70
CA ASN N 180 43.52 -19.45 43.23
C ASN N 180 42.86 -20.20 42.10
N PRO N 181 43.40 -20.14 40.88
CA PRO N 181 42.81 -20.91 39.78
C PRO N 181 42.83 -22.41 40.02
N LYS N 182 43.69 -22.89 40.92
CA LYS N 182 43.66 -24.29 41.29
C LYS N 182 42.34 -24.68 41.94
N PHE N 183 41.77 -23.78 42.76
CA PHE N 183 40.60 -24.10 43.55
C PHE N 183 39.34 -23.35 43.14
N ALA N 184 39.46 -22.21 42.47
CA ALA N 184 38.27 -21.43 42.15
C ALA N 184 38.43 -20.77 40.79
N ARG N 185 37.29 -20.48 40.17
CA ARG N 185 37.25 -19.79 38.88
C ARG N 185 36.11 -18.78 38.92
N ILE N 186 36.25 -17.74 38.10
CA ILE N 186 35.24 -16.69 37.96
C ILE N 186 34.56 -16.90 36.62
N THR N 187 33.24 -17.11 36.64
CA THR N 187 32.52 -17.31 35.39
C THR N 187 31.99 -15.98 34.85
N SER N 188 31.17 -15.28 35.60
CA SER N 188 30.61 -14.00 35.20
C SER N 188 31.32 -12.90 35.98
N ASP N 189 31.94 -11.97 35.25
CA ASP N 189 32.70 -10.87 35.84
C ASP N 189 32.17 -9.61 35.15
N TYR N 190 31.11 -9.04 35.71
CA TYR N 190 30.46 -7.87 35.13
C TYR N 190 30.22 -6.84 36.21
N ASP N 191 30.02 -5.59 35.77
CA ASP N 191 29.74 -4.52 36.73
C ASP N 191 28.41 -4.74 37.44
N PHE N 192 27.45 -5.34 36.75
CA PHE N 192 26.13 -5.55 37.33
C PHE N 192 26.02 -6.86 38.10
N CYS N 193 26.95 -7.78 37.92
CA CYS N 193 26.85 -9.08 38.57
C CYS N 193 28.22 -9.75 38.58
N LEU N 194 28.44 -10.58 39.60
CA LEU N 194 29.70 -11.31 39.74
C LEU N 194 29.41 -12.69 40.30
N THR N 195 29.90 -13.72 39.62
CA THR N 195 29.75 -15.10 40.05
C THR N 195 31.11 -15.78 40.00
N VAL N 196 31.51 -16.39 41.11
CA VAL N 196 32.72 -17.20 41.18
C VAL N 196 32.30 -18.60 41.62
N VAL N 197 32.78 -19.60 40.89
CA VAL N 197 32.42 -20.99 41.18
C VAL N 197 33.67 -21.75 41.59
N LYS N 198 33.45 -22.86 42.27
CA LYS N 198 34.52 -23.73 42.73
C LYS N 198 34.78 -24.80 41.67
N VAL N 199 36.00 -24.82 41.15
CA VAL N 199 36.36 -25.85 40.18
C VAL N 199 36.48 -27.20 40.88
N LEU N 200 35.92 -28.23 40.27
CA LEU N 200 35.98 -29.59 40.81
C LEU N 200 36.90 -30.39 39.90
N GLU N 201 38.21 -30.26 40.15
CA GLU N 201 39.24 -30.91 39.36
C GLU N 201 40.39 -31.28 40.27
N LEU N 202 41.35 -32.00 39.73
CA LEU N 202 42.50 -32.47 40.47
C LEU N 202 43.64 -31.47 40.33
N TYR N 203 44.86 -31.91 40.64
CA TYR N 203 46.08 -31.13 40.50
C TYR N 203 46.12 -30.32 39.21
N LYS N 204 46.56 -29.06 39.32
CA LYS N 204 46.52 -28.11 38.21
C LYS N 204 47.62 -28.31 37.17
N PRO N 205 48.92 -28.37 37.54
CA PRO N 205 49.98 -28.17 36.53
C PRO N 205 50.21 -29.42 35.69
N HIS N 206 49.94 -29.31 34.38
CA HIS N 206 50.03 -30.42 33.44
C HIS N 206 49.12 -31.58 33.86
N GLU N 207 47.82 -31.30 33.79
CA GLU N 207 46.83 -32.35 34.01
C GLU N 207 46.36 -32.98 32.70
N TYR N 208 46.05 -32.16 31.69
CA TYR N 208 45.52 -32.69 30.44
C TYR N 208 46.53 -33.49 29.63
N ILE N 209 47.82 -33.45 29.98
CA ILE N 209 48.79 -34.20 29.20
C ILE N 209 48.63 -35.71 29.43
N VAL N 210 48.07 -36.10 30.58
CA VAL N 210 47.79 -37.51 30.81
C VAL N 210 46.67 -37.99 29.89
N ASP N 211 45.79 -37.09 29.47
CA ASP N 211 44.69 -37.47 28.58
C ASP N 211 45.21 -37.69 27.17
N LEU N 212 46.07 -36.77 26.69
CA LEU N 212 46.53 -36.85 25.31
C LEU N 212 47.39 -38.09 25.07
N ASN N 213 48.25 -38.44 26.04
CA ASN N 213 49.11 -39.61 25.86
C ASN N 213 48.33 -40.91 26.01
N ALA N 214 47.14 -40.87 26.60
CA ALA N 214 46.35 -42.08 26.76
C ALA N 214 45.94 -42.67 25.42
N MET N 215 45.56 -41.82 24.47
CA MET N 215 45.17 -42.28 23.15
C MET N 215 46.38 -42.72 22.34
N ARG N 231 28.36 -32.26 39.32
CA ARG N 231 27.59 -31.07 38.99
C ARG N 231 28.47 -29.83 39.01
N GLU N 232 27.92 -28.72 38.53
CA GLU N 232 28.58 -27.43 38.67
C GLU N 232 28.10 -26.74 39.94
N VAL N 233 29.05 -26.29 40.76
CA VAL N 233 28.76 -25.70 42.06
C VAL N 233 29.35 -24.30 42.11
N GLU N 234 28.53 -23.33 42.48
CA GLU N 234 28.99 -21.99 42.78
C GLU N 234 29.16 -21.85 44.28
N ILE N 235 30.12 -21.04 44.69
CA ILE N 235 30.36 -20.78 46.10
C ILE N 235 30.16 -19.32 46.49
N TYR N 236 29.95 -18.41 45.53
CA TYR N 236 29.69 -17.02 45.86
C TYR N 236 29.12 -16.32 44.64
N LYS N 237 27.99 -15.64 44.82
CA LYS N 237 27.41 -14.76 43.82
C LYS N 237 27.02 -13.46 44.49
N VAL N 238 27.25 -12.34 43.81
CA VAL N 238 27.01 -11.03 44.41
C VAL N 238 26.77 -10.03 43.29
N ALA N 239 25.82 -9.12 43.50
CA ALA N 239 25.52 -8.04 42.58
C ALA N 239 25.34 -6.75 43.36
N PRO N 240 25.74 -5.61 42.78
CA PRO N 240 25.54 -4.34 43.48
C PRO N 240 24.08 -3.94 43.58
N LYS N 241 23.30 -4.18 42.53
CA LYS N 241 21.88 -3.91 42.53
C LYS N 241 21.11 -5.18 42.21
N ALA N 242 19.79 -5.13 42.40
CA ALA N 242 18.94 -6.28 42.12
C ALA N 242 19.04 -6.64 40.64
N TYR N 243 19.59 -7.81 40.36
CA TYR N 243 19.81 -8.23 38.97
C TYR N 243 19.66 -9.74 38.89
N GLN N 244 18.69 -10.19 38.10
CA GLN N 244 18.40 -11.62 37.90
C GLN N 244 18.11 -12.22 39.29
N SER N 245 18.68 -13.37 39.64
CA SER N 245 18.52 -13.97 40.95
C SER N 245 19.78 -13.81 41.80
N TYR N 246 20.64 -12.87 41.45
CA TYR N 246 21.89 -12.70 42.19
C TYR N 246 21.60 -12.20 43.60
N PRO N 247 22.34 -12.69 44.60
CA PRO N 247 22.19 -12.15 45.95
C PRO N 247 22.67 -10.70 46.02
N ILE N 248 21.84 -9.85 46.59
CA ILE N 248 22.17 -8.44 46.69
C ILE N 248 23.36 -8.25 47.63
N VAL N 249 24.20 -7.26 47.31
CA VAL N 249 25.30 -6.92 48.18
C VAL N 249 24.80 -6.08 49.36
N GLU N 250 25.55 -6.11 50.45
CA GLU N 250 25.20 -5.34 51.62
C GLU N 250 26.14 -4.15 51.74
N PRO N 251 25.63 -2.97 52.12
CA PRO N 251 26.49 -1.79 52.24
C PRO N 251 27.24 -1.82 53.55
N PHE N 252 28.56 -1.68 53.47
CA PHE N 252 29.39 -1.76 54.67
C PHE N 252 29.08 -0.59 55.60
N SER N 253 28.86 -0.90 56.87
CA SER N 253 28.55 0.11 57.88
C SER N 253 29.48 -0.08 59.06
N GLY N 254 30.09 1.01 59.50
CA GLY N 254 31.00 0.97 60.64
C GLY N 254 30.83 2.19 61.49
N LYS N 255 31.15 2.04 62.78
CA LYS N 255 31.04 3.17 63.71
C LYS N 255 32.01 4.27 63.33
N ASP N 256 33.22 3.92 62.92
CA ASP N 256 34.22 4.87 62.46
C ASP N 256 34.94 4.30 61.24
N VAL N 257 35.85 5.09 60.67
CA VAL N 257 36.55 4.68 59.46
C VAL N 257 37.45 3.48 59.74
N GLU N 258 38.18 3.49 60.85
CA GLU N 258 39.04 2.37 61.18
C GLU N 258 38.23 1.14 61.56
N ASP N 259 37.11 1.34 62.27
CA ASP N 259 36.24 0.21 62.57
C ASP N 259 35.67 -0.40 61.30
N LEU N 260 35.28 0.45 60.34
CA LEU N 260 34.85 -0.05 59.04
C LEU N 260 36.00 -0.75 58.32
N LYS N 261 37.20 -0.16 58.36
CA LYS N 261 38.33 -0.74 57.66
C LYS N 261 38.68 -2.12 58.21
N SER N 262 38.67 -2.26 59.54
CA SER N 262 38.89 -3.57 60.14
C SER N 262 37.77 -4.53 59.77
N ASN N 263 36.53 -4.05 59.78
CA ASN N 263 35.39 -4.89 59.39
C ASN N 263 35.50 -5.33 57.94
N ILE N 264 35.96 -4.42 57.06
CA ILE N 264 36.09 -4.77 55.65
C ILE N 264 37.11 -5.87 55.47
N LYS N 265 38.25 -5.75 56.15
CA LYS N 265 39.31 -6.75 56.02
C LYS N 265 38.85 -8.10 56.54
N LYS N 266 38.26 -8.12 57.74
CA LYS N 266 37.85 -9.38 58.34
C LYS N 266 36.81 -10.09 57.49
N PHE N 267 35.80 -9.35 57.02
CA PHE N 267 34.76 -9.95 56.18
C PHE N 267 35.34 -10.46 54.86
N LEU N 268 36.43 -9.83 54.40
CA LEU N 268 37.00 -10.23 53.12
C LEU N 268 37.74 -11.56 53.23
N ASP N 269 38.53 -11.75 54.29
CA ASP N 269 39.39 -12.92 54.36
C ASP N 269 38.59 -14.22 54.49
N ASP N 270 37.64 -14.28 55.43
CA ASP N 270 36.90 -15.52 55.63
C ASP N 270 36.07 -15.88 54.40
N LEU N 271 35.47 -14.87 53.75
CA LEU N 271 34.81 -15.11 52.47
C LEU N 271 35.81 -15.62 51.44
N MET N 272 36.99 -15.02 51.40
CA MET N 272 37.99 -15.41 50.42
C MET N 272 38.68 -16.71 50.82
N ALA N 273 38.80 -16.99 52.12
CA ALA N 273 39.33 -18.27 52.57
C ALA N 273 38.41 -19.41 52.18
N LYS N 274 37.09 -19.22 52.31
CA LYS N 274 36.15 -20.25 51.89
C LYS N 274 36.13 -20.39 50.38
N ILE N 275 36.66 -19.41 49.65
CA ILE N 275 36.71 -19.51 48.20
C ILE N 275 37.87 -20.37 47.76
N ASN N 276 39.04 -20.17 48.37
CA ASN N 276 40.26 -20.87 47.98
C ASN N 276 40.51 -22.11 48.83
N GLU N 277 39.56 -22.48 49.69
CA GLU N 277 39.77 -23.62 50.56
C GLU N 277 39.85 -24.90 49.74
N PRO N 278 40.81 -25.78 50.01
CA PRO N 278 40.99 -26.99 49.20
C PRO N 278 39.74 -27.86 49.20
N LEU N 279 39.45 -28.45 48.05
CA LEU N 279 38.20 -29.15 47.85
C LEU N 279 38.07 -30.36 48.78
N VAL N 280 36.82 -30.72 49.06
CA VAL N 280 36.53 -31.89 49.90
C VAL N 280 36.98 -33.15 49.18
N GLU N 281 37.58 -34.08 49.93
CA GLU N 281 38.13 -35.30 49.35
C GLU N 281 37.08 -36.14 48.63
N CYS N 282 35.80 -35.96 48.95
CA CYS N 282 34.69 -36.63 48.28
C CYS N 282 34.69 -38.14 48.54
N LYS N 283 35.11 -38.54 49.74
CA LYS N 283 34.78 -39.82 50.34
C LYS N 283 34.76 -41.01 49.37
N CYS N 284 33.55 -41.47 49.04
CA CYS N 284 33.37 -42.70 48.27
C CYS N 284 33.48 -42.44 46.77
N CYS N 285 32.69 -41.52 46.24
CA CYS N 285 32.53 -41.33 44.80
C CYS N 285 33.43 -40.21 44.28
N LYS N 286 34.62 -40.06 44.86
CA LYS N 286 35.51 -38.96 44.48
C LYS N 286 35.90 -38.99 43.01
N GLY N 287 35.79 -40.14 42.36
CA GLY N 287 36.04 -40.22 40.93
C GLY N 287 34.79 -40.59 40.15
N ARG N 288 34.52 -39.87 39.06
CA ARG N 288 33.37 -40.18 38.22
C ARG N 288 33.66 -41.38 37.33
N CYS O 160 -38.38 47.51 -26.59
CA CYS O 160 -38.74 46.15 -26.24
C CYS O 160 -38.03 45.15 -27.15
N TYR O 161 -36.79 44.81 -26.81
CA TYR O 161 -35.97 43.91 -27.61
C TYR O 161 -35.95 42.54 -26.93
N LEU O 162 -36.35 41.51 -27.68
CA LEU O 162 -36.35 40.16 -27.13
C LEU O 162 -34.92 39.65 -26.97
N SER O 163 -34.67 38.98 -25.85
CA SER O 163 -33.33 38.50 -25.58
C SER O 163 -33.03 37.25 -26.40
N GLN O 164 -31.83 36.71 -26.21
CA GLN O 164 -31.34 35.62 -27.04
C GLN O 164 -32.09 34.32 -26.76
N GLU O 165 -32.36 34.03 -25.48
CA GLU O 165 -32.84 32.70 -25.10
C GLU O 165 -34.28 32.47 -25.57
N GLU O 166 -35.17 33.43 -25.33
CA GLU O 166 -36.57 33.22 -25.71
C GLU O 166 -36.77 33.42 -27.20
N SER O 167 -35.88 34.18 -27.86
CA SER O 167 -35.93 34.26 -29.31
C SER O 167 -35.66 32.89 -29.92
N TYR O 168 -34.69 32.17 -29.39
CA TYR O 168 -34.46 30.80 -29.85
C TYR O 168 -35.65 29.91 -29.55
N LYS O 169 -36.36 30.17 -28.46
CA LYS O 169 -37.47 29.32 -28.06
C LYS O 169 -38.60 29.37 -29.08
N ILE O 170 -38.95 30.57 -29.55
CA ILE O 170 -40.10 30.70 -30.44
C ILE O 170 -39.80 30.08 -31.79
N ILE O 171 -38.58 30.24 -32.30
CA ILE O 171 -38.22 29.60 -33.56
C ILE O 171 -38.31 28.09 -33.43
N ARG O 172 -37.77 27.53 -32.35
CA ARG O 172 -37.84 26.09 -32.16
C ARG O 172 -39.28 25.62 -32.08
N ASN O 173 -40.11 26.29 -31.29
CA ASN O 173 -41.49 25.89 -31.14
C ASN O 173 -42.26 26.06 -32.44
N HIS O 174 -41.98 27.15 -33.18
CA HIS O 174 -42.66 27.34 -34.46
C HIS O 174 -42.21 26.30 -35.48
N ILE O 175 -40.90 26.01 -35.53
CA ILE O 175 -40.40 25.03 -36.48
C ILE O 175 -41.00 23.66 -36.21
N LYS O 176 -41.04 23.27 -34.93
CA LYS O 176 -41.61 21.97 -34.58
C LYS O 176 -43.10 21.92 -34.92
N ALA O 177 -43.80 23.03 -34.76
CA ALA O 177 -45.26 23.01 -34.81
C ALA O 177 -45.77 22.83 -36.24
N ASN O 178 -45.18 23.54 -37.20
CA ASN O 178 -45.74 23.63 -38.54
C ASN O 178 -44.89 22.94 -39.60
N ILE O 179 -43.92 22.11 -39.20
CA ILE O 179 -42.98 21.57 -40.19
C ILE O 179 -43.68 20.60 -41.12
N ASN O 180 -43.09 20.40 -42.30
CA ASN O 180 -43.60 19.44 -43.26
C ASN O 180 -42.67 18.24 -43.29
N PRO O 181 -43.02 17.15 -42.59
CA PRO O 181 -42.12 15.99 -42.53
C PRO O 181 -41.85 15.35 -43.86
N LYS O 182 -42.79 15.47 -44.81
CA LYS O 182 -42.55 14.99 -46.17
C LYS O 182 -41.37 15.70 -46.81
N PHE O 183 -41.11 16.96 -46.45
CA PHE O 183 -40.07 17.74 -47.07
C PHE O 183 -38.82 17.95 -46.21
N ALA O 184 -38.96 17.97 -44.89
CA ALA O 184 -37.80 18.22 -44.04
C ALA O 184 -38.00 17.54 -42.69
N ARG O 185 -36.90 17.32 -41.98
CA ARG O 185 -36.91 16.64 -40.70
C ARG O 185 -35.93 17.32 -39.75
N ILE O 186 -36.15 17.12 -38.46
CA ILE O 186 -35.32 17.68 -37.41
C ILE O 186 -34.46 16.57 -36.84
N THR O 187 -33.14 16.72 -36.95
CA THR O 187 -32.23 15.72 -36.39
C THR O 187 -31.98 15.95 -34.91
N SER O 188 -31.43 17.11 -34.57
CA SER O 188 -31.12 17.46 -33.19
C SER O 188 -32.11 18.52 -32.72
N ASP O 189 -32.84 18.20 -31.65
CA ASP O 189 -33.82 19.09 -31.06
C ASP O 189 -33.47 19.16 -29.58
N TYR O 190 -32.62 20.11 -29.21
CA TYR O 190 -32.14 20.27 -27.85
C TYR O 190 -32.25 21.72 -27.43
N ASP O 191 -32.30 21.94 -26.12
CA ASP O 191 -32.41 23.30 -25.60
C ASP O 191 -31.17 24.14 -25.91
N PHE O 192 -30.08 23.50 -26.34
CA PHE O 192 -28.86 24.22 -26.65
C PHE O 192 -28.52 24.24 -28.13
N CYS O 193 -29.20 23.44 -28.95
CA CYS O 193 -28.93 23.41 -30.38
C CYS O 193 -30.13 22.84 -31.12
N LEU O 194 -30.26 23.20 -32.39
CA LEU O 194 -31.34 22.73 -33.23
C LEU O 194 -30.86 22.60 -34.66
N THR O 195 -31.19 21.48 -35.30
CA THR O 195 -30.75 21.20 -36.67
C THR O 195 -31.93 20.73 -37.50
N VAL O 196 -32.06 21.26 -38.71
CA VAL O 196 -33.09 20.86 -39.65
C VAL O 196 -32.42 20.40 -40.93
N VAL O 197 -32.85 19.26 -41.46
CA VAL O 197 -32.28 18.68 -42.66
C VAL O 197 -33.39 18.47 -43.68
N LYS O 198 -32.99 18.29 -44.93
CA LYS O 198 -33.91 18.11 -46.04
C LYS O 198 -34.04 16.64 -46.39
N VAL O 199 -35.28 16.19 -46.61
CA VAL O 199 -35.53 14.82 -47.02
C VAL O 199 -35.27 14.71 -48.51
N LEU O 200 -34.15 14.08 -48.87
CA LEU O 200 -33.81 13.87 -50.27
C LEU O 200 -34.37 12.51 -50.68
N GLU O 201 -35.67 12.49 -50.93
CA GLU O 201 -36.38 11.23 -51.16
C GLU O 201 -37.71 11.57 -51.81
N LEU O 202 -38.32 10.56 -52.42
CA LEU O 202 -39.37 10.75 -53.41
C LEU O 202 -40.72 11.15 -52.80
N TYR O 203 -41.78 11.01 -53.60
CA TYR O 203 -43.15 11.18 -53.12
C TYR O 203 -43.34 10.42 -51.81
N LYS O 204 -44.22 10.94 -50.94
CA LYS O 204 -44.39 10.50 -49.55
C LYS O 204 -45.25 9.24 -49.27
N PRO O 205 -46.31 8.94 -50.05
CA PRO O 205 -47.19 7.82 -49.68
C PRO O 205 -46.76 6.41 -50.08
N HIS O 206 -46.11 5.68 -49.16
CA HIS O 206 -45.91 4.22 -49.24
C HIS O 206 -44.80 3.81 -50.21
N GLU O 207 -43.76 4.64 -50.29
CA GLU O 207 -42.62 4.34 -51.15
C GLU O 207 -41.86 3.12 -50.65
N TYR O 208 -41.63 3.04 -49.34
CA TYR O 208 -40.88 1.94 -48.76
C TYR O 208 -41.70 0.65 -48.70
N ILE O 209 -43.02 0.78 -48.79
CA ILE O 209 -43.88 -0.39 -48.70
C ILE O 209 -43.95 -1.15 -50.02
N VAL O 210 -43.59 -0.52 -51.14
CA VAL O 210 -43.67 -1.21 -52.43
C VAL O 210 -42.32 -1.82 -52.83
N ASP O 211 -41.21 -1.22 -52.41
CA ASP O 211 -39.91 -1.78 -52.78
C ASP O 211 -39.64 -3.08 -52.03
N LEU O 212 -40.21 -3.26 -50.85
CA LEU O 212 -40.05 -4.53 -50.14
C LEU O 212 -40.75 -5.67 -50.88
N ASN O 213 -41.87 -5.36 -51.56
CA ASN O 213 -42.54 -6.39 -52.35
C ASN O 213 -41.66 -6.88 -53.49
N ALA O 214 -40.91 -5.98 -54.13
CA ALA O 214 -39.99 -6.39 -55.18
C ALA O 214 -38.93 -7.33 -54.63
N MET O 215 -38.59 -7.19 -53.36
CA MET O 215 -37.63 -8.07 -52.71
C MET O 215 -38.39 -9.28 -52.20
N ARG O 231 -26.54 11.80 -50.10
CA ARG O 231 -25.79 12.87 -49.44
C ARG O 231 -26.68 13.72 -48.54
N GLU O 232 -26.35 13.74 -47.25
CA GLU O 232 -27.12 14.53 -46.30
C GLU O 232 -26.93 16.02 -46.56
N VAL O 233 -27.98 16.79 -46.29
CA VAL O 233 -27.95 18.24 -46.46
C VAL O 233 -28.76 18.87 -45.34
N GLU O 234 -28.28 20.01 -44.84
CA GLU O 234 -28.92 20.74 -43.76
C GLU O 234 -29.32 22.12 -44.26
N ILE O 235 -30.42 22.65 -43.74
CA ILE O 235 -30.91 23.96 -44.14
C ILE O 235 -30.62 24.95 -43.03
N TYR O 236 -31.15 24.67 -41.84
CA TYR O 236 -31.13 25.64 -40.74
C TYR O 236 -30.46 25.01 -39.53
N LYS O 237 -29.48 25.71 -38.97
CA LYS O 237 -28.84 25.34 -37.72
C LYS O 237 -28.78 26.58 -36.85
N VAL O 238 -29.11 26.42 -35.56
CA VAL O 238 -29.24 27.56 -34.67
C VAL O 238 -29.03 27.10 -33.24
N ALA O 239 -28.42 27.96 -32.43
CA ALA O 239 -28.24 27.73 -31.02
C ALA O 239 -28.48 29.03 -30.27
N PRO O 240 -29.01 28.96 -29.05
CA PRO O 240 -29.21 30.20 -28.28
C PRO O 240 -27.90 30.77 -27.77
N LYS O 241 -26.95 29.89 -27.48
CA LYS O 241 -25.63 30.30 -27.00
C LYS O 241 -24.57 29.55 -27.80
N ALA O 242 -23.34 30.05 -27.72
CA ALA O 242 -22.24 29.44 -28.46
C ALA O 242 -22.07 27.98 -28.05
N TYR O 243 -22.30 27.08 -29.00
CA TYR O 243 -22.27 25.66 -28.73
C TYR O 243 -21.77 24.94 -29.98
N GLN O 244 -20.63 24.27 -29.87
CA GLN O 244 -20.00 23.61 -31.00
C GLN O 244 -19.80 24.58 -32.17
N SER O 245 -20.33 24.23 -33.33
CA SER O 245 -20.23 25.08 -34.51
C SER O 245 -21.59 25.63 -34.94
N TYR O 246 -22.57 25.61 -34.04
CA TYR O 246 -23.90 26.08 -34.39
C TYR O 246 -23.91 27.60 -34.53
N PRO O 247 -24.64 28.14 -35.51
CA PRO O 247 -24.77 29.59 -35.62
C PRO O 247 -25.51 30.17 -34.42
N ILE O 248 -25.11 31.38 -34.05
CA ILE O 248 -25.71 32.07 -32.92
C ILE O 248 -27.03 32.71 -33.34
N VAL O 249 -28.08 32.49 -32.57
CA VAL O 249 -29.37 33.09 -32.87
C VAL O 249 -29.30 34.60 -32.63
N GLU O 250 -29.97 35.35 -33.48
CA GLU O 250 -29.98 36.81 -33.35
C GLU O 250 -31.15 37.23 -32.46
N PRO O 251 -30.91 38.10 -31.48
CA PRO O 251 -32.01 38.52 -30.59
C PRO O 251 -32.92 39.50 -31.31
N PHE O 252 -34.21 39.17 -31.34
CA PHE O 252 -35.17 40.00 -32.07
C PHE O 252 -35.27 41.39 -31.46
N SER O 253 -35.26 42.39 -32.33
CA SER O 253 -35.32 43.79 -31.92
C SER O 253 -36.38 44.51 -32.73
N GLY O 254 -36.95 45.55 -32.13
CA GLY O 254 -37.95 46.34 -32.80
C GLY O 254 -38.36 47.52 -31.97
N LYS O 255 -39.16 48.40 -32.58
CA LYS O 255 -39.55 49.64 -31.92
C LYS O 255 -40.59 49.40 -30.83
N ASP O 256 -41.57 48.53 -31.09
CA ASP O 256 -42.67 48.32 -30.17
C ASP O 256 -43.16 46.88 -30.29
N VAL O 257 -44.28 46.60 -29.60
CA VAL O 257 -44.79 45.23 -29.54
C VAL O 257 -45.26 44.77 -30.92
N GLU O 258 -46.03 45.61 -31.62
CA GLU O 258 -46.54 45.20 -32.92
C GLU O 258 -45.43 45.16 -33.96
N ASP O 259 -44.38 45.96 -33.77
CA ASP O 259 -43.23 45.87 -34.67
C ASP O 259 -42.51 44.54 -34.49
N LEU O 260 -42.39 44.07 -33.24
CA LEU O 260 -41.86 42.74 -32.99
C LEU O 260 -42.74 41.68 -33.63
N LYS O 261 -44.06 41.78 -33.42
CA LYS O 261 -44.97 40.76 -33.93
C LYS O 261 -44.91 40.69 -35.44
N SER O 262 -44.85 41.84 -36.12
CA SER O 262 -44.71 41.85 -37.57
C SER O 262 -43.35 41.31 -37.99
N ASN O 263 -42.28 41.75 -37.32
CA ASN O 263 -40.94 41.30 -37.68
C ASN O 263 -40.77 39.82 -37.42
N ILE O 264 -41.28 39.33 -36.28
CA ILE O 264 -41.16 37.91 -35.97
C ILE O 264 -41.95 37.09 -36.98
N LYS O 265 -43.17 37.53 -37.31
CA LYS O 265 -44.01 36.77 -38.22
C LYS O 265 -43.33 36.60 -39.57
N LYS O 266 -42.90 37.70 -40.18
CA LYS O 266 -42.31 37.62 -41.52
C LYS O 266 -41.03 36.81 -41.50
N PHE O 267 -40.26 36.90 -40.42
CA PHE O 267 -39.02 36.13 -40.31
C PHE O 267 -39.32 34.63 -40.32
N LEU O 268 -40.35 34.22 -39.58
CA LEU O 268 -40.69 32.81 -39.53
C LEU O 268 -41.15 32.27 -40.88
N ASP O 269 -42.01 33.03 -41.57
CA ASP O 269 -42.55 32.52 -42.83
C ASP O 269 -41.47 32.37 -43.89
N ASP O 270 -40.64 33.41 -44.08
CA ASP O 270 -39.60 33.31 -45.10
C ASP O 270 -38.59 32.23 -44.74
N LEU O 271 -38.27 32.10 -43.46
CA LEU O 271 -37.41 31.01 -43.00
C LEU O 271 -38.05 29.66 -43.28
N MET O 272 -39.29 29.48 -42.85
CA MET O 272 -39.90 28.17 -42.86
C MET O 272 -40.42 27.77 -44.22
N ALA O 273 -40.59 28.75 -45.12
CA ALA O 273 -40.81 28.43 -46.53
C ALA O 273 -39.59 27.75 -47.13
N LYS O 274 -38.39 28.19 -46.71
CA LYS O 274 -37.16 27.54 -47.16
C LYS O 274 -37.10 26.09 -46.69
N ILE O 275 -37.53 25.84 -45.44
CA ILE O 275 -37.53 24.47 -44.92
C ILE O 275 -38.51 23.61 -45.70
N ASN O 276 -39.75 24.07 -45.87
CA ASN O 276 -40.78 23.29 -46.51
C ASN O 276 -40.77 23.44 -48.03
N GLU O 277 -39.67 23.92 -48.60
CA GLU O 277 -39.61 24.10 -50.04
C GLU O 277 -39.37 22.73 -50.70
N PRO O 278 -40.18 22.39 -51.71
CA PRO O 278 -40.07 21.06 -52.32
C PRO O 278 -38.71 20.85 -52.99
N LEU O 279 -38.21 19.62 -52.88
CA LEU O 279 -36.85 19.33 -53.30
C LEU O 279 -36.68 19.50 -54.81
N VAL O 280 -35.43 19.72 -55.21
CA VAL O 280 -35.07 19.87 -56.61
C VAL O 280 -34.93 18.48 -57.23
N GLU O 281 -35.61 18.26 -58.36
CA GLU O 281 -35.47 17.00 -59.07
C GLU O 281 -34.03 16.78 -59.54
N CYS O 282 -33.32 17.87 -59.80
CA CYS O 282 -31.87 17.89 -60.02
C CYS O 282 -31.43 17.21 -61.32
N LYS O 283 -32.36 16.86 -62.20
CA LYS O 283 -32.06 16.53 -63.59
C LYS O 283 -31.28 15.23 -63.76
N CYS O 284 -29.99 15.34 -64.13
CA CYS O 284 -29.28 14.20 -64.71
C CYS O 284 -29.15 13.05 -63.71
N CYS O 285 -28.90 13.35 -62.44
CA CYS O 285 -28.82 12.27 -61.45
C CYS O 285 -30.20 11.72 -61.09
N LYS O 286 -31.27 12.46 -61.38
CA LYS O 286 -32.65 12.09 -61.07
C LYS O 286 -32.79 11.44 -59.70
N GLY O 287 -32.11 11.98 -58.70
CA GLY O 287 -32.16 11.46 -57.35
C GLY O 287 -31.11 10.41 -57.04
N ARG O 288 -30.38 9.92 -58.04
CA ARG O 288 -29.33 8.94 -57.80
C ARG O 288 -27.97 9.62 -57.77
N CYS P 160 -46.03 -16.94 -45.08
CA CYS P 160 -45.10 -15.86 -45.39
C CYS P 160 -45.29 -14.69 -44.42
N TYR P 161 -44.29 -14.47 -43.57
CA TYR P 161 -44.35 -13.39 -42.59
C TYR P 161 -43.04 -12.61 -42.61
N LEU P 162 -43.14 -11.32 -42.33
CA LEU P 162 -41.96 -10.46 -42.25
C LEU P 162 -41.28 -10.64 -40.90
N SER P 163 -40.02 -10.20 -40.83
CA SER P 163 -39.24 -10.37 -39.62
C SER P 163 -39.75 -9.43 -38.52
N GLN P 164 -39.43 -9.79 -37.28
CA GLN P 164 -39.83 -8.97 -36.15
C GLN P 164 -39.21 -7.58 -36.22
N GLU P 165 -37.93 -7.50 -36.55
CA GLU P 165 -37.27 -6.20 -36.64
C GLU P 165 -37.72 -5.45 -37.88
N GLU P 166 -37.87 -6.15 -39.00
CA GLU P 166 -38.29 -5.49 -40.23
C GLU P 166 -39.68 -4.89 -40.09
N SER P 167 -40.56 -5.58 -39.37
CA SER P 167 -41.90 -5.04 -39.13
C SER P 167 -41.83 -3.71 -38.41
N TYR P 168 -40.97 -3.61 -37.40
CA TYR P 168 -40.83 -2.34 -36.67
C TYR P 168 -40.23 -1.27 -37.56
N LYS P 169 -39.29 -1.64 -38.44
CA LYS P 169 -38.56 -0.64 -39.21
C LYS P 169 -39.48 0.15 -40.13
N ILE P 170 -40.41 -0.55 -40.78
CA ILE P 170 -41.28 0.11 -41.76
C ILE P 170 -42.27 1.04 -41.06
N ILE P 171 -42.80 0.64 -39.91
CA ILE P 171 -43.72 1.50 -39.18
C ILE P 171 -43.03 2.80 -38.79
N ARG P 172 -41.81 2.72 -38.26
CA ARG P 172 -41.09 3.92 -37.88
C ARG P 172 -40.87 4.83 -39.06
N ASN P 173 -40.37 4.27 -40.17
CA ASN P 173 -40.03 5.10 -41.33
C ASN P 173 -41.27 5.72 -41.95
N HIS P 174 -42.41 5.03 -41.87
CA HIS P 174 -43.61 5.57 -42.48
C HIS P 174 -44.35 6.50 -41.53
N ILE P 175 -44.27 6.24 -40.23
CA ILE P 175 -44.83 7.17 -39.24
C ILE P 175 -44.12 8.50 -39.32
N LYS P 176 -42.78 8.47 -39.39
CA LYS P 176 -42.01 9.69 -39.54
C LYS P 176 -42.33 10.41 -40.84
N ALA P 177 -42.85 9.68 -41.83
CA ALA P 177 -43.07 10.27 -43.15
C ALA P 177 -44.31 11.17 -43.14
N ASN P 178 -45.47 10.62 -42.76
CA ASN P 178 -46.72 11.35 -42.84
C ASN P 178 -47.10 12.02 -41.53
N ILE P 179 -46.23 11.97 -40.51
CA ILE P 179 -46.57 12.54 -39.21
C ILE P 179 -47.02 13.98 -39.39
N ASN P 180 -48.07 14.34 -38.67
CA ASN P 180 -48.58 15.71 -38.75
C ASN P 180 -48.22 16.44 -37.46
N PRO P 181 -47.30 17.40 -37.49
CA PRO P 181 -46.95 18.11 -36.25
C PRO P 181 -48.10 18.88 -35.66
N LYS P 182 -49.15 19.15 -36.44
CA LYS P 182 -50.31 19.86 -35.93
C LYS P 182 -51.01 19.06 -34.83
N PHE P 183 -51.14 17.75 -35.02
CA PHE P 183 -51.89 16.91 -34.08
C PHE P 183 -50.99 16.08 -33.17
N ALA P 184 -49.97 15.44 -33.73
CA ALA P 184 -49.14 14.51 -32.96
C ALA P 184 -47.67 14.88 -33.11
N ARG P 185 -46.88 14.45 -32.13
CA ARG P 185 -45.45 14.70 -32.10
C ARG P 185 -44.72 13.41 -31.75
N ILE P 186 -43.53 13.25 -32.32
CA ILE P 186 -42.68 12.10 -32.08
C ILE P 186 -41.64 12.50 -31.03
N THR P 187 -41.64 11.80 -29.89
CA THR P 187 -40.73 12.13 -28.79
C THR P 187 -39.51 11.22 -28.76
N SER P 188 -39.72 9.91 -28.66
CA SER P 188 -38.64 8.95 -28.62
C SER P 188 -38.54 8.27 -29.98
N ASP P 189 -37.42 8.49 -30.68
CA ASP P 189 -37.19 7.93 -32.01
C ASP P 189 -35.83 7.27 -31.96
N TYR P 190 -35.81 5.98 -31.60
CA TYR P 190 -34.58 5.22 -31.47
C TYR P 190 -34.74 3.89 -32.19
N ASP P 191 -33.60 3.27 -32.49
CA ASP P 191 -33.61 1.99 -33.19
C ASP P 191 -34.20 0.87 -32.35
N PHE P 192 -34.42 1.09 -31.06
CA PHE P 192 -34.95 0.09 -30.17
C PHE P 192 -36.31 0.44 -29.58
N CYS P 193 -36.78 1.67 -29.78
CA CYS P 193 -38.04 2.09 -29.19
C CYS P 193 -38.60 3.26 -29.98
N LEU P 194 -39.90 3.48 -29.83
CA LEU P 194 -40.58 4.57 -30.53
C LEU P 194 -41.80 5.00 -29.73
N THR P 195 -41.97 6.30 -29.54
CA THR P 195 -43.06 6.84 -28.76
C THR P 195 -43.54 8.14 -29.41
N VAL P 196 -44.77 8.14 -29.92
CA VAL P 196 -45.39 9.32 -30.50
C VAL P 196 -46.57 9.71 -29.63
N VAL P 197 -46.61 10.98 -29.21
CA VAL P 197 -47.65 11.48 -28.33
C VAL P 197 -48.42 12.59 -29.06
N LYS P 198 -49.56 12.94 -28.49
CA LYS P 198 -50.42 13.97 -29.06
C LYS P 198 -49.96 15.35 -28.60
N VAL P 199 -50.43 16.37 -29.31
CA VAL P 199 -50.19 17.76 -28.96
C VAL P 199 -51.45 18.29 -28.31
N LEU P 200 -51.54 18.19 -26.97
CA LEU P 200 -52.68 18.70 -26.23
C LEU P 200 -52.53 20.22 -26.13
N GLU P 201 -52.89 20.91 -27.21
CA GLU P 201 -52.64 22.33 -27.32
C GLU P 201 -53.61 22.88 -28.36
N LEU P 202 -53.77 24.21 -28.33
CA LEU P 202 -54.81 24.91 -29.08
C LEU P 202 -54.46 25.00 -30.56
N TYR P 203 -55.12 25.92 -31.27
CA TYR P 203 -54.86 26.15 -32.69
C TYR P 203 -53.36 26.23 -32.95
N LYS P 204 -52.98 25.90 -34.17
CA LYS P 204 -51.58 25.64 -34.51
C LYS P 204 -50.71 26.86 -34.80
N PRO P 205 -51.16 27.86 -35.59
CA PRO P 205 -50.24 28.92 -36.01
C PRO P 205 -50.17 30.12 -35.07
N HIS P 206 -48.95 30.48 -34.67
CA HIS P 206 -48.64 31.76 -34.03
C HIS P 206 -49.40 31.93 -32.70
N GLU P 207 -49.03 31.09 -31.74
CA GLU P 207 -49.51 31.22 -30.36
C GLU P 207 -48.46 31.83 -29.45
N TYR P 208 -47.22 31.33 -29.52
CA TYR P 208 -46.15 31.90 -28.72
C TYR P 208 -45.88 33.34 -29.11
N ILE P 209 -46.17 33.70 -30.36
CA ILE P 209 -45.97 35.07 -30.81
C ILE P 209 -46.98 36.01 -30.16
N VAL P 210 -48.24 35.59 -30.10
CA VAL P 210 -49.24 36.42 -29.43
C VAL P 210 -49.04 36.39 -27.93
N ASP P 211 -48.30 35.40 -27.42
CA ASP P 211 -47.97 35.38 -26.00
C ASP P 211 -47.05 36.55 -25.66
N LEU P 212 -45.98 36.72 -26.44
CA LEU P 212 -45.10 37.86 -26.25
C LEU P 212 -45.82 39.18 -26.51
N ASN P 213 -46.80 39.17 -27.42
CA ASN P 213 -47.60 40.37 -27.64
C ASN P 213 -48.45 40.70 -26.43
N ALA P 214 -48.89 39.69 -25.67
CA ALA P 214 -49.73 39.94 -24.51
C ALA P 214 -48.99 40.74 -23.45
N MET P 215 -47.71 40.43 -23.22
CA MET P 215 -46.93 41.14 -22.22
C MET P 215 -46.63 42.57 -22.67
N ARG P 231 -51.55 17.27 -18.81
CA ARG P 231 -51.14 15.87 -18.74
C ARG P 231 -50.86 15.30 -20.13
N GLU P 232 -49.59 14.96 -20.37
CA GLU P 232 -49.21 14.40 -21.65
C GLU P 232 -49.78 12.98 -21.81
N VAL P 233 -50.23 12.67 -23.02
CA VAL P 233 -50.82 11.38 -23.33
C VAL P 233 -50.09 10.77 -24.51
N GLU P 234 -49.68 9.51 -24.36
CA GLU P 234 -49.05 8.76 -25.44
C GLU P 234 -50.13 8.06 -26.25
N ILE P 235 -49.91 7.99 -27.56
CA ILE P 235 -50.85 7.35 -28.48
C ILE P 235 -50.32 6.01 -28.96
N TYR P 236 -49.09 5.99 -29.46
CA TYR P 236 -48.49 4.77 -29.96
C TYR P 236 -47.12 4.57 -29.33
N LYS P 237 -46.87 3.36 -28.85
CA LYS P 237 -45.59 2.97 -28.29
C LYS P 237 -45.23 1.60 -28.82
N VAL P 238 -44.13 1.50 -29.56
CA VAL P 238 -43.73 0.25 -30.18
C VAL P 238 -42.22 0.06 -30.02
N ALA P 239 -41.80 -1.19 -30.13
CA ALA P 239 -40.39 -1.56 -30.02
C ALA P 239 -40.15 -2.90 -30.71
N PRO P 240 -39.10 -3.02 -31.51
CA PRO P 240 -38.83 -4.32 -32.15
C PRO P 240 -38.57 -5.44 -31.17
N LYS P 241 -37.93 -5.15 -30.04
CA LYS P 241 -37.63 -6.15 -29.02
C LYS P 241 -38.15 -5.67 -27.67
N ALA P 242 -38.21 -6.60 -26.73
CA ALA P 242 -38.61 -6.26 -25.36
C ALA P 242 -37.65 -5.23 -24.79
N TYR P 243 -38.15 -4.02 -24.53
CA TYR P 243 -37.32 -2.92 -24.06
C TYR P 243 -38.13 -2.05 -23.13
N GLN P 244 -37.73 -1.98 -21.86
CA GLN P 244 -38.42 -1.22 -20.82
C GLN P 244 -39.86 -1.73 -20.78
N SER P 245 -40.86 -0.85 -20.76
CA SER P 245 -42.27 -1.26 -20.78
C SER P 245 -42.91 -1.04 -22.14
N TYR P 246 -42.10 -0.94 -23.19
CA TYR P 246 -42.64 -0.70 -24.52
C TYR P 246 -43.41 -1.91 -25.02
N PRO P 247 -44.59 -1.72 -25.59
CA PRO P 247 -45.30 -2.83 -26.23
C PRO P 247 -44.47 -3.43 -27.35
N ILE P 248 -44.50 -4.76 -27.44
CA ILE P 248 -43.71 -5.45 -28.45
C ILE P 248 -44.37 -5.31 -29.81
N VAL P 249 -43.55 -5.29 -30.86
CA VAL P 249 -44.08 -5.21 -32.21
C VAL P 249 -44.61 -6.58 -32.63
N GLU P 250 -45.48 -6.56 -33.64
CA GLU P 250 -46.05 -7.78 -34.17
C GLU P 250 -45.57 -8.01 -35.59
N PRO P 251 -45.19 -9.25 -35.94
CA PRO P 251 -44.65 -9.51 -37.28
C PRO P 251 -45.77 -9.67 -38.29
N PHE P 252 -45.70 -8.90 -39.38
CA PHE P 252 -46.72 -8.94 -40.41
C PHE P 252 -46.72 -10.30 -41.10
N SER P 253 -47.78 -11.07 -40.90
CA SER P 253 -47.92 -12.41 -41.47
C SER P 253 -49.06 -12.41 -42.46
N GLY P 254 -48.80 -12.94 -43.66
CA GLY P 254 -49.82 -13.04 -44.68
C GLY P 254 -49.73 -14.31 -45.49
N LYS P 255 -50.87 -14.90 -45.84
CA LYS P 255 -50.86 -16.12 -46.64
C LYS P 255 -50.25 -15.86 -48.01
N ASP P 256 -50.59 -14.73 -48.63
CA ASP P 256 -50.04 -14.33 -49.90
C ASP P 256 -49.27 -13.03 -49.68
N VAL P 257 -48.21 -12.83 -50.48
CA VAL P 257 -47.40 -11.64 -50.34
C VAL P 257 -48.24 -10.39 -50.62
N GLU P 258 -49.06 -10.44 -51.67
CA GLU P 258 -50.01 -9.34 -51.91
C GLU P 258 -51.03 -9.26 -50.78
N ASP P 259 -51.46 -10.41 -50.26
CA ASP P 259 -52.33 -10.41 -49.09
C ASP P 259 -51.64 -9.74 -47.92
N LEU P 260 -50.35 -10.03 -47.72
CA LEU P 260 -49.58 -9.32 -46.71
C LEU P 260 -49.51 -7.83 -47.01
N LYS P 261 -49.31 -7.47 -48.28
CA LYS P 261 -49.24 -6.06 -48.64
C LYS P 261 -50.54 -5.34 -48.38
N SER P 262 -51.68 -5.98 -48.68
CA SER P 262 -52.96 -5.39 -48.34
C SER P 262 -53.12 -5.26 -46.84
N ASN P 263 -52.72 -6.30 -46.09
CA ASN P 263 -52.84 -6.26 -44.63
C ASN P 263 -51.95 -5.20 -44.02
N ILE P 264 -50.71 -5.08 -44.50
CA ILE P 264 -49.78 -4.11 -43.92
C ILE P 264 -50.26 -2.69 -44.16
N LYS P 265 -50.88 -2.45 -45.32
CA LYS P 265 -51.38 -1.10 -45.61
C LYS P 265 -52.58 -0.78 -44.73
N LYS P 266 -53.54 -1.71 -44.63
CA LYS P 266 -54.75 -1.46 -43.86
C LYS P 266 -54.43 -1.21 -42.39
N PHE P 267 -53.52 -2.00 -41.83
CA PHE P 267 -53.12 -1.79 -40.44
C PHE P 267 -52.49 -0.41 -40.25
N LEU P 268 -51.72 0.05 -41.22
CA LEU P 268 -51.01 1.32 -41.08
C LEU P 268 -51.97 2.49 -41.11
N ASP P 269 -52.91 2.50 -42.06
CA ASP P 269 -53.89 3.58 -42.11
C ASP P 269 -54.78 3.59 -40.88
N ASP P 270 -55.19 2.41 -40.42
CA ASP P 270 -55.97 2.32 -39.19
C ASP P 270 -55.16 2.87 -38.02
N LEU P 271 -53.87 2.49 -37.95
CA LEU P 271 -53.01 2.99 -36.89
C LEU P 271 -52.84 4.50 -36.98
N MET P 272 -52.62 5.01 -38.19
CA MET P 272 -52.16 6.38 -38.33
C MET P 272 -53.31 7.38 -38.48
N ALA P 273 -54.48 6.94 -38.92
CA ALA P 273 -55.65 7.78 -38.77
C ALA P 273 -55.97 8.01 -37.30
N LYS P 274 -55.70 7.01 -36.45
CA LYS P 274 -55.87 7.18 -35.01
C LYS P 274 -54.93 8.24 -34.46
N ILE P 275 -53.68 8.24 -34.90
CA ILE P 275 -52.70 9.16 -34.31
C ILE P 275 -52.90 10.59 -34.80
N ASN P 276 -53.49 10.77 -36.00
CA ASN P 276 -53.76 12.10 -36.51
C ASN P 276 -55.16 12.59 -36.18
N GLU P 277 -55.92 11.83 -35.40
CA GLU P 277 -57.26 12.24 -35.06
C GLU P 277 -57.23 13.53 -34.25
N PRO P 278 -57.99 14.55 -34.63
CA PRO P 278 -57.97 15.81 -33.87
C PRO P 278 -58.38 15.60 -32.42
N LEU P 279 -57.81 16.42 -31.55
CA LEU P 279 -58.04 16.28 -30.12
C LEU P 279 -59.48 16.60 -29.75
N VAL P 280 -59.95 15.98 -28.67
CA VAL P 280 -61.30 16.22 -28.18
C VAL P 280 -61.39 17.61 -27.60
N GLU P 281 -62.57 18.24 -27.74
CA GLU P 281 -62.76 19.60 -27.28
C GLU P 281 -62.65 19.74 -25.77
N CYS P 282 -62.74 18.64 -25.03
CA CYS P 282 -62.62 18.50 -23.58
C CYS P 282 -63.87 18.99 -22.85
N LYS P 283 -64.84 19.58 -23.56
CA LYS P 283 -66.19 19.82 -23.04
C LYS P 283 -66.21 20.64 -21.75
N CYS P 284 -66.29 19.96 -20.60
CA CYS P 284 -66.59 20.64 -19.34
C CYS P 284 -65.46 21.57 -18.92
N CYS P 285 -64.24 21.06 -18.89
CA CYS P 285 -63.09 21.83 -18.41
C CYS P 285 -62.39 22.62 -19.50
N LYS P 286 -62.87 22.53 -20.74
CA LYS P 286 -62.44 23.41 -21.84
C LYS P 286 -60.92 23.34 -22.05
N GLY P 287 -60.36 22.14 -21.88
CA GLY P 287 -58.93 21.95 -22.10
C GLY P 287 -58.05 22.76 -21.19
N ARG P 288 -58.38 22.82 -19.91
CA ARG P 288 -57.57 23.54 -18.93
C ARG P 288 -57.04 22.61 -17.85
#